data_6FOS
#
_entry.id   6FOS
#
_cell.length_a   163.130
_cell.length_b   213.520
_cell.length_c   349.580
_cell.angle_alpha   90.00
_cell.angle_beta   90.00
_cell.angle_gamma   90.00
#
_symmetry.space_group_name_H-M   'C 2 2 21'
#
loop_
_entity.id
_entity.type
_entity.pdbx_description
1 polymer 'Similar to chlorophyll a/b-binding protein, CP24'
2 polymer 'Similar to light harvesting protein'
3 polymer 'Photosystem I P700 chlorophyll a apoprotein A1'
4 polymer 'Photosystem I P700 chlorophyll a apoprotein A2'
5 polymer 'Photosystem I iron-sulfur center'
6 polymer 'Photosystem I p700 chlorophyll A apoprotein A2'
7 polymer 'Photosystem I iron-sulfur center subunit VII'
8 polymer 'Photosystem I reaction center subunit II'
9 polymer 'Photosystem I reaction center subunit VIII'
10 polymer 'Photosystem I reaction center subunit IX'
11 polymer 'Photosystem I reaction center subunit X'
12 polymer 'Photosystem I reaction center subunit XI'
13 polymer 'Photosystem I reaction center subunit XII'
14 polymer PsaM
15 non-polymer 'CHLOROPHYLL A'
16 non-polymer PHYLLOQUINONE
17 non-polymer 'IRON/SULFUR CLUSTER'
18 non-polymer BETA-CAROTENE
#
loop_
_entity_poly.entity_id
_entity_poly.type
_entity_poly.pdbx_seq_one_letter_code
_entity_poly.pdbx_strand_id
1 'polypeptide(L)'
;MAFISALSSIGLKTGTVTRVACVTRVPARGLRMQAPSGATMPSMPFLKRPSKLDGSLPGGEGCFDPLGFTEVFSLEWLRE
AEIKHCRVAMLAVLGVIAQEFGTFDFYNAKSKLQLSPDLHNQFVQNGALQQILLFVCAWEFIVGLPALIESVNGNREPGY
FGFDPLKLGGTVGSAQWKRMQAGELRNGRLAMIAFGGFFHQQLLTKQGIIEQLAHFNAIKPN
;
2,3
2 'polypeptide(L)'
;MYAFVSFAPLVQRANTVSKATGTSAIRSRHASGYATLKMEQSPALPFLSKPPNLSPDMPGYRGFDPLRFSDAFDVNWLQE
GEIKNGRVAMLACLHFFVTEFYQFPFFAGAPKLAGPAHDYFVKSGAMIQILAFIGFLEFLLHRGKVLYSDMEWKGRKPGE
LGFNPLNLPNDKAMRDREVNNGRLAMLGFAGIIHGEFLNGKMPFEQITNFQPLQ
;
4
3 'polypeptide(L)'
;VKVVVDRDVVPTSFEKWAKPGHFSRSLAKGPKTTTWIWNLHADAHDFDSHTSSLEEVSRKIFSAHFGQLAIIFIWLSGMY
FHGARFSNYVAWLSNPTGIKPSAQVVWPIVGQQILNADVGGGMQGIQITSGLFQLWRASGIVNELQLYVTALGGLGMAGL
MIFAGWFHYHKAAPKLEWFQNVESMLNHHLAGLLGLGSLSWAGHQIHVSLPINKLLDAGVAPSSIPLPHEFILNRNLMAE
LYPSFQQGLVPFFTLNWKQYSDILTFKGGLSPVTGGLWLTDVAHHHLAIAVLFLVAGHMYRTNWGIGHSIKQILEAHKGP
LTGEGHKGLYEILTTSWHANLAINLAMLGSLSIIVAHHMYAMPPYPYLATDYPTQLSLFTHHMWIGGFCIVGAGAHAAIY
MVRDYSPTVNFNNVLDRMIRHRDAIISHLNWVCIFLGMHSFGLYIHNDTMRALGRAQDMFSDTAIQLQPVFAQWIQQIHT
LAPGNTAVNALATASYAFGADTVTVGSKIAMMPIKLGTADFMVHHIHAFTIHVTTLILLKGVLYARNSRLIPDKANLGFR
FPCDGPGRGGTCQVSAWDHVFLGLFWMYNALSIVIFHFSWKMQSDVWGTVTSNGAISHITGGNFAQSAITINGWLRDFLW
AQASQVIQSYGSSLSAYGLMFLGAHFVWAFSLMFLFSGRGYWQELIESIVWAHNKLKVAPAIAPRALSITQGRAVGVAHY
LLGGIATTWAFFLARIIAVG
;
A
4 'polypeptide(L)'
;FSQALASDPTTRRIWYGIATAHDFESHDGMTEENLYQKIFASHFGHLAIIFLWTSGNLFHVAWQGNFEQWVANPLKTKPL
AHAIWDPHFGQAALKAFTRGDTVANISYSGVYHWWYTIGIRNNVELYTGALGLLVLSAVFLLAGWLHIQPKFKPSLSWFK
NNESRLNHHLAGLFGVSSLAWTGHLVHVAIPASRGQHVGWDNFIMTPPHPAGLQPFFTGNWSVYAQSPDSMQHVFGTSQG
AGTAILTFLGGFHPQTQSLWLTDMAHHHLAIAVIFIVAGHMYRTNFGIGHNLKTILEAHRPPSGRLGKGHIGIYQTLTNS
LHFQLGLALASLSVVTSLVAQHMYAMPPYAYMAFDYVTQSALYTHHQYIAGLLIVGAFAHGAIFFIRDYDPEQNQDNVLA
RMLAHKEAVISHLSWVSLFLGFHTLGLYVHNDVVVAFGNPEKQILIEPIFAQWIQATSGKMLYGFQVLLSSSTSNASVAA
QQLWLPGWLEAVNNESNSLFLTIGPGDFLVHHAIALGLHTTTLILVKGALDARGSKLMPDKKDFGYSFPCDGPGRGGTCD
ISAWDAFYLAMFWMLNTIGWVTFYWHWKHLSLWQGNVAQFNESSTYLMGWLRDYLWLNSSPLINGYNPYGMNSLAVWSWM
FLFAHLVWATGFMFLISWRGYWQELIETLAWAHERTPLANLIRWKDKPVALSIVQARLVGLVHFTVGYILTYAAFVIAST
AGKFS
;
B
5 'polypeptide(L)' AHTVKIYDNCIGCTQCVRACPLDVLEMVPWDGCKAGQMASAPRTEDCVGCKRCETACPTDFLSIRVYLGGETTRSMGLAY C
6 'polypeptide(L)'
;MPSPSFLGSTGGWLRCAETEEKYAMTWSSDQQHIFEMPTGGAAVMNSGDNLLYLARKEQALALATQLRTQFKIQDYKIYR
IFPSGEVQYLHPKDGVLPYQVNKGREQVGRVKSTIGKNVNPAQV
;
D
7 'polypeptide(L)' MIKKGSLVKILRPESFWYNEVGTVVNVETSKVLYPVLVRFDKVNYSGLNSTNFSLDELVEIKVEIKSDT E
8 'polypeptide(L)'
;LTPCQQSEAFHKREINEVRTLENRQANYEANSPSYLALQSQIDQVHKRFDKYGTLLCGQDGLPHLITDGDWRHAREFTIP
ALLFLYITGWIGWVGRSYLKYTKETKNPTEQEIILDVPMALKYMLSGFLWPLSAWQEYRSGQLLAKEDEITVSPR
;
F
9 'polypeptide(L)' MSASYLPSILVPTVGLILPFASMAILFIAIEK I
10 'polypeptide(L)' MNLKKYLSTAPVVATLWLFLTAGILIELNRFFPDSLFY J
11 'polypeptide(L)' MISNLVGVAVGRYALGRSDLTQLIASMCFGHIIGVGIVLGLSNMGVI K
12 'polypeptide(L)'
;MTDYIKPYNNDPFVGHLATPINSSSLTRAYLSQLPIYRRGVSPFLRGLEIGMAHGYFLIGPFVQLGPLRNTDIKYLAGLL
SAIGLIVILTLGMLLYGAVSFTNDSQDLESVDGWRQLASGFLLGAVGGAGFAYLLLTLFS
;
L
13 'polypeptide(L)' MITDNQVFVALIMALVCGYLAVKLAKQLA M
14 'polypeptide(L)'
;SSLRMFEVSDGEPYPLNPAVIFIALIGWSAVAAIPSNIPVLGGTGLTQAFLASIQRLLAQYPTGPKLDDPFWFYLIVYHV
GLFALLIFGQIGYAGYAK
;
O
#
# COMPACT_ATOMS: atom_id res chain seq x y z
N THR A 70 1.68 37.52 25.67
CA THR A 70 2.48 38.60 25.11
C THR A 70 1.81 39.20 23.89
N GLU A 71 1.17 38.34 23.09
CA GLU A 71 0.46 38.79 21.90
C GLU A 71 -0.88 39.42 22.30
N VAL A 72 -1.47 40.15 21.36
CA VAL A 72 -2.68 40.92 21.61
C VAL A 72 -3.88 40.00 21.77
N PHE A 73 -4.28 39.33 20.68
CA PHE A 73 -5.56 38.64 20.63
C PHE A 73 -5.64 37.46 21.60
N SER A 74 -4.51 36.93 22.05
CA SER A 74 -4.53 35.83 23.01
C SER A 74 -4.73 36.35 24.43
N LEU A 75 -3.93 37.34 24.83
CA LEU A 75 -4.12 37.98 26.13
C LEU A 75 -5.49 38.63 26.23
N GLU A 76 -6.10 38.99 25.10
CA GLU A 76 -7.47 39.50 25.12
C GLU A 76 -8.42 38.48 25.73
N TRP A 77 -8.43 37.26 25.19
CA TRP A 77 -9.30 36.23 25.75
C TRP A 77 -8.89 35.84 27.15
N LEU A 78 -7.59 35.96 27.47
CA LEU A 78 -7.14 35.62 28.82
C LEU A 78 -7.69 36.59 29.86
N ARG A 79 -7.47 37.90 29.64
CA ARG A 79 -8.01 38.89 30.57
C ARG A 79 -9.53 38.88 30.57
N GLU A 80 -10.15 38.59 29.43
CA GLU A 80 -11.61 38.50 29.38
C GLU A 80 -12.12 37.34 30.20
N ALA A 81 -11.59 36.14 29.97
CA ALA A 81 -11.99 34.97 30.75
C ALA A 81 -11.83 35.20 32.24
N GLU A 82 -10.78 35.94 32.63
CA GLU A 82 -10.62 36.32 34.02
C GLU A 82 -11.79 37.17 34.50
N ILE A 83 -12.20 38.15 33.69
CA ILE A 83 -13.34 38.99 34.06
C ILE A 83 -14.64 38.22 33.91
N LYS A 84 -14.76 37.42 32.86
CA LYS A 84 -15.98 36.67 32.61
C LYS A 84 -16.25 35.59 33.64
N HIS A 85 -15.28 35.25 34.49
CA HIS A 85 -15.48 34.29 35.56
C HIS A 85 -15.32 34.89 36.95
N CYS A 86 -14.62 36.01 37.10
CA CYS A 86 -14.47 36.62 38.42
C CYS A 86 -15.82 37.04 38.99
N ARG A 87 -16.68 37.62 38.14
CA ARG A 87 -18.04 37.90 38.58
C ARG A 87 -18.82 36.61 38.81
N VAL A 88 -18.56 35.57 38.03
CA VAL A 88 -19.19 34.28 38.26
C VAL A 88 -18.64 33.64 39.52
N ALA A 89 -17.34 33.77 39.76
CA ALA A 89 -16.72 33.25 40.97
C ALA A 89 -17.02 34.11 42.20
N MET A 90 -17.80 35.17 42.04
CA MET A 90 -18.24 35.99 43.18
C MET A 90 -19.73 35.87 43.45
N LEU A 91 -20.57 35.82 42.40
CA LEU A 91 -21.99 35.58 42.62
C LEU A 91 -22.25 34.15 43.09
N ALA A 92 -21.39 33.21 42.70
CA ALA A 92 -21.50 31.85 43.21
C ALA A 92 -21.10 31.79 44.68
N VAL A 93 -19.99 32.45 45.04
CA VAL A 93 -19.61 32.56 46.45
C VAL A 93 -20.70 33.26 47.24
N LEU A 94 -21.18 34.40 46.72
CA LEU A 94 -22.31 35.08 47.32
C LEU A 94 -23.63 34.36 47.07
N GLY A 95 -23.60 33.20 46.42
CA GLY A 95 -24.79 32.38 46.26
C GLY A 95 -24.71 31.12 47.10
N VAL A 96 -23.54 30.49 47.13
CA VAL A 96 -23.35 29.31 47.98
C VAL A 96 -23.34 29.72 49.45
N ILE A 97 -22.75 30.87 49.77
CA ILE A 97 -22.81 31.37 51.15
C ILE A 97 -24.22 31.82 51.48
N ALA A 98 -24.93 32.42 50.52
CA ALA A 98 -26.28 32.89 50.77
C ALA A 98 -27.23 31.74 51.03
N GLN A 99 -27.10 30.64 50.28
CA GLN A 99 -27.97 29.49 50.49
C GLN A 99 -27.63 28.74 51.77
N GLU A 100 -26.39 28.85 52.24
CA GLU A 100 -25.94 28.18 53.45
C GLU A 100 -25.68 29.14 54.60
N PHE A 101 -26.14 30.39 54.49
CA PHE A 101 -25.97 31.33 55.58
C PHE A 101 -26.76 30.92 56.81
N GLY A 102 -27.89 30.26 56.61
CA GLY A 102 -28.69 29.74 57.71
C GLY A 102 -28.34 28.33 58.13
N THR A 103 -27.29 27.73 57.54
CA THR A 103 -26.91 26.37 57.90
C THR A 103 -25.41 26.14 57.80
N PHE A 104 -24.60 27.19 57.94
CA PHE A 104 -23.15 27.03 57.97
C PHE A 104 -22.74 26.19 59.18
N ASP A 105 -22.95 26.71 60.38
CA ASP A 105 -22.65 25.98 61.59
C ASP A 105 -23.84 25.11 61.97
N PHE A 106 -24.35 25.29 63.20
CA PHE A 106 -25.44 24.47 63.74
C PHE A 106 -25.13 22.98 63.59
N TYR A 107 -24.13 22.55 64.36
CA TYR A 107 -23.61 21.19 64.31
C TYR A 107 -23.08 20.84 62.92
N ASN A 108 -22.37 21.80 62.32
CA ASN A 108 -21.72 21.63 61.01
C ASN A 108 -22.70 21.11 59.96
N ALA A 109 -23.99 21.42 60.14
CA ALA A 109 -25.05 21.03 59.20
C ALA A 109 -25.00 19.54 58.88
N LYS A 110 -24.71 18.72 59.91
CA LYS A 110 -24.63 17.27 59.77
C LYS A 110 -23.77 16.88 58.56
N SER A 111 -22.56 17.43 58.52
CA SER A 111 -21.64 17.24 57.40
C SER A 111 -22.31 17.60 56.07
N LYS A 112 -22.76 18.85 56.01
CA LYS A 112 -23.46 19.48 54.88
C LYS A 112 -24.90 18.97 54.71
N LEU A 113 -25.34 18.01 55.51
CA LEU A 113 -26.74 17.52 55.50
C LEU A 113 -27.05 17.01 54.09
N GLN A 114 -28.24 17.28 53.56
CA GLN A 114 -28.62 16.85 52.23
C GLN A 114 -27.90 17.60 51.13
N LEU A 115 -27.20 18.69 51.46
CA LEU A 115 -26.42 19.42 50.46
C LEU A 115 -25.20 18.65 49.99
N SER A 116 -24.92 17.48 50.56
CA SER A 116 -23.82 16.67 50.08
C SER A 116 -24.12 16.19 48.66
N PRO A 117 -23.22 16.41 47.70
CA PRO A 117 -23.52 16.03 46.31
C PRO A 117 -23.72 14.53 46.13
N ASP A 118 -23.02 13.70 46.90
CA ASP A 118 -23.18 12.25 46.77
C ASP A 118 -24.57 11.80 47.21
N LEU A 119 -25.20 12.54 48.13
CA LEU A 119 -26.54 12.19 48.59
C LEU A 119 -27.62 12.53 47.58
N HIS A 120 -27.37 13.46 46.66
CA HIS A 120 -28.36 13.84 45.68
C HIS A 120 -28.66 12.67 44.74
N ASN A 121 -29.91 12.62 44.26
CA ASN A 121 -30.38 11.54 43.40
C ASN A 121 -29.99 11.81 41.94
N GLN A 122 -28.70 12.00 41.72
CA GLN A 122 -28.14 12.27 40.40
C GLN A 122 -28.78 13.47 39.72
N PHE A 123 -29.35 14.37 40.51
CA PHE A 123 -30.07 15.56 40.01
C PHE A 123 -31.20 15.14 39.05
N VAL A 124 -32.18 14.43 39.60
CA VAL A 124 -33.33 14.00 38.80
C VAL A 124 -34.18 15.20 38.41
N GLN A 125 -34.60 15.99 39.40
CA GLN A 125 -35.45 17.15 39.12
C GLN A 125 -34.68 18.36 38.67
N ASN A 126 -33.39 18.45 38.99
CA ASN A 126 -32.58 19.62 38.64
C ASN A 126 -31.85 19.47 37.31
N GLY A 127 -31.84 18.27 36.72
CA GLY A 127 -31.16 18.10 35.45
C GLY A 127 -31.86 18.81 34.31
N ALA A 128 -33.19 18.64 34.22
CA ALA A 128 -33.96 19.34 33.21
C ALA A 128 -33.94 20.84 33.40
N LEU A 129 -33.71 21.31 34.64
CA LEU A 129 -33.57 22.74 34.88
C LEU A 129 -32.19 23.23 34.49
N GLN A 130 -31.14 22.45 34.78
CA GLN A 130 -29.80 22.84 34.37
C GLN A 130 -29.67 22.92 32.85
N GLN A 131 -30.39 22.07 32.12
CA GLN A 131 -30.36 22.14 30.67
C GLN A 131 -30.91 23.48 30.19
N ILE A 132 -32.01 23.94 30.79
CA ILE A 132 -32.56 25.25 30.43
C ILE A 132 -31.56 26.35 30.78
N LEU A 133 -30.90 26.23 31.94
CA LEU A 133 -29.91 27.23 32.33
C LEU A 133 -28.73 27.24 31.38
N LEU A 134 -28.21 26.06 31.02
CA LEU A 134 -27.10 26.00 30.07
C LEU A 134 -27.50 26.52 28.71
N PHE A 135 -28.79 26.46 28.37
CA PHE A 135 -29.24 27.01 27.09
C PHE A 135 -29.23 28.53 27.10
N VAL A 136 -29.91 29.14 28.08
CA VAL A 136 -29.98 30.59 28.15
C VAL A 136 -28.60 31.19 28.36
N CYS A 137 -27.78 30.55 29.20
CA CYS A 137 -26.44 31.05 29.46
C CYS A 137 -25.59 31.04 28.19
N ALA A 138 -25.89 30.14 27.25
CA ALA A 138 -25.18 30.10 25.98
C ALA A 138 -25.34 31.43 25.24
N TRP A 139 -26.59 31.80 24.93
CA TRP A 139 -26.82 33.05 24.21
C TRP A 139 -26.40 34.27 25.04
N GLU A 140 -26.40 34.15 26.36
CA GLU A 140 -25.86 35.22 27.19
C GLU A 140 -24.40 35.49 26.84
N PHE A 141 -23.60 34.43 26.74
CA PHE A 141 -22.21 34.57 26.32
C PHE A 141 -22.07 34.79 24.82
N ILE A 142 -23.05 34.33 24.02
CA ILE A 142 -23.09 34.70 22.60
C ILE A 142 -23.50 36.15 22.42
N VAL A 143 -23.92 36.83 23.48
CA VAL A 143 -23.99 38.28 23.45
C VAL A 143 -22.69 38.90 23.99
N GLY A 144 -22.03 38.23 24.93
CA GLY A 144 -20.77 38.74 25.44
C GLY A 144 -19.64 38.64 24.44
N LEU A 145 -19.70 37.65 23.53
CA LEU A 145 -18.65 37.51 22.51
C LEU A 145 -18.63 38.67 21.53
N PRO A 146 -19.78 39.14 20.97
CA PRO A 146 -19.72 40.24 20.01
C PRO A 146 -19.81 41.62 20.66
N ALA A 147 -20.42 41.71 21.84
CA ALA A 147 -20.45 42.99 22.55
C ALA A 147 -19.03 43.45 22.88
N LEU A 148 -18.13 42.51 23.14
CA LEU A 148 -16.72 42.86 23.28
C LEU A 148 -16.13 43.32 21.96
N ILE A 149 -16.56 42.70 20.85
CA ILE A 149 -16.09 43.10 19.53
C ILE A 149 -16.50 44.54 19.27
N GLU A 150 -15.52 45.37 18.89
CA GLU A 150 -15.71 46.81 18.67
C GLU A 150 -16.14 47.51 19.94
N SER A 151 -16.23 48.84 19.89
CA SER A 151 -16.68 49.61 21.04
C SER A 151 -18.17 49.92 20.99
N VAL A 152 -18.72 50.08 19.78
CA VAL A 152 -20.05 50.65 19.57
C VAL A 152 -21.15 49.78 20.14
N ASN A 153 -22.36 50.34 20.19
CA ASN A 153 -23.58 49.65 20.59
C ASN A 153 -23.48 49.06 22.00
N GLY A 154 -23.17 47.76 22.08
CA GLY A 154 -23.17 47.04 23.33
C GLY A 154 -22.28 47.62 24.42
N ASN A 155 -20.99 47.77 24.13
CA ASN A 155 -20.05 48.29 25.13
C ASN A 155 -19.99 49.81 25.17
N ARG A 156 -20.46 50.50 24.12
CA ARG A 156 -20.34 51.95 24.08
C ARG A 156 -21.31 52.63 25.03
N GLU A 157 -22.51 52.08 25.22
CA GLU A 157 -23.46 52.72 26.12
C GLU A 157 -23.05 52.53 27.58
N PRO A 158 -22.75 51.33 28.08
CA PRO A 158 -21.99 51.24 29.34
C PRO A 158 -20.67 51.97 29.28
N GLY A 159 -20.12 52.20 28.10
CA GLY A 159 -18.91 52.97 27.93
C GLY A 159 -19.03 54.37 28.51
N TYR A 160 -19.95 55.19 27.98
CA TYR A 160 -20.10 56.53 28.53
C TYR A 160 -20.81 56.54 29.87
N PHE A 161 -21.58 55.50 30.20
CA PHE A 161 -22.07 55.38 31.58
C PHE A 161 -20.90 55.32 32.54
N GLY A 162 -20.06 54.29 32.39
CA GLY A 162 -18.86 54.20 33.22
C GLY A 162 -18.02 55.45 33.17
N PHE A 163 -17.92 56.08 31.99
CA PHE A 163 -17.19 57.34 31.85
C PHE A 163 -17.73 58.41 32.79
N ASP A 164 -18.99 58.32 33.22
CA ASP A 164 -19.49 59.27 34.21
C ASP A 164 -18.85 59.06 35.57
N PRO A 165 -18.86 57.85 36.16
CA PRO A 165 -17.97 57.63 37.31
C PRO A 165 -16.49 57.61 36.96
N LEU A 166 -16.12 57.24 35.73
CA LEU A 166 -14.70 57.23 35.38
C LEU A 166 -14.12 58.63 35.37
N LYS A 167 -14.91 59.63 34.96
CA LYS A 167 -14.41 61.01 34.97
C LYS A 167 -14.18 61.48 36.41
N LEU A 168 -15.11 61.20 37.31
CA LEU A 168 -14.92 61.57 38.71
C LEU A 168 -13.76 60.82 39.32
N GLY A 169 -13.66 59.51 39.04
CA GLY A 169 -12.53 58.74 39.55
C GLY A 169 -11.20 59.23 39.02
N GLY A 170 -11.17 59.64 37.76
CA GLY A 170 -9.95 60.21 37.21
C GLY A 170 -9.61 61.57 37.81
N THR A 171 -10.65 62.37 38.12
CA THR A 171 -10.42 63.63 38.81
C THR A 171 -9.82 63.39 40.19
N VAL A 172 -10.30 62.37 40.89
CA VAL A 172 -9.70 62.00 42.17
C VAL A 172 -8.29 61.47 41.95
N GLY A 173 -8.01 60.90 40.79
CA GLY A 173 -6.71 60.33 40.53
C GLY A 173 -5.87 61.04 39.49
N SER A 174 -5.90 62.38 39.53
CA SER A 174 -5.02 63.23 38.74
C SER A 174 -5.25 63.10 37.25
N ALA A 175 -4.20 62.73 36.49
CA ALA A 175 -4.29 62.75 35.03
C ALA A 175 -5.34 61.78 34.50
N GLN A 176 -5.27 60.52 34.93
CA GLN A 176 -6.25 59.53 34.50
C GLN A 176 -6.59 58.51 35.58
N TRP A 177 -5.60 58.10 36.40
CA TRP A 177 -5.75 57.00 37.34
C TRP A 177 -6.34 55.77 36.67
N LYS A 178 -5.48 54.97 36.06
CA LYS A 178 -5.87 53.76 35.34
C LYS A 178 -6.68 52.83 36.23
N ARG A 179 -7.96 52.65 35.87
CA ARG A 179 -8.86 51.85 36.70
C ARG A 179 -8.45 50.40 36.75
N MET A 180 -7.79 49.89 35.70
CA MET A 180 -7.35 48.49 35.72
C MET A 180 -6.33 48.25 36.82
N GLN A 181 -5.55 49.28 37.18
CA GLN A 181 -4.67 49.19 38.33
C GLN A 181 -5.40 49.46 39.64
N ALA A 182 -6.56 50.12 39.58
CA ALA A 182 -7.34 50.36 40.79
C ALA A 182 -7.96 49.07 41.30
N GLY A 183 -8.36 48.17 40.41
CA GLY A 183 -8.87 46.89 40.86
C GLY A 183 -9.54 46.01 39.83
N GLU A 184 -8.98 45.91 38.62
CA GLU A 184 -9.49 44.97 37.64
C GLU A 184 -8.79 43.61 37.71
N LEU A 185 -7.49 43.61 37.97
CA LEU A 185 -6.73 42.36 38.04
C LEU A 185 -6.77 41.74 39.43
N ARG A 186 -6.74 42.55 40.48
CA ARG A 186 -6.75 42.01 41.84
C ARG A 186 -8.06 41.30 42.14
N ASN A 187 -9.19 41.95 41.86
CA ASN A 187 -10.48 41.30 42.04
C ASN A 187 -10.60 40.07 41.16
N GLY A 188 -10.14 40.17 39.91
CA GLY A 188 -10.26 39.05 38.99
C GLY A 188 -9.49 37.82 39.45
N ARG A 189 -8.29 38.03 39.99
CA ARG A 189 -7.47 36.90 40.43
C ARG A 189 -7.83 36.44 41.84
N LEU A 190 -8.26 37.37 42.71
CA LEU A 190 -8.68 36.97 44.05
C LEU A 190 -9.89 36.07 44.00
N ALA A 191 -10.88 36.41 43.16
CA ALA A 191 -12.06 35.58 43.03
C ALA A 191 -11.72 34.18 42.53
N MET A 192 -10.83 34.10 41.54
CA MET A 192 -10.47 32.80 40.96
C MET A 192 -9.74 31.93 41.98
N ILE A 193 -8.71 32.48 42.61
CA ILE A 193 -7.91 31.69 43.56
C ILE A 193 -8.74 31.32 44.78
N ALA A 194 -9.53 32.27 45.31
CA ALA A 194 -10.32 31.99 46.50
C ALA A 194 -11.42 30.97 46.21
N PHE A 195 -12.01 31.02 45.02
CA PHE A 195 -13.04 30.04 44.68
C PHE A 195 -12.42 28.68 44.34
N GLY A 196 -11.19 28.66 43.85
CA GLY A 196 -10.51 27.39 43.66
C GLY A 196 -10.19 26.69 44.96
N GLY A 197 -9.79 27.46 45.98
CA GLY A 197 -9.59 26.89 47.30
C GLY A 197 -10.88 26.64 48.05
N PHE A 198 -11.92 27.44 47.77
CA PHE A 198 -13.21 27.25 48.41
C PHE A 198 -13.92 26.01 47.89
N PHE A 199 -13.55 25.51 46.72
CA PHE A 199 -14.17 24.32 46.16
C PHE A 199 -13.43 23.04 46.54
N HIS A 200 -12.20 23.14 47.04
CA HIS A 200 -11.43 21.97 47.44
C HIS A 200 -11.58 21.65 48.92
N GLN A 201 -11.66 22.68 49.77
CA GLN A 201 -11.74 22.44 51.22
C GLN A 201 -13.08 21.84 51.62
N GLN A 202 -14.15 22.16 50.88
CA GLN A 202 -15.49 21.71 51.24
C GLN A 202 -16.03 20.60 50.34
N LEU A 203 -15.44 20.39 49.17
CA LEU A 203 -15.98 19.43 48.21
C LEU A 203 -14.98 18.39 47.71
N LEU A 204 -13.74 18.42 48.19
CA LEU A 204 -12.71 17.52 47.65
C LEU A 204 -11.88 16.92 48.78
N THR A 205 -12.52 16.60 49.91
CA THR A 205 -11.81 15.96 51.01
C THR A 205 -12.84 15.30 51.92
N LYS A 206 -12.81 13.96 51.97
CA LYS A 206 -13.64 13.20 52.90
C LYS A 206 -12.87 12.83 54.16
N GLN A 207 -11.79 12.08 54.04
CA GLN A 207 -10.94 11.73 55.17
C GLN A 207 -9.81 12.75 55.28
N GLY A 208 -9.73 13.41 56.42
CA GLY A 208 -8.71 14.44 56.61
C GLY A 208 -7.33 13.90 56.87
N ILE A 209 -7.25 12.83 57.66
CA ILE A 209 -5.99 12.19 58.05
C ILE A 209 -5.17 13.13 58.91
N ILE A 210 -4.73 14.23 58.32
CA ILE A 210 -3.99 15.27 59.04
C ILE A 210 -4.95 16.41 59.31
N GLU A 211 -4.81 17.05 60.46
CA GLU A 211 -5.64 18.20 60.78
C GLU A 211 -5.38 19.33 59.80
N GLN A 212 -6.45 19.97 59.33
CA GLN A 212 -6.35 21.05 58.34
C GLN A 212 -6.45 22.39 59.05
N LEU A 213 -5.37 23.16 58.99
CA LEU A 213 -5.35 24.51 59.55
C LEU A 213 -4.71 25.48 58.56
N GLU B 61 42.96 35.08 51.86
CA GLU B 61 43.29 35.76 50.61
C GLU B 61 44.63 35.28 50.06
N GLY B 62 45.01 34.06 50.44
CA GLY B 62 46.29 33.52 50.01
C GLY B 62 46.14 32.39 49.00
N CYS B 63 46.63 32.61 47.79
CA CYS B 63 46.56 31.60 46.75
C CYS B 63 47.67 31.88 45.74
N PHE B 64 47.92 30.90 44.87
CA PHE B 64 48.88 31.10 43.80
C PHE B 64 48.30 30.70 42.46
N ASP B 65 48.88 29.69 41.82
CA ASP B 65 48.66 29.41 40.40
C ASP B 65 47.40 28.63 40.02
N PRO B 66 46.78 27.81 40.87
CA PRO B 66 45.74 26.89 40.38
C PRO B 66 44.50 27.60 39.83
N LEU B 67 43.79 26.85 38.98
CA LEU B 67 42.53 27.31 38.38
C LEU B 67 41.37 26.99 39.32
N GLY B 68 40.50 27.96 39.52
CA GLY B 68 39.35 27.78 40.40
C GLY B 68 38.66 29.10 40.64
N PHE B 69 37.34 29.14 40.43
CA PHE B 69 36.60 30.39 40.50
C PHE B 69 35.63 30.36 41.67
N THR B 70 35.72 31.39 42.49
CA THR B 70 34.83 31.59 43.62
C THR B 70 33.61 32.36 43.15
N GLU B 71 32.43 31.76 43.33
CA GLU B 71 31.13 32.32 42.90
C GLU B 71 31.13 32.40 41.37
N VAL B 72 30.42 33.40 40.84
CA VAL B 72 30.34 33.73 39.41
C VAL B 72 29.51 32.70 38.66
N PHE B 73 28.65 33.18 37.77
CA PHE B 73 27.89 32.35 36.85
C PHE B 73 28.23 32.77 35.43
N SER B 74 28.37 31.79 34.53
CA SER B 74 28.77 32.10 33.17
C SER B 74 27.77 33.04 32.50
N LEU B 75 26.49 32.70 32.54
CA LEU B 75 25.47 33.62 32.07
C LEU B 75 25.21 34.74 33.07
N GLU B 76 25.51 34.50 34.35
CA GLU B 76 25.47 35.52 35.40
C GLU B 76 24.11 36.22 35.46
N TRP B 77 23.05 35.48 35.19
CA TRP B 77 21.69 35.91 35.51
C TRP B 77 21.09 35.01 36.58
N LEU B 78 21.97 34.40 37.39
CA LEU B 78 21.60 33.52 38.49
C LEU B 78 21.41 34.38 39.74
N ARG B 79 20.23 34.98 39.83
CA ARG B 79 19.80 35.67 41.04
C ARG B 79 18.72 34.88 41.76
N GLU B 80 18.28 33.75 41.19
CA GLU B 80 17.22 32.96 41.81
C GLU B 80 17.67 32.37 43.14
N ALA B 81 18.91 31.89 43.20
CA ALA B 81 19.48 31.33 44.42
C ALA B 81 20.48 32.24 45.09
N GLU B 82 21.31 32.93 44.29
CA GLU B 82 22.39 33.74 44.84
C GLU B 82 21.86 34.91 45.67
N ILE B 83 20.86 35.62 45.15
CA ILE B 83 20.38 36.81 45.84
C ILE B 83 19.74 36.45 47.17
N LYS B 84 19.03 35.32 47.23
CA LYS B 84 18.31 34.93 48.43
C LYS B 84 19.08 33.99 49.34
N HIS B 85 20.32 33.61 48.98
CA HIS B 85 21.03 32.61 49.77
C HIS B 85 21.40 33.14 51.15
N CYS B 86 21.66 34.45 51.26
CA CYS B 86 21.84 35.05 52.57
C CYS B 86 20.52 35.36 53.26
N ARG B 87 19.43 35.48 52.49
CA ARG B 87 18.12 35.68 53.06
C ARG B 87 17.48 34.36 53.46
N VAL B 88 17.73 33.30 52.69
CA VAL B 88 17.25 31.96 53.05
C VAL B 88 17.87 31.52 54.37
N ALA B 89 19.11 31.95 54.64
CA ALA B 89 19.74 31.63 55.92
C ALA B 89 19.17 32.43 57.08
N MET B 90 18.46 33.53 56.80
CA MET B 90 17.81 34.28 57.88
C MET B 90 16.70 33.46 58.51
N LEU B 91 15.94 32.72 57.70
CA LEU B 91 14.89 31.84 58.22
C LEU B 91 15.42 30.47 58.60
N ALA B 92 16.72 30.24 58.50
CA ALA B 92 17.32 28.99 58.97
C ALA B 92 17.64 29.08 60.47
N VAL B 93 18.31 30.15 60.88
CA VAL B 93 18.58 30.39 62.30
C VAL B 93 17.30 30.71 63.06
N LEU B 94 16.21 31.05 62.35
CA LEU B 94 14.90 31.13 62.99
C LEU B 94 14.59 29.83 63.72
N GLY B 95 14.91 28.69 63.11
CA GLY B 95 14.80 27.42 63.78
C GLY B 95 15.80 27.22 64.91
N VAL B 96 16.92 27.95 64.87
CA VAL B 96 17.88 27.86 65.96
C VAL B 96 17.33 28.54 67.21
N ILE B 97 16.81 29.76 67.05
CA ILE B 97 16.03 30.37 68.13
C ILE B 97 14.81 29.51 68.43
N ALA B 98 14.15 29.02 67.37
CA ALA B 98 13.09 28.01 67.43
C ALA B 98 11.78 28.57 67.97
N GLN B 99 10.77 27.69 68.08
CA GLN B 99 9.40 28.13 68.33
C GLN B 99 9.14 28.40 69.80
N GLU B 100 9.80 27.70 70.71
CA GLU B 100 9.62 27.96 72.13
C GLU B 100 10.24 29.31 72.49
N PHE B 101 9.51 30.09 73.29
CA PHE B 101 9.96 31.42 73.69
C PHE B 101 9.88 31.65 75.19
N GLY B 102 9.19 30.80 75.95
CA GLY B 102 9.11 30.98 77.39
C GLY B 102 7.68 30.99 77.87
N THR B 103 7.36 30.10 78.81
CA THR B 103 6.02 29.92 79.35
C THR B 103 5.02 29.51 78.27
N PHE B 104 3.75 29.36 78.66
CA PHE B 104 2.69 28.88 77.79
C PHE B 104 2.99 27.49 77.24
N ASP B 105 2.13 26.97 76.38
CA ASP B 105 2.34 25.64 75.82
C ASP B 105 3.53 25.67 74.86
N PHE B 106 4.63 25.06 75.28
CA PHE B 106 5.85 25.07 74.48
C PHE B 106 5.68 24.24 73.21
N TYR B 107 6.21 24.75 72.10
CA TYR B 107 6.02 24.09 70.81
C TYR B 107 6.90 22.86 70.66
N ASN B 108 8.14 22.92 71.15
CA ASN B 108 9.06 21.80 70.95
C ASN B 108 10.21 21.90 71.95
N ALA B 109 10.89 20.76 72.16
CA ALA B 109 11.90 20.64 73.20
C ALA B 109 13.09 19.81 72.74
N LYS B 110 14.29 20.28 73.10
CA LYS B 110 15.58 19.62 72.92
C LYS B 110 16.01 19.48 71.45
N SER B 111 17.06 18.69 71.22
CA SER B 111 17.65 18.57 69.89
C SER B 111 16.72 17.86 68.92
N LYS B 112 15.81 17.02 69.44
CA LYS B 112 14.85 16.34 68.57
C LYS B 112 14.14 17.33 67.66
N LEU B 113 13.61 18.42 68.24
CA LEU B 113 12.84 19.49 67.60
C LEU B 113 12.38 19.22 66.18
N GLN B 114 13.31 19.14 65.24
CA GLN B 114 12.94 19.28 63.83
C GLN B 114 12.10 18.12 63.34
N LEU B 115 12.47 16.89 63.67
CA LEU B 115 11.80 15.79 62.97
C LEU B 115 11.25 14.70 63.89
N SER B 116 11.94 14.39 64.99
CA SER B 116 11.32 13.51 65.97
C SER B 116 10.03 14.10 66.52
N PRO B 117 9.97 15.37 66.93
CA PRO B 117 8.68 16.00 67.25
C PRO B 117 8.20 16.90 66.12
N ASP B 118 8.11 16.34 64.91
CA ASP B 118 7.60 17.05 63.75
C ASP B 118 6.09 16.94 63.61
N LEU B 119 5.40 16.55 64.68
CA LEU B 119 3.96 16.30 64.73
C LEU B 119 3.60 15.06 63.91
N HIS B 120 2.88 14.13 64.53
CA HIS B 120 2.51 12.87 63.88
C HIS B 120 1.75 13.12 62.57
N ASN B 121 0.89 14.14 62.56
CA ASN B 121 0.03 14.44 61.42
C ASN B 121 0.43 15.79 60.85
N GLN B 122 0.95 15.83 59.60
CA GLN B 122 1.46 17.11 59.14
C GLN B 122 1.36 17.39 57.63
N PHE B 123 0.44 16.78 56.88
CA PHE B 123 0.46 17.20 55.48
C PHE B 123 -0.44 18.40 55.18
N VAL B 124 -1.31 18.84 56.10
CA VAL B 124 -2.14 20.03 55.87
C VAL B 124 -1.88 21.11 56.92
N GLN B 125 -1.91 20.76 58.21
CA GLN B 125 -1.76 21.81 59.22
C GLN B 125 -0.36 22.41 59.16
N ASN B 126 0.66 21.61 58.88
CA ASN B 126 1.88 22.14 58.29
C ASN B 126 1.47 22.63 56.91
N GLY B 127 1.22 23.91 56.79
CA GLY B 127 0.49 24.46 55.66
C GLY B 127 1.01 24.12 54.27
N ALA B 128 0.16 23.49 53.46
CA ALA B 128 0.43 23.46 52.02
C ALA B 128 0.51 24.87 51.46
N LEU B 129 -0.46 25.71 51.85
CA LEU B 129 -0.40 27.13 51.52
C LEU B 129 0.85 27.77 52.08
N GLN B 130 1.28 27.37 53.28
CA GLN B 130 2.52 27.88 53.85
C GLN B 130 3.71 27.59 52.94
N GLN B 131 3.75 26.39 52.35
CA GLN B 131 4.76 26.09 51.37
C GLN B 131 4.42 26.70 50.01
N ILE B 132 3.13 26.70 49.65
CA ILE B 132 2.69 27.31 48.40
C ILE B 132 3.11 28.78 48.35
N LEU B 133 2.81 29.53 49.42
CA LEU B 133 3.04 30.97 49.41
C LEU B 133 4.51 31.33 49.28
N LEU B 134 5.40 30.50 49.85
CA LEU B 134 6.82 30.69 49.65
C LEU B 134 7.17 30.78 48.17
N PHE B 135 6.70 29.79 47.39
CA PHE B 135 6.89 29.84 45.94
C PHE B 135 6.27 31.10 45.35
N VAL B 136 5.05 31.45 45.79
CA VAL B 136 4.39 32.65 45.29
C VAL B 136 5.23 33.88 45.64
N CYS B 137 5.76 33.95 46.86
CA CYS B 137 6.63 35.04 47.24
C CYS B 137 7.90 35.05 46.39
N ALA B 138 8.44 33.86 46.09
CA ALA B 138 9.62 33.79 45.24
C ALA B 138 9.33 34.29 43.84
N TRP B 139 8.14 34.01 43.31
CA TRP B 139 7.82 34.40 41.95
C TRP B 139 7.90 35.91 41.75
N GLU B 140 7.52 36.68 42.77
CA GLU B 140 7.60 38.14 42.66
C GLU B 140 9.03 38.60 42.42
N PHE B 141 9.98 38.03 43.17
CA PHE B 141 11.37 38.43 43.09
C PHE B 141 12.15 37.56 42.11
N ILE B 142 12.04 36.24 42.26
CA ILE B 142 12.95 35.32 41.61
C ILE B 142 12.61 35.15 40.13
N VAL B 143 11.32 35.06 39.80
CA VAL B 143 10.93 35.00 38.39
C VAL B 143 11.39 36.25 37.66
N GLY B 144 11.13 37.41 38.25
CA GLY B 144 11.54 38.68 37.65
C GLY B 144 13.00 39.01 37.89
N LEU B 145 13.90 38.31 37.18
CA LEU B 145 15.33 38.50 37.35
C LEU B 145 16.12 38.38 36.04
N PRO B 146 15.67 37.59 35.04
CA PRO B 146 16.24 37.72 33.70
C PRO B 146 16.30 39.18 33.25
N ALA B 147 15.15 39.84 33.28
CA ALA B 147 15.04 41.27 33.07
C ALA B 147 13.77 41.75 33.75
N LEU B 148 12.64 41.61 33.05
CA LEU B 148 11.30 41.68 33.65
C LEU B 148 11.13 42.87 34.58
N ILE B 149 11.67 44.02 34.16
CA ILE B 149 11.46 45.25 34.92
C ILE B 149 10.00 45.68 34.78
N GLU B 150 9.46 46.26 35.84
CA GLU B 150 8.06 46.67 35.89
C GLU B 150 7.95 48.19 35.86
N SER B 151 6.80 48.66 35.41
CA SER B 151 6.58 50.09 35.25
C SER B 151 6.49 50.82 36.58
N VAL B 152 6.16 50.11 37.66
CA VAL B 152 5.90 50.77 38.94
C VAL B 152 7.15 51.47 39.47
N ASN B 153 8.32 50.89 39.23
CA ASN B 153 9.56 51.47 39.74
C ASN B 153 9.80 52.86 39.18
N GLY B 154 9.91 53.84 40.06
CA GLY B 154 10.47 55.14 39.72
C GLY B 154 9.43 56.19 39.41
N ASN B 155 9.91 57.42 39.30
CA ASN B 155 9.17 58.57 38.81
C ASN B 155 9.87 59.10 37.57
N ARG B 156 9.07 59.64 36.64
CA ARG B 156 9.58 60.11 35.35
C ARG B 156 10.39 59.01 34.66
N GLU B 157 9.79 57.83 34.60
CA GLU B 157 10.34 56.58 34.10
C GLU B 157 10.61 56.57 32.59
N PRO B 158 9.78 57.23 31.74
CA PRO B 158 10.07 57.27 30.30
C PRO B 158 11.52 57.52 29.95
N GLY B 159 12.07 56.73 29.02
CA GLY B 159 13.47 56.80 28.68
C GLY B 159 14.34 56.62 29.90
N TYR B 160 14.16 55.49 30.60
CA TYR B 160 14.78 55.34 31.91
C TYR B 160 16.29 55.26 31.82
N PHE B 161 16.83 54.67 30.75
CA PHE B 161 18.28 54.59 30.62
C PHE B 161 18.92 55.97 30.50
N GLY B 162 18.22 56.92 29.88
CA GLY B 162 18.77 58.25 29.75
C GLY B 162 18.83 59.00 31.08
N PHE B 163 17.77 58.90 31.87
CA PHE B 163 17.73 59.58 33.16
C PHE B 163 18.64 58.88 34.17
N ASP B 164 19.46 59.68 34.87
CA ASP B 164 20.33 59.22 35.95
C ASP B 164 21.14 57.99 35.54
N PRO B 165 22.15 58.14 34.69
CA PRO B 165 22.94 56.98 34.28
C PRO B 165 23.74 56.38 35.44
N LEU B 166 23.95 55.07 35.37
CA LEU B 166 24.61 54.33 36.44
C LEU B 166 26.08 54.09 36.14
N LYS B 167 26.36 53.24 35.14
CA LYS B 167 27.69 52.92 34.65
C LYS B 167 28.48 52.02 35.60
N LEU B 168 29.75 51.78 35.27
CA LEU B 168 30.54 50.78 35.99
C LEU B 168 30.76 51.17 37.45
N GLY B 169 31.12 52.43 37.69
CA GLY B 169 31.39 52.90 39.03
C GLY B 169 32.80 52.73 39.51
N GLY B 170 33.66 52.06 38.74
CA GLY B 170 35.06 51.93 39.13
C GLY B 170 35.78 53.26 39.16
N THR B 171 35.36 54.20 38.32
CA THR B 171 36.00 55.50 38.26
C THR B 171 35.78 56.28 39.54
N VAL B 172 36.82 57.01 39.96
CA VAL B 172 36.86 57.91 41.12
C VAL B 172 35.77 57.67 42.15
N GLY B 173 34.51 57.86 41.77
CA GLY B 173 33.42 57.84 42.73
C GLY B 173 33.13 56.46 43.27
N SER B 174 32.41 56.45 44.39
CA SER B 174 31.99 55.22 45.08
C SER B 174 33.19 54.33 45.40
N ALA B 175 34.22 54.94 45.97
CA ALA B 175 35.45 54.23 46.25
C ALA B 175 35.32 53.40 47.53
N GLN B 176 36.03 52.27 47.54
CA GLN B 176 36.11 51.37 48.70
C GLN B 176 34.72 50.99 49.20
N TRP B 177 34.00 50.22 48.38
CA TRP B 177 32.71 49.72 48.82
C TRP B 177 32.35 48.43 48.09
N LYS B 178 31.16 47.92 48.42
CA LYS B 178 30.64 46.57 48.16
C LYS B 178 31.30 45.52 49.04
N ARG B 179 32.28 45.90 49.88
CA ARG B 179 32.79 45.01 50.91
C ARG B 179 31.66 44.54 51.82
N MET B 180 30.87 45.50 52.33
CA MET B 180 29.68 45.20 53.10
C MET B 180 28.77 44.23 52.34
N GLN B 181 28.40 44.60 51.11
CA GLN B 181 27.58 43.74 50.25
C GLN B 181 28.12 42.33 50.17
N ALA B 182 29.37 42.20 49.72
CA ALA B 182 29.99 40.88 49.61
C ALA B 182 30.13 40.20 50.96
N GLY B 183 30.00 40.94 52.06
CA GLY B 183 30.23 40.37 53.37
C GLY B 183 29.25 39.27 53.73
N GLU B 184 28.00 39.40 53.30
CA GLU B 184 26.98 38.45 53.75
C GLU B 184 27.16 37.09 53.11
N LEU B 185 27.21 37.03 51.77
CA LEU B 185 27.38 35.74 51.10
C LEU B 185 28.68 35.07 51.52
N ARG B 186 29.66 35.83 52.02
CA ARG B 186 30.81 35.22 52.68
C ARG B 186 30.37 34.37 53.86
N ASN B 187 29.45 34.90 54.68
CA ASN B 187 28.89 34.11 55.77
C ASN B 187 28.04 32.98 55.23
N GLY B 188 27.25 33.24 54.17
CA GLY B 188 26.53 32.16 53.53
C GLY B 188 27.45 31.08 53.00
N ARG B 189 28.57 31.48 52.40
CA ARG B 189 29.56 30.51 51.97
C ARG B 189 30.27 29.87 53.16
N LEU B 190 30.53 30.66 54.21
CA LEU B 190 30.96 30.07 55.47
C LEU B 190 29.95 29.06 55.97
N ALA B 191 28.66 29.38 55.83
CA ALA B 191 27.61 28.57 56.43
C ALA B 191 27.58 27.17 55.83
N MET B 192 27.86 27.04 54.53
CA MET B 192 27.73 25.74 53.89
C MET B 192 28.72 24.73 54.47
N ILE B 193 29.95 25.17 54.74
CA ILE B 193 30.88 24.32 55.48
C ILE B 193 30.36 24.09 56.89
N ALA B 194 29.87 25.15 57.54
CA ALA B 194 29.51 25.06 58.95
C ALA B 194 28.20 24.30 59.15
N PHE B 195 27.19 24.56 58.32
CA PHE B 195 25.88 23.90 58.42
C PHE B 195 26.04 22.39 58.46
N GLY B 196 26.38 21.79 57.33
CA GLY B 196 26.60 20.35 57.25
C GLY B 196 27.66 19.86 58.21
N GLY B 197 28.47 20.76 58.77
CA GLY B 197 29.40 20.35 59.81
C GLY B 197 28.71 19.83 61.04
N PHE B 198 27.52 20.33 61.34
CA PHE B 198 26.69 19.80 62.40
C PHE B 198 25.77 18.69 61.90
N PHE B 199 25.56 18.62 60.58
CA PHE B 199 24.61 17.69 60.00
C PHE B 199 25.17 16.28 59.86
N HIS B 200 26.49 16.13 59.71
CA HIS B 200 27.08 14.81 59.59
C HIS B 200 26.78 13.97 60.83
N GLN B 201 26.82 14.60 62.00
CA GLN B 201 26.60 13.90 63.26
C GLN B 201 25.15 13.51 63.45
N GLN B 202 24.23 14.19 62.76
CA GLN B 202 22.80 13.94 62.96
C GLN B 202 22.41 12.54 62.51
N LEU B 203 23.06 12.01 61.48
CA LEU B 203 22.75 10.67 61.01
C LEU B 203 23.04 9.61 62.05
N LEU B 204 24.04 9.83 62.89
CA LEU B 204 24.62 8.77 63.71
C LEU B 204 23.75 8.40 64.91
N THR B 205 24.36 7.72 65.89
CA THR B 205 23.59 7.16 67.00
C THR B 205 22.97 8.25 67.87
N LYS B 206 23.66 9.38 68.04
CA LYS B 206 23.16 10.52 68.81
C LYS B 206 22.79 10.11 70.23
N GLN B 207 23.78 9.57 70.93
CA GLN B 207 23.59 9.20 72.33
C GLN B 207 23.31 10.44 73.19
N GLY B 208 22.38 10.28 74.13
CA GLY B 208 22.11 11.27 75.15
C GLY B 208 21.77 12.67 74.66
N ILE B 209 22.69 13.61 74.90
CA ILE B 209 22.40 15.03 74.72
C ILE B 209 22.44 15.43 73.25
N ILE B 210 23.40 14.88 72.49
CA ILE B 210 23.63 15.30 71.12
C ILE B 210 22.39 15.19 70.24
N VAL C 75 -29.39 36.89 4.25
CA VAL C 75 -29.57 38.20 3.61
C VAL C 75 -30.97 38.31 3.00
N ASN C 76 -31.04 38.57 1.69
CA ASN C 76 -32.33 38.77 1.05
C ASN C 76 -33.20 37.53 1.13
N TRP C 77 -32.59 36.34 1.02
CA TRP C 77 -33.38 35.11 1.09
C TRP C 77 -34.01 34.93 2.46
N LEU C 78 -33.27 35.20 3.53
CA LEU C 78 -33.87 35.15 4.86
C LEU C 78 -35.01 36.15 4.96
N GLN C 79 -34.78 37.38 4.47
CA GLN C 79 -35.81 38.41 4.50
C GLN C 79 -37.13 37.90 3.95
N GLU C 80 -37.09 37.27 2.78
CA GLU C 80 -38.32 36.81 2.16
C GLU C 80 -38.99 35.72 2.98
N GLY C 81 -38.23 34.70 3.39
CA GLY C 81 -38.76 33.67 4.24
C GLY C 81 -39.23 34.20 5.58
N GLU C 82 -38.31 34.86 6.30
CA GLU C 82 -38.59 35.44 7.61
C GLU C 82 -39.85 36.30 7.62
N ILE C 83 -40.27 36.81 6.47
CA ILE C 83 -41.48 37.63 6.39
C ILE C 83 -42.70 36.78 6.08
N LYS C 84 -42.59 35.85 5.12
CA LYS C 84 -43.71 34.98 4.80
C LYS C 84 -44.14 34.18 6.01
N ASN C 85 -43.17 33.68 6.79
CA ASN C 85 -43.51 32.93 8.00
C ASN C 85 -44.08 33.83 9.08
N GLY C 86 -43.71 35.11 9.09
CA GLY C 86 -44.33 36.04 10.03
C GLY C 86 -45.80 36.23 9.74
N ARG C 87 -46.18 36.29 8.47
CA ARG C 87 -47.58 36.35 8.10
C ARG C 87 -48.29 35.06 8.46
N VAL C 88 -47.64 33.91 8.23
CA VAL C 88 -48.20 32.63 8.62
C VAL C 88 -48.46 32.60 10.12
N ALA C 89 -47.54 33.18 10.90
CA ALA C 89 -47.74 33.28 12.34
C ALA C 89 -48.99 34.10 12.66
N MET C 90 -48.99 35.38 12.24
CA MET C 90 -50.15 36.26 12.48
C MET C 90 -51.47 35.58 12.09
N LEU C 91 -51.45 34.70 11.09
CA LEU C 91 -52.64 33.93 10.76
C LEU C 91 -52.86 32.80 11.75
N ALA C 92 -51.80 32.25 12.33
CA ALA C 92 -51.94 31.08 13.19
C ALA C 92 -52.62 31.43 14.52
N CYS C 93 -52.28 32.59 15.11
CA CYS C 93 -52.92 32.98 16.36
C CYS C 93 -54.41 33.20 16.17
N LEU C 94 -54.78 33.93 15.12
CA LEU C 94 -56.19 34.12 14.83
C LEU C 94 -56.86 32.81 14.38
N HIS C 95 -56.07 31.89 13.82
CA HIS C 95 -56.62 30.58 13.47
C HIS C 95 -56.99 29.77 14.70
N PHE C 96 -56.26 29.97 15.81
CA PHE C 96 -56.58 29.30 17.06
C PHE C 96 -57.46 30.14 17.98
N PHE C 97 -57.54 31.46 17.77
CA PHE C 97 -58.37 32.29 18.63
C PHE C 97 -59.84 31.98 18.45
N VAL C 98 -60.28 31.72 17.22
CA VAL C 98 -61.68 31.42 16.99
C VAL C 98 -62.03 30.02 17.48
N THR C 99 -61.10 29.08 17.33
CA THR C 99 -61.37 27.70 17.73
C THR C 99 -61.31 27.53 19.25
N GLU C 100 -60.25 28.04 19.88
CA GLU C 100 -60.11 27.92 21.32
C GLU C 100 -61.24 28.63 22.05
N PHE C 101 -61.62 29.81 21.58
CA PHE C 101 -62.78 30.50 22.15
C PHE C 101 -64.09 29.82 21.82
N TYR C 102 -64.08 28.85 20.90
CA TYR C 102 -65.26 28.04 20.63
C TYR C 102 -65.24 26.71 21.36
N GLN C 103 -64.06 26.21 21.73
CA GLN C 103 -63.93 24.94 22.43
C GLN C 103 -63.59 25.13 23.91
N PHE C 104 -63.99 26.27 24.49
CA PHE C 104 -63.88 26.44 25.93
C PHE C 104 -65.25 26.71 26.55
N PRO C 105 -66.05 27.67 26.04
CA PRO C 105 -67.36 27.90 26.68
C PRO C 105 -68.55 27.55 25.79
N PHE C 106 -69.72 27.36 26.43
CA PHE C 106 -71.01 27.28 25.76
C PHE C 106 -71.09 26.19 24.69
N PHE C 107 -71.49 24.99 25.10
CA PHE C 107 -71.79 23.89 24.17
C PHE C 107 -70.64 23.66 23.20
N ALA C 108 -69.44 23.46 23.76
CA ALA C 108 -68.24 23.31 22.95
C ALA C 108 -68.13 21.89 22.42
N GLY C 109 -67.82 21.75 21.14
CA GLY C 109 -67.56 20.44 20.57
C GLY C 109 -66.30 19.78 21.08
N ALA C 110 -65.48 20.51 21.83
CA ALA C 110 -64.26 19.99 22.44
C ALA C 110 -64.08 20.63 23.81
N PRO C 111 -64.23 19.87 24.89
CA PRO C 111 -64.12 20.47 26.24
C PRO C 111 -62.67 20.76 26.65
N LYS C 112 -62.20 20.06 27.67
CA LYS C 112 -60.85 20.27 28.17
C LYS C 112 -59.82 19.91 27.11
N LEU C 113 -58.65 20.54 27.20
CA LEU C 113 -57.58 20.29 26.23
C LEU C 113 -57.08 18.86 26.26
N ALA C 114 -57.34 18.11 27.34
CA ALA C 114 -56.87 16.74 27.46
C ALA C 114 -57.86 15.71 26.93
N GLY C 115 -59.14 16.05 26.88
CA GLY C 115 -60.16 15.12 26.45
C GLY C 115 -60.05 14.76 24.97
N PRO C 116 -60.66 15.56 24.11
CA PRO C 116 -60.63 15.26 22.68
C PRO C 116 -59.27 15.55 22.05
N ALA C 117 -58.26 14.75 22.42
CA ALA C 117 -56.93 14.94 21.86
C ALA C 117 -56.81 14.31 20.48
N HIS C 118 -57.36 13.11 20.30
CA HIS C 118 -57.32 12.40 19.03
C HIS C 118 -58.52 11.46 18.93
N ASP C 119 -59.72 12.03 18.91
CA ASP C 119 -60.94 11.26 18.76
C ASP C 119 -61.34 11.25 17.28
N TYR C 120 -61.47 10.05 16.72
CA TYR C 120 -61.80 9.92 15.31
C TYR C 120 -63.24 10.35 15.04
N PHE C 121 -63.55 10.56 13.77
CA PHE C 121 -64.87 11.01 13.36
C PHE C 121 -65.20 10.38 12.01
N VAL C 122 -66.42 9.84 11.91
CA VAL C 122 -66.87 9.06 10.75
C VAL C 122 -65.86 7.95 10.47
N LYS C 123 -65.67 7.60 9.20
CA LYS C 123 -64.78 6.52 8.81
C LYS C 123 -63.72 6.96 7.80
N SER C 124 -64.08 7.79 6.83
CA SER C 124 -63.11 8.28 5.86
C SER C 124 -62.02 9.08 6.56
N GLY C 125 -62.39 10.25 7.09
CA GLY C 125 -61.46 11.06 7.87
C GLY C 125 -60.23 11.51 7.10
N ALA C 126 -59.34 10.55 6.80
CA ALA C 126 -58.12 10.88 6.09
C ALA C 126 -58.37 11.39 4.68
N MET C 127 -59.52 11.05 4.10
CA MET C 127 -59.82 11.50 2.74
C MET C 127 -60.07 13.00 2.69
N ILE C 128 -60.89 13.51 3.61
CA ILE C 128 -61.15 14.95 3.63
C ILE C 128 -59.89 15.71 4.03
N GLN C 129 -59.01 15.08 4.83
CA GLN C 129 -57.76 15.72 5.21
C GLN C 129 -56.83 15.84 4.01
N ILE C 130 -56.68 14.76 3.24
CA ILE C 130 -55.78 14.80 2.10
C ILE C 130 -56.35 15.67 0.98
N LEU C 131 -57.68 15.78 0.90
CA LEU C 131 -58.28 16.68 -0.09
C LEU C 131 -58.03 18.13 0.28
N ALA C 132 -58.13 18.47 1.58
CA ALA C 132 -57.77 19.81 2.02
C ALA C 132 -56.30 20.10 1.76
N PHE C 133 -55.44 19.10 1.94
CA PHE C 133 -54.02 19.27 1.66
C PHE C 133 -53.78 19.58 0.19
N ILE C 134 -54.43 18.82 -0.70
CA ILE C 134 -54.22 19.01 -2.13
C ILE C 134 -54.75 20.37 -2.59
N GLY C 135 -55.91 20.77 -2.08
CA GLY C 135 -56.47 22.05 -2.46
C GLY C 135 -55.61 23.21 -2.01
N PHE C 136 -55.15 23.17 -0.75
CA PHE C 136 -54.25 24.22 -0.26
C PHE C 136 -52.93 24.23 -1.01
N LEU C 137 -52.45 23.06 -1.42
CA LEU C 137 -51.21 22.98 -2.20
C LEU C 137 -51.38 23.65 -3.55
N GLU C 138 -52.52 23.40 -4.22
CA GLU C 138 -52.77 24.05 -5.50
C GLU C 138 -52.91 25.56 -5.35
N PHE C 139 -53.48 26.01 -4.23
CA PHE C 139 -53.60 27.45 -3.99
C PHE C 139 -52.22 28.09 -3.90
N LEU C 140 -51.33 27.52 -3.08
CA LEU C 140 -49.98 28.06 -2.98
C LEU C 140 -49.21 27.88 -4.28
N LEU C 141 -49.53 26.83 -5.05
CA LEU C 141 -48.92 26.65 -6.36
C LEU C 141 -49.20 27.86 -7.25
N HIS C 142 -50.47 28.28 -7.33
CA HIS C 142 -50.82 29.43 -8.15
C HIS C 142 -50.24 30.73 -7.57
N ARG C 143 -50.26 30.86 -6.24
CA ARG C 143 -49.75 32.08 -5.61
C ARG C 143 -48.26 32.25 -5.85
N GLY C 144 -47.54 31.15 -6.04
CA GLY C 144 -46.11 31.22 -6.33
C GLY C 144 -45.83 31.48 -7.79
N LYS C 145 -46.55 30.76 -8.67
CA LYS C 145 -46.35 30.95 -10.11
C LYS C 145 -46.72 32.35 -10.55
N VAL C 146 -47.72 32.96 -9.91
CA VAL C 146 -48.06 34.35 -10.22
C VAL C 146 -46.95 35.28 -9.74
N LEU C 147 -46.35 34.98 -8.59
CA LEU C 147 -45.24 35.79 -8.10
C LEU C 147 -44.06 35.76 -9.06
N TYR C 148 -43.86 34.65 -9.77
CA TYR C 148 -42.79 34.58 -10.76
C TYR C 148 -43.05 35.55 -11.90
N SER C 149 -44.29 35.63 -12.38
CA SER C 149 -44.62 36.49 -13.51
C SER C 149 -44.72 37.95 -13.07
N ASP C 150 -45.53 38.73 -13.80
CA ASP C 150 -45.82 40.12 -13.48
C ASP C 150 -44.60 41.03 -13.67
N MET C 151 -43.40 40.49 -13.51
CA MET C 151 -42.15 41.26 -13.55
C MET C 151 -42.19 42.38 -12.50
N GLU C 152 -42.47 41.99 -11.27
CA GLU C 152 -42.58 42.95 -10.17
C GLU C 152 -41.23 43.60 -9.90
N TRP C 153 -41.25 44.90 -9.64
CA TRP C 153 -40.05 45.69 -9.38
C TRP C 153 -39.07 45.58 -10.53
N LYS C 154 -38.01 44.79 -10.35
CA LYS C 154 -37.01 44.62 -11.40
C LYS C 154 -37.53 43.71 -12.51
N LYS C 172 -40.78 52.33 2.79
CA LYS C 172 -39.62 51.53 3.21
C LYS C 172 -39.54 51.44 4.72
N ALA C 173 -40.02 52.47 5.41
CA ALA C 173 -40.04 52.44 6.87
C ALA C 173 -41.04 51.42 7.39
N MET C 174 -42.19 51.30 6.73
CA MET C 174 -43.15 50.25 7.10
C MET C 174 -42.54 48.87 6.89
N ARG C 175 -41.77 48.70 5.80
CA ARG C 175 -41.06 47.44 5.60
C ARG C 175 -40.01 47.22 6.68
N ASP C 176 -39.37 48.30 7.16
CA ASP C 176 -38.38 48.16 8.22
C ASP C 176 -39.00 47.74 9.54
N ARG C 177 -40.21 48.22 9.83
CA ARG C 177 -40.91 47.75 11.02
C ARG C 177 -41.44 46.34 10.85
N GLU C 178 -41.79 45.96 9.61
CA GLU C 178 -42.30 44.61 9.36
C GLU C 178 -41.19 43.57 9.44
N VAL C 179 -39.96 43.93 9.05
CA VAL C 179 -38.84 43.02 9.20
C VAL C 179 -38.60 42.67 10.66
N ASN C 180 -38.92 43.61 11.56
CA ASN C 180 -38.72 43.36 12.99
C ASN C 180 -39.85 42.51 13.58
N ASN C 181 -41.11 42.86 13.29
CA ASN C 181 -42.21 42.12 13.89
C ASN C 181 -42.34 40.71 13.31
N GLY C 182 -41.74 40.44 12.16
CA GLY C 182 -41.70 39.08 11.67
C GLY C 182 -40.88 38.17 12.56
N ARG C 183 -39.66 38.61 12.90
CA ARG C 183 -38.85 37.87 13.86
C ARG C 183 -39.57 37.76 15.20
N LEU C 184 -40.29 38.81 15.60
CA LEU C 184 -41.06 38.75 16.84
C LEU C 184 -42.19 37.74 16.76
N ALA C 185 -42.69 37.46 15.56
CA ALA C 185 -43.79 36.52 15.41
C ALA C 185 -43.30 35.06 15.49
N MET C 186 -42.24 34.74 14.74
CA MET C 186 -41.80 33.35 14.68
C MET C 186 -41.42 32.81 16.05
N LEU C 187 -40.83 33.65 16.90
CA LEU C 187 -40.40 33.20 18.21
C LEU C 187 -41.49 33.24 19.26
N GLY C 188 -42.67 33.79 18.94
CA GLY C 188 -43.76 33.78 19.88
C GLY C 188 -44.67 32.60 19.69
N PHE C 189 -44.80 32.15 18.44
CA PHE C 189 -45.74 31.09 18.10
C PHE C 189 -45.18 29.70 18.36
N ALA C 190 -43.87 29.57 18.50
CA ALA C 190 -43.31 28.32 19.01
C ALA C 190 -43.54 28.20 20.51
N GLY C 191 -43.44 29.33 21.23
CA GLY C 191 -43.62 29.30 22.67
C GLY C 191 -45.05 29.07 23.10
N ILE C 192 -46.02 29.57 22.32
CA ILE C 192 -47.43 29.35 22.66
C ILE C 192 -47.75 27.87 22.66
N ILE C 193 -47.22 27.13 21.69
CA ILE C 193 -47.44 25.69 21.66
C ILE C 193 -46.53 24.98 22.67
N HIS C 194 -45.33 25.53 22.91
CA HIS C 194 -44.46 25.00 23.96
C HIS C 194 -45.16 25.01 25.32
N GLY C 195 -46.11 25.92 25.51
CA GLY C 195 -46.91 25.93 26.71
C GLY C 195 -47.66 24.63 26.91
N GLU C 196 -48.48 24.25 25.92
CA GLU C 196 -49.25 23.01 26.04
C GLU C 196 -48.35 21.77 26.03
N PHE C 197 -47.16 21.86 25.45
CA PHE C 197 -46.23 20.73 25.48
C PHE C 197 -45.68 20.47 26.88
N LEU C 198 -45.93 21.36 27.83
CA LEU C 198 -45.56 21.16 29.23
C LEU C 198 -46.59 20.32 29.99
N ASN C 199 -47.51 19.66 29.28
CA ASN C 199 -48.59 18.88 29.88
C ASN C 199 -49.51 19.74 30.73
N GLY C 200 -48.97 20.35 31.78
CA GLY C 200 -49.77 21.17 32.67
C GLY C 200 -49.28 22.58 32.85
N LYS C 201 -48.28 22.98 32.05
CA LYS C 201 -47.70 24.32 32.09
C LYS C 201 -47.13 24.66 33.47
N MET C 202 -46.67 23.65 34.20
CA MET C 202 -46.07 23.85 35.51
C MET C 202 -44.76 23.10 35.80
N PRO C 203 -44.18 22.30 34.88
CA PRO C 203 -42.98 21.55 35.28
C PRO C 203 -41.72 22.40 35.38
N PHE C 204 -41.70 23.58 34.76
CA PHE C 204 -40.50 24.41 34.79
C PHE C 204 -40.18 24.88 36.21
N GLU C 205 -41.19 25.38 36.92
CA GLU C 205 -41.01 25.89 38.28
C GLU C 205 -41.07 24.76 39.30
N GLN C 206 -40.11 23.83 39.18
CA GLN C 206 -39.98 22.69 40.07
C GLN C 206 -41.26 21.86 40.13
N ILE C 207 -42.00 22.00 41.23
CA ILE C 207 -43.23 21.25 41.42
C ILE C 207 -44.31 21.75 40.46
N VAL D 1 24.62 28.49 24.66
CA VAL D 1 23.73 28.48 25.82
C VAL D 1 23.43 29.91 26.24
N LYS D 2 22.23 30.38 25.88
CA LYS D 2 21.78 31.72 26.20
C LYS D 2 20.29 31.82 25.94
N VAL D 3 19.58 32.49 26.85
CA VAL D 3 18.15 32.69 26.71
C VAL D 3 17.90 33.75 25.65
N VAL D 4 17.78 33.32 24.39
CA VAL D 4 17.55 34.22 23.26
C VAL D 4 16.13 33.92 22.75
N VAL D 5 15.19 34.81 23.06
CA VAL D 5 13.79 34.62 22.73
C VAL D 5 13.34 35.76 21.83
N ASP D 6 12.56 35.43 20.81
CA ASP D 6 11.97 36.40 19.89
C ASP D 6 10.48 36.47 20.21
N ARG D 7 10.14 37.18 21.29
CA ARG D 7 8.76 37.24 21.74
C ARG D 7 7.87 37.91 20.70
N ASP D 8 6.77 37.23 20.35
CA ASP D 8 5.80 37.69 19.36
C ASP D 8 6.41 37.81 17.97
N VAL D 9 6.12 36.84 17.11
CA VAL D 9 6.59 36.86 15.73
C VAL D 9 5.40 36.70 14.79
N VAL D 10 4.52 35.76 15.10
CA VAL D 10 3.31 35.50 14.33
C VAL D 10 2.12 35.83 15.21
N PRO D 11 1.18 36.66 14.75
CA PRO D 11 0.03 37.02 15.59
C PRO D 11 -1.03 35.93 15.61
N THR D 12 -1.91 36.04 16.60
CA THR D 12 -3.04 35.13 16.74
C THR D 12 -4.24 35.72 16.01
N SER D 13 -4.51 35.18 14.82
CA SER D 13 -5.62 35.69 14.01
C SER D 13 -6.18 34.55 13.15
N PHE D 14 -7.49 34.56 12.96
CA PHE D 14 -8.16 33.60 12.10
C PHE D 14 -8.06 33.97 10.62
N GLU D 15 -7.26 34.98 10.28
CA GLU D 15 -7.15 35.42 8.90
C GLU D 15 -6.59 34.32 8.00
N LYS D 16 -5.56 33.61 8.48
CA LYS D 16 -4.97 32.55 7.67
C LYS D 16 -5.91 31.38 7.48
N TRP D 17 -6.73 31.06 8.48
CA TRP D 17 -7.71 29.99 8.32
C TRP D 17 -8.77 30.34 7.30
N ALA D 18 -9.01 31.63 7.08
CA ALA D 18 -9.99 32.04 6.06
C ALA D 18 -9.48 31.77 4.66
N LYS D 19 -8.15 31.74 4.47
CA LYS D 19 -7.58 31.49 3.16
C LYS D 19 -7.12 30.04 3.08
N PRO D 20 -7.73 29.20 2.24
CA PRO D 20 -7.29 27.81 2.13
C PRO D 20 -5.98 27.66 1.38
N GLY D 21 -4.87 27.60 2.10
CA GLY D 21 -3.57 27.52 1.49
C GLY D 21 -2.71 28.74 1.76
N HIS D 22 -2.86 29.30 2.96
CA HIS D 22 -2.06 30.46 3.35
C HIS D 22 -0.58 30.13 3.50
N PHE D 23 -0.25 28.86 3.73
CA PHE D 23 1.14 28.46 3.94
C PHE D 23 1.98 28.57 2.68
N SER D 24 1.37 28.80 1.52
CA SER D 24 2.11 28.91 0.28
C SER D 24 1.34 29.79 -0.69
N ARG D 25 2.02 30.82 -1.22
CA ARG D 25 1.38 31.70 -2.21
C ARG D 25 1.09 30.97 -3.51
N SER D 26 1.83 29.90 -3.82
CA SER D 26 1.52 29.11 -5.00
C SER D 26 0.24 28.31 -4.85
N LEU D 27 -0.12 27.96 -3.61
CA LEU D 27 -1.35 27.23 -3.31
C LEU D 27 -2.43 28.15 -2.76
N ALA D 28 -2.59 29.33 -3.35
CA ALA D 28 -3.58 30.29 -2.86
C ALA D 28 -4.21 31.08 -4.01
N LYS D 29 -3.37 31.56 -4.93
CA LYS D 29 -3.88 32.41 -6.01
C LYS D 29 -4.55 31.60 -7.11
N GLY D 30 -4.17 30.34 -7.30
CA GLY D 30 -4.72 29.54 -8.36
C GLY D 30 -5.31 28.22 -7.90
N PRO D 31 -6.50 28.26 -7.30
CA PRO D 31 -7.19 27.01 -6.93
C PRO D 31 -8.19 26.57 -7.99
N LYS D 32 -7.84 26.77 -9.26
CA LYS D 32 -8.73 26.50 -10.37
C LYS D 32 -8.71 25.05 -10.84
N THR D 33 -7.93 24.19 -10.20
CA THR D 33 -7.73 22.82 -10.67
C THR D 33 -7.98 21.84 -9.55
N THR D 34 -8.55 20.67 -9.90
CA THR D 34 -8.72 19.60 -8.92
C THR D 34 -7.38 19.17 -8.33
N THR D 35 -6.31 19.23 -9.12
CA THR D 35 -4.99 18.84 -8.63
C THR D 35 -4.54 19.73 -7.49
N TRP D 36 -4.93 21.00 -7.50
CA TRP D 36 -4.61 21.91 -6.39
C TRP D 36 -5.22 21.43 -5.08
N ILE D 37 -6.38 20.78 -5.15
CA ILE D 37 -7.03 20.28 -3.93
C ILE D 37 -6.18 19.21 -3.27
N TRP D 38 -5.52 18.38 -4.07
CA TRP D 38 -4.64 17.35 -3.52
C TRP D 38 -3.25 17.89 -3.18
N ASN D 39 -2.78 18.91 -3.92
CA ASN D 39 -1.51 19.52 -3.60
C ASN D 39 -1.56 20.28 -2.28
N LEU D 40 -2.73 20.78 -1.90
CA LEU D 40 -2.86 21.50 -0.64
C LEU D 40 -2.59 20.60 0.56
N HIS D 41 -2.90 19.31 0.44
CA HIS D 41 -2.68 18.36 1.53
C HIS D 41 -1.38 17.58 1.39
N ALA D 42 -0.89 17.39 0.16
CA ALA D 42 0.37 16.68 -0.04
C ALA D 42 1.54 17.49 0.51
N ASP D 43 1.53 18.80 0.31
CA ASP D 43 2.59 19.67 0.78
C ASP D 43 2.28 20.31 2.13
N ALA D 44 1.18 19.90 2.77
CA ALA D 44 0.79 20.49 4.05
C ALA D 44 1.80 20.17 5.15
N HIS D 45 2.50 19.05 5.03
CA HIS D 45 3.49 18.65 6.02
C HIS D 45 4.92 18.72 5.51
N ASP D 46 5.12 19.13 4.25
CA ASP D 46 6.46 19.29 3.68
C ASP D 46 6.94 20.72 3.98
N PHE D 47 7.27 20.93 5.26
CA PHE D 47 7.53 22.28 5.76
C PHE D 47 8.74 22.93 5.10
N ASP D 48 9.68 22.15 4.57
CA ASP D 48 10.82 22.74 3.88
C ASP D 48 10.47 23.19 2.46
N SER D 49 9.22 23.04 2.03
CA SER D 49 8.76 23.49 0.73
C SER D 49 7.89 24.74 0.84
N HIS D 50 8.18 25.59 1.83
CA HIS D 50 7.44 26.84 2.00
C HIS D 50 8.42 28.01 2.13
N THR D 51 8.98 28.18 3.32
CA THR D 51 9.99 29.20 3.57
C THR D 51 11.30 28.54 3.95
N SER D 52 12.41 29.22 3.67
CA SER D 52 13.74 28.68 3.93
C SER D 52 14.36 29.18 5.22
N SER D 53 13.77 30.20 5.86
CA SER D 53 14.29 30.71 7.12
C SER D 53 14.23 29.63 8.20
N LEU D 54 15.39 29.12 8.59
CA LEU D 54 15.42 28.02 9.56
C LEU D 54 14.88 28.44 10.91
N GLU D 55 14.99 29.73 11.25
CA GLU D 55 14.39 30.21 12.49
C GLU D 55 12.88 30.07 12.47
N GLU D 56 12.27 29.99 11.30
CA GLU D 56 10.84 29.76 11.16
C GLU D 56 10.50 28.29 10.95
N VAL D 57 11.37 27.53 10.27
CA VAL D 57 11.12 26.10 10.12
C VAL D 57 11.22 25.39 11.47
N SER D 58 12.23 25.76 12.28
CA SER D 58 12.29 25.27 13.64
C SER D 58 11.09 25.75 14.45
N ARG D 59 10.56 26.92 14.11
CA ARG D 59 9.32 27.42 14.70
C ARG D 59 8.09 27.05 13.87
N LYS D 60 8.14 25.93 13.15
CA LYS D 60 6.96 25.30 12.58
C LYS D 60 6.92 23.80 12.82
N ILE D 61 8.04 23.19 13.24
CA ILE D 61 8.11 21.76 13.49
C ILE D 61 7.97 21.43 14.97
N PHE D 62 8.61 22.23 15.83
CA PHE D 62 8.38 22.09 17.27
C PHE D 62 6.93 22.40 17.63
N SER D 63 6.26 23.23 16.82
CA SER D 63 4.82 23.41 16.97
C SER D 63 4.08 22.13 16.63
N ALA D 64 4.43 21.50 15.50
CA ALA D 64 3.82 20.22 15.13
C ALA D 64 4.17 19.14 16.14
N HIS D 65 5.33 19.23 16.78
CA HIS D 65 5.67 18.31 17.85
C HIS D 65 4.67 18.41 18.99
N PHE D 66 4.42 19.62 19.48
CA PHE D 66 3.45 19.80 20.57
C PHE D 66 2.03 19.50 20.11
N GLY D 67 1.73 19.72 18.83
CA GLY D 67 0.41 19.36 18.33
C GLY D 67 0.19 17.86 18.32
N GLN D 68 1.11 17.12 17.69
CA GLN D 68 1.05 15.66 17.74
C GLN D 68 1.09 15.17 19.18
N LEU D 69 1.87 15.83 20.03
CA LEU D 69 1.95 15.45 21.44
C LEU D 69 0.61 15.63 22.12
N ALA D 70 -0.12 16.71 21.80
CA ALA D 70 -1.44 16.91 22.36
C ALA D 70 -2.42 15.87 21.85
N ILE D 71 -2.30 15.48 20.58
CA ILE D 71 -3.16 14.42 20.03
C ILE D 71 -2.92 13.12 20.78
N ILE D 72 -1.66 12.80 21.09
CA ILE D 72 -1.35 11.57 21.80
C ILE D 72 -1.90 11.62 23.22
N PHE D 73 -1.85 12.79 23.86
CA PHE D 73 -2.38 12.90 25.21
C PHE D 73 -3.91 12.79 25.23
N ILE D 74 -4.58 13.38 24.25
CA ILE D 74 -6.01 13.18 24.11
C ILE D 74 -6.32 11.71 23.88
N TRP D 75 -5.43 11.00 23.19
CA TRP D 75 -5.63 9.58 22.92
C TRP D 75 -5.45 8.75 24.19
N LEU D 76 -4.44 9.06 24.99
CA LEU D 76 -4.19 8.28 26.20
C LEU D 76 -5.20 8.56 27.29
N SER D 77 -5.68 9.80 27.40
CA SER D 77 -6.64 10.14 28.45
C SER D 77 -7.95 9.39 28.29
N GLY D 78 -8.28 8.94 27.07
CA GLY D 78 -9.49 8.18 26.88
C GLY D 78 -9.39 6.72 27.25
N MET D 79 -8.17 6.16 27.21
CA MET D 79 -8.00 4.75 27.53
C MET D 79 -8.32 4.47 29.00
N TYR D 80 -7.90 5.37 29.90
CA TYR D 80 -8.28 5.24 31.30
C TYR D 80 -9.78 5.44 31.51
N PHE D 81 -10.44 6.18 30.61
CA PHE D 81 -11.87 6.39 30.73
C PHE D 81 -12.66 5.17 30.27
N HIS D 82 -12.28 4.57 29.14
CA HIS D 82 -12.98 3.41 28.64
C HIS D 82 -12.87 2.21 29.58
N GLY D 83 -11.85 2.17 30.42
CA GLY D 83 -11.70 1.10 31.38
C GLY D 83 -12.30 1.42 32.73
N ALA D 84 -13.42 2.14 32.73
CA ALA D 84 -14.08 2.53 33.96
C ALA D 84 -15.58 2.73 33.74
N ARG D 85 -15.94 3.46 32.70
CA ARG D 85 -17.35 3.68 32.39
C ARG D 85 -18.02 2.40 31.93
N PHE D 86 -17.52 1.81 30.84
CA PHE D 86 -18.05 0.55 30.32
C PHE D 86 -16.86 -0.38 30.06
N SER D 87 -16.63 -1.30 30.99
CA SER D 87 -15.54 -2.27 30.86
C SER D 87 -15.74 -3.39 31.86
N ASN D 88 -14.68 -4.14 32.16
CA ASN D 88 -14.76 -5.21 33.14
C ASN D 88 -13.47 -5.34 33.94
N TYR D 89 -12.73 -4.24 34.10
CA TYR D 89 -11.40 -4.31 34.70
C TYR D 89 -11.47 -4.63 36.20
N VAL D 90 -12.50 -4.16 36.89
CA VAL D 90 -12.62 -4.45 38.32
C VAL D 90 -13.01 -5.91 38.55
N ALA D 91 -14.02 -6.38 37.81
CA ALA D 91 -14.38 -7.80 37.88
C ALA D 91 -13.21 -8.67 37.44
N TRP D 92 -12.48 -8.24 36.41
CA TRP D 92 -11.28 -8.95 36.00
C TRP D 92 -10.18 -8.84 37.06
N LEU D 93 -10.19 -7.77 37.86
CA LEU D 93 -9.24 -7.66 38.96
C LEU D 93 -9.50 -8.72 40.01
N SER D 94 -10.77 -9.08 40.23
CA SER D 94 -11.10 -10.14 41.18
C SER D 94 -10.93 -11.51 40.53
N ASN D 95 -11.45 -11.68 39.32
CA ASN D 95 -11.34 -12.94 38.58
C ASN D 95 -10.64 -12.69 37.25
N PRO D 96 -9.33 -12.95 37.16
CA PRO D 96 -8.59 -12.60 35.93
C PRO D 96 -8.68 -13.64 34.82
N THR D 97 -8.96 -14.90 35.13
CA THR D 97 -8.92 -15.95 34.13
C THR D 97 -10.22 -16.07 33.35
N GLY D 98 -11.32 -16.36 34.04
CA GLY D 98 -12.58 -16.61 33.36
C GLY D 98 -13.15 -15.41 32.65
N ILE D 99 -12.80 -14.20 33.11
CA ILE D 99 -13.32 -12.96 32.54
C ILE D 99 -12.39 -12.52 31.43
N LYS D 100 -12.86 -12.60 30.18
CA LYS D 100 -12.08 -12.14 29.05
C LYS D 100 -12.00 -10.62 29.05
N PRO D 101 -10.94 -10.04 28.49
CA PRO D 101 -10.83 -8.59 28.46
C PRO D 101 -11.87 -7.96 27.55
N SER D 102 -12.31 -6.75 27.92
CA SER D 102 -13.30 -6.01 27.16
C SER D 102 -13.36 -4.59 27.68
N ALA D 103 -13.46 -3.63 26.76
CA ALA D 103 -13.55 -2.23 27.11
C ALA D 103 -14.19 -1.42 25.99
N GLN D 104 -15.19 -1.99 25.33
CA GLN D 104 -15.86 -1.32 24.22
C GLN D 104 -17.22 -1.96 24.01
N VAL D 105 -18.29 -1.17 24.08
CA VAL D 105 -19.65 -1.68 23.96
C VAL D 105 -20.30 -1.05 22.73
N VAL D 106 -21.32 -1.73 22.20
CA VAL D 106 -22.07 -1.27 21.06
C VAL D 106 -23.49 -0.90 21.50
N TRP D 107 -24.25 -0.33 20.57
CA TRP D 107 -25.58 0.19 20.86
C TRP D 107 -26.63 -0.51 20.00
N PRO D 108 -27.88 -0.59 20.49
CA PRO D 108 -28.95 -1.20 19.68
C PRO D 108 -29.55 -0.25 18.67
N ILE D 109 -29.03 -0.26 17.44
CA ILE D 109 -29.51 0.59 16.36
C ILE D 109 -29.92 -0.22 15.15
N VAL D 110 -29.01 -1.06 14.64
CA VAL D 110 -29.26 -1.83 13.43
C VAL D 110 -28.91 -3.29 13.66
N GLY D 111 -29.17 -3.78 14.87
CA GLY D 111 -28.88 -5.16 15.20
C GLY D 111 -27.42 -5.47 15.38
N GLN D 112 -26.57 -4.46 15.55
CA GLN D 112 -25.14 -4.65 15.72
C GLN D 112 -24.77 -5.16 17.11
N GLN D 113 -25.74 -5.31 18.01
CA GLN D 113 -25.46 -5.75 19.39
C GLN D 113 -24.92 -7.18 19.45
N ILE D 114 -24.81 -7.85 18.29
CA ILE D 114 -24.19 -9.17 18.27
C ILE D 114 -22.70 -9.08 18.57
N LEU D 115 -22.09 -7.91 18.40
CA LEU D 115 -20.68 -7.74 18.70
C LEU D 115 -20.39 -7.74 20.19
N ASN D 116 -21.41 -7.65 21.04
CA ASN D 116 -21.22 -7.70 22.49
C ASN D 116 -20.74 -9.08 22.92
N ALA D 117 -19.43 -9.29 22.91
CA ALA D 117 -18.86 -10.57 23.27
C ALA D 117 -19.08 -10.86 24.74
N ASP D 118 -19.56 -12.06 25.05
CA ASP D 118 -19.77 -12.49 26.42
C ASP D 118 -18.41 -12.79 27.05
N VAL D 119 -17.87 -11.81 27.76
CA VAL D 119 -16.53 -11.92 28.33
C VAL D 119 -16.63 -12.29 29.80
N GLY D 120 -17.72 -11.89 30.45
CA GLY D 120 -17.92 -12.15 31.86
C GLY D 120 -17.82 -10.87 32.68
N GLY D 121 -17.92 -11.05 33.99
CA GLY D 121 -17.83 -9.94 34.91
C GLY D 121 -19.02 -9.01 34.90
N GLY D 122 -20.20 -9.51 34.52
CA GLY D 122 -21.39 -8.70 34.49
C GLY D 122 -21.41 -7.61 33.46
N MET D 123 -20.49 -7.63 32.48
CA MET D 123 -20.42 -6.61 31.45
C MET D 123 -20.08 -7.26 30.13
N GLN D 124 -20.87 -6.95 29.10
CA GLN D 124 -20.63 -7.45 27.75
C GLN D 124 -20.08 -6.33 26.88
N GLY D 125 -19.35 -6.71 25.84
CA GLY D 125 -18.77 -5.72 24.95
C GLY D 125 -17.86 -6.36 23.92
N ILE D 126 -16.82 -5.63 23.53
CA ILE D 126 -15.86 -6.08 22.52
C ILE D 126 -14.54 -6.34 23.21
N GLN D 127 -13.94 -7.50 22.89
CA GLN D 127 -12.67 -7.87 23.51
C GLN D 127 -11.56 -6.94 23.05
N ILE D 128 -10.59 -6.73 23.95
CA ILE D 128 -9.49 -5.82 23.71
C ILE D 128 -8.17 -6.59 23.76
N THR D 129 -7.22 -6.16 22.94
CA THR D 129 -5.91 -6.79 22.85
C THR D 129 -4.79 -5.77 22.92
N SER D 130 -5.04 -4.65 23.61
CA SER D 130 -4.07 -3.56 23.70
C SER D 130 -3.17 -3.67 24.92
N GLY D 131 -3.37 -4.66 25.78
CA GLY D 131 -2.58 -4.77 26.98
C GLY D 131 -2.91 -3.74 28.04
N LEU D 132 -4.09 -3.12 27.97
CA LEU D 132 -4.45 -2.12 28.95
C LEU D 132 -4.63 -2.71 30.33
N PHE D 133 -5.29 -3.88 30.42
CA PHE D 133 -5.56 -4.47 31.72
C PHE D 133 -4.29 -4.95 32.39
N GLN D 134 -3.34 -5.48 31.61
CA GLN D 134 -2.06 -5.90 32.18
C GLN D 134 -1.27 -4.70 32.69
N LEU D 135 -1.25 -3.61 31.93
CA LEU D 135 -0.55 -2.41 32.35
C LEU D 135 -1.19 -1.81 33.60
N TRP D 136 -2.52 -1.79 33.66
CA TRP D 136 -3.21 -1.22 34.81
C TRP D 136 -3.01 -2.08 36.05
N ARG D 137 -2.99 -3.41 35.89
CA ARG D 137 -2.73 -4.28 37.03
C ARG D 137 -1.29 -4.13 37.50
N ALA D 138 -0.35 -3.98 36.58
CA ALA D 138 1.05 -3.73 36.94
C ALA D 138 1.26 -2.35 37.52
N SER D 139 0.28 -1.45 37.41
CA SER D 139 0.37 -0.12 37.98
C SER D 139 -0.33 -0.02 39.34
N GLY D 140 -0.91 -1.11 39.82
CA GLY D 140 -1.58 -1.10 41.10
C GLY D 140 -2.97 -0.52 41.10
N ILE D 141 -3.53 -0.25 39.93
CA ILE D 141 -4.87 0.34 39.83
C ILE D 141 -5.91 -0.75 40.08
N VAL D 142 -6.82 -0.49 41.02
CA VAL D 142 -7.84 -1.46 41.40
C VAL D 142 -9.23 -0.85 41.24
N ASN D 143 -9.48 0.27 41.92
CA ASN D 143 -10.80 0.88 41.93
C ASN D 143 -11.01 1.71 40.67
N GLU D 144 -12.29 1.89 40.33
CA GLU D 144 -12.65 2.73 39.18
C GLU D 144 -12.33 4.19 39.42
N LEU D 145 -12.32 4.63 40.69
CA LEU D 145 -12.01 6.02 41.00
C LEU D 145 -10.61 6.38 40.56
N GLN D 146 -9.66 5.44 40.69
CA GLN D 146 -8.29 5.69 40.26
C GLN D 146 -8.17 5.81 38.75
N LEU D 147 -9.16 5.30 38.00
CA LEU D 147 -9.18 5.53 36.55
C LEU D 147 -9.63 6.94 36.23
N TYR D 148 -10.70 7.40 36.87
CA TYR D 148 -11.26 8.72 36.54
C TYR D 148 -10.33 9.85 36.97
N VAL D 149 -9.64 9.68 38.10
CA VAL D 149 -8.71 10.71 38.55
C VAL D 149 -7.54 10.84 37.59
N THR D 150 -7.05 9.70 37.09
CA THR D 150 -5.96 9.74 36.10
C THR D 150 -6.44 10.37 34.79
N ALA D 151 -7.69 10.09 34.40
CA ALA D 151 -8.22 10.67 33.16
C ALA D 151 -8.41 12.17 33.30
N LEU D 152 -8.99 12.63 34.43
CA LEU D 152 -9.15 14.06 34.65
C LEU D 152 -7.81 14.77 34.81
N GLY D 153 -6.82 14.08 35.38
CA GLY D 153 -5.47 14.62 35.40
C GLY D 153 -4.79 14.61 34.04
N GLY D 154 -5.22 13.73 33.14
CA GLY D 154 -4.70 13.75 31.79
C GLY D 154 -5.26 14.89 30.97
N LEU D 155 -6.49 15.31 31.25
CA LEU D 155 -7.06 16.45 30.55
C LEU D 155 -6.26 17.72 30.81
N GLY D 156 -5.77 17.89 32.04
CA GLY D 156 -4.98 19.07 32.35
C GLY D 156 -3.67 19.10 31.58
N MET D 157 -2.93 17.98 31.61
CA MET D 157 -1.68 17.92 30.86
C MET D 157 -1.91 18.03 29.36
N ALA D 158 -3.05 17.54 28.86
CA ALA D 158 -3.35 17.67 27.44
C ALA D 158 -3.63 19.12 27.08
N GLY D 159 -4.32 19.86 27.95
CA GLY D 159 -4.58 21.26 27.67
C GLY D 159 -3.34 22.12 27.77
N LEU D 160 -2.47 21.83 28.73
CA LEU D 160 -1.26 22.63 28.92
C LEU D 160 -0.35 22.55 27.70
N MET D 161 -0.34 21.42 26.98
CA MET D 161 0.51 21.30 25.82
C MET D 161 -0.05 22.04 24.61
N ILE D 162 -1.38 22.16 24.51
CA ILE D 162 -1.96 23.01 23.48
C ILE D 162 -1.65 24.47 23.77
N PHE D 163 -1.76 24.88 25.03
CA PHE D 163 -1.40 26.24 25.44
C PHE D 163 0.11 26.44 25.51
N ALA D 164 0.90 25.41 25.22
CA ALA D 164 2.35 25.53 25.08
C ALA D 164 2.77 25.63 23.62
N GLY D 165 2.26 24.75 22.77
CA GLY D 165 2.49 24.87 21.33
C GLY D 165 1.87 26.10 20.72
N TRP D 166 0.90 26.71 21.40
CA TRP D 166 0.36 28.01 21.05
C TRP D 166 1.02 29.14 21.83
N PHE D 167 1.99 28.81 22.69
CA PHE D 167 2.72 29.79 23.50
C PHE D 167 4.04 30.17 22.86
N HIS D 168 4.90 29.19 22.57
CA HIS D 168 6.22 29.46 22.00
C HIS D 168 6.14 29.91 20.56
N TYR D 169 5.00 30.46 20.14
CA TYR D 169 4.75 30.74 18.74
C TYR D 169 3.96 32.01 18.56
N HIS D 170 2.63 31.92 18.68
CA HIS D 170 1.80 33.10 18.60
C HIS D 170 2.01 34.03 19.78
N LYS D 171 2.59 33.53 20.87
CA LYS D 171 2.85 34.33 22.06
C LYS D 171 4.35 34.56 22.28
N ALA D 172 5.13 33.50 22.45
CA ALA D 172 6.58 33.58 22.55
C ALA D 172 7.20 33.03 21.28
N ALA D 173 8.54 32.83 21.30
CA ALA D 173 9.32 32.20 20.24
C ALA D 173 10.81 32.30 20.55
N PRO D 174 11.49 31.19 20.82
CA PRO D 174 12.95 31.23 20.95
C PRO D 174 13.60 31.54 19.60
N LYS D 175 14.80 32.10 19.68
CA LYS D 175 15.55 32.43 18.48
C LYS D 175 16.06 31.17 17.79
N LEU D 176 16.79 31.36 16.69
CA LEU D 176 17.45 30.23 16.04
C LEU D 176 18.60 29.71 16.88
N GLU D 177 19.20 30.56 17.72
CA GLU D 177 20.34 30.16 18.54
C GLU D 177 19.97 29.07 19.54
N TRP D 178 18.69 28.94 19.89
CA TRP D 178 18.25 27.95 20.88
C TRP D 178 18.27 26.53 20.33
N PHE D 179 18.49 26.34 19.03
CA PHE D 179 18.42 25.01 18.42
C PHE D 179 19.78 24.41 18.12
N GLN D 180 20.82 25.22 17.96
CA GLN D 180 22.17 24.68 17.81
C GLN D 180 22.75 24.17 19.13
N ASN D 181 21.98 24.24 20.21
CA ASN D 181 22.43 23.71 21.50
C ASN D 181 22.16 22.21 21.57
N VAL D 182 22.57 21.48 20.53
CA VAL D 182 22.44 20.03 20.54
C VAL D 182 23.23 19.43 21.69
N GLU D 183 24.37 20.03 22.03
CA GLU D 183 25.11 19.62 23.22
C GLU D 183 24.25 19.76 24.47
N SER D 184 23.57 20.89 24.62
CA SER D 184 22.65 21.08 25.73
C SER D 184 21.36 20.31 25.56
N MET D 185 21.09 19.77 24.37
CA MET D 185 19.87 19.01 24.14
C MET D 185 20.00 17.57 24.62
N LEU D 186 21.12 16.92 24.29
CA LEU D 186 21.36 15.56 24.76
C LEU D 186 21.62 15.51 26.26
N ASN D 187 22.06 16.61 26.86
CA ASN D 187 22.23 16.65 28.31
C ASN D 187 20.90 16.75 29.05
N HIS D 188 19.80 17.07 28.35
CA HIS D 188 18.49 17.11 28.95
C HIS D 188 17.55 16.01 28.46
N HIS D 189 17.86 15.36 27.34
CA HIS D 189 17.08 14.23 26.89
C HIS D 189 17.54 12.91 27.52
N LEU D 190 18.85 12.75 27.71
CA LEU D 190 19.39 11.54 28.32
C LEU D 190 19.39 11.61 29.84
N ALA D 191 19.24 12.80 30.42
CA ALA D 191 19.24 12.96 31.87
C ALA D 191 17.92 13.48 32.42
N GLY D 192 17.25 14.38 31.70
CA GLY D 192 15.99 14.91 32.15
C GLY D 192 14.80 14.06 31.75
N LEU D 193 14.83 13.54 30.53
CA LEU D 193 13.76 12.67 30.03
C LEU D 193 14.06 11.21 30.32
N LEU D 194 15.17 10.69 29.77
CA LEU D 194 15.51 9.29 29.99
C LEU D 194 15.93 9.05 31.42
N GLY D 195 16.76 9.93 31.98
CA GLY D 195 17.23 9.77 33.35
C GLY D 195 16.14 9.91 34.39
N LEU D 196 15.55 11.09 34.49
CA LEU D 196 14.48 11.31 35.46
C LEU D 196 13.24 10.49 35.15
N GLY D 197 13.06 10.09 33.88
CA GLY D 197 11.94 9.22 33.55
C GLY D 197 12.15 7.80 34.05
N SER D 198 13.36 7.26 33.86
CA SER D 198 13.66 5.93 34.37
C SER D 198 13.80 5.91 35.89
N LEU D 199 13.94 7.07 36.51
CA LEU D 199 14.00 7.16 37.97
C LEU D 199 12.64 7.41 38.60
N SER D 200 11.79 8.20 37.94
CA SER D 200 10.47 8.50 38.49
C SER D 200 9.58 7.26 38.49
N TRP D 201 9.59 6.50 37.38
CA TRP D 201 8.81 5.27 37.35
C TRP D 201 9.44 4.18 38.22
N ALA D 202 10.76 4.26 38.43
CA ALA D 202 11.41 3.31 39.35
C ALA D 202 10.95 3.53 40.77
N GLY D 203 10.88 4.78 41.21
CA GLY D 203 10.37 5.09 42.54
C GLY D 203 8.90 4.81 42.72
N HIS D 204 8.16 4.55 41.64
CA HIS D 204 6.74 4.23 41.74
C HIS D 204 6.53 2.75 42.04
N GLN D 205 7.07 1.88 41.19
CA GLN D 205 6.89 0.44 41.34
C GLN D 205 7.65 -0.15 42.52
N ILE D 206 8.22 0.68 43.40
CA ILE D 206 8.77 0.18 44.66
C ILE D 206 7.74 0.31 45.78
N HIS D 207 6.92 1.36 45.75
CA HIS D 207 5.88 1.56 46.74
C HIS D 207 4.49 1.14 46.25
N VAL D 208 4.35 0.83 44.96
CA VAL D 208 3.09 0.35 44.39
C VAL D 208 3.14 -1.11 44.01
N SER D 209 4.27 -1.79 44.27
CA SER D 209 4.38 -3.20 43.90
C SER D 209 3.57 -4.10 44.83
N LEU D 210 3.57 -3.78 46.13
CA LEU D 210 2.93 -4.65 47.11
C LEU D 210 1.40 -4.71 46.98
N PRO D 211 0.70 -3.67 46.50
CA PRO D 211 -0.71 -3.88 46.14
C PRO D 211 -0.91 -4.87 45.02
N ILE D 212 0.15 -5.19 44.27
CA ILE D 212 0.10 -6.20 43.23
C ILE D 212 0.85 -7.46 43.66
N ASN D 213 2.07 -7.31 44.16
CA ASN D 213 2.91 -8.44 44.50
C ASN D 213 2.47 -9.09 45.80
N LYS D 214 2.71 -8.43 46.93
CA LYS D 214 2.46 -9.03 48.23
C LYS D 214 1.01 -8.88 48.67
N LEU D 215 0.09 -8.80 47.72
CA LEU D 215 -1.33 -8.75 48.03
C LEU D 215 -2.15 -9.50 46.98
N LEU D 216 -2.21 -8.95 45.76
CA LEU D 216 -3.01 -9.57 44.71
C LEU D 216 -2.49 -10.94 44.28
N ASP D 217 -1.25 -11.28 44.64
CA ASP D 217 -0.71 -12.61 44.37
C ASP D 217 -0.93 -13.57 45.53
N ALA D 218 -1.41 -13.09 46.68
CA ALA D 218 -1.68 -13.95 47.84
C ALA D 218 -3.08 -14.54 47.78
N GLY D 219 -4.09 -13.71 47.52
CA GLY D 219 -5.45 -14.17 47.45
C GLY D 219 -6.42 -13.33 48.26
N VAL D 220 -6.20 -12.01 48.29
CA VAL D 220 -7.07 -11.08 48.99
C VAL D 220 -8.06 -10.49 47.99
N ALA D 221 -9.27 -10.20 48.48
CA ALA D 221 -10.28 -9.60 47.63
C ALA D 221 -9.90 -8.16 47.29
N PRO D 222 -10.39 -7.64 46.16
CA PRO D 222 -10.10 -6.23 45.83
C PRO D 222 -10.65 -5.26 46.85
N SER D 223 -11.72 -5.62 47.57
CA SER D 223 -12.22 -4.77 48.63
C SER D 223 -11.30 -4.78 49.85
N SER D 224 -10.64 -5.91 50.11
CA SER D 224 -9.70 -6.02 51.22
C SER D 224 -8.34 -5.39 50.91
N ILE D 225 -8.14 -4.92 49.69
CA ILE D 225 -6.90 -4.26 49.29
C ILE D 225 -6.81 -2.92 50.03
N PRO D 226 -5.75 -2.69 50.82
CA PRO D 226 -5.60 -1.39 51.48
C PRO D 226 -5.36 -0.26 50.49
N LEU D 227 -5.19 0.94 51.00
CA LEU D 227 -5.00 2.07 50.10
C LEU D 227 -3.52 2.35 49.90
N PRO D 228 -3.13 2.86 48.72
CA PRO D 228 -1.70 3.10 48.47
C PRO D 228 -1.09 4.13 49.40
N HIS D 229 -1.89 5.08 49.89
CA HIS D 229 -1.38 6.06 50.84
C HIS D 229 -1.30 5.52 52.26
N GLU D 230 -2.11 4.51 52.59
CA GLU D 230 -2.01 3.89 53.91
C GLU D 230 -0.70 3.15 54.09
N PHE D 231 -0.07 2.72 53.00
CA PHE D 231 1.25 2.10 53.10
C PHE D 231 2.35 3.14 53.28
N ILE D 232 2.17 4.34 52.74
CA ILE D 232 3.17 5.39 52.86
C ILE D 232 3.02 6.17 54.16
N LEU D 233 1.76 6.45 54.55
CA LEU D 233 1.51 7.14 55.81
C LEU D 233 2.00 6.32 57.01
N ASN D 234 2.15 5.01 56.86
CA ASN D 234 2.64 4.12 57.92
C ASN D 234 3.76 3.28 57.34
N ARG D 235 5.01 3.68 57.61
CA ARG D 235 6.16 2.97 57.07
C ARG D 235 6.24 1.53 57.58
N ASN D 236 5.63 1.23 58.73
CA ASN D 236 5.70 -0.11 59.28
C ASN D 236 4.90 -1.12 58.48
N LEU D 237 3.90 -0.67 57.72
CA LEU D 237 3.18 -1.59 56.83
C LEU D 237 4.08 -2.06 55.70
N MET D 238 4.76 -1.12 55.03
CA MET D 238 5.80 -1.49 54.08
C MET D 238 6.88 -2.34 54.75
N ALA D 239 7.16 -2.06 56.02
CA ALA D 239 8.19 -2.81 56.74
C ALA D 239 7.77 -4.26 56.96
N GLU D 240 6.49 -4.51 57.16
CA GLU D 240 6.04 -5.89 57.36
C GLU D 240 5.93 -6.63 56.03
N LEU D 241 5.43 -5.98 54.99
CA LEU D 241 5.40 -6.60 53.67
C LEU D 241 6.80 -6.78 53.09
N TYR D 242 7.75 -5.96 53.52
CA TYR D 242 9.15 -6.09 53.12
C TYR D 242 10.03 -5.72 54.31
N PRO D 243 10.71 -6.69 54.93
CA PRO D 243 11.48 -6.41 56.15
C PRO D 243 12.73 -5.56 55.93
N SER D 244 12.77 -4.81 54.83
CA SER D 244 13.86 -3.89 54.55
C SER D 244 13.46 -2.42 54.70
N PHE D 245 12.17 -2.14 54.83
CA PHE D 245 11.70 -0.75 54.89
C PHE D 245 11.80 -0.15 56.29
N GLN D 246 12.10 -0.95 57.32
CA GLN D 246 12.27 -0.42 58.66
C GLN D 246 13.41 0.60 58.71
N GLN D 247 14.42 0.43 57.87
CA GLN D 247 15.59 1.31 57.90
C GLN D 247 15.24 2.70 57.38
N GLY D 248 14.61 2.78 56.20
CA GLY D 248 14.17 4.05 55.66
C GLY D 248 15.30 4.99 55.30
N LEU D 249 16.08 4.62 54.28
CA LEU D 249 17.17 5.45 53.76
C LEU D 249 18.21 5.77 54.83
N VAL D 250 18.73 4.71 55.45
CA VAL D 250 19.82 4.85 56.42
C VAL D 250 21.04 4.07 55.92
N PRO D 251 20.92 2.79 55.51
CA PRO D 251 22.06 2.14 54.85
C PRO D 251 22.29 2.61 53.43
N PHE D 252 21.36 3.39 52.86
CA PHE D 252 21.58 3.96 51.54
C PHE D 252 22.79 4.90 51.55
N PHE D 253 22.98 5.63 52.65
CA PHE D 253 24.16 6.47 52.81
C PHE D 253 25.35 5.70 53.38
N THR D 254 25.10 4.67 54.18
CA THR D 254 26.15 3.84 54.75
C THR D 254 26.77 2.89 53.72
N LEU D 255 26.25 2.88 52.49
CA LEU D 255 26.66 1.94 51.44
C LEU D 255 26.44 0.48 51.86
N ASN D 256 25.53 0.25 52.80
CA ASN D 256 25.11 -1.11 53.14
C ASN D 256 23.92 -1.48 52.25
N TRP D 257 24.23 -1.58 50.95
CA TRP D 257 23.19 -1.75 49.94
C TRP D 257 22.47 -3.08 50.07
N LYS D 258 23.15 -4.10 50.59
CA LYS D 258 22.55 -5.44 50.69
C LYS D 258 21.32 -5.46 51.58
N GLN D 259 21.14 -4.45 52.43
CA GLN D 259 19.96 -4.38 53.29
C GLN D 259 18.70 -3.97 52.53
N TYR D 260 18.82 -3.58 51.26
CA TYR D 260 17.67 -3.26 50.41
C TYR D 260 17.35 -4.40 49.44
N SER D 261 17.55 -5.65 49.87
CA SER D 261 17.42 -6.80 49.00
C SER D 261 16.03 -7.40 48.96
N ASP D 262 15.05 -6.79 49.63
CA ASP D 262 13.69 -7.30 49.62
C ASP D 262 12.88 -6.84 48.42
N ILE D 263 13.34 -5.79 47.73
CA ILE D 263 12.63 -5.28 46.56
C ILE D 263 13.59 -5.23 45.38
N LEU D 264 14.88 -5.07 45.66
CA LEU D 264 15.91 -4.94 44.63
C LEU D 264 16.62 -6.28 44.48
N THR D 265 16.27 -7.02 43.44
CA THR D 265 16.86 -8.32 43.18
C THR D 265 17.17 -8.46 41.70
N PHE D 266 17.91 -9.52 41.35
CA PHE D 266 18.22 -9.89 39.98
C PHE D 266 17.95 -11.39 39.82
N LYS D 267 16.66 -11.75 39.83
CA LYS D 267 16.28 -13.16 39.79
C LYS D 267 16.39 -13.72 38.38
N GLY D 268 15.73 -13.09 37.41
CA GLY D 268 15.66 -13.60 36.07
C GLY D 268 14.48 -14.53 35.87
N GLY D 269 14.24 -14.86 34.60
CA GLY D 269 13.11 -15.71 34.28
C GLY D 269 11.80 -15.02 34.58
N LEU D 270 10.78 -15.82 34.87
CA LEU D 270 9.44 -15.34 35.16
C LEU D 270 9.02 -15.76 36.56
N SER D 271 7.90 -15.20 37.03
CA SER D 271 7.36 -15.53 38.34
C SER D 271 6.27 -16.59 38.19
N PRO D 272 6.28 -17.64 39.02
CA PRO D 272 5.29 -18.72 38.85
C PRO D 272 3.95 -18.41 39.49
N VAL D 273 3.65 -17.13 39.69
CA VAL D 273 2.39 -16.73 40.30
C VAL D 273 1.65 -15.77 39.37
N THR D 274 2.31 -14.66 39.01
CA THR D 274 1.66 -13.67 38.17
C THR D 274 1.47 -14.19 36.75
N GLY D 275 2.56 -14.48 36.06
CA GLY D 275 2.50 -14.94 34.68
C GLY D 275 3.48 -14.23 33.78
N GLY D 276 4.19 -13.26 34.32
CA GLY D 276 5.19 -12.50 33.59
C GLY D 276 6.49 -12.39 34.37
N LEU D 277 7.24 -11.34 34.09
CA LEU D 277 8.49 -11.11 34.78
C LEU D 277 8.24 -10.77 36.24
N TRP D 278 9.29 -10.84 37.04
CA TRP D 278 9.19 -10.52 38.46
C TRP D 278 8.88 -9.04 38.66
N LEU D 279 7.97 -8.75 39.59
CA LEU D 279 7.64 -7.37 39.90
C LEU D 279 8.75 -6.67 40.67
N THR D 280 9.67 -7.43 41.27
CA THR D 280 10.81 -6.84 41.98
C THR D 280 12.03 -6.66 41.08
N ASP D 281 12.14 -7.43 40.00
CA ASP D 281 13.29 -7.29 39.11
C ASP D 281 13.17 -6.04 38.24
N VAL D 282 11.94 -5.64 37.90
CA VAL D 282 11.77 -4.47 37.04
C VAL D 282 12.04 -3.18 37.80
N ALA D 283 11.71 -3.15 39.10
CA ALA D 283 12.03 -1.98 39.90
C ALA D 283 13.53 -1.77 40.00
N HIS D 284 14.27 -2.82 40.34
CA HIS D 284 15.72 -2.75 40.33
C HIS D 284 16.26 -2.45 38.94
N HIS D 285 15.59 -2.97 37.91
CA HIS D 285 16.00 -2.70 36.53
C HIS D 285 15.94 -1.22 36.21
N HIS D 286 14.79 -0.58 36.48
CA HIS D 286 14.65 0.84 36.17
C HIS D 286 15.54 1.71 37.05
N LEU D 287 15.82 1.26 38.28
CA LEU D 287 16.82 1.96 39.10
C LEU D 287 18.19 1.89 38.45
N ALA D 288 18.55 0.71 37.92
CA ALA D 288 19.85 0.55 37.27
C ALA D 288 19.93 1.37 35.98
N ILE D 289 18.81 1.47 35.24
CA ILE D 289 18.80 2.28 34.03
C ILE D 289 18.82 3.76 34.37
N ALA D 290 18.17 4.14 35.48
CA ALA D 290 18.10 5.55 35.85
C ALA D 290 19.47 6.11 36.19
N VAL D 291 20.24 5.39 37.01
CA VAL D 291 21.58 5.86 37.38
C VAL D 291 22.49 5.90 36.16
N LEU D 292 22.36 4.90 35.27
CA LEU D 292 23.17 4.90 34.06
C LEU D 292 22.85 6.09 33.18
N PHE D 293 21.58 6.50 33.12
CA PHE D 293 21.21 7.67 32.33
C PHE D 293 21.55 8.97 33.03
N LEU D 294 21.57 8.98 34.37
CA LEU D 294 22.07 10.15 35.09
C LEU D 294 23.56 10.36 34.84
N VAL D 295 24.29 9.29 34.53
CA VAL D 295 25.71 9.41 34.17
C VAL D 295 25.86 9.75 32.70
N ALA D 296 25.12 9.06 31.83
CA ALA D 296 25.22 9.28 30.39
C ALA D 296 24.63 10.61 29.94
N GLY D 297 23.85 11.27 30.78
CA GLY D 297 23.28 12.56 30.46
C GLY D 297 24.18 13.75 30.70
N HIS D 298 25.47 13.51 30.98
CA HIS D 298 26.46 14.56 31.20
C HIS D 298 27.66 14.26 30.32
N MET D 299 27.54 14.60 29.03
CA MET D 299 28.57 14.26 28.06
C MET D 299 28.91 15.39 27.09
N TYR D 300 28.21 16.52 27.13
CA TYR D 300 28.38 17.54 26.11
C TYR D 300 28.48 18.91 26.75
N ARG D 301 29.03 19.86 25.98
CA ARG D 301 29.33 21.19 26.49
C ARG D 301 28.05 21.96 26.78
N THR D 302 27.88 22.37 28.04
CA THR D 302 26.80 23.26 28.41
C THR D 302 27.29 24.71 28.32
N ASN D 303 27.37 25.39 29.47
CA ASN D 303 27.97 26.71 29.54
C ASN D 303 28.94 26.81 30.70
N TRP D 304 29.56 25.69 31.07
CA TRP D 304 30.59 25.67 32.09
C TRP D 304 31.95 25.25 31.57
N GLY D 305 32.04 24.74 30.34
CA GLY D 305 33.30 24.46 29.69
C GLY D 305 33.77 23.02 29.74
N ILE D 306 33.13 22.18 30.55
CA ILE D 306 33.58 20.80 30.74
C ILE D 306 32.74 19.88 29.87
N GLY D 307 33.31 18.73 29.52
CA GLY D 307 32.63 17.71 28.74
C GLY D 307 33.00 17.77 27.27
N HIS D 308 32.62 16.70 26.57
CA HIS D 308 32.84 16.60 25.13
C HIS D 308 31.82 17.46 24.37
N SER D 309 31.67 17.18 23.08
CA SER D 309 30.67 17.83 22.23
C SER D 309 30.61 17.07 20.92
N ILE D 310 29.41 17.04 20.33
CA ILE D 310 29.22 16.37 19.05
C ILE D 310 30.17 16.92 17.99
N LYS D 311 30.66 18.15 18.17
CA LYS D 311 31.63 18.75 17.28
C LYS D 311 32.93 17.96 17.26
N GLN D 312 33.78 18.14 18.28
CA GLN D 312 35.11 17.57 18.27
C GLN D 312 35.12 16.06 18.40
N ILE D 313 34.05 15.46 18.91
CA ILE D 313 33.95 14.00 18.92
C ILE D 313 34.03 13.46 17.50
N LEU D 314 33.21 14.00 16.60
CA LEU D 314 33.22 13.59 15.22
C LEU D 314 34.42 14.17 14.46
N GLU D 315 34.97 15.29 14.93
CA GLU D 315 36.18 15.85 14.32
C GLU D 315 37.43 15.07 14.68
N ALA D 316 37.34 14.06 15.55
CA ALA D 316 38.49 13.27 15.97
C ALA D 316 38.50 11.86 15.40
N HIS D 317 37.33 11.27 15.15
CA HIS D 317 37.27 9.92 14.61
C HIS D 317 37.73 9.92 13.16
N LYS D 318 38.76 9.14 12.85
CA LYS D 318 39.28 9.05 11.50
C LYS D 318 39.07 7.65 10.92
N GLY D 319 40.15 6.99 10.53
CA GLY D 319 40.07 5.68 9.94
C GLY D 319 40.69 5.63 8.55
N PRO D 320 41.40 4.54 8.25
CA PRO D 320 42.08 4.46 6.94
C PRO D 320 41.11 4.46 5.76
N LEU D 321 40.11 3.57 5.78
CA LEU D 321 39.15 3.52 4.68
C LEU D 321 38.21 4.71 4.67
N THR D 322 38.21 5.54 5.71
CA THR D 322 37.30 6.67 5.80
C THR D 322 37.90 7.97 5.31
N GLY D 323 39.23 8.13 5.39
CA GLY D 323 39.86 9.38 5.02
C GLY D 323 39.54 10.48 5.99
N GLU D 324 39.01 11.60 5.50
CA GLU D 324 38.53 12.66 6.38
C GLU D 324 37.24 12.21 7.04
N GLY D 325 37.35 11.26 7.98
CA GLY D 325 36.18 10.59 8.49
C GLY D 325 35.48 11.35 9.59
N HIS D 326 34.16 11.12 9.68
CA HIS D 326 33.31 11.58 10.77
C HIS D 326 33.25 13.10 10.92
N LYS D 327 34.28 13.81 10.47
CA LYS D 327 34.24 15.27 10.48
C LYS D 327 33.04 15.77 9.69
N GLY D 328 32.50 16.91 10.12
CA GLY D 328 31.37 17.52 9.46
C GLY D 328 30.02 16.90 9.76
N LEU D 329 29.99 15.69 10.33
CA LEU D 329 28.72 15.09 10.73
C LEU D 329 27.99 15.97 11.75
N TYR D 330 28.74 16.74 12.54
CA TYR D 330 28.13 17.70 13.44
C TYR D 330 27.31 18.73 12.65
N GLU D 331 27.92 19.29 11.59
CA GLU D 331 27.19 20.21 10.72
C GLU D 331 26.09 19.50 9.94
N ILE D 332 26.15 18.18 9.83
CA ILE D 332 25.10 17.44 9.13
C ILE D 332 23.83 17.42 9.97
N LEU D 333 23.96 17.10 11.27
CA LEU D 333 22.80 16.92 12.13
C LEU D 333 22.32 18.20 12.80
N THR D 334 23.18 19.20 12.96
CA THR D 334 22.81 20.43 13.63
C THR D 334 22.19 21.47 12.70
N THR D 335 22.19 21.23 11.39
CA THR D 335 21.66 22.17 10.42
C THR D 335 20.37 21.72 9.76
N SER D 336 20.23 20.42 9.48
CA SER D 336 19.05 19.89 8.81
C SER D 336 18.15 19.24 9.84
N TRP D 337 16.98 19.85 10.09
CA TRP D 337 15.94 19.20 10.88
C TRP D 337 15.63 17.82 10.31
N HIS D 338 15.61 17.72 8.98
CA HIS D 338 15.47 16.43 8.33
C HIS D 338 16.53 15.45 8.81
N ALA D 339 17.80 15.87 8.81
CA ALA D 339 18.92 14.94 9.02
C ALA D 339 18.77 14.15 10.32
N ASN D 340 18.28 14.81 11.38
CA ASN D 340 18.05 14.10 12.63
C ASN D 340 16.94 13.06 12.50
N LEU D 341 16.00 13.27 11.57
CA LEU D 341 14.79 12.46 11.55
C LEU D 341 15.03 11.06 10.99
N ALA D 342 15.97 10.90 10.04
CA ALA D 342 16.22 9.56 9.51
C ALA D 342 16.95 8.69 10.54
N ILE D 343 17.98 9.23 11.20
CA ILE D 343 18.64 8.45 12.22
C ILE D 343 17.69 8.16 13.38
N ASN D 344 16.77 9.09 13.67
CA ASN D 344 15.75 8.83 14.68
C ASN D 344 14.78 7.75 14.21
N LEU D 345 14.22 7.92 13.01
CA LEU D 345 13.29 6.92 12.48
C LEU D 345 13.96 5.56 12.33
N ALA D 346 15.24 5.54 11.99
CA ALA D 346 15.95 4.27 11.85
C ALA D 346 16.12 3.58 13.21
N MET D 347 16.71 4.30 14.17
CA MET D 347 16.96 3.70 15.48
C MET D 347 15.66 3.39 16.20
N LEU D 348 14.72 4.34 16.22
CA LEU D 348 13.45 4.11 16.90
C LEU D 348 12.60 3.06 16.18
N GLY D 349 12.72 2.97 14.86
CA GLY D 349 11.99 1.96 14.12
C GLY D 349 12.48 0.55 14.43
N SER D 350 13.79 0.34 14.33
CA SER D 350 14.37 -0.91 14.79
C SER D 350 14.11 -1.13 16.28
N LEU D 351 13.98 -0.04 17.04
CA LEU D 351 13.71 -0.15 18.47
C LEU D 351 12.33 -0.75 18.72
N SER D 352 11.32 -0.32 17.97
CA SER D 352 9.98 -0.87 18.14
C SER D 352 9.95 -2.35 17.81
N ILE D 353 10.72 -2.77 16.80
CA ILE D 353 10.82 -4.18 16.48
C ILE D 353 11.52 -4.93 17.60
N ILE D 354 12.65 -4.40 18.08
CA ILE D 354 13.43 -5.08 19.10
C ILE D 354 12.63 -5.19 20.40
N VAL D 355 11.89 -4.13 20.76
CA VAL D 355 11.07 -4.21 21.96
C VAL D 355 9.89 -5.15 21.74
N ALA D 356 9.40 -5.26 20.50
CA ALA D 356 8.37 -6.24 20.20
C ALA D 356 8.88 -7.65 20.44
N HIS D 357 10.11 -7.95 20.00
CA HIS D 357 10.72 -9.23 20.30
C HIS D 357 10.85 -9.44 21.81
N HIS D 358 11.29 -8.42 22.53
CA HIS D 358 11.43 -8.53 23.98
C HIS D 358 10.09 -8.71 24.67
N MET D 359 8.99 -8.37 24.02
CA MET D 359 7.66 -8.59 24.61
C MET D 359 7.39 -10.08 24.78
N TYR D 360 7.35 -10.82 23.67
CA TYR D 360 6.97 -12.22 23.74
C TYR D 360 8.05 -13.08 24.38
N ALA D 361 9.33 -12.70 24.20
CA ALA D 361 10.41 -13.50 24.76
C ALA D 361 10.33 -13.55 26.28
N MET D 362 10.41 -12.39 26.93
CA MET D 362 10.20 -12.28 28.38
C MET D 362 9.01 -11.37 28.63
N PRO D 363 7.84 -11.92 28.95
CA PRO D 363 6.65 -11.08 29.17
C PRO D 363 6.83 -10.23 30.43
N PRO D 364 6.88 -8.91 30.29
CA PRO D 364 7.13 -8.05 31.45
C PRO D 364 5.89 -7.76 32.29
N TYR D 365 4.69 -7.97 31.74
CA TYR D 365 3.50 -7.62 32.50
C TYR D 365 2.85 -8.87 33.09
N PRO D 366 2.26 -8.75 34.28
CA PRO D 366 1.54 -9.90 34.85
C PRO D 366 0.31 -10.24 34.03
N TYR D 367 0.05 -11.54 33.90
CA TYR D 367 -1.09 -12.05 33.14
C TYR D 367 -1.05 -11.60 31.69
N LEU D 368 0.15 -11.55 31.11
CA LEU D 368 0.35 -11.17 29.72
C LEU D 368 0.69 -12.35 28.83
N ALA D 369 1.48 -13.31 29.32
CA ALA D 369 1.85 -14.47 28.51
C ALA D 369 0.65 -15.34 28.22
N THR D 370 -0.21 -15.59 29.22
CA THR D 370 -1.40 -16.39 28.99
C THR D 370 -2.39 -15.68 28.09
N ASP D 371 -2.43 -14.36 28.14
CA ASP D 371 -3.32 -13.57 27.27
C ASP D 371 -2.73 -13.59 25.86
N TYR D 372 -3.03 -14.67 25.14
CA TYR D 372 -2.48 -14.86 23.80
C TYR D 372 -2.92 -13.80 22.80
N PRO D 373 -4.20 -13.39 22.73
CA PRO D 373 -4.55 -12.33 21.77
C PRO D 373 -3.78 -11.04 21.97
N THR D 374 -3.63 -10.59 23.22
CA THR D 374 -2.91 -9.35 23.48
C THR D 374 -1.44 -9.48 23.10
N GLN D 375 -0.81 -10.59 23.48
CA GLN D 375 0.60 -10.81 23.16
C GLN D 375 0.83 -10.83 21.65
N LEU D 376 0.05 -11.63 20.93
CA LEU D 376 0.19 -11.71 19.48
C LEU D 376 -0.04 -10.35 18.82
N SER D 377 -1.02 -9.59 19.33
CA SER D 377 -1.33 -8.31 18.72
C SER D 377 -0.23 -7.28 18.97
N LEU D 378 0.31 -7.24 20.19
CA LEU D 378 1.28 -6.20 20.54
C LEU D 378 2.60 -6.37 19.79
N PHE D 379 3.07 -7.61 19.66
CA PHE D 379 4.32 -7.86 18.93
C PHE D 379 4.23 -7.32 17.51
N THR D 380 3.26 -7.82 16.75
CA THR D 380 3.12 -7.40 15.36
C THR D 380 2.76 -5.93 15.25
N HIS D 381 2.10 -5.38 16.27
CA HIS D 381 1.80 -3.96 16.30
C HIS D 381 3.07 -3.13 16.21
N HIS D 382 3.96 -3.27 17.20
CA HIS D 382 5.23 -2.56 17.16
C HIS D 382 6.10 -3.01 16.00
N MET D 383 5.91 -4.25 15.54
CA MET D 383 6.63 -4.74 14.37
C MET D 383 6.36 -3.86 13.15
N TRP D 384 5.07 -3.63 12.84
CA TRP D 384 4.73 -2.83 11.68
C TRP D 384 5.01 -1.34 11.91
N ILE D 385 4.92 -0.88 13.15
CA ILE D 385 5.28 0.50 13.46
C ILE D 385 6.73 0.76 13.07
N GLY D 386 7.64 -0.10 13.52
CA GLY D 386 9.03 0.06 13.16
C GLY D 386 9.31 -0.13 11.68
N GLY D 387 8.51 -0.97 11.02
CA GLY D 387 8.63 -1.08 9.57
C GLY D 387 8.37 0.24 8.88
N PHE D 388 7.27 0.90 9.24
CA PHE D 388 6.99 2.23 8.71
C PHE D 388 8.08 3.23 9.10
N CYS D 389 8.59 3.14 10.32
CA CYS D 389 9.56 4.12 10.79
C CYS D 389 10.89 3.96 10.08
N ILE D 390 11.34 2.71 9.86
CA ILE D 390 12.61 2.51 9.17
C ILE D 390 12.51 2.92 7.71
N VAL D 391 11.36 2.71 7.08
CA VAL D 391 11.19 3.17 5.70
C VAL D 391 11.09 4.69 5.66
N GLY D 392 10.53 5.30 6.71
CA GLY D 392 10.60 6.75 6.81
C GLY D 392 12.03 7.23 7.00
N ALA D 393 12.85 6.46 7.72
CA ALA D 393 14.27 6.76 7.80
C ALA D 393 14.90 6.77 6.42
N GLY D 394 14.57 5.78 5.58
CA GLY D 394 15.02 5.81 4.20
C GLY D 394 14.37 6.94 3.42
N ALA D 395 13.11 7.25 3.72
CA ALA D 395 12.41 8.31 3.01
C ALA D 395 13.11 9.65 3.19
N HIS D 396 13.67 9.90 4.37
CA HIS D 396 14.33 11.16 4.64
C HIS D 396 15.84 11.10 4.44
N ALA D 397 16.48 9.98 4.74
CA ALA D 397 17.88 9.83 4.33
C ALA D 397 18.03 9.97 2.82
N ALA D 398 16.94 9.80 2.06
CA ALA D 398 16.91 10.17 0.66
C ALA D 398 16.68 11.67 0.48
N ILE D 399 15.95 12.30 1.40
CA ILE D 399 15.70 13.74 1.33
C ILE D 399 16.99 14.53 1.46
N TYR D 400 17.97 14.00 2.21
CA TYR D 400 19.12 14.80 2.63
C TYR D 400 20.02 15.14 1.45
N MET D 401 20.33 14.15 0.61
CA MET D 401 21.19 14.39 -0.54
C MET D 401 20.54 15.35 -1.53
N VAL D 402 19.22 15.51 -1.49
CA VAL D 402 18.51 16.37 -2.43
C VAL D 402 18.26 17.75 -1.86
N ARG D 403 17.94 17.83 -0.56
CA ARG D 403 17.46 19.08 0.02
C ARG D 403 18.51 19.80 0.87
N ASP D 404 19.45 19.08 1.47
CA ASP D 404 20.42 19.71 2.37
C ASP D 404 21.75 18.96 2.32
N TYR D 405 22.40 18.98 1.16
CA TYR D 405 23.76 18.48 1.03
C TYR D 405 24.46 19.31 -0.02
N SER D 406 25.64 19.84 0.32
CA SER D 406 26.34 20.79 -0.54
C SER D 406 27.79 20.41 -0.70
N PRO D 407 28.36 20.67 -1.87
CA PRO D 407 29.79 20.38 -2.08
C PRO D 407 30.70 21.53 -1.68
N THR D 408 30.36 22.24 -0.60
CA THR D 408 31.20 23.31 -0.10
C THR D 408 31.02 23.51 1.40
N VAL D 409 29.81 23.29 1.90
CA VAL D 409 29.50 23.58 3.31
C VAL D 409 29.73 22.34 4.16
N ASN D 410 28.71 21.50 4.32
CA ASN D 410 28.78 20.35 5.20
C ASN D 410 29.51 19.20 4.50
N PHE D 411 30.45 18.58 5.21
CA PHE D 411 31.36 17.63 4.58
C PHE D 411 31.76 16.53 5.54
N ASN D 412 31.48 15.28 5.15
CA ASN D 412 32.14 14.11 5.71
C ASN D 412 32.66 13.29 4.55
N ASN D 413 33.96 13.00 4.55
CA ASN D 413 34.52 12.15 3.52
C ASN D 413 33.98 10.72 3.62
N VAL D 414 33.40 10.35 4.77
CA VAL D 414 32.73 9.06 4.88
C VAL D 414 31.46 9.05 4.02
N LEU D 415 30.59 10.04 4.23
CA LEU D 415 29.42 10.17 3.37
C LEU D 415 29.83 10.45 1.93
N ASP D 416 30.92 11.20 1.73
CA ASP D 416 31.45 11.38 0.39
C ASP D 416 31.77 10.03 -0.25
N ARG D 417 32.46 9.16 0.49
CA ARG D 417 32.80 7.85 -0.05
C ARG D 417 31.56 7.00 -0.29
N MET D 418 30.58 7.07 0.62
CA MET D 418 29.30 6.40 0.39
C MET D 418 28.64 6.86 -0.91
N ILE D 419 28.99 8.05 -1.40
CA ILE D 419 28.49 8.53 -2.68
C ILE D 419 29.56 8.45 -3.78
N ARG D 420 30.84 8.28 -3.42
CA ARG D 420 31.89 8.17 -4.42
C ARG D 420 32.02 6.75 -4.97
N HIS D 421 32.15 5.77 -4.08
CA HIS D 421 32.02 4.36 -4.48
C HIS D 421 30.60 3.85 -4.29
N ARG D 422 29.62 4.71 -4.59
CA ARG D 422 28.22 4.38 -4.35
C ARG D 422 27.77 3.16 -5.16
N ASP D 423 28.34 2.98 -6.35
CA ASP D 423 27.97 1.84 -7.19
C ASP D 423 28.47 0.52 -6.63
N ALA D 424 29.37 0.54 -5.65
CA ALA D 424 29.87 -0.68 -5.04
C ALA D 424 28.98 -1.15 -3.90
N ILE D 425 28.45 -0.22 -3.10
CA ILE D 425 27.60 -0.59 -1.98
C ILE D 425 26.41 -1.42 -2.45
N ILE D 426 25.67 -0.90 -3.44
CA ILE D 426 24.47 -1.57 -3.90
C ILE D 426 24.82 -2.83 -4.68
N SER D 427 25.97 -2.85 -5.34
CA SER D 427 26.41 -4.07 -6.01
C SER D 427 26.62 -5.19 -5.02
N HIS D 428 27.27 -4.91 -3.90
CA HIS D 428 27.42 -5.91 -2.84
C HIS D 428 26.06 -6.36 -2.33
N LEU D 429 25.22 -5.42 -1.94
CA LEU D 429 23.88 -5.76 -1.44
C LEU D 429 23.06 -6.49 -2.49
N ASN D 430 23.25 -6.17 -3.77
CA ASN D 430 22.51 -6.85 -4.83
C ASN D 430 22.86 -8.33 -4.87
N TRP D 431 24.16 -8.64 -4.94
CA TRP D 431 24.57 -10.04 -4.97
C TRP D 431 24.18 -10.77 -3.70
N VAL D 432 24.21 -10.09 -2.56
CA VAL D 432 23.77 -10.71 -1.31
C VAL D 432 22.29 -11.03 -1.36
N CYS D 433 21.48 -10.10 -1.89
CA CYS D 433 20.05 -10.35 -2.01
C CYS D 433 19.77 -11.54 -2.91
N ILE D 434 20.48 -11.64 -4.04
CA ILE D 434 20.22 -12.71 -4.98
C ILE D 434 20.65 -14.05 -4.40
N PHE D 435 21.78 -14.08 -3.70
CA PHE D 435 22.21 -15.34 -3.08
C PHE D 435 21.24 -15.78 -2.00
N LEU D 436 20.72 -14.84 -1.21
CA LEU D 436 19.74 -15.16 -0.17
C LEU D 436 18.34 -15.36 -0.73
N GLY D 437 18.12 -15.14 -2.01
CA GLY D 437 16.82 -15.34 -2.61
C GLY D 437 16.72 -16.63 -3.40
N MET D 438 17.69 -16.86 -4.30
CA MET D 438 17.71 -18.09 -5.10
C MET D 438 17.90 -19.34 -4.26
N HIS D 439 18.23 -19.20 -2.98
CA HIS D 439 18.37 -20.33 -2.07
C HIS D 439 17.23 -20.39 -1.07
N SER D 440 17.02 -19.34 -0.28
CA SER D 440 16.00 -19.38 0.77
C SER D 440 14.62 -19.65 0.18
N PHE D 441 14.22 -18.88 -0.83
CA PHE D 441 13.01 -19.21 -1.56
C PHE D 441 13.25 -20.28 -2.62
N GLY D 442 14.49 -20.41 -3.09
CA GLY D 442 14.82 -21.52 -3.97
C GLY D 442 14.61 -22.86 -3.29
N LEU D 443 15.05 -22.98 -2.03
CA LEU D 443 14.80 -24.21 -1.28
C LEU D 443 13.31 -24.44 -1.07
N TYR D 444 12.52 -23.37 -0.99
CA TYR D 444 11.07 -23.53 -0.92
C TYR D 444 10.54 -24.17 -2.20
N ILE D 445 10.95 -23.64 -3.36
CA ILE D 445 10.60 -24.27 -4.63
C ILE D 445 11.12 -25.70 -4.67
N HIS D 446 12.33 -25.91 -4.14
CA HIS D 446 12.94 -27.24 -4.15
C HIS D 446 12.12 -28.24 -3.35
N ASN D 447 11.79 -27.89 -2.10
CA ASN D 447 11.05 -28.82 -1.24
C ASN D 447 9.63 -29.02 -1.74
N ASP D 448 8.96 -27.95 -2.16
CA ASP D 448 7.62 -28.09 -2.73
C ASP D 448 7.65 -28.95 -3.99
N THR D 449 8.77 -28.96 -4.70
CA THR D 449 8.94 -29.89 -5.81
C THR D 449 9.14 -31.31 -5.31
N MET D 450 9.97 -31.48 -4.27
CA MET D 450 10.28 -32.81 -3.76
C MET D 450 9.04 -33.56 -3.30
N ARG D 451 8.06 -32.85 -2.74
CA ARG D 451 6.86 -33.51 -2.23
C ARG D 451 5.95 -33.97 -3.36
N ALA D 452 5.57 -33.05 -4.24
CA ALA D 452 4.69 -33.40 -5.36
C ALA D 452 5.37 -34.36 -6.33
N LEU D 453 6.69 -34.47 -6.28
CA LEU D 453 7.39 -35.39 -7.18
C LEU D 453 7.38 -36.82 -6.64
N GLY D 454 7.44 -36.99 -5.32
CA GLY D 454 7.35 -38.33 -4.75
C GLY D 454 8.31 -38.57 -3.60
N ARG D 455 9.18 -39.57 -3.75
CA ARG D 455 10.11 -40.01 -2.71
C ARG D 455 11.27 -39.05 -2.48
N ALA D 456 11.30 -37.87 -3.11
CA ALA D 456 12.40 -36.94 -2.89
C ALA D 456 12.30 -36.31 -1.50
N GLN D 457 11.10 -35.95 -1.07
CA GLN D 457 10.94 -35.39 0.27
C GLN D 457 11.32 -36.39 1.34
N ASP D 458 11.15 -37.69 1.06
CA ASP D 458 11.55 -38.71 2.02
C ASP D 458 13.05 -38.68 2.24
N MET D 459 13.84 -38.58 1.17
CA MET D 459 15.28 -38.48 1.29
C MET D 459 15.75 -37.10 1.71
N PHE D 460 14.85 -36.13 1.82
CA PHE D 460 15.20 -34.81 2.34
C PHE D 460 15.23 -34.78 3.87
N SER D 461 14.76 -35.84 4.53
CA SER D 461 14.68 -35.83 5.98
C SER D 461 16.06 -35.64 6.62
N ASP D 462 17.09 -36.27 6.05
CA ASP D 462 18.43 -36.11 6.59
C ASP D 462 18.91 -34.67 6.46
N THR D 463 18.57 -34.01 5.35
CA THR D 463 18.88 -32.59 5.21
C THR D 463 18.02 -31.75 6.14
N ALA D 464 16.80 -32.20 6.44
CA ALA D 464 15.98 -31.51 7.43
C ALA D 464 16.62 -31.56 8.81
N ILE D 465 17.44 -32.58 9.07
CA ILE D 465 18.23 -32.60 10.30
C ILE D 465 19.38 -31.62 10.21
N GLN D 466 19.83 -31.29 9.00
CA GLN D 466 20.87 -30.30 8.81
C GLN D 466 20.32 -28.89 8.99
N LEU D 467 21.24 -27.91 9.02
CA LEU D 467 20.90 -26.50 9.23
C LEU D 467 20.13 -26.31 10.53
N GLN D 468 18.90 -26.82 10.58
CA GLN D 468 18.14 -26.85 11.81
C GLN D 468 18.84 -27.75 12.83
N PRO D 469 18.59 -27.52 14.16
CA PRO D 469 19.55 -27.95 15.18
C PRO D 469 20.97 -28.23 14.72
N VAL D 470 21.60 -27.21 14.14
CA VAL D 470 23.03 -27.23 13.84
C VAL D 470 23.62 -25.91 14.33
N PHE D 471 22.93 -24.81 14.02
CA PHE D 471 23.31 -23.48 14.48
C PHE D 471 22.29 -22.98 15.50
N ALA D 472 22.74 -22.04 16.34
CA ALA D 472 21.93 -21.36 17.34
C ALA D 472 21.48 -22.31 18.46
N GLN D 473 21.70 -23.61 18.28
CA GLN D 473 21.41 -24.56 19.36
C GLN D 473 22.37 -24.35 20.53
N TRP D 474 23.65 -24.13 20.23
CA TRP D 474 24.62 -23.91 21.29
C TRP D 474 24.39 -22.59 22.01
N ILE D 475 23.82 -21.60 21.32
CA ILE D 475 23.50 -20.34 21.97
C ILE D 475 22.47 -20.55 23.08
N GLN D 476 21.42 -21.32 22.78
CA GLN D 476 20.45 -21.66 23.81
C GLN D 476 21.08 -22.45 24.94
N GLN D 477 22.03 -23.33 24.62
CA GLN D 477 22.72 -24.09 25.65
C GLN D 477 23.62 -23.20 26.50
N ILE D 478 24.22 -22.18 25.88
CA ILE D 478 24.96 -21.17 26.66
C ILE D 478 24.03 -20.53 27.68
N HIS D 479 22.82 -20.17 27.25
CA HIS D 479 21.88 -19.52 28.16
C HIS D 479 21.33 -20.49 29.20
N THR D 480 21.29 -21.79 28.90
CA THR D 480 20.93 -22.75 29.92
C THR D 480 21.95 -22.76 31.05
N LEU D 481 23.24 -22.74 30.71
CA LEU D 481 24.32 -22.76 31.69
C LEU D 481 24.83 -21.36 32.00
N ALA D 482 24.11 -20.31 31.61
CA ALA D 482 24.54 -18.95 31.89
C ALA D 482 24.31 -18.57 33.35
N PRO D 483 23.15 -18.86 33.95
CA PRO D 483 23.03 -18.65 35.40
C PRO D 483 23.95 -19.59 36.17
N GLY D 484 24.38 -19.14 37.33
CA GLY D 484 25.30 -19.91 38.15
C GLY D 484 26.73 -19.76 37.69
N ASN D 485 27.01 -20.13 36.43
CA ASN D 485 28.35 -19.99 35.87
C ASN D 485 28.64 -18.53 35.54
N THR D 486 28.24 -18.10 34.34
CA THR D 486 28.46 -16.73 33.90
C THR D 486 27.43 -15.76 34.47
N ALA D 487 26.63 -16.19 35.46
CA ALA D 487 25.67 -15.31 36.12
C ALA D 487 25.40 -15.89 37.50
N VAL D 488 26.34 -15.66 38.42
CA VAL D 488 26.25 -16.22 39.77
C VAL D 488 25.06 -15.61 40.52
N ASN D 489 24.75 -14.35 40.26
CA ASN D 489 23.68 -13.65 40.94
C ASN D 489 22.32 -13.80 40.26
N ALA D 490 22.18 -14.79 39.36
CA ALA D 490 20.94 -15.03 38.65
C ALA D 490 20.53 -16.48 38.85
N LEU D 491 19.33 -16.70 39.41
CA LEU D 491 18.81 -18.03 39.64
C LEU D 491 17.88 -18.49 38.52
N ALA D 492 17.87 -17.78 37.38
CA ALA D 492 17.06 -18.17 36.24
C ALA D 492 17.65 -17.55 34.99
N THR D 493 17.26 -18.09 33.84
CA THR D 493 17.80 -17.64 32.57
C THR D 493 17.23 -16.27 32.21
N ALA D 494 17.62 -15.77 31.03
CA ALA D 494 17.04 -14.52 30.53
C ALA D 494 15.55 -14.69 30.26
N SER D 495 15.16 -15.84 29.73
CA SER D 495 13.75 -16.18 29.57
C SER D 495 13.66 -17.70 29.46
N TYR D 496 12.48 -18.22 29.78
CA TYR D 496 12.28 -19.67 29.73
C TYR D 496 12.29 -20.21 28.30
N ALA D 497 12.38 -19.33 27.29
CA ALA D 497 12.66 -19.78 25.93
C ALA D 497 14.08 -20.30 25.79
N PHE D 498 14.95 -20.04 26.76
CA PHE D 498 16.32 -20.54 26.77
C PHE D 498 16.49 -21.79 27.60
N GLY D 499 15.87 -21.85 28.79
CA GLY D 499 16.03 -22.99 29.67
C GLY D 499 15.37 -24.23 29.08
N ALA D 500 16.16 -25.26 28.78
CA ALA D 500 15.63 -26.47 28.18
C ALA D 500 14.87 -27.30 29.21
N ASP D 501 13.74 -27.86 28.76
CA ASP D 501 12.91 -28.76 29.57
C ASP D 501 12.29 -28.07 30.78
N THR D 502 12.55 -26.78 30.96
CA THR D 502 11.99 -26.00 32.06
C THR D 502 10.74 -25.28 31.54
N VAL D 503 9.57 -25.77 31.94
CA VAL D 503 8.30 -25.25 31.47
C VAL D 503 7.52 -24.70 32.66
N THR D 504 7.10 -23.44 32.56
CA THR D 504 6.30 -22.79 33.58
C THR D 504 4.87 -22.66 33.08
N VAL D 505 3.93 -23.19 33.84
CA VAL D 505 2.53 -23.26 33.44
C VAL D 505 1.66 -22.69 34.55
N GLY D 506 0.72 -21.81 34.17
CA GLY D 506 -0.29 -21.33 35.08
C GLY D 506 -1.67 -21.65 34.53
N SER D 507 -1.99 -22.95 34.46
CA SER D 507 -3.19 -23.50 33.82
C SER D 507 -3.12 -23.35 32.31
N LYS D 508 -2.26 -22.46 31.82
CA LYS D 508 -1.99 -22.29 30.41
C LYS D 508 -0.50 -21.97 30.25
N ILE D 509 0.10 -22.49 29.17
CA ILE D 509 1.53 -22.38 28.99
C ILE D 509 1.92 -20.91 28.77
N ALA D 510 2.88 -20.43 29.54
CA ALA D 510 3.39 -19.07 29.41
C ALA D 510 4.54 -19.00 28.41
N MET D 511 5.62 -19.73 28.69
CA MET D 511 6.78 -19.76 27.80
C MET D 511 7.24 -21.20 27.63
N MET D 512 7.98 -21.44 26.55
CA MET D 512 8.49 -22.76 26.20
C MET D 512 9.91 -22.63 25.70
N PRO D 513 10.79 -23.59 26.02
CA PRO D 513 12.10 -23.63 25.35
C PRO D 513 11.93 -23.84 23.86
N ILE D 514 11.87 -22.74 23.11
CA ILE D 514 11.58 -22.78 21.68
C ILE D 514 12.59 -23.65 20.96
N LYS D 515 12.29 -24.94 20.85
CA LYS D 515 13.16 -25.89 20.16
C LYS D 515 13.10 -25.61 18.66
N LEU D 516 14.13 -24.96 18.14
CA LEU D 516 14.22 -24.70 16.70
C LEU D 516 14.28 -26.03 15.95
N GLY D 517 13.87 -25.99 14.68
CA GLY D 517 13.93 -27.20 13.88
C GLY D 517 13.15 -27.07 12.60
N THR D 518 13.37 -28.06 11.73
CA THR D 518 12.61 -28.28 10.50
C THR D 518 12.72 -27.12 9.51
N ALA D 519 12.20 -25.93 9.85
CA ALA D 519 12.20 -24.85 8.88
C ALA D 519 12.38 -23.47 9.48
N ASP D 520 13.00 -23.36 10.67
CA ASP D 520 13.31 -22.04 11.19
C ASP D 520 14.47 -21.39 10.43
N PHE D 521 15.44 -22.21 10.02
CA PHE D 521 16.48 -21.73 9.11
C PHE D 521 15.89 -21.27 7.79
N MET D 522 14.75 -21.83 7.40
CA MET D 522 14.11 -21.42 6.15
C MET D 522 13.48 -20.04 6.27
N VAL D 523 12.65 -19.85 7.31
CA VAL D 523 11.91 -18.60 7.42
C VAL D 523 12.82 -17.45 7.87
N HIS D 524 13.83 -17.75 8.69
CA HIS D 524 14.78 -16.71 9.08
C HIS D 524 15.55 -16.17 7.88
N HIS D 525 15.78 -17.02 6.87
CA HIS D 525 16.46 -16.57 5.66
C HIS D 525 15.49 -15.93 4.67
N ILE D 526 14.23 -16.34 4.69
CA ILE D 526 13.21 -15.54 4.00
C ILE D 526 13.15 -14.15 4.59
N HIS D 527 13.28 -14.05 5.92
CA HIS D 527 13.37 -12.75 6.58
C HIS D 527 14.60 -11.99 6.08
N ALA D 528 15.78 -12.59 6.21
CA ALA D 528 17.01 -11.93 5.80
C ALA D 528 16.97 -11.53 4.33
N PHE D 529 16.33 -12.32 3.48
CA PHE D 529 16.14 -11.94 2.09
C PHE D 529 15.31 -10.67 1.98
N THR D 530 14.14 -10.65 2.62
CA THR D 530 13.27 -9.48 2.60
C THR D 530 13.84 -8.33 3.42
N ILE D 531 14.86 -8.56 4.24
CA ILE D 531 15.52 -7.48 4.96
C ILE D 531 16.60 -6.84 4.09
N HIS D 532 17.43 -7.67 3.45
CA HIS D 532 18.49 -7.14 2.60
C HIS D 532 17.93 -6.40 1.38
N VAL D 533 16.83 -6.91 0.83
CA VAL D 533 16.20 -6.21 -0.30
C VAL D 533 15.63 -4.87 0.15
N THR D 534 15.04 -4.83 1.35
CA THR D 534 14.51 -3.57 1.87
C THR D 534 15.63 -2.58 2.12
N THR D 535 16.69 -3.02 2.82
CA THR D 535 17.83 -2.13 3.04
C THR D 535 18.46 -1.70 1.72
N LEU D 536 18.50 -2.60 0.74
CA LEU D 536 19.11 -2.27 -0.54
C LEU D 536 18.36 -1.14 -1.22
N ILE D 537 17.04 -1.29 -1.39
CA ILE D 537 16.28 -0.30 -2.16
C ILE D 537 16.23 1.04 -1.42
N LEU D 538 16.19 1.00 -0.09
CA LEU D 538 16.14 2.26 0.67
C LEU D 538 17.50 2.94 0.69
N LEU D 539 18.57 2.17 0.94
CA LEU D 539 19.92 2.73 0.85
C LEU D 539 20.23 3.21 -0.56
N LYS D 540 19.70 2.51 -1.56
CA LYS D 540 19.81 2.98 -2.94
C LYS D 540 19.16 4.34 -3.10
N GLY D 541 17.92 4.49 -2.60
CA GLY D 541 17.28 5.79 -2.61
C GLY D 541 18.02 6.83 -1.81
N VAL D 542 18.81 6.40 -0.83
CA VAL D 542 19.58 7.36 -0.02
C VAL D 542 20.74 7.92 -0.83
N LEU D 543 21.68 7.06 -1.24
CA LEU D 543 22.93 7.53 -1.81
C LEU D 543 22.86 7.81 -3.31
N TYR D 544 21.91 7.24 -4.04
CA TYR D 544 21.69 7.61 -5.43
C TYR D 544 20.78 8.82 -5.58
N ALA D 545 20.32 9.40 -4.48
CA ALA D 545 19.41 10.55 -4.56
C ALA D 545 20.11 11.81 -5.09
N ARG D 546 21.43 11.90 -4.95
CA ARG D 546 22.16 13.08 -5.40
C ARG D 546 22.76 12.86 -6.78
N ASN D 547 23.73 11.96 -6.87
CA ASN D 547 24.44 11.69 -8.11
C ASN D 547 23.90 10.41 -8.74
N SER D 548 23.33 10.54 -9.94
CA SER D 548 22.82 9.41 -10.71
C SER D 548 23.52 9.36 -12.05
N ARG D 549 23.80 8.14 -12.52
CA ARG D 549 24.52 7.98 -13.78
C ARG D 549 23.63 8.25 -14.99
N LEU D 550 22.38 7.77 -14.95
CA LEU D 550 21.48 7.93 -16.09
C LEU D 550 21.22 9.41 -16.37
N ILE D 551 20.60 10.10 -15.43
CA ILE D 551 20.34 11.53 -15.53
C ILE D 551 21.33 12.25 -14.61
N PRO D 552 22.24 13.06 -15.14
CA PRO D 552 23.20 13.75 -14.27
C PRO D 552 22.60 14.91 -13.50
N ASP D 553 21.65 15.62 -14.11
CA ASP D 553 21.01 16.77 -13.48
C ASP D 553 19.79 16.29 -12.69
N LYS D 554 20.08 15.55 -11.61
CA LYS D 554 19.01 14.93 -10.82
C LYS D 554 18.47 15.90 -9.77
N ALA D 555 19.34 16.73 -9.18
CA ALA D 555 18.90 17.61 -8.10
C ALA D 555 17.90 18.66 -8.55
N ASN D 556 17.78 18.90 -9.85
CA ASN D 556 16.87 19.93 -10.34
C ASN D 556 15.41 19.48 -10.24
N LEU D 557 15.14 18.21 -10.53
CA LEU D 557 13.77 17.74 -10.59
C LEU D 557 13.12 17.72 -9.20
N GLY D 558 13.71 16.96 -8.27
CA GLY D 558 13.20 16.96 -6.91
C GLY D 558 13.19 15.59 -6.23
N PHE D 559 12.23 15.40 -5.33
CA PHE D 559 12.11 14.18 -4.54
C PHE D 559 10.86 13.38 -4.89
N ARG D 560 9.70 14.02 -4.87
CA ARG D 560 8.43 13.35 -5.21
C ARG D 560 7.99 13.72 -6.63
N PHE D 561 8.83 13.36 -7.60
CA PHE D 561 8.52 13.64 -8.99
C PHE D 561 8.19 12.35 -9.75
N PRO D 562 7.39 12.43 -10.81
CA PRO D 562 7.11 11.23 -11.61
C PRO D 562 8.36 10.66 -12.25
N CYS D 563 8.79 11.26 -13.36
CA CYS D 563 9.98 10.77 -14.06
C CYS D 563 10.49 11.88 -14.97
N ASP D 564 11.09 11.49 -16.10
CA ASP D 564 11.64 12.44 -17.07
C ASP D 564 10.97 12.35 -18.43
N GLY D 565 10.69 11.15 -18.92
CA GLY D 565 10.04 10.99 -20.19
C GLY D 565 10.41 9.69 -20.88
N PRO D 566 9.90 9.49 -22.10
CA PRO D 566 10.17 8.25 -22.83
C PRO D 566 11.58 8.15 -23.40
N GLY D 567 12.42 9.16 -23.19
CA GLY D 567 13.76 9.14 -23.73
C GLY D 567 14.65 8.14 -23.02
N ARG D 568 15.84 7.93 -23.60
CA ARG D 568 16.84 6.99 -23.08
C ARG D 568 16.27 5.58 -22.98
N GLY D 569 15.36 5.23 -23.88
CA GLY D 569 14.68 3.95 -23.79
C GLY D 569 13.47 4.01 -22.87
N GLY D 570 13.54 4.86 -21.86
CA GLY D 570 12.46 5.02 -20.92
C GLY D 570 12.92 5.33 -19.51
N THR D 571 12.78 6.59 -19.10
CA THR D 571 13.06 7.01 -17.73
C THR D 571 11.73 7.04 -16.98
N CYS D 572 11.53 6.07 -16.09
CA CYS D 572 10.25 5.91 -15.40
C CYS D 572 10.50 5.49 -13.97
N GLN D 573 9.89 6.22 -13.03
CA GLN D 573 9.94 5.89 -11.60
C GLN D 573 11.38 5.80 -11.11
N VAL D 574 12.07 6.93 -11.17
CA VAL D 574 13.49 7.01 -10.81
C VAL D 574 13.73 7.89 -9.59
N SER D 575 12.68 8.37 -8.93
CA SER D 575 12.85 9.22 -7.76
C SER D 575 13.18 8.37 -6.54
N ALA D 576 13.90 8.99 -5.60
CA ALA D 576 14.19 8.31 -4.35
C ALA D 576 12.93 8.06 -3.54
N TRP D 577 11.94 8.95 -3.65
CA TRP D 577 10.66 8.73 -3.00
C TRP D 577 9.97 7.48 -3.56
N ASP D 578 10.26 7.11 -4.80
CA ASP D 578 9.74 5.87 -5.35
C ASP D 578 10.51 4.67 -4.84
N HIS D 579 11.81 4.81 -4.58
CA HIS D 579 12.55 3.78 -3.88
C HIS D 579 12.00 3.58 -2.46
N VAL D 580 11.35 4.61 -1.92
CA VAL D 580 10.64 4.47 -0.65
C VAL D 580 9.25 3.90 -0.87
N PHE D 581 8.59 4.31 -1.95
CA PHE D 581 7.29 3.76 -2.31
C PHE D 581 7.38 2.24 -2.49
N LEU D 582 8.37 1.79 -3.25
CA LEU D 582 8.65 0.36 -3.33
C LEU D 582 9.36 -0.15 -2.09
N GLY D 583 10.09 0.71 -1.38
CA GLY D 583 10.68 0.30 -0.12
C GLY D 583 9.63 -0.01 0.93
N LEU D 584 8.52 0.74 0.92
CA LEU D 584 7.38 0.38 1.75
C LEU D 584 6.87 -1.02 1.43
N PHE D 585 7.00 -1.44 0.17
CA PHE D 585 6.45 -2.72 -0.25
C PHE D 585 7.33 -3.89 0.16
N TRP D 586 8.66 -3.75 0.06
CA TRP D 586 9.53 -4.82 0.51
C TRP D 586 9.62 -4.87 2.03
N MET D 587 9.54 -3.71 2.70
CA MET D 587 9.30 -3.72 4.13
C MET D 587 7.98 -4.41 4.44
N TYR D 588 6.95 -4.17 3.62
CA TYR D 588 5.67 -4.83 3.79
C TYR D 588 5.83 -6.35 3.72
N ASN D 589 6.53 -6.83 2.71
CA ASN D 589 6.74 -8.27 2.59
C ASN D 589 7.58 -8.82 3.75
N ALA D 590 8.60 -8.06 4.17
CA ALA D 590 9.43 -8.49 5.28
C ALA D 590 8.61 -8.64 6.55
N LEU D 591 7.91 -7.57 6.95
CA LEU D 591 7.12 -7.61 8.17
C LEU D 591 5.97 -8.61 8.07
N SER D 592 5.43 -8.82 6.86
CA SER D 592 4.37 -9.81 6.69
C SER D 592 4.89 -11.22 6.98
N ILE D 593 6.06 -11.56 6.43
CA ILE D 593 6.62 -12.89 6.67
C ILE D 593 7.02 -13.04 8.13
N VAL D 594 7.51 -11.97 8.76
CA VAL D 594 7.94 -12.08 10.15
C VAL D 594 6.74 -12.27 11.08
N ILE D 595 5.65 -11.56 10.83
CA ILE D 595 4.47 -11.73 11.67
C ILE D 595 3.85 -13.11 11.45
N PHE D 596 3.89 -13.61 10.21
CA PHE D 596 3.45 -14.98 9.94
C PHE D 596 4.28 -15.97 10.73
N HIS D 597 5.61 -15.84 10.65
CA HIS D 597 6.53 -16.73 11.35
C HIS D 597 6.25 -16.73 12.84
N PHE D 598 6.33 -15.56 13.47
CA PHE D 598 6.09 -15.45 14.91
C PHE D 598 4.74 -16.04 15.30
N SER D 599 3.67 -15.51 14.70
CA SER D 599 2.31 -15.90 15.09
C SER D 599 2.12 -17.42 15.04
N TRP D 600 2.35 -18.01 13.87
CA TRP D 600 1.97 -19.41 13.70
C TRP D 600 2.92 -20.35 14.43
N LYS D 601 4.22 -20.06 14.41
CA LYS D 601 5.17 -20.94 15.09
C LYS D 601 4.88 -21.01 16.59
N MET D 602 4.32 -19.94 17.16
CA MET D 602 3.94 -19.93 18.57
C MET D 602 3.01 -21.09 18.89
N GLN D 603 1.80 -21.07 18.33
CA GLN D 603 0.86 -22.15 18.62
C GLN D 603 1.32 -23.49 18.05
N SER D 604 2.28 -23.49 17.13
CA SER D 604 2.80 -24.74 16.60
C SER D 604 3.55 -25.52 17.69
N ASP D 605 4.51 -24.88 18.35
CA ASP D 605 5.34 -25.55 19.33
C ASP D 605 5.37 -24.90 20.71
N VAL D 606 4.98 -23.63 20.85
CA VAL D 606 5.07 -22.94 22.13
C VAL D 606 3.73 -22.97 22.84
N TRP D 607 2.71 -22.35 22.25
CA TRP D 607 1.43 -22.19 22.92
C TRP D 607 0.67 -23.51 22.95
N GLY D 608 0.09 -23.81 24.11
CA GLY D 608 -0.65 -25.05 24.26
C GLY D 608 -1.30 -25.17 25.62
N THR D 609 -1.71 -26.39 25.94
CA THR D 609 -2.37 -26.73 27.19
C THR D 609 -1.59 -27.83 27.91
N VAL D 610 -1.95 -28.06 29.17
CA VAL D 610 -1.25 -29.02 30.02
C VAL D 610 -2.27 -29.85 30.79
N THR D 611 -2.03 -31.17 30.83
CA THR D 611 -2.83 -32.08 31.62
C THR D 611 -1.92 -32.92 32.51
N SER D 612 -2.51 -33.49 33.57
CA SER D 612 -1.73 -34.30 34.50
C SER D 612 -1.50 -35.71 33.97
N ASN D 613 -2.45 -36.27 33.22
CA ASN D 613 -2.26 -37.59 32.62
C ASN D 613 -1.17 -37.58 31.56
N GLY D 614 -0.88 -36.44 30.97
CA GLY D 614 0.18 -36.33 29.99
C GLY D 614 1.17 -35.24 30.33
N ALA D 615 1.51 -34.41 29.36
CA ALA D 615 2.47 -33.33 29.58
C ALA D 615 2.02 -32.05 28.89
N ILE D 616 2.20 -31.97 27.59
CA ILE D 616 1.94 -30.76 26.82
C ILE D 616 1.17 -31.14 25.56
N SER D 617 0.08 -30.41 25.29
CA SER D 617 -0.72 -30.59 24.09
C SER D 617 -1.02 -29.22 23.51
N HIS D 618 -0.39 -28.88 22.39
CA HIS D 618 -0.53 -27.54 21.82
C HIS D 618 -1.93 -27.34 21.24
N ILE D 619 -2.28 -26.06 21.04
CA ILE D 619 -3.51 -25.73 20.33
C ILE D 619 -3.52 -26.42 18.98
N THR D 620 -2.47 -26.19 18.19
CA THR D 620 -2.17 -26.97 16.99
C THR D 620 -0.88 -27.70 17.27
N GLY D 621 -0.98 -29.01 17.51
CA GLY D 621 0.13 -29.77 18.05
C GLY D 621 1.26 -30.08 17.10
N GLY D 622 2.34 -29.29 17.17
CA GLY D 622 3.56 -29.53 16.40
C GLY D 622 3.34 -29.78 14.93
N ASN D 623 2.70 -28.84 14.25
CA ASN D 623 2.37 -29.02 12.83
C ASN D 623 3.52 -28.63 11.92
N PHE D 624 4.14 -27.48 12.19
CA PHE D 624 5.19 -26.98 11.30
C PHE D 624 6.51 -27.69 11.54
N ALA D 625 6.44 -28.96 11.94
CA ALA D 625 7.58 -29.87 11.84
C ALA D 625 7.74 -30.42 10.44
N GLN D 626 6.86 -30.04 9.52
CA GLN D 626 6.90 -30.51 8.14
C GLN D 626 6.13 -29.55 7.24
N SER D 627 5.06 -28.96 7.77
CA SER D 627 4.21 -28.05 7.01
C SER D 627 4.81 -26.65 6.86
N ALA D 628 6.03 -26.43 7.31
CA ALA D 628 6.73 -25.17 7.11
C ALA D 628 7.80 -25.24 6.03
N ILE D 629 8.27 -26.45 5.70
CA ILE D 629 9.38 -26.58 4.76
C ILE D 629 8.94 -26.24 3.34
N THR D 630 7.69 -26.50 3.00
CA THR D 630 7.18 -26.25 1.66
C THR D 630 6.20 -25.09 1.66
N ILE D 631 6.01 -24.50 0.48
CA ILE D 631 5.07 -23.39 0.33
C ILE D 631 3.64 -23.88 0.53
N ASN D 632 3.36 -25.14 0.20
CA ASN D 632 2.00 -25.64 0.29
C ASN D 632 1.50 -25.66 1.72
N GLY D 633 2.34 -26.12 2.66
CA GLY D 633 1.96 -26.14 4.06
C GLY D 633 1.65 -24.76 4.62
N TRP D 634 2.14 -23.70 3.99
CA TRP D 634 1.81 -22.35 4.41
C TRP D 634 0.43 -21.90 3.95
N LEU D 635 -0.22 -22.65 3.05
CA LEU D 635 -1.60 -22.40 2.72
C LEU D 635 -2.45 -23.67 2.75
N ARG D 636 -1.86 -24.82 3.08
CA ARG D 636 -2.63 -26.04 3.31
C ARG D 636 -3.00 -26.21 4.77
N ASP D 637 -2.06 -25.96 5.69
CA ASP D 637 -2.30 -26.05 7.11
C ASP D 637 -2.28 -24.69 7.82
N PHE D 638 -1.92 -23.62 7.12
CA PHE D 638 -1.82 -22.29 7.71
C PHE D 638 -2.93 -21.38 7.20
N LEU D 639 -2.86 -20.96 5.93
CA LEU D 639 -3.87 -20.04 5.40
C LEU D 639 -5.20 -20.71 5.13
N TRP D 640 -5.29 -22.04 5.21
CA TRP D 640 -6.55 -22.73 4.95
C TRP D 640 -7.33 -22.99 6.24
N ALA D 641 -6.67 -23.55 7.25
CA ALA D 641 -7.34 -23.88 8.51
C ALA D 641 -7.74 -22.65 9.30
N GLN D 642 -7.39 -21.44 8.85
CA GLN D 642 -7.74 -20.23 9.57
C GLN D 642 -9.15 -19.74 9.25
N ALA D 643 -9.75 -20.21 8.15
CA ALA D 643 -11.10 -19.79 7.80
C ALA D 643 -12.14 -20.36 8.75
N SER D 644 -11.78 -21.39 9.52
CA SER D 644 -12.70 -21.98 10.48
C SER D 644 -12.84 -21.16 11.76
N GLN D 645 -12.03 -20.12 11.94
CA GLN D 645 -12.12 -19.25 13.09
C GLN D 645 -12.46 -17.81 12.75
N VAL D 646 -12.43 -17.43 11.46
CA VAL D 646 -12.76 -16.07 11.05
C VAL D 646 -14.16 -16.02 10.43
N ILE D 647 -14.57 -17.09 9.75
CA ILE D 647 -15.87 -17.13 9.09
C ILE D 647 -16.92 -17.82 9.96
N GLN D 648 -16.53 -18.87 10.68
CA GLN D 648 -17.43 -19.57 11.59
C GLN D 648 -17.65 -18.76 12.86
N SER D 649 -17.90 -17.46 12.72
CA SER D 649 -18.09 -16.58 13.85
C SER D 649 -19.32 -15.68 13.72
N TYR D 650 -20.07 -15.79 12.62
CA TYR D 650 -21.30 -15.02 12.49
C TYR D 650 -22.32 -15.44 13.52
N GLY D 651 -22.36 -16.73 13.87
CA GLY D 651 -23.22 -17.19 14.94
C GLY D 651 -22.77 -16.78 16.33
N SER D 652 -21.59 -16.16 16.44
CA SER D 652 -21.09 -15.67 17.72
C SER D 652 -20.89 -14.17 17.68
N SER D 653 -19.92 -13.67 18.43
CA SER D 653 -19.67 -12.23 18.54
C SER D 653 -18.43 -11.79 17.80
N LEU D 654 -17.78 -12.69 17.06
CA LEU D 654 -16.59 -12.37 16.28
C LEU D 654 -16.90 -12.16 14.80
N SER D 655 -18.08 -11.62 14.49
CA SER D 655 -18.49 -11.45 13.10
C SER D 655 -17.80 -10.28 12.42
N ALA D 656 -17.39 -9.27 13.20
CA ALA D 656 -16.77 -8.10 12.60
C ALA D 656 -15.39 -8.42 12.02
N TYR D 657 -14.66 -9.35 12.63
CA TYR D 657 -13.35 -9.73 12.12
C TYR D 657 -13.44 -10.54 10.83
N GLY D 658 -14.63 -10.98 10.43
CA GLY D 658 -14.81 -11.60 9.14
C GLY D 658 -15.18 -10.60 8.08
N LEU D 659 -16.00 -9.61 8.46
CA LEU D 659 -16.36 -8.54 7.54
C LEU D 659 -15.15 -7.70 7.17
N MET D 660 -14.34 -7.32 8.18
CA MET D 660 -13.12 -6.59 7.89
C MET D 660 -12.12 -7.44 7.11
N PHE D 661 -12.09 -8.75 7.36
CA PHE D 661 -11.23 -9.64 6.60
C PHE D 661 -11.59 -9.61 5.12
N LEU D 662 -12.86 -9.84 4.80
CA LEU D 662 -13.29 -9.87 3.41
C LEU D 662 -13.34 -8.47 2.79
N GLY D 663 -13.42 -7.43 3.61
CA GLY D 663 -13.48 -6.06 3.11
C GLY D 663 -12.12 -5.42 2.93
N ALA D 664 -11.11 -5.98 3.59
CA ALA D 664 -9.74 -5.49 3.40
C ALA D 664 -9.18 -5.94 2.06
N HIS D 665 -9.58 -7.10 1.58
CA HIS D 665 -9.22 -7.50 0.21
C HIS D 665 -9.82 -6.54 -0.81
N PHE D 666 -10.97 -5.94 -0.48
CA PHE D 666 -11.58 -4.97 -1.38
C PHE D 666 -10.68 -3.75 -1.57
N VAL D 667 -10.26 -3.12 -0.47
CA VAL D 667 -9.42 -1.93 -0.58
C VAL D 667 -8.03 -2.29 -1.07
N TRP D 668 -7.55 -3.51 -0.78
CA TRP D 668 -6.27 -3.92 -1.32
C TRP D 668 -6.34 -4.06 -2.84
N ALA D 669 -7.35 -4.77 -3.34
CA ALA D 669 -7.53 -4.85 -4.78
C ALA D 669 -7.96 -3.51 -5.37
N PHE D 670 -8.52 -2.62 -4.55
CA PHE D 670 -8.75 -1.24 -4.97
C PHE D 670 -7.43 -0.52 -5.21
N SER D 671 -6.37 -0.91 -4.50
CA SER D 671 -5.04 -0.37 -4.81
C SER D 671 -4.54 -0.86 -6.16
N LEU D 672 -5.03 -2.02 -6.62
CA LEU D 672 -4.67 -2.51 -7.95
C LEU D 672 -5.26 -1.66 -9.06
N MET D 673 -6.07 -0.64 -8.74
CA MET D 673 -6.54 0.29 -9.76
C MET D 673 -5.50 1.36 -10.04
N PHE D 674 -4.80 1.84 -9.00
CA PHE D 674 -3.85 2.93 -9.14
C PHE D 674 -2.44 2.44 -9.48
N LEU D 675 -2.06 1.25 -9.02
CA LEU D 675 -0.72 0.73 -9.22
C LEU D 675 -0.52 0.07 -10.58
N PHE D 676 -1.49 0.16 -11.49
CA PHE D 676 -1.40 -0.56 -12.76
C PHE D 676 -1.74 0.35 -13.94
N SER D 677 -2.67 1.28 -13.75
CA SER D 677 -3.11 2.15 -14.81
C SER D 677 -2.31 3.45 -14.82
N GLY D 678 -2.59 4.32 -15.78
CA GLY D 678 -1.84 5.54 -15.95
C GLY D 678 -2.75 6.76 -16.04
N ARG D 679 -2.17 7.91 -15.72
CA ARG D 679 -2.93 9.15 -15.68
C ARG D 679 -3.42 9.57 -17.07
N GLY D 680 -2.72 9.15 -18.12
CA GLY D 680 -3.11 9.55 -19.47
C GLY D 680 -4.49 9.05 -19.85
N TYR D 681 -4.73 7.75 -19.65
CA TYR D 681 -6.04 7.19 -19.96
C TYR D 681 -7.13 7.79 -19.08
N TRP D 682 -6.85 7.92 -17.78
CA TRP D 682 -7.85 8.47 -16.88
C TRP D 682 -8.11 9.95 -17.16
N GLN D 683 -7.10 10.69 -17.62
CA GLN D 683 -7.34 12.08 -17.99
C GLN D 683 -8.17 12.19 -19.27
N GLU D 684 -8.02 11.23 -20.19
CA GLU D 684 -8.95 11.13 -21.30
C GLU D 684 -10.33 10.67 -20.82
N LEU D 685 -10.41 10.08 -19.63
CA LEU D 685 -11.68 9.63 -19.10
C LEU D 685 -12.48 10.77 -18.48
N ILE D 686 -11.81 11.76 -17.86
CA ILE D 686 -12.55 12.87 -17.27
C ILE D 686 -13.20 13.72 -18.35
N GLU D 687 -12.43 14.08 -19.39
CA GLU D 687 -12.91 15.04 -20.38
C GLU D 687 -14.21 14.60 -21.05
N SER D 688 -14.50 13.30 -21.06
CA SER D 688 -15.82 12.84 -21.51
C SER D 688 -16.88 13.17 -20.48
N ILE D 689 -16.59 12.90 -19.20
CA ILE D 689 -17.48 13.29 -18.12
C ILE D 689 -17.60 14.81 -18.05
N VAL D 690 -16.51 15.52 -18.35
CA VAL D 690 -16.56 16.98 -18.39
C VAL D 690 -17.36 17.45 -19.60
N TRP D 691 -17.40 16.65 -20.67
CA TRP D 691 -18.29 16.97 -21.78
C TRP D 691 -19.75 16.88 -21.35
N ALA D 692 -20.11 15.81 -20.64
CA ALA D 692 -21.44 15.73 -20.04
C ALA D 692 -21.66 16.85 -19.05
N HIS D 693 -20.58 17.33 -18.41
CA HIS D 693 -20.69 18.45 -17.48
C HIS D 693 -20.78 19.78 -18.22
N ASN D 694 -20.26 19.86 -19.44
CA ASN D 694 -20.44 21.04 -20.27
C ASN D 694 -21.76 21.01 -21.03
N LYS D 695 -22.42 19.86 -21.11
CA LYS D 695 -23.72 19.79 -21.76
C LYS D 695 -24.79 20.49 -20.93
N LEU D 696 -24.75 20.30 -19.61
CA LEU D 696 -25.67 20.93 -18.68
C LEU D 696 -25.01 22.07 -17.91
N LYS D 697 -23.80 22.48 -18.31
CA LYS D 697 -22.99 23.48 -17.61
C LYS D 697 -22.69 23.09 -16.17
N VAL D 698 -22.96 21.86 -15.78
CA VAL D 698 -22.78 21.41 -14.40
C VAL D 698 -21.30 21.15 -14.16
N ALA D 699 -20.46 21.52 -15.13
CA ALA D 699 -19.03 21.46 -14.96
C ALA D 699 -18.60 22.41 -13.84
N PRO D 700 -17.85 21.94 -12.86
CA PRO D 700 -17.40 22.84 -11.79
C PRO D 700 -16.36 23.82 -12.29
N ALA D 701 -16.33 24.99 -11.66
CA ALA D 701 -15.27 25.95 -11.92
C ALA D 701 -13.90 25.33 -11.71
N ILE D 702 -13.74 24.58 -10.62
CA ILE D 702 -12.54 23.77 -10.41
C ILE D 702 -12.51 22.72 -11.52
N ALA D 703 -11.60 22.90 -12.47
CA ALA D 703 -11.54 22.07 -13.65
C ALA D 703 -11.24 20.63 -13.28
N PRO D 704 -12.11 19.67 -13.63
CA PRO D 704 -11.85 18.27 -13.27
C PRO D 704 -10.61 17.73 -13.96
N ARG D 705 -9.64 17.28 -13.16
CA ARG D 705 -8.41 16.68 -13.65
C ARG D 705 -8.15 15.41 -12.86
N ALA D 706 -7.30 14.55 -13.44
CA ALA D 706 -6.95 13.30 -12.78
C ALA D 706 -6.01 13.57 -11.60
N LEU D 707 -5.79 12.53 -10.80
CA LEU D 707 -4.82 12.61 -9.72
C LEU D 707 -3.42 12.81 -10.29
N SER D 708 -2.55 13.38 -9.45
CA SER D 708 -1.16 13.53 -9.84
C SER D 708 -0.52 12.17 -10.05
N ILE D 709 0.53 12.14 -10.87
CA ILE D 709 1.23 10.88 -11.14
C ILE D 709 1.85 10.32 -9.86
N THR D 710 2.36 11.20 -9.01
CA THR D 710 2.95 10.77 -7.75
C THR D 710 1.88 10.53 -6.69
N GLN D 711 0.83 11.34 -6.68
CA GLN D 711 -0.25 11.15 -5.70
C GLN D 711 -0.98 9.84 -5.92
N GLY D 712 -1.12 9.42 -7.17
CA GLY D 712 -1.75 8.13 -7.44
C GLY D 712 -0.98 6.98 -6.84
N ARG D 713 0.35 7.03 -6.90
CA ARG D 713 1.17 5.99 -6.30
C ARG D 713 1.18 6.08 -4.77
N ALA D 714 1.11 7.30 -4.23
CA ALA D 714 1.01 7.46 -2.78
C ALA D 714 -0.29 6.87 -2.25
N VAL D 715 -1.39 7.09 -2.96
CA VAL D 715 -2.66 6.47 -2.57
C VAL D 715 -2.62 4.97 -2.84
N GLY D 716 -1.89 4.55 -3.89
CA GLY D 716 -1.78 3.13 -4.19
C GLY D 716 -1.10 2.34 -3.09
N VAL D 717 0.03 2.87 -2.58
CA VAL D 717 0.70 2.21 -1.47
C VAL D 717 -0.12 2.34 -0.19
N ALA D 718 -0.87 3.43 -0.05
CA ALA D 718 -1.73 3.58 1.12
C ALA D 718 -2.78 2.48 1.17
N HIS D 719 -3.37 2.14 0.02
CA HIS D 719 -4.38 1.08 0.00
C HIS D 719 -3.74 -0.31 -0.01
N TYR D 720 -2.59 -0.46 -0.68
CA TYR D 720 -1.89 -1.74 -0.67
C TYR D 720 -1.46 -2.13 0.74
N LEU D 721 -1.20 -1.13 1.60
CA LEU D 721 -0.85 -1.39 2.98
C LEU D 721 -2.08 -1.51 3.86
N LEU D 722 -3.01 -0.55 3.77
CA LEU D 722 -4.24 -0.63 4.57
C LEU D 722 -5.02 -1.89 4.24
N GLY D 723 -5.26 -2.15 2.95
CA GLY D 723 -5.82 -3.43 2.55
C GLY D 723 -4.87 -4.60 2.72
N GLY D 724 -3.60 -4.34 2.98
CA GLY D 724 -2.63 -5.38 3.19
C GLY D 724 -2.19 -5.50 4.63
N ILE D 725 -2.96 -4.93 5.56
CA ILE D 725 -2.70 -5.13 6.98
C ILE D 725 -4.01 -5.53 7.66
N ALA D 726 -5.10 -4.89 7.26
CA ALA D 726 -6.40 -5.17 7.87
C ALA D 726 -6.85 -6.61 7.67
N THR D 727 -6.33 -7.29 6.65
CA THR D 727 -6.65 -8.71 6.48
C THR D 727 -5.97 -9.54 7.56
N THR D 728 -4.65 -9.37 7.73
CA THR D 728 -3.95 -10.07 8.80
C THR D 728 -4.31 -9.49 10.17
N TRP D 729 -4.68 -8.20 10.23
CA TRP D 729 -5.24 -7.67 11.47
C TRP D 729 -6.52 -8.41 11.85
N ALA D 730 -7.38 -8.69 10.88
CA ALA D 730 -8.57 -9.48 11.14
C ALA D 730 -8.23 -10.96 11.33
N PHE D 731 -7.10 -11.42 10.78
CA PHE D 731 -6.71 -12.82 10.90
C PHE D 731 -6.02 -13.10 12.22
N PHE D 732 -5.04 -12.26 12.60
CA PHE D 732 -4.41 -12.39 13.91
C PHE D 732 -5.44 -12.25 15.03
N LEU D 733 -6.50 -11.49 14.79
CA LEU D 733 -7.58 -11.32 15.76
C LEU D 733 -8.74 -12.28 15.52
N ALA D 734 -8.55 -13.29 14.68
CA ALA D 734 -9.60 -14.26 14.40
C ALA D 734 -9.39 -15.55 15.16
N ARG D 735 -8.32 -16.29 14.81
CA ARG D 735 -8.07 -17.57 15.45
C ARG D 735 -7.76 -17.41 16.93
N ILE D 736 -6.93 -16.42 17.28
CA ILE D 736 -6.44 -16.28 18.64
C ILE D 736 -7.57 -16.05 19.64
N ILE D 737 -8.73 -15.60 19.18
CA ILE D 737 -9.89 -15.48 20.07
C ILE D 737 -10.65 -16.79 20.15
N ALA D 738 -10.73 -17.53 19.05
CA ALA D 738 -11.43 -18.81 19.07
C ALA D 738 -10.60 -19.88 19.78
N VAL D 739 -9.28 -19.86 19.61
CA VAL D 739 -8.41 -20.83 20.24
C VAL D 739 -7.75 -20.28 21.50
N GLY D 740 -8.22 -19.14 22.00
CA GLY D 740 -7.66 -18.55 23.20
C GLY D 740 -7.79 -19.41 24.44
N PHE E 1 13.60 -9.23 -41.77
CA PHE E 1 14.64 -8.52 -41.03
C PHE E 1 14.44 -7.01 -41.14
N SER E 2 13.93 -6.41 -40.08
CA SER E 2 13.63 -4.98 -40.07
C SER E 2 14.91 -4.19 -39.83
N GLN E 3 15.24 -3.28 -40.76
CA GLN E 3 16.47 -2.51 -40.67
C GLN E 3 16.39 -1.46 -39.57
N ALA E 4 15.26 -0.74 -39.48
CA ALA E 4 15.12 0.28 -38.45
C ALA E 4 15.23 -0.32 -37.05
N LEU E 5 14.72 -1.54 -36.88
CA LEU E 5 14.90 -2.25 -35.62
C LEU E 5 16.25 -2.92 -35.51
N ALA E 6 16.92 -3.17 -36.64
CA ALA E 6 18.23 -3.81 -36.61
C ALA E 6 19.29 -2.88 -36.05
N SER E 7 19.28 -1.61 -36.45
CA SER E 7 20.24 -0.64 -35.95
C SER E 7 19.91 -0.29 -34.49
N ASP E 8 19.97 -1.30 -33.62
CA ASP E 8 19.64 -1.14 -32.20
C ASP E 8 20.65 -1.93 -31.40
N PRO E 9 21.76 -1.29 -31.00
CA PRO E 9 22.82 -2.02 -30.30
C PRO E 9 22.44 -2.37 -28.86
N THR E 10 21.23 -2.91 -28.67
CA THR E 10 20.75 -3.33 -27.36
C THR E 10 20.06 -4.67 -27.50
N THR E 11 19.85 -5.32 -26.35
CA THR E 11 19.12 -6.60 -26.34
C THR E 11 17.67 -6.43 -26.72
N ARG E 12 17.12 -5.22 -26.59
CA ARG E 12 15.72 -4.97 -26.89
C ARG E 12 15.36 -5.37 -28.32
N ARG E 13 16.32 -5.33 -29.23
CA ARG E 13 16.06 -5.67 -30.62
C ARG E 13 15.47 -7.06 -30.77
N ILE E 14 15.89 -8.01 -29.92
CA ILE E 14 15.39 -9.37 -30.02
C ILE E 14 13.92 -9.44 -29.64
N TRP E 15 13.52 -8.70 -28.60
CA TRP E 15 12.16 -8.77 -28.09
C TRP E 15 11.14 -8.39 -29.17
N TYR E 16 11.27 -7.18 -29.72
CA TYR E 16 10.43 -6.80 -30.84
C TYR E 16 10.71 -7.67 -32.06
N GLY E 17 11.95 -8.14 -32.21
CA GLY E 17 12.27 -9.11 -33.24
C GLY E 17 11.43 -10.37 -33.17
N ILE E 18 10.86 -10.66 -32.01
CA ILE E 18 9.88 -11.72 -31.85
C ILE E 18 8.49 -11.12 -31.66
N ALA E 19 8.40 -9.95 -31.00
CA ALA E 19 7.10 -9.32 -30.80
C ALA E 19 6.54 -8.78 -32.11
N THR E 20 7.36 -8.06 -32.87
CA THR E 20 6.96 -7.59 -34.19
C THR E 20 7.31 -8.57 -35.31
N ALA E 21 7.60 -9.82 -34.96
CA ALA E 21 7.86 -10.83 -35.98
C ALA E 21 6.60 -11.13 -36.78
N HIS E 22 5.45 -11.15 -36.12
CA HIS E 22 4.16 -11.31 -36.79
C HIS E 22 3.53 -9.97 -37.16
N ASP E 23 4.14 -8.86 -36.77
CA ASP E 23 3.63 -7.53 -37.12
C ASP E 23 4.14 -7.18 -38.52
N PHE E 24 3.46 -7.76 -39.51
CA PHE E 24 3.98 -7.69 -40.88
C PHE E 24 3.81 -6.31 -41.50
N GLU E 25 2.80 -5.53 -41.06
CA GLU E 25 2.54 -4.25 -41.69
C GLU E 25 3.56 -3.18 -41.29
N SER E 26 4.48 -3.47 -40.36
CA SER E 26 5.47 -2.49 -39.93
C SER E 26 6.91 -2.94 -40.18
N HIS E 27 7.10 -4.06 -40.87
CA HIS E 27 8.45 -4.45 -41.26
C HIS E 27 9.00 -3.47 -42.31
N ASP E 28 10.32 -3.42 -42.41
CA ASP E 28 10.95 -2.53 -43.37
C ASP E 28 10.75 -3.04 -44.79
N GLY E 29 10.61 -2.11 -45.72
CA GLY E 29 10.39 -2.45 -47.11
C GLY E 29 9.07 -3.17 -47.36
N MET E 30 8.04 -2.84 -46.59
CA MET E 30 6.75 -3.50 -46.71
C MET E 30 5.90 -2.81 -47.78
N THR E 31 5.24 -3.61 -48.59
CA THR E 31 4.41 -3.13 -49.69
C THR E 31 2.98 -3.63 -49.51
N GLU E 32 2.11 -3.22 -50.44
CA GLU E 32 0.70 -3.62 -50.36
C GLU E 32 0.53 -5.09 -50.74
N GLU E 33 1.32 -5.58 -51.70
CA GLU E 33 1.15 -6.95 -52.19
C GLU E 33 1.70 -7.98 -51.22
N ASN E 34 2.87 -7.72 -50.65
CA ASN E 34 3.52 -8.72 -49.79
C ASN E 34 2.76 -8.95 -48.49
N LEU E 35 1.96 -7.99 -48.05
CA LEU E 35 1.22 -8.15 -46.79
C LEU E 35 0.26 -9.33 -46.88
N TYR E 36 -0.65 -9.30 -47.85
CA TYR E 36 -1.61 -10.40 -48.00
C TYR E 36 -0.90 -11.72 -48.31
N GLN E 37 0.23 -11.67 -49.02
CA GLN E 37 0.90 -12.90 -49.43
C GLN E 37 1.49 -13.63 -48.22
N LYS E 38 2.31 -12.95 -47.42
CA LYS E 38 2.92 -13.61 -46.27
C LYS E 38 1.89 -13.94 -45.19
N ILE E 39 0.84 -13.14 -45.08
CA ILE E 39 -0.23 -13.43 -44.14
C ILE E 39 -1.03 -14.64 -44.61
N PHE E 40 -1.22 -14.77 -45.93
CA PHE E 40 -1.82 -15.99 -46.48
C PHE E 40 -0.95 -17.20 -46.18
N ALA E 41 0.37 -17.06 -46.32
CA ALA E 41 1.28 -18.15 -45.98
C ALA E 41 1.22 -18.50 -44.50
N SER E 42 0.98 -17.50 -43.64
CA SER E 42 0.87 -17.78 -42.22
C SER E 42 -0.46 -18.46 -41.89
N HIS E 43 -1.52 -18.13 -42.63
CA HIS E 43 -2.76 -18.89 -42.53
C HIS E 43 -2.50 -20.36 -42.78
N PHE E 44 -1.76 -20.67 -43.84
CA PHE E 44 -1.51 -22.06 -44.20
C PHE E 44 -0.49 -22.70 -43.26
N GLY E 45 0.38 -21.90 -42.66
CA GLY E 45 1.26 -22.40 -41.62
C GLY E 45 0.62 -22.52 -40.26
N HIS E 46 -0.62 -22.04 -40.12
CA HIS E 46 -1.38 -22.12 -38.88
C HIS E 46 -2.35 -23.29 -38.86
N LEU E 47 -3.12 -23.47 -39.94
CA LEU E 47 -3.98 -24.64 -40.05
C LEU E 47 -3.16 -25.92 -40.08
N ALA E 48 -1.93 -25.86 -40.60
CA ALA E 48 -1.05 -27.02 -40.56
C ALA E 48 -0.69 -27.40 -39.14
N ILE E 49 -0.44 -26.40 -38.28
CA ILE E 49 -0.16 -26.68 -36.88
C ILE E 49 -1.38 -27.28 -36.21
N ILE E 50 -2.57 -26.79 -36.55
CA ILE E 50 -3.80 -27.31 -35.96
C ILE E 50 -3.96 -28.79 -36.29
N PHE E 51 -3.73 -29.16 -37.55
CA PHE E 51 -3.93 -30.55 -37.95
C PHE E 51 -2.82 -31.46 -37.45
N LEU E 52 -1.59 -30.94 -37.36
CA LEU E 52 -0.51 -31.70 -36.74
C LEU E 52 -0.84 -32.00 -35.28
N TRP E 53 -1.33 -31.00 -34.55
CA TRP E 53 -1.66 -31.18 -33.14
C TRP E 53 -2.90 -32.05 -32.96
N THR E 54 -3.82 -32.03 -33.93
CA THR E 54 -4.94 -32.97 -33.90
C THR E 54 -4.45 -34.40 -34.14
N SER E 55 -3.49 -34.58 -35.04
CA SER E 55 -2.92 -35.90 -35.29
C SER E 55 -2.26 -36.46 -34.04
N GLY E 56 -1.58 -35.59 -33.28
CA GLY E 56 -0.99 -36.04 -32.02
C GLY E 56 -2.04 -36.39 -30.99
N ASN E 57 -3.13 -35.63 -30.95
CA ASN E 57 -4.22 -35.94 -30.03
C ASN E 57 -4.78 -37.33 -30.29
N LEU E 58 -4.94 -37.70 -31.56
CA LEU E 58 -5.44 -39.02 -31.90
C LEU E 58 -4.38 -40.10 -31.72
N PHE E 59 -3.11 -39.77 -31.99
CA PHE E 59 -2.05 -40.76 -31.90
C PHE E 59 -1.88 -41.27 -30.47
N HIS E 60 -1.84 -40.35 -29.50
CA HIS E 60 -1.62 -40.77 -28.12
C HIS E 60 -2.82 -41.52 -27.55
N VAL E 61 -4.02 -41.27 -28.06
CA VAL E 61 -5.18 -42.03 -27.63
C VAL E 61 -5.12 -43.45 -28.19
N ALA E 62 -4.61 -43.60 -29.41
CA ALA E 62 -4.46 -44.94 -29.98
C ALA E 62 -3.34 -45.70 -29.30
N TRP E 63 -2.21 -45.04 -29.05
CA TRP E 63 -1.03 -45.70 -28.49
C TRP E 63 -1.18 -45.95 -26.99
N GLN E 64 -1.96 -45.14 -26.29
CA GLN E 64 -2.23 -45.36 -24.88
C GLN E 64 -3.69 -45.10 -24.58
N GLY E 65 -4.29 -45.95 -23.77
CA GLY E 65 -5.68 -45.78 -23.35
C GLY E 65 -6.42 -47.09 -23.26
N ASN E 66 -7.42 -47.12 -22.37
CA ASN E 66 -8.30 -48.28 -22.19
C ASN E 66 -9.65 -48.07 -22.86
N PHE E 67 -9.66 -47.46 -24.04
CA PHE E 67 -10.92 -47.12 -24.69
C PHE E 67 -11.69 -48.37 -25.11
N GLU E 68 -10.99 -49.44 -25.49
CA GLU E 68 -11.67 -50.69 -25.77
C GLU E 68 -12.31 -51.27 -24.51
N GLN E 69 -11.62 -51.18 -23.38
CA GLN E 69 -12.23 -51.53 -22.11
C GLN E 69 -13.25 -50.50 -21.66
N TRP E 70 -13.28 -49.32 -22.29
CA TRP E 70 -14.22 -48.27 -21.91
C TRP E 70 -15.57 -48.46 -22.58
N VAL E 71 -15.59 -48.82 -23.87
CA VAL E 71 -16.85 -48.93 -24.60
C VAL E 71 -17.78 -49.96 -23.99
N ALA E 72 -17.24 -50.94 -23.27
CA ALA E 72 -18.09 -51.95 -22.63
C ALA E 72 -18.71 -51.41 -21.35
N ASN E 73 -17.88 -50.88 -20.45
CA ASN E 73 -18.33 -50.29 -19.19
C ASN E 73 -17.83 -48.84 -19.14
N PRO E 74 -18.55 -47.92 -19.78
CA PRO E 74 -18.05 -46.53 -19.89
C PRO E 74 -18.24 -45.70 -18.63
N LEU E 75 -19.02 -46.16 -17.66
CA LEU E 75 -19.24 -45.39 -16.44
C LEU E 75 -18.20 -45.70 -15.36
N LYS E 76 -17.92 -46.99 -15.15
CA LYS E 76 -16.99 -47.37 -14.09
C LYS E 76 -15.55 -47.08 -14.49
N THR E 77 -15.17 -47.43 -15.73
CA THR E 77 -13.79 -47.25 -16.17
C THR E 77 -13.49 -45.76 -16.34
N LYS E 78 -12.57 -45.25 -15.53
CA LYS E 78 -12.17 -43.85 -15.64
C LYS E 78 -11.34 -43.66 -16.91
N PRO E 79 -11.63 -42.64 -17.72
CA PRO E 79 -10.91 -42.50 -18.99
C PRO E 79 -9.47 -42.06 -18.79
N LEU E 80 -8.59 -42.59 -19.63
CA LEU E 80 -7.18 -42.26 -19.64
C LEU E 80 -6.78 -41.71 -21.01
N ALA E 81 -5.55 -41.21 -21.10
CA ALA E 81 -5.11 -40.54 -22.31
C ALA E 81 -3.76 -41.04 -22.81
N HIS E 82 -2.68 -40.56 -22.19
CA HIS E 82 -1.33 -40.87 -22.65
C HIS E 82 -0.48 -41.32 -21.47
N ALA E 83 0.59 -42.06 -21.79
CA ALA E 83 1.48 -42.54 -20.77
C ALA E 83 2.34 -41.43 -20.21
N ILE E 84 2.61 -41.50 -18.90
CA ILE E 84 3.51 -40.57 -18.23
C ILE E 84 4.85 -41.26 -18.00
N TRP E 85 5.93 -40.59 -18.38
CA TRP E 85 7.27 -41.09 -18.10
C TRP E 85 8.13 -39.92 -17.65
N ASP E 86 8.72 -40.05 -16.46
CA ASP E 86 9.55 -39.00 -15.88
C ASP E 86 10.46 -39.59 -14.81
N PRO E 87 11.78 -39.58 -15.00
CA PRO E 87 12.68 -40.10 -13.96
C PRO E 87 12.72 -39.22 -12.72
N HIS E 88 12.17 -38.01 -12.77
CA HIS E 88 12.11 -37.17 -11.58
C HIS E 88 11.05 -37.66 -10.60
N PHE E 89 9.96 -38.23 -11.11
CA PHE E 89 8.86 -38.63 -10.25
C PHE E 89 9.30 -39.69 -9.25
N GLY E 90 8.93 -39.47 -7.98
CA GLY E 90 9.18 -40.48 -6.98
C GLY E 90 8.26 -41.67 -7.17
N GLN E 91 8.74 -42.84 -6.74
CA GLN E 91 7.96 -44.06 -6.89
C GLN E 91 6.69 -44.02 -6.05
N ALA E 92 6.74 -43.34 -4.90
CA ALA E 92 5.56 -43.28 -4.03
C ALA E 92 4.42 -42.52 -4.70
N ALA E 93 4.73 -41.52 -5.54
CA ALA E 93 3.68 -40.81 -6.25
C ALA E 93 3.23 -41.56 -7.51
N LEU E 94 4.16 -42.27 -8.18
CA LEU E 94 3.78 -43.02 -9.37
C LEU E 94 2.93 -44.24 -9.02
N LYS E 95 3.06 -44.77 -7.81
CA LYS E 95 2.20 -45.87 -7.38
C LYS E 95 0.75 -45.42 -7.30
N ALA E 96 0.50 -44.14 -7.01
CA ALA E 96 -0.85 -43.61 -6.97
C ALA E 96 -1.29 -43.05 -8.32
N PHE E 97 -0.35 -42.63 -9.16
CA PHE E 97 -0.71 -42.12 -10.48
C PHE E 97 -1.24 -43.24 -11.38
N THR E 98 -0.74 -44.46 -11.21
CA THR E 98 -1.14 -45.59 -12.03
C THR E 98 -2.35 -46.26 -11.38
N ARG E 99 -3.55 -45.91 -11.85
CA ARG E 99 -4.76 -46.54 -11.38
C ARG E 99 -5.82 -46.45 -12.47
N GLY E 100 -6.65 -47.48 -12.58
CA GLY E 100 -7.65 -47.54 -13.63
C GLY E 100 -7.63 -48.86 -14.38
N ASP E 101 -6.67 -48.99 -15.31
CA ASP E 101 -6.55 -50.22 -16.09
C ASP E 101 -5.09 -50.51 -16.42
N THR E 102 -4.41 -49.55 -17.04
CA THR E 102 -3.07 -49.77 -17.55
C THR E 102 -2.07 -49.94 -16.42
N VAL E 103 -0.93 -50.55 -16.76
CA VAL E 103 0.14 -50.75 -15.78
C VAL E 103 1.14 -49.60 -15.79
N ALA E 104 1.29 -48.91 -16.93
CA ALA E 104 2.19 -47.77 -17.01
C ALA E 104 1.54 -46.52 -16.45
N ASN E 105 2.38 -45.58 -16.04
CA ASN E 105 1.88 -44.32 -15.51
C ASN E 105 1.16 -43.53 -16.60
N ILE E 106 -0.12 -43.26 -16.37
CA ILE E 106 -0.95 -42.58 -17.35
C ILE E 106 -1.78 -41.52 -16.63
N SER E 107 -1.85 -40.33 -17.23
CA SER E 107 -2.60 -39.22 -16.67
C SER E 107 -4.08 -39.35 -16.99
N TYR E 108 -4.88 -38.49 -16.35
CA TYR E 108 -6.32 -38.51 -16.51
C TYR E 108 -6.75 -37.59 -17.64
N SER E 109 -7.54 -38.12 -18.56
CA SER E 109 -7.94 -37.37 -19.75
C SER E 109 -8.92 -36.26 -19.38
N GLY E 110 -8.63 -35.04 -19.83
CA GLY E 110 -9.51 -33.92 -19.64
C GLY E 110 -10.26 -33.55 -20.90
N VAL E 111 -9.57 -33.53 -22.02
CA VAL E 111 -10.21 -33.33 -23.32
C VAL E 111 -11.06 -34.56 -23.62
N TYR E 112 -12.31 -34.53 -23.18
CA TYR E 112 -13.21 -35.64 -23.45
C TYR E 112 -13.68 -35.61 -24.89
N HIS E 113 -13.89 -36.79 -25.45
CA HIS E 113 -14.11 -36.93 -26.89
C HIS E 113 -15.39 -36.24 -27.33
N TRP E 114 -15.28 -35.42 -28.38
CA TRP E 114 -16.42 -34.87 -29.10
C TRP E 114 -16.88 -35.84 -30.19
N TRP E 115 -15.93 -36.37 -30.95
CA TRP E 115 -16.19 -37.38 -31.98
C TRP E 115 -16.30 -38.73 -31.30
N TYR E 116 -17.48 -38.99 -30.72
CA TYR E 116 -17.73 -40.28 -30.10
C TYR E 116 -17.54 -41.40 -31.12
N THR E 117 -18.40 -41.43 -32.13
CA THR E 117 -18.30 -42.36 -33.26
C THR E 117 -18.12 -43.79 -32.72
N ILE E 118 -17.44 -44.63 -33.49
CA ILE E 118 -17.25 -46.04 -33.11
C ILE E 118 -16.03 -46.18 -32.23
N GLY E 119 -14.85 -46.21 -32.85
CA GLY E 119 -13.61 -46.42 -32.12
C GLY E 119 -12.60 -47.19 -32.96
N ILE E 120 -13.10 -47.87 -34.00
CA ILE E 120 -12.30 -48.61 -34.97
C ILE E 120 -11.45 -49.67 -34.27
N ARG E 121 -11.91 -50.13 -33.12
CA ARG E 121 -11.33 -51.28 -32.38
C ARG E 121 -9.83 -51.02 -32.17
N ASN E 122 -8.96 -51.98 -32.43
CA ASN E 122 -7.53 -51.81 -32.22
C ASN E 122 -6.72 -52.79 -33.07
N ASN E 123 -6.66 -52.55 -34.39
CA ASN E 123 -5.94 -53.41 -35.32
C ASN E 123 -5.47 -52.56 -36.50
N VAL E 124 -4.35 -51.86 -36.32
CA VAL E 124 -3.74 -51.02 -37.34
C VAL E 124 -4.78 -50.02 -37.85
N GLU E 125 -5.17 -49.06 -37.02
CA GLU E 125 -6.34 -48.26 -37.35
C GLU E 125 -6.13 -46.76 -37.20
N LEU E 126 -5.86 -46.27 -35.99
CA LEU E 126 -5.93 -44.83 -35.74
C LEU E 126 -4.64 -44.11 -36.09
N TYR E 127 -3.48 -44.73 -35.88
CA TYR E 127 -2.23 -44.05 -36.18
C TYR E 127 -2.02 -43.89 -37.68
N THR E 128 -2.63 -44.76 -38.48
CA THR E 128 -2.57 -44.59 -39.93
C THR E 128 -3.34 -43.35 -40.37
N GLY E 129 -4.56 -43.19 -39.87
CA GLY E 129 -5.33 -41.99 -40.16
C GLY E 129 -4.70 -40.73 -39.60
N ALA E 130 -4.04 -40.84 -38.44
CA ALA E 130 -3.34 -39.69 -37.87
C ALA E 130 -2.14 -39.30 -38.74
N LEU E 131 -1.42 -40.29 -39.29
CA LEU E 131 -0.33 -39.98 -40.20
C LEU E 131 -0.85 -39.35 -41.48
N GLY E 132 -1.99 -39.83 -41.99
CA GLY E 132 -2.60 -39.19 -43.16
C GLY E 132 -2.99 -37.76 -42.89
N LEU E 133 -3.53 -37.48 -41.70
CA LEU E 133 -3.84 -36.12 -41.31
C LEU E 133 -2.58 -35.26 -41.23
N LEU E 134 -1.51 -35.82 -40.66
CA LEU E 134 -0.26 -35.08 -40.54
C LEU E 134 0.36 -34.80 -41.91
N VAL E 135 0.34 -35.78 -42.80
CA VAL E 135 0.92 -35.58 -44.13
C VAL E 135 0.07 -34.59 -44.93
N LEU E 136 -1.26 -34.63 -44.75
CA LEU E 136 -2.12 -33.64 -45.40
C LEU E 136 -1.80 -32.24 -44.89
N SER E 137 -1.48 -32.12 -43.60
CA SER E 137 -1.08 -30.83 -43.04
C SER E 137 0.23 -30.35 -43.67
N ALA E 138 1.20 -31.26 -43.83
CA ALA E 138 2.47 -30.87 -44.42
C ALA E 138 2.31 -30.48 -45.89
N VAL E 139 1.54 -31.27 -46.64
CA VAL E 139 1.28 -30.93 -48.04
C VAL E 139 0.49 -29.63 -48.14
N PHE E 140 -0.38 -29.36 -47.16
CA PHE E 140 -1.05 -28.07 -47.07
C PHE E 140 -0.04 -26.94 -46.99
N LEU E 141 1.00 -27.12 -46.15
CA LEU E 141 2.06 -26.12 -46.06
C LEU E 141 2.83 -26.00 -47.36
N LEU E 142 3.15 -27.14 -47.99
CA LEU E 142 3.90 -27.12 -49.24
C LEU E 142 3.07 -26.50 -50.37
N ALA E 143 1.75 -26.64 -50.33
CA ALA E 143 0.90 -25.97 -51.31
C ALA E 143 0.94 -24.46 -51.13
N GLY E 144 0.98 -23.99 -49.88
CA GLY E 144 1.16 -22.57 -49.65
C GLY E 144 2.48 -22.07 -50.19
N TRP E 145 3.56 -22.83 -49.98
CA TRP E 145 4.85 -22.47 -50.55
C TRP E 145 4.82 -22.52 -52.07
N LEU E 146 4.04 -23.43 -52.65
CA LEU E 146 3.87 -23.45 -54.10
C LEU E 146 3.22 -22.16 -54.59
N HIS E 147 2.27 -21.62 -53.82
CA HIS E 147 1.65 -20.36 -54.18
C HIS E 147 2.63 -19.20 -54.03
N ILE E 148 3.61 -19.33 -53.13
CA ILE E 148 4.56 -18.24 -52.91
C ILE E 148 5.56 -18.13 -54.06
N GLN E 149 5.81 -19.24 -54.77
CA GLN E 149 6.80 -19.24 -55.82
C GLN E 149 6.44 -18.23 -56.91
N PRO E 150 7.43 -17.69 -57.63
CA PRO E 150 7.16 -16.65 -58.63
C PRO E 150 6.24 -17.16 -59.74
N LYS E 151 5.58 -16.21 -60.40
CA LYS E 151 4.64 -16.46 -61.49
C LYS E 151 3.38 -17.18 -61.01
N PHE E 152 3.40 -17.71 -59.79
CA PHE E 152 2.25 -18.41 -59.21
C PHE E 152 1.62 -17.61 -58.07
N LYS E 153 1.86 -16.30 -58.03
CA LYS E 153 1.27 -15.46 -56.99
C LYS E 153 -0.06 -14.89 -57.46
N PRO E 154 -1.12 -14.99 -56.65
CA PRO E 154 -2.38 -14.34 -57.02
C PRO E 154 -2.28 -12.83 -56.86
N SER E 155 -2.88 -12.11 -57.79
CA SER E 155 -2.82 -10.66 -57.76
C SER E 155 -3.70 -10.10 -56.64
N LEU E 156 -3.62 -8.79 -56.46
CA LEU E 156 -4.49 -8.13 -55.49
C LEU E 156 -5.96 -8.22 -55.88
N SER E 157 -6.25 -8.46 -57.16
CA SER E 157 -7.62 -8.63 -57.62
C SER E 157 -8.08 -10.06 -57.37
N TRP E 158 -7.62 -10.67 -56.29
CA TRP E 158 -8.11 -11.96 -55.82
C TRP E 158 -8.57 -11.94 -54.37
N PHE E 159 -8.06 -11.02 -53.55
CA PHE E 159 -8.56 -10.80 -52.20
C PHE E 159 -9.50 -9.61 -52.10
N LYS E 160 -9.24 -8.55 -52.85
CA LYS E 160 -10.03 -7.32 -52.79
C LYS E 160 -11.04 -7.26 -53.93
N ASN E 161 -11.98 -8.20 -53.92
CA ASN E 161 -13.05 -8.22 -54.92
C ASN E 161 -14.36 -8.57 -54.24
N ASN E 162 -15.36 -7.70 -54.40
CA ASN E 162 -16.72 -8.08 -54.05
C ASN E 162 -17.14 -9.31 -54.86
N GLU E 163 -16.74 -9.35 -56.14
CA GLU E 163 -16.97 -10.52 -56.99
C GLU E 163 -15.77 -11.44 -56.88
N SER E 164 -15.76 -12.26 -55.83
CA SER E 164 -14.64 -13.16 -55.59
C SER E 164 -15.08 -14.42 -54.84
N ARG E 165 -14.17 -14.97 -54.04
CA ARG E 165 -14.44 -16.21 -53.33
C ARG E 165 -15.38 -16.02 -52.14
N LEU E 166 -15.83 -14.79 -51.85
CA LEU E 166 -16.86 -14.59 -50.85
C LEU E 166 -18.13 -15.36 -51.18
N ASN E 167 -18.28 -15.80 -52.43
CA ASN E 167 -19.43 -16.61 -52.87
C ASN E 167 -19.14 -18.10 -52.76
N HIS E 168 -18.16 -18.59 -53.54
CA HIS E 168 -17.97 -20.03 -53.68
C HIS E 168 -17.32 -20.65 -52.44
N HIS E 169 -16.47 -19.90 -51.74
CA HIS E 169 -15.89 -20.43 -50.50
C HIS E 169 -16.96 -20.65 -49.44
N LEU E 170 -17.92 -19.72 -49.34
CA LEU E 170 -19.02 -19.87 -48.39
C LEU E 170 -19.83 -21.11 -48.75
N ALA E 171 -20.69 -21.00 -49.77
CA ALA E 171 -21.51 -22.12 -50.23
C ALA E 171 -20.61 -23.13 -50.93
N GLY E 172 -19.92 -23.94 -50.13
CA GLY E 172 -19.01 -24.95 -50.66
C GLY E 172 -18.26 -25.70 -49.59
N LEU E 173 -18.05 -25.07 -48.44
CA LEU E 173 -17.34 -25.71 -47.33
C LEU E 173 -18.32 -26.48 -46.45
N PHE E 174 -19.11 -25.76 -45.65
CA PHE E 174 -20.10 -26.40 -44.78
C PHE E 174 -21.32 -26.87 -45.56
N GLY E 175 -21.18 -27.09 -46.86
CA GLY E 175 -22.29 -27.57 -47.69
C GLY E 175 -21.95 -28.88 -48.35
N VAL E 176 -20.81 -28.93 -49.03
CA VAL E 176 -20.27 -30.21 -49.50
C VAL E 176 -19.91 -31.09 -48.31
N SER E 177 -19.19 -30.52 -47.34
CA SER E 177 -18.93 -31.20 -46.08
C SER E 177 -20.12 -31.16 -45.14
N SER E 178 -21.31 -30.91 -45.68
CA SER E 178 -22.58 -31.10 -44.96
C SER E 178 -23.29 -32.36 -45.40
N LEU E 179 -23.52 -32.52 -46.71
CA LEU E 179 -24.01 -33.79 -47.23
C LEU E 179 -23.02 -34.91 -46.94
N ALA E 180 -21.72 -34.60 -47.02
CA ALA E 180 -20.70 -35.59 -46.68
C ALA E 180 -20.71 -35.90 -45.19
N TRP E 181 -20.76 -34.87 -44.35
CA TRP E 181 -20.75 -35.07 -42.91
C TRP E 181 -21.97 -35.87 -42.46
N THR E 182 -23.16 -35.48 -42.92
CA THR E 182 -24.37 -36.21 -42.57
C THR E 182 -24.30 -37.65 -43.09
N GLY E 183 -23.91 -37.81 -44.36
CA GLY E 183 -23.78 -39.14 -44.93
C GLY E 183 -22.67 -39.96 -44.32
N HIS E 184 -21.74 -39.33 -43.60
CA HIS E 184 -20.62 -40.03 -42.99
C HIS E 184 -20.58 -39.82 -41.48
N LEU E 185 -21.76 -39.70 -40.85
CA LEU E 185 -21.84 -39.71 -39.40
C LEU E 185 -23.05 -40.51 -38.95
N VAL E 186 -24.22 -40.25 -39.53
CA VAL E 186 -25.42 -41.03 -39.20
C VAL E 186 -25.45 -42.36 -39.91
N HIS E 187 -24.56 -42.59 -40.87
CA HIS E 187 -24.42 -43.89 -41.52
C HIS E 187 -23.05 -44.50 -41.33
N VAL E 188 -21.99 -43.70 -41.31
CA VAL E 188 -20.66 -44.23 -41.02
C VAL E 188 -20.55 -44.60 -39.55
N ALA E 189 -21.10 -43.76 -38.66
CA ALA E 189 -21.13 -44.04 -37.23
C ALA E 189 -22.50 -44.56 -36.78
N ILE E 190 -23.22 -45.26 -37.66
CA ILE E 190 -24.43 -45.98 -37.29
C ILE E 190 -24.09 -47.30 -36.60
N PRO E 191 -22.91 -47.92 -36.79
CA PRO E 191 -22.59 -49.06 -35.91
C PRO E 191 -22.46 -48.67 -34.46
N ALA E 192 -21.83 -47.52 -34.19
CA ALA E 192 -21.79 -47.01 -32.82
C ALA E 192 -23.19 -46.69 -32.32
N SER E 193 -24.04 -46.16 -33.19
CA SER E 193 -25.43 -45.90 -32.84
C SER E 193 -26.15 -47.21 -32.56
N ARG E 194 -26.48 -47.96 -33.62
CA ARG E 194 -27.28 -49.17 -33.50
C ARG E 194 -26.46 -50.46 -33.54
N GLY E 195 -25.50 -50.56 -34.45
CA GLY E 195 -24.73 -51.76 -34.60
C GLY E 195 -24.73 -52.28 -36.02
N GLN E 196 -25.01 -51.39 -36.97
CA GLN E 196 -25.09 -51.76 -38.38
C GLN E 196 -23.73 -51.51 -39.03
N HIS E 197 -22.81 -52.44 -38.76
CA HIS E 197 -21.44 -52.31 -39.23
C HIS E 197 -21.38 -52.47 -40.75
N VAL E 198 -20.73 -51.52 -41.41
CA VAL E 198 -20.62 -51.49 -42.87
C VAL E 198 -19.17 -51.23 -43.25
N GLY E 199 -18.60 -52.13 -44.05
CA GLY E 199 -17.29 -51.87 -44.61
C GLY E 199 -17.34 -50.78 -45.66
N TRP E 200 -16.18 -50.17 -45.91
CA TRP E 200 -16.13 -49.03 -46.83
C TRP E 200 -16.07 -49.49 -48.28
N ASP E 201 -16.98 -50.39 -48.66
CA ASP E 201 -17.07 -50.86 -50.03
C ASP E 201 -18.48 -50.87 -50.59
N ASN E 202 -19.52 -50.74 -49.74
CA ASN E 202 -20.90 -50.79 -50.21
C ASN E 202 -21.75 -49.86 -49.33
N PHE E 203 -21.68 -48.56 -49.63
CA PHE E 203 -22.58 -47.62 -48.99
C PHE E 203 -24.00 -47.74 -49.55
N ILE E 204 -24.12 -48.09 -50.84
CA ILE E 204 -25.43 -48.21 -51.45
C ILE E 204 -26.14 -49.47 -50.98
N MET E 205 -25.39 -50.56 -50.79
CA MET E 205 -25.98 -51.84 -50.44
C MET E 205 -26.59 -51.85 -49.03
N THR E 206 -26.16 -50.94 -48.15
CA THR E 206 -26.58 -50.94 -46.75
C THR E 206 -27.45 -49.73 -46.46
N PRO E 207 -28.78 -49.84 -46.58
CA PRO E 207 -29.65 -48.74 -46.17
C PRO E 207 -30.06 -48.88 -44.71
N PRO E 208 -29.95 -47.81 -43.92
CA PRO E 208 -30.40 -47.91 -42.53
C PRO E 208 -31.91 -48.02 -42.40
N HIS E 209 -32.66 -47.22 -43.14
CA HIS E 209 -34.11 -47.24 -43.07
C HIS E 209 -34.65 -48.47 -43.79
N PRO E 210 -35.86 -48.92 -43.43
CA PRO E 210 -36.50 -50.00 -44.21
C PRO E 210 -36.67 -49.65 -45.68
N ALA E 211 -36.94 -48.39 -46.00
CA ALA E 211 -37.06 -47.93 -47.37
C ALA E 211 -36.21 -46.68 -47.54
N GLY E 212 -35.55 -46.55 -48.69
CA GLY E 212 -34.63 -45.47 -48.92
C GLY E 212 -34.91 -44.73 -50.21
N LEU E 213 -34.62 -43.42 -50.19
CA LEU E 213 -34.68 -42.55 -51.36
C LEU E 213 -36.09 -42.44 -51.93
N GLN E 214 -36.64 -43.55 -52.41
CA GLN E 214 -37.95 -43.52 -53.07
C GLN E 214 -39.05 -42.89 -52.21
N PRO E 215 -39.16 -43.17 -50.90
CA PRO E 215 -40.15 -42.41 -50.10
C PRO E 215 -39.84 -40.93 -50.02
N PHE E 216 -38.56 -40.57 -49.98
CA PHE E 216 -38.19 -39.16 -49.95
C PHE E 216 -38.48 -38.47 -51.27
N PHE E 217 -38.40 -39.20 -52.38
CA PHE E 217 -38.64 -38.60 -53.69
C PHE E 217 -40.10 -38.16 -53.85
N THR E 218 -41.03 -38.84 -53.19
CA THR E 218 -42.43 -38.46 -53.27
C THR E 218 -42.66 -37.13 -52.56
N GLY E 219 -43.37 -36.23 -53.23
CA GLY E 219 -43.64 -34.92 -52.67
C GLY E 219 -44.72 -34.87 -51.61
N ASN E 220 -45.49 -35.95 -51.45
CA ASN E 220 -46.57 -35.95 -50.48
C ASN E 220 -46.04 -36.08 -49.05
N TRP E 221 -45.11 -37.00 -48.83
CA TRP E 221 -44.60 -37.26 -47.49
C TRP E 221 -43.29 -38.02 -47.61
N SER E 222 -42.42 -37.82 -46.62
CA SER E 222 -41.09 -38.45 -46.63
C SER E 222 -41.15 -39.93 -46.29
N VAL E 223 -42.20 -40.38 -45.61
CA VAL E 223 -42.38 -41.77 -45.17
C VAL E 223 -41.15 -42.21 -44.37
N TYR E 224 -40.53 -41.26 -43.66
CA TYR E 224 -39.40 -41.55 -42.80
C TYR E 224 -39.65 -41.19 -41.34
N ALA E 225 -40.64 -40.35 -41.05
CA ALA E 225 -40.93 -39.94 -39.68
C ALA E 225 -41.82 -40.93 -38.94
N GLN E 226 -42.49 -41.84 -39.65
CA GLN E 226 -43.34 -42.83 -39.00
C GLN E 226 -42.52 -44.00 -38.49
N SER E 227 -41.50 -43.74 -37.68
CA SER E 227 -40.66 -44.80 -37.16
C SER E 227 -40.00 -44.38 -35.85
N PRO E 228 -40.43 -44.93 -34.72
CA PRO E 228 -39.78 -44.64 -33.44
C PRO E 228 -38.71 -45.66 -33.09
N ASP E 229 -37.87 -45.27 -32.14
CA ASP E 229 -36.81 -46.14 -31.62
C ASP E 229 -37.02 -46.35 -30.12
N SER E 230 -36.78 -47.58 -29.67
CA SER E 230 -36.97 -47.91 -28.27
C SER E 230 -35.92 -47.21 -27.41
N MET E 231 -36.27 -47.01 -26.14
CA MET E 231 -35.34 -46.37 -25.21
C MET E 231 -34.16 -47.27 -24.88
N GLN E 232 -34.41 -48.57 -24.73
CA GLN E 232 -33.33 -49.52 -24.51
C GLN E 232 -32.42 -49.56 -25.73
N HIS E 233 -31.12 -49.41 -25.51
CA HIS E 233 -30.19 -49.35 -26.63
C HIS E 233 -28.77 -49.65 -26.18
N VAL E 234 -28.02 -50.32 -27.04
CA VAL E 234 -26.60 -50.59 -26.86
C VAL E 234 -25.92 -50.40 -28.22
N PHE E 235 -24.65 -50.02 -28.20
CA PHE E 235 -23.90 -49.85 -29.44
C PHE E 235 -23.90 -51.13 -30.27
N GLY E 236 -23.89 -52.30 -29.62
CA GLY E 236 -23.83 -53.56 -30.33
C GLY E 236 -25.18 -54.18 -30.59
N THR E 237 -26.13 -53.96 -29.69
CA THR E 237 -27.47 -54.52 -29.80
C THR E 237 -28.48 -53.38 -29.86
N SER E 238 -29.34 -53.41 -30.90
CA SER E 238 -30.31 -52.34 -31.07
C SER E 238 -31.32 -52.29 -29.93
N GLN E 239 -31.67 -53.44 -29.37
CA GLN E 239 -32.63 -53.55 -28.26
C GLN E 239 -33.98 -52.93 -28.65
N GLY E 240 -34.61 -53.55 -29.64
CA GLY E 240 -35.94 -53.14 -30.06
C GLY E 240 -36.01 -51.84 -30.82
N ALA E 241 -34.94 -51.47 -31.53
CA ALA E 241 -34.89 -50.22 -32.25
C ALA E 241 -35.51 -50.37 -33.63
N GLY E 242 -36.29 -49.36 -34.04
CA GLY E 242 -36.91 -49.35 -35.35
C GLY E 242 -36.44 -48.18 -36.20
N THR E 243 -35.31 -48.39 -36.89
CA THR E 243 -34.56 -47.37 -37.62
C THR E 243 -35.40 -46.28 -38.29
N ALA E 244 -34.92 -45.04 -38.22
CA ALA E 244 -35.59 -43.90 -38.85
C ALA E 244 -34.53 -42.86 -39.22
N ILE E 245 -34.84 -42.09 -40.27
CA ILE E 245 -33.97 -40.97 -40.64
C ILE E 245 -33.97 -39.93 -39.54
N LEU E 246 -35.14 -39.60 -39.00
CA LEU E 246 -35.28 -38.64 -37.92
C LEU E 246 -35.80 -39.35 -36.69
N THR E 247 -35.14 -39.12 -35.54
CA THR E 247 -35.46 -39.81 -34.30
C THR E 247 -35.47 -38.79 -33.15
N PHE E 248 -36.33 -37.79 -33.22
CA PHE E 248 -36.35 -36.75 -32.21
C PHE E 248 -37.17 -37.19 -31.00
N LEU E 249 -36.63 -36.93 -29.82
CA LEU E 249 -37.32 -37.20 -28.56
C LEU E 249 -37.97 -35.97 -27.95
N GLY E 250 -37.36 -34.80 -28.12
CA GLY E 250 -37.78 -33.60 -27.43
C GLY E 250 -37.42 -33.57 -25.97
N GLY E 251 -36.85 -34.64 -25.42
CA GLY E 251 -36.53 -34.72 -24.01
C GLY E 251 -35.14 -35.28 -23.78
N PHE E 252 -34.78 -35.34 -22.50
CA PHE E 252 -33.47 -35.84 -22.09
C PHE E 252 -33.38 -37.33 -22.40
N HIS E 253 -32.57 -37.67 -23.40
CA HIS E 253 -32.41 -39.06 -23.80
C HIS E 253 -31.71 -39.86 -22.70
N PRO E 254 -32.02 -41.16 -22.56
CA PRO E 254 -31.27 -42.00 -21.62
C PRO E 254 -29.77 -41.91 -21.83
N GLN E 255 -29.31 -42.24 -23.04
CA GLN E 255 -27.94 -41.95 -23.41
C GLN E 255 -27.80 -40.45 -23.64
N THR E 256 -26.84 -39.82 -22.96
CA THR E 256 -26.75 -38.36 -22.97
C THR E 256 -26.43 -37.80 -24.34
N GLN E 257 -25.86 -38.59 -25.25
CA GLN E 257 -25.44 -38.08 -26.54
C GLN E 257 -26.66 -37.75 -27.40
N SER E 258 -26.92 -36.45 -27.55
CA SER E 258 -27.97 -35.94 -28.44
C SER E 258 -29.30 -36.65 -28.23
N LEU E 259 -30.02 -36.89 -29.33
CA LEU E 259 -31.32 -37.55 -29.30
C LEU E 259 -31.31 -38.63 -30.39
N TRP E 260 -30.47 -39.65 -30.20
CA TRP E 260 -30.24 -40.68 -31.22
C TRP E 260 -29.74 -40.04 -32.51
N LEU E 261 -28.76 -39.14 -32.36
CA LEU E 261 -28.15 -38.42 -33.47
C LEU E 261 -29.18 -37.63 -34.28
N THR E 262 -30.21 -37.12 -33.61
CA THR E 262 -31.21 -36.28 -34.24
C THR E 262 -30.63 -34.91 -34.55
N ASP E 263 -30.40 -34.14 -33.49
CA ASP E 263 -29.72 -32.86 -33.56
C ASP E 263 -28.54 -32.90 -34.53
N MET E 264 -27.73 -33.95 -34.43
CA MET E 264 -26.56 -34.09 -35.30
C MET E 264 -26.95 -34.08 -36.77
N ALA E 265 -27.87 -34.97 -37.17
CA ALA E 265 -28.26 -35.06 -38.57
C ALA E 265 -28.98 -33.81 -39.04
N HIS E 266 -29.71 -33.13 -38.15
CA HIS E 266 -30.46 -31.96 -38.56
C HIS E 266 -29.56 -30.77 -38.86
N HIS E 267 -28.38 -30.72 -38.23
CA HIS E 267 -27.44 -29.62 -38.43
C HIS E 267 -27.14 -29.39 -39.90
N HIS E 268 -26.41 -30.34 -40.50
CA HIS E 268 -25.90 -30.14 -41.85
C HIS E 268 -26.99 -30.20 -42.90
N LEU E 269 -28.14 -30.79 -42.58
CA LEU E 269 -29.32 -30.58 -43.42
C LEU E 269 -29.69 -29.11 -43.46
N ALA E 270 -29.77 -28.48 -42.28
CA ALA E 270 -30.08 -27.06 -42.21
C ALA E 270 -28.93 -26.21 -42.75
N ILE E 271 -27.68 -26.66 -42.58
CA ILE E 271 -26.55 -25.88 -43.04
C ILE E 271 -26.44 -25.94 -44.57
N ALA E 272 -26.68 -27.13 -45.14
CA ALA E 272 -26.75 -27.23 -46.60
C ALA E 272 -27.87 -26.35 -47.15
N VAL E 273 -29.01 -26.32 -46.45
CA VAL E 273 -30.08 -25.42 -46.82
C VAL E 273 -29.66 -23.97 -46.62
N ILE E 274 -28.88 -23.70 -45.57
CA ILE E 274 -28.34 -22.36 -45.36
C ILE E 274 -27.52 -21.92 -46.56
N PHE E 275 -26.78 -22.85 -47.16
CA PHE E 275 -26.01 -22.50 -48.36
C PHE E 275 -26.87 -22.48 -49.60
N ILE E 276 -27.89 -23.32 -49.68
CA ILE E 276 -28.81 -23.28 -50.81
C ILE E 276 -29.56 -21.95 -50.85
N VAL E 277 -29.85 -21.39 -49.67
CA VAL E 277 -30.51 -20.08 -49.63
C VAL E 277 -29.50 -18.94 -49.67
N ALA E 278 -28.26 -19.16 -49.24
CA ALA E 278 -27.26 -18.11 -49.27
C ALA E 278 -26.45 -18.12 -50.57
N GLY E 279 -26.01 -19.32 -51.00
CA GLY E 279 -25.25 -19.42 -52.23
C GLY E 279 -25.95 -18.88 -53.45
N HIS E 280 -27.27 -18.73 -53.38
CA HIS E 280 -28.03 -18.09 -54.44
C HIS E 280 -28.26 -16.60 -54.20
N MET E 281 -28.10 -16.12 -52.96
CA MET E 281 -28.35 -14.72 -52.66
C MET E 281 -27.20 -13.84 -53.16
N TYR E 282 -26.02 -14.01 -52.59
CA TYR E 282 -24.88 -13.16 -52.93
C TYR E 282 -24.25 -13.49 -54.29
N ARG E 283 -24.61 -14.63 -54.89
CA ARG E 283 -24.04 -15.00 -56.18
C ARG E 283 -24.31 -13.93 -57.23
N THR E 284 -25.56 -13.49 -57.32
CA THR E 284 -25.92 -12.44 -58.27
C THR E 284 -25.57 -11.06 -57.75
N ASN E 285 -25.49 -10.88 -56.43
CA ASN E 285 -24.96 -9.64 -55.88
C ASN E 285 -23.55 -9.38 -56.38
N PHE E 286 -22.82 -10.43 -56.71
CA PHE E 286 -21.49 -10.28 -57.29
C PHE E 286 -21.62 -10.17 -58.80
N GLY E 287 -21.87 -11.29 -59.47
CA GLY E 287 -22.08 -11.30 -60.91
C GLY E 287 -20.82 -11.33 -61.74
N ILE E 288 -19.64 -11.13 -61.14
CA ILE E 288 -18.36 -11.08 -61.83
C ILE E 288 -18.45 -10.07 -62.98
N GLY E 289 -19.02 -8.91 -62.70
CA GLY E 289 -19.17 -7.88 -63.71
C GLY E 289 -18.29 -6.67 -63.46
N HIS E 290 -17.30 -6.48 -64.32
CA HIS E 290 -16.43 -5.31 -64.21
C HIS E 290 -17.23 -4.03 -64.44
N ASN E 291 -16.85 -2.97 -63.73
CA ASN E 291 -17.57 -1.71 -63.81
C ASN E 291 -17.37 -1.07 -65.18
N LEU E 292 -18.45 -0.50 -65.72
CA LEU E 292 -18.37 0.17 -67.02
C LEU E 292 -17.57 1.46 -66.95
N LYS E 293 -17.43 2.05 -65.77
CA LYS E 293 -16.76 3.34 -65.63
C LYS E 293 -15.27 3.19 -65.86
N THR E 294 -14.73 3.95 -66.82
CA THR E 294 -13.30 4.05 -67.04
C THR E 294 -12.70 5.27 -66.33
N ILE E 295 -13.44 5.81 -65.35
CA ILE E 295 -13.00 6.97 -64.57
C ILE E 295 -12.34 6.45 -63.29
N LEU E 296 -11.29 5.64 -63.46
CA LEU E 296 -10.57 5.06 -62.32
C LEU E 296 -9.07 4.96 -62.51
N GLU E 297 -8.54 5.11 -63.72
CA GLU E 297 -7.11 4.96 -63.97
C GLU E 297 -6.73 5.63 -65.29
N ALA E 298 -7.68 6.32 -65.91
CA ALA E 298 -7.40 6.93 -67.21
C ALA E 298 -6.72 8.28 -67.02
N HIS E 299 -6.16 8.78 -68.13
CA HIS E 299 -5.60 10.12 -68.13
C HIS E 299 -6.67 11.18 -67.93
N ARG E 300 -7.84 10.95 -68.53
CA ARG E 300 -8.96 11.89 -68.44
C ARG E 300 -9.32 12.28 -67.01
N PRO E 301 -9.44 11.37 -66.04
CA PRO E 301 -9.81 11.77 -64.68
C PRO E 301 -8.58 11.97 -63.82
N PRO E 302 -8.36 13.18 -63.30
CA PRO E 302 -7.30 13.39 -62.31
C PRO E 302 -7.81 13.87 -60.96
N SER E 303 -6.93 13.90 -59.97
CA SER E 303 -7.21 14.47 -58.65
C SER E 303 -8.36 13.77 -57.94
N GLY E 304 -8.79 14.32 -56.81
CA GLY E 304 -9.88 13.75 -56.04
C GLY E 304 -11.23 13.88 -56.72
N ARG E 305 -11.72 15.11 -56.81
CA ARG E 305 -12.98 15.42 -57.49
C ARG E 305 -14.14 14.59 -56.95
N LEU E 306 -14.34 13.41 -57.52
CA LEU E 306 -15.45 12.55 -57.16
C LEU E 306 -14.93 11.15 -56.83
N GLY E 307 -15.74 10.41 -56.09
CA GLY E 307 -15.42 9.04 -55.77
C GLY E 307 -15.51 8.13 -56.98
N LYS E 308 -15.08 6.89 -56.78
CA LYS E 308 -15.06 5.93 -57.88
C LYS E 308 -16.46 5.44 -58.22
N GLY E 309 -17.36 5.43 -57.24
CA GLY E 309 -18.73 5.03 -57.44
C GLY E 309 -19.52 5.12 -56.15
N HIS E 310 -20.73 5.67 -56.19
CA HIS E 310 -21.52 5.84 -54.98
C HIS E 310 -21.76 4.52 -54.28
N ILE E 311 -22.04 3.46 -55.05
CA ILE E 311 -22.22 2.14 -54.45
C ILE E 311 -20.87 1.49 -54.15
N GLY E 312 -19.83 1.83 -54.93
CA GLY E 312 -18.56 1.14 -54.81
C GLY E 312 -17.75 1.52 -53.59
N ILE E 313 -18.01 2.69 -53.00
CA ILE E 313 -17.18 3.18 -51.90
C ILE E 313 -17.29 2.22 -50.70
N TYR E 314 -16.44 1.19 -50.72
CA TYR E 314 -16.28 0.33 -49.55
C TYR E 314 -14.83 -0.18 -49.45
N GLN E 315 -13.88 0.50 -50.10
CA GLN E 315 -12.52 0.00 -50.15
C GLN E 315 -11.83 0.07 -48.80
N THR E 316 -12.20 1.05 -47.96
CA THR E 316 -11.58 1.16 -46.65
C THR E 316 -11.86 -0.06 -45.76
N LEU E 317 -12.94 -0.79 -46.04
CA LEU E 317 -13.27 -1.98 -45.26
C LEU E 317 -12.65 -3.25 -45.83
N THR E 318 -12.51 -3.33 -47.16
CA THR E 318 -11.94 -4.50 -47.79
C THR E 318 -10.42 -4.43 -47.89
N ASN E 319 -9.87 -3.23 -48.10
CA ASN E 319 -8.42 -3.07 -48.14
C ASN E 319 -7.80 -3.37 -46.79
N SER E 320 -8.45 -2.96 -45.72
CA SER E 320 -7.89 -3.12 -44.37
C SER E 320 -8.05 -4.56 -43.90
N LEU E 321 -6.98 -5.12 -43.34
CA LEU E 321 -7.03 -6.44 -42.74
C LEU E 321 -7.42 -6.40 -41.27
N HIS E 322 -7.17 -5.28 -40.59
CA HIS E 322 -7.52 -5.17 -39.18
C HIS E 322 -9.03 -5.09 -38.99
N PHE E 323 -9.75 -4.47 -39.94
CA PHE E 323 -11.20 -4.45 -39.86
C PHE E 323 -11.79 -5.83 -40.12
N GLN E 324 -11.28 -6.54 -41.14
CA GLN E 324 -11.76 -7.88 -41.41
C GLN E 324 -11.46 -8.82 -40.25
N LEU E 325 -10.31 -8.64 -39.61
CA LEU E 325 -10.01 -9.42 -38.40
C LEU E 325 -10.92 -9.01 -37.25
N GLY E 326 -11.24 -7.72 -37.16
CA GLY E 326 -12.14 -7.24 -36.13
C GLY E 326 -13.58 -7.71 -36.28
N LEU E 327 -13.94 -8.21 -37.45
CA LEU E 327 -15.25 -8.81 -37.65
C LEU E 327 -15.21 -10.33 -37.66
N ALA E 328 -14.12 -10.93 -38.13
CA ALA E 328 -14.00 -12.38 -38.11
C ALA E 328 -13.86 -12.91 -36.69
N LEU E 329 -13.13 -12.19 -35.83
CA LEU E 329 -13.03 -12.54 -34.42
C LEU E 329 -14.22 -12.06 -33.61
N ALA E 330 -15.18 -11.38 -34.25
CA ALA E 330 -16.36 -10.86 -33.56
C ALA E 330 -17.58 -11.74 -33.76
N SER E 331 -17.95 -12.02 -35.01
CA SER E 331 -19.07 -12.93 -35.27
C SER E 331 -18.76 -14.33 -34.75
N LEU E 332 -17.53 -14.80 -34.95
CA LEU E 332 -17.13 -16.07 -34.37
C LEU E 332 -17.18 -16.04 -32.85
N SER E 333 -16.95 -14.86 -32.25
CA SER E 333 -17.02 -14.76 -30.80
C SER E 333 -18.46 -14.79 -30.31
N VAL E 334 -19.39 -14.18 -31.07
CA VAL E 334 -20.81 -14.32 -30.76
C VAL E 334 -21.19 -15.79 -30.73
N VAL E 335 -20.81 -16.52 -31.79
CA VAL E 335 -21.09 -17.94 -31.86
C VAL E 335 -20.27 -18.72 -30.83
N THR E 336 -19.11 -18.18 -30.42
CA THR E 336 -18.30 -18.88 -29.42
C THR E 336 -18.99 -18.90 -28.06
N SER E 337 -19.43 -17.74 -27.58
CA SER E 337 -20.21 -17.70 -26.34
C SER E 337 -21.52 -18.46 -26.50
N LEU E 338 -22.10 -18.43 -27.69
CA LEU E 338 -23.30 -19.22 -27.96
C LEU E 338 -23.00 -20.71 -27.87
N VAL E 339 -21.86 -21.14 -28.41
CA VAL E 339 -21.47 -22.53 -28.33
C VAL E 339 -21.24 -22.95 -26.88
N ALA E 340 -20.55 -22.11 -26.11
CA ALA E 340 -20.34 -22.41 -24.69
C ALA E 340 -21.66 -22.55 -23.95
N GLN E 341 -22.60 -21.65 -24.21
CA GLN E 341 -23.92 -21.73 -23.59
C GLN E 341 -24.75 -22.89 -24.11
N HIS E 342 -24.36 -23.51 -25.22
CA HIS E 342 -25.07 -24.64 -25.78
C HIS E 342 -24.39 -25.98 -25.49
N MET E 343 -23.56 -26.04 -24.44
CA MET E 343 -22.89 -27.27 -24.05
C MET E 343 -23.32 -27.79 -22.69
N TYR E 344 -24.12 -27.03 -21.94
CA TYR E 344 -24.66 -27.51 -20.67
C TYR E 344 -26.16 -27.73 -20.69
N ALA E 345 -26.89 -27.03 -21.56
CA ALA E 345 -28.33 -27.24 -21.69
C ALA E 345 -28.67 -28.20 -22.80
N MET E 346 -27.82 -28.32 -23.82
CA MET E 346 -28.01 -29.26 -24.92
C MET E 346 -26.68 -30.00 -25.14
N PRO E 347 -26.36 -30.95 -24.27
CA PRO E 347 -25.07 -31.64 -24.37
C PRO E 347 -25.04 -32.59 -25.55
N PRO E 348 -24.12 -32.39 -26.50
CA PRO E 348 -23.96 -33.34 -27.60
C PRO E 348 -23.08 -34.55 -27.29
N TYR E 349 -22.65 -34.71 -26.05
CA TYR E 349 -21.84 -35.85 -25.64
C TYR E 349 -22.68 -36.86 -24.88
N ALA E 350 -22.20 -38.10 -24.85
CA ALA E 350 -22.79 -39.14 -24.02
C ALA E 350 -22.13 -39.17 -22.65
N TYR E 351 -22.93 -39.48 -21.63
CA TYR E 351 -22.44 -39.64 -20.26
C TYR E 351 -21.82 -38.37 -19.71
N MET E 352 -22.28 -37.20 -20.17
CA MET E 352 -21.90 -35.95 -19.53
C MET E 352 -22.77 -35.66 -18.31
N ALA E 353 -24.03 -36.11 -18.33
CA ALA E 353 -24.88 -35.98 -17.16
C ALA E 353 -24.39 -36.82 -15.99
N PHE E 354 -23.58 -37.85 -16.25
CA PHE E 354 -23.03 -38.68 -15.20
C PHE E 354 -21.55 -38.39 -14.91
N ASP E 355 -20.85 -37.72 -15.83
CA ASP E 355 -19.47 -37.34 -15.61
C ASP E 355 -19.39 -35.98 -14.94
N TYR E 356 -18.26 -35.72 -14.28
CA TYR E 356 -18.10 -34.53 -13.45
C TYR E 356 -16.89 -33.70 -13.86
N VAL E 357 -15.69 -34.28 -13.87
CA VAL E 357 -14.48 -33.49 -14.05
C VAL E 357 -14.37 -32.98 -15.49
N THR E 358 -14.74 -33.82 -16.47
CA THR E 358 -14.53 -33.46 -17.86
C THR E 358 -15.42 -32.30 -18.29
N GLN E 359 -16.66 -32.26 -17.79
CA GLN E 359 -17.61 -31.25 -18.24
C GLN E 359 -17.17 -29.84 -17.85
N SER E 360 -16.63 -29.68 -16.65
CA SER E 360 -16.25 -28.36 -16.16
C SER E 360 -15.00 -27.79 -16.85
N ALA E 361 -14.31 -28.59 -17.65
CA ALA E 361 -13.06 -28.16 -18.27
C ALA E 361 -13.24 -27.62 -19.68
N LEU E 362 -14.31 -28.00 -20.38
CA LEU E 362 -14.52 -27.59 -21.76
C LEU E 362 -15.27 -26.27 -21.87
N TYR E 363 -16.27 -26.06 -21.02
CA TYR E 363 -17.06 -24.83 -21.07
C TYR E 363 -16.18 -23.60 -20.83
N THR E 364 -15.40 -23.61 -19.76
CA THR E 364 -14.56 -22.46 -19.45
C THR E 364 -13.42 -22.31 -20.44
N HIS E 365 -12.97 -23.42 -21.04
CA HIS E 365 -11.99 -23.34 -22.12
C HIS E 365 -12.50 -22.46 -23.25
N HIS E 366 -13.63 -22.83 -23.85
CA HIS E 366 -14.20 -22.02 -24.92
C HIS E 366 -14.65 -20.66 -24.41
N GLN E 367 -14.97 -20.54 -23.13
CA GLN E 367 -15.37 -19.26 -22.58
C GLN E 367 -14.21 -18.27 -22.58
N TYR E 368 -13.03 -18.70 -22.11
CA TYR E 368 -11.86 -17.83 -22.11
C TYR E 368 -11.43 -17.48 -23.53
N ILE E 369 -11.50 -18.44 -24.44
CA ILE E 369 -11.12 -18.17 -25.83
C ILE E 369 -12.14 -17.25 -26.49
N ALA E 370 -13.41 -17.32 -26.07
CA ALA E 370 -14.40 -16.37 -26.54
C ALA E 370 -14.01 -14.94 -26.16
N GLY E 371 -13.67 -14.74 -24.89
CA GLY E 371 -13.20 -13.43 -24.46
C GLY E 371 -11.95 -13.00 -25.21
N LEU E 372 -11.05 -13.94 -25.49
CA LEU E 372 -9.86 -13.61 -26.28
C LEU E 372 -10.25 -13.08 -27.65
N LEU E 373 -11.07 -13.84 -28.40
CA LEU E 373 -11.45 -13.42 -29.74
C LEU E 373 -12.13 -12.07 -29.74
N ILE E 374 -12.92 -11.78 -28.70
CA ILE E 374 -13.58 -10.48 -28.60
C ILE E 374 -12.53 -9.37 -28.51
N VAL E 375 -11.52 -9.57 -27.66
CA VAL E 375 -10.50 -8.54 -27.48
C VAL E 375 -9.65 -8.39 -28.73
N GLY E 376 -9.34 -9.51 -29.40
CA GLY E 376 -8.60 -9.43 -30.64
C GLY E 376 -9.36 -8.65 -31.71
N ALA E 377 -10.67 -8.87 -31.79
CA ALA E 377 -11.49 -8.13 -32.74
C ALA E 377 -11.45 -6.63 -32.45
N PHE E 378 -11.59 -6.26 -31.18
CA PHE E 378 -11.65 -4.84 -30.83
C PHE E 378 -10.28 -4.18 -30.93
N ALA E 379 -9.21 -4.91 -30.61
CA ALA E 379 -7.87 -4.36 -30.73
C ALA E 379 -7.56 -4.04 -32.20
N HIS E 380 -7.86 -4.98 -33.10
CA HIS E 380 -7.62 -4.72 -34.52
C HIS E 380 -8.59 -3.68 -35.06
N GLY E 381 -9.77 -3.54 -34.44
CA GLY E 381 -10.64 -2.43 -34.80
C GLY E 381 -10.00 -1.09 -34.49
N ALA E 382 -9.31 -1.00 -33.34
CA ALA E 382 -8.58 0.22 -33.01
C ALA E 382 -7.45 0.47 -34.00
N ILE E 383 -6.74 -0.61 -34.39
CA ILE E 383 -5.68 -0.46 -35.38
C ILE E 383 -6.26 -0.02 -36.72
N PHE E 384 -7.47 -0.49 -37.04
CA PHE E 384 -8.13 -0.06 -38.26
C PHE E 384 -8.44 1.43 -38.22
N PHE E 385 -8.83 1.94 -37.05
CA PHE E 385 -9.13 3.36 -36.94
C PHE E 385 -7.87 4.23 -36.99
N ILE E 386 -6.72 3.67 -36.63
CA ILE E 386 -5.48 4.42 -36.59
C ILE E 386 -4.82 4.42 -37.96
N ARG E 387 -4.57 3.23 -38.51
CA ARG E 387 -3.75 3.09 -39.71
C ARG E 387 -4.54 3.00 -41.00
N ASP E 388 -5.87 2.91 -40.95
CA ASP E 388 -6.67 2.72 -42.14
C ASP E 388 -7.85 3.66 -42.29
N TYR E 389 -8.26 4.37 -41.24
CA TYR E 389 -9.42 5.23 -41.33
C TYR E 389 -9.06 6.56 -42.00
N ASP E 390 -10.05 7.13 -42.70
CA ASP E 390 -9.87 8.40 -43.39
C ASP E 390 -11.17 9.20 -43.33
N PRO E 391 -11.19 10.31 -42.59
CA PRO E 391 -12.43 11.11 -42.52
C PRO E 391 -12.79 11.80 -43.82
N GLU E 392 -11.86 11.90 -44.78
CA GLU E 392 -12.15 12.58 -46.03
C GLU E 392 -13.05 11.76 -46.94
N GLN E 393 -12.98 10.43 -46.84
CA GLN E 393 -13.75 9.56 -47.72
C GLN E 393 -15.09 9.17 -47.08
N ASN E 394 -15.07 8.64 -45.87
CA ASN E 394 -16.27 8.18 -45.18
C ASN E 394 -17.11 9.30 -44.60
N GLN E 395 -16.96 10.53 -45.10
CA GLN E 395 -17.76 11.64 -44.61
C GLN E 395 -19.21 11.50 -45.09
N ASP E 396 -20.13 12.08 -44.33
CA ASP E 396 -21.57 12.21 -44.59
C ASP E 396 -22.36 10.94 -44.25
N ASN E 397 -21.72 9.87 -43.80
CA ASN E 397 -22.44 8.66 -43.45
C ASN E 397 -22.73 8.66 -41.94
N VAL E 398 -23.00 7.48 -41.37
CA VAL E 398 -23.23 7.35 -39.94
C VAL E 398 -21.97 6.95 -39.19
N LEU E 399 -20.96 6.40 -39.86
CA LEU E 399 -19.73 6.03 -39.18
C LEU E 399 -18.91 7.26 -38.79
N ALA E 400 -18.77 8.22 -39.72
CA ALA E 400 -18.07 9.45 -39.39
C ALA E 400 -18.87 10.34 -38.47
N ARG E 401 -20.21 10.22 -38.51
CA ARG E 401 -21.05 10.97 -37.59
C ARG E 401 -20.89 10.50 -36.15
N MET E 402 -20.44 9.25 -35.94
CA MET E 402 -20.27 8.72 -34.59
C MET E 402 -19.25 9.54 -33.80
N LEU E 403 -18.02 9.61 -34.30
CA LEU E 403 -16.94 10.24 -33.56
C LEU E 403 -16.95 11.76 -33.64
N ALA E 404 -17.97 12.36 -34.24
CA ALA E 404 -18.21 13.78 -34.08
C ALA E 404 -19.02 14.09 -32.82
N HIS E 405 -19.71 13.09 -32.28
CA HIS E 405 -20.50 13.25 -31.06
C HIS E 405 -20.35 12.05 -30.12
N LYS E 406 -19.29 11.26 -30.28
CA LYS E 406 -19.13 10.03 -29.53
C LYS E 406 -19.03 10.26 -28.03
N GLU E 407 -18.71 11.48 -27.59
CA GLU E 407 -18.59 11.77 -26.17
C GLU E 407 -19.90 11.48 -25.44
N ALA E 408 -21.04 11.69 -26.10
CA ALA E 408 -22.32 11.36 -25.48
C ALA E 408 -22.47 9.86 -25.27
N VAL E 409 -21.93 9.04 -26.18
CA VAL E 409 -22.00 7.60 -26.01
C VAL E 409 -21.12 7.14 -24.85
N ILE E 410 -19.91 7.71 -24.76
CA ILE E 410 -19.01 7.36 -23.66
C ILE E 410 -19.62 7.75 -22.32
N SER E 411 -20.38 8.85 -22.29
CA SER E 411 -21.02 9.28 -21.05
C SER E 411 -22.05 8.26 -20.58
N HIS E 412 -22.92 7.81 -21.49
CA HIS E 412 -23.93 6.82 -21.11
C HIS E 412 -23.29 5.53 -20.62
N LEU E 413 -22.20 5.09 -21.27
CA LEU E 413 -21.55 3.85 -20.87
C LEU E 413 -20.90 3.97 -19.50
N SER E 414 -20.30 5.13 -19.20
CA SER E 414 -19.75 5.36 -17.87
C SER E 414 -20.85 5.36 -16.82
N TRP E 415 -22.00 5.94 -17.15
CA TRP E 415 -23.11 5.97 -16.20
C TRP E 415 -23.61 4.57 -15.88
N VAL E 416 -23.67 3.69 -16.89
CA VAL E 416 -24.09 2.32 -16.66
C VAL E 416 -23.08 1.59 -15.78
N SER E 417 -21.78 1.82 -16.02
CA SER E 417 -20.76 1.14 -15.23
C SER E 417 -20.83 1.55 -13.77
N LEU E 418 -21.19 2.80 -13.49
CA LEU E 418 -21.34 3.24 -12.11
C LEU E 418 -22.63 2.73 -11.50
N PHE E 419 -23.72 2.72 -12.27
CA PHE E 419 -25.02 2.32 -11.73
C PHE E 419 -25.00 0.86 -11.30
N LEU E 420 -24.58 -0.04 -12.20
CA LEU E 420 -24.57 -1.46 -11.88
C LEU E 420 -23.56 -1.82 -10.79
N GLY E 421 -22.71 -0.88 -10.39
CA GLY E 421 -21.78 -1.12 -9.31
C GLY E 421 -22.33 -0.74 -7.95
N PHE E 422 -22.82 0.49 -7.82
CA PHE E 422 -23.34 0.97 -6.54
C PHE E 422 -24.48 0.12 -6.00
N HIS E 423 -25.12 -0.68 -6.85
CA HIS E 423 -26.25 -1.50 -6.43
C HIS E 423 -25.90 -2.98 -6.32
N THR E 424 -25.16 -3.54 -7.27
CA THR E 424 -24.74 -4.93 -7.15
C THR E 424 -23.83 -5.12 -5.94
N LEU E 425 -22.72 -4.39 -5.90
CA LEU E 425 -21.80 -4.52 -4.78
C LEU E 425 -22.38 -3.93 -3.51
N GLY E 426 -23.20 -2.87 -3.63
CA GLY E 426 -23.87 -2.34 -2.46
C GLY E 426 -24.82 -3.35 -1.83
N LEU E 427 -25.60 -4.05 -2.66
CA LEU E 427 -26.40 -5.16 -2.17
C LEU E 427 -25.52 -6.21 -1.51
N TYR E 428 -24.38 -6.54 -2.13
CA TYR E 428 -23.49 -7.55 -1.58
C TYR E 428 -22.98 -7.15 -0.19
N VAL E 429 -22.61 -5.88 -0.02
CA VAL E 429 -22.11 -5.44 1.28
C VAL E 429 -23.22 -5.49 2.32
N HIS E 430 -24.44 -5.12 1.95
CA HIS E 430 -25.56 -5.26 2.87
C HIS E 430 -25.77 -6.72 3.25
N ASN E 431 -25.75 -7.61 2.26
CA ASN E 431 -25.93 -9.03 2.52
C ASN E 431 -24.93 -9.52 3.57
N ASP E 432 -23.64 -9.26 3.34
CA ASP E 432 -22.61 -9.73 4.27
C ASP E 432 -22.80 -9.12 5.66
N VAL E 433 -23.09 -7.81 5.72
CA VAL E 433 -23.12 -7.13 7.01
C VAL E 433 -24.33 -7.56 7.83
N VAL E 434 -25.48 -7.76 7.18
CA VAL E 434 -26.66 -8.14 7.93
C VAL E 434 -26.65 -9.63 8.26
N VAL E 435 -25.98 -10.45 7.45
CA VAL E 435 -25.84 -11.87 7.79
C VAL E 435 -24.85 -12.03 8.93
N ALA E 436 -23.81 -11.19 8.97
CA ALA E 436 -22.86 -11.23 10.08
C ALA E 436 -23.52 -10.87 11.40
N PHE E 437 -24.48 -9.94 11.38
CA PHE E 437 -25.17 -9.53 12.58
C PHE E 437 -26.18 -10.56 13.08
N GLY E 438 -26.26 -11.73 12.44
CA GLY E 438 -27.17 -12.76 12.87
C GLY E 438 -28.59 -12.61 12.38
N ASN E 439 -28.81 -11.82 11.33
CA ASN E 439 -30.14 -11.58 10.78
C ASN E 439 -30.11 -11.80 9.27
N PRO E 440 -30.15 -13.06 8.82
CA PRO E 440 -30.29 -13.31 7.38
C PRO E 440 -31.66 -12.96 6.83
N GLU E 441 -32.66 -12.79 7.70
CA GLU E 441 -34.00 -12.45 7.23
C GLU E 441 -34.15 -10.96 6.99
N LYS E 442 -33.43 -10.13 7.76
CA LYS E 442 -33.43 -8.69 7.52
C LYS E 442 -32.74 -8.33 6.20
N GLN E 443 -31.94 -9.25 5.67
CA GLN E 443 -31.27 -9.04 4.39
C GLN E 443 -32.27 -8.69 3.30
N ILE E 444 -31.96 -7.66 2.52
CA ILE E 444 -32.85 -7.26 1.43
C ILE E 444 -32.65 -8.26 0.29
N LEU E 445 -33.43 -9.33 0.32
CA LEU E 445 -33.31 -10.37 -0.68
C LEU E 445 -33.87 -9.89 -2.01
N ILE E 446 -33.56 -10.63 -3.07
CA ILE E 446 -33.91 -10.24 -4.41
C ILE E 446 -34.41 -11.47 -5.16
N GLU E 447 -35.38 -11.27 -6.03
CA GLU E 447 -35.97 -12.36 -6.81
C GLU E 447 -36.06 -11.95 -8.26
N PRO E 448 -35.31 -12.60 -9.16
CA PRO E 448 -35.36 -12.27 -10.60
C PRO E 448 -36.58 -12.89 -11.27
N ILE E 449 -37.74 -12.25 -11.07
CA ILE E 449 -38.98 -12.76 -11.62
C ILE E 449 -38.90 -12.86 -13.14
N PHE E 450 -38.08 -12.03 -13.77
CA PHE E 450 -37.83 -12.16 -15.21
C PHE E 450 -37.21 -13.52 -15.52
N ALA E 451 -36.19 -13.90 -14.75
CA ALA E 451 -35.56 -15.19 -14.95
C ALA E 451 -36.43 -16.35 -14.45
N GLN E 452 -37.38 -16.08 -13.54
CA GLN E 452 -38.35 -17.10 -13.16
C GLN E 452 -39.37 -17.33 -14.27
N TRP E 453 -39.62 -16.31 -15.09
CA TRP E 453 -40.55 -16.44 -16.21
C TRP E 453 -40.03 -17.44 -17.24
N ILE E 454 -38.71 -17.60 -17.34
CA ILE E 454 -38.14 -18.60 -18.24
C ILE E 454 -38.59 -20.00 -17.84
N GLN E 455 -38.72 -20.24 -16.54
CA GLN E 455 -39.20 -21.54 -16.07
C GLN E 455 -40.69 -21.71 -16.36
N ALA E 456 -41.45 -20.62 -16.42
CA ALA E 456 -42.86 -20.70 -16.79
C ALA E 456 -43.01 -21.05 -18.27
N THR E 457 -42.06 -20.63 -19.12
CA THR E 457 -42.11 -20.94 -20.54
C THR E 457 -41.95 -22.43 -20.83
N SER E 458 -41.55 -23.22 -19.84
CA SER E 458 -41.24 -24.63 -20.05
C SER E 458 -42.47 -25.50 -20.22
N GLY E 459 -43.67 -24.94 -20.18
CA GLY E 459 -44.89 -25.69 -20.41
C GLY E 459 -45.62 -26.13 -19.15
N LYS E 460 -45.17 -25.71 -17.98
CA LYS E 460 -45.83 -26.11 -16.73
C LYS E 460 -47.28 -25.63 -16.72
N MET E 461 -48.19 -26.57 -16.51
CA MET E 461 -49.62 -26.28 -16.54
C MET E 461 -50.22 -26.07 -15.17
N LEU E 462 -49.41 -26.06 -14.11
CA LEU E 462 -49.91 -25.90 -12.75
C LEU E 462 -49.60 -24.53 -12.17
N TYR E 463 -49.07 -23.60 -12.96
CA TYR E 463 -48.75 -22.27 -12.47
C TYR E 463 -50.04 -21.50 -12.18
N GLY E 464 -50.73 -21.07 -13.23
CA GLY E 464 -52.05 -20.49 -13.09
C GLY E 464 -52.14 -19.00 -13.01
N PHE E 465 -51.05 -18.27 -13.29
CA PHE E 465 -51.11 -16.81 -13.23
C PHE E 465 -50.85 -16.18 -14.59
N GLN E 466 -51.53 -16.67 -15.62
CA GLN E 466 -51.53 -16.06 -16.95
C GLN E 466 -50.11 -15.86 -17.49
N VAL E 467 -49.32 -16.92 -17.45
CA VAL E 467 -47.96 -16.90 -18.00
C VAL E 467 -47.93 -17.78 -19.26
N LEU E 468 -46.86 -17.63 -20.03
CA LEU E 468 -46.75 -18.37 -21.28
C LEU E 468 -46.62 -19.86 -21.01
N LEU E 469 -47.31 -20.65 -21.83
CA LEU E 469 -47.30 -22.12 -21.72
C LEU E 469 -47.78 -22.61 -20.36
N SER E 470 -48.74 -21.89 -19.77
CA SER E 470 -49.34 -22.29 -18.51
C SER E 470 -50.64 -23.08 -18.70
N SER E 471 -51.18 -23.10 -19.91
CA SER E 471 -52.41 -23.83 -20.20
C SER E 471 -52.30 -24.46 -21.57
N SER E 472 -52.61 -25.75 -21.66
CA SER E 472 -52.52 -26.47 -22.92
C SER E 472 -53.65 -26.13 -23.88
N THR E 473 -54.63 -25.32 -23.48
CA THR E 473 -55.73 -24.96 -24.35
C THR E 473 -55.49 -23.69 -25.15
N SER E 474 -54.54 -22.85 -24.73
CA SER E 474 -54.28 -21.62 -25.45
C SER E 474 -53.80 -21.93 -26.87
N ASN E 475 -54.38 -21.21 -27.84
CA ASN E 475 -54.02 -21.46 -29.24
C ASN E 475 -52.53 -21.26 -29.48
N ALA E 476 -51.92 -20.28 -28.80
CA ALA E 476 -50.48 -20.11 -28.89
C ALA E 476 -49.74 -21.34 -28.37
N SER E 477 -50.27 -21.97 -27.32
CA SER E 477 -49.68 -23.21 -26.84
C SER E 477 -50.12 -24.40 -27.68
N VAL E 478 -51.38 -24.38 -28.16
CA VAL E 478 -51.85 -25.45 -29.04
C VAL E 478 -51.07 -25.46 -30.34
N ALA E 479 -50.66 -24.29 -30.83
CA ALA E 479 -49.90 -24.21 -32.07
C ALA E 479 -48.55 -24.93 -31.91
N ALA E 480 -48.35 -25.96 -32.75
CA ALA E 480 -47.08 -26.68 -32.84
C ALA E 480 -46.72 -27.42 -31.54
N GLN E 481 -47.73 -27.90 -30.81
CA GLN E 481 -47.51 -28.78 -29.68
C GLN E 481 -47.89 -30.23 -30.00
N GLN E 482 -47.90 -30.59 -31.28
CA GLN E 482 -48.40 -31.89 -31.70
C GLN E 482 -47.35 -32.99 -31.59
N LEU E 483 -46.07 -32.66 -31.75
CA LEU E 483 -45.04 -33.69 -31.86
C LEU E 483 -43.97 -33.56 -30.77
N TRP E 484 -43.26 -32.45 -30.70
CA TRP E 484 -42.06 -32.36 -29.87
C TRP E 484 -42.31 -31.79 -28.48
N LEU E 485 -43.44 -31.12 -28.26
CA LEU E 485 -43.75 -30.59 -26.93
C LEU E 485 -43.90 -31.68 -25.87
N PRO E 486 -44.48 -32.87 -26.14
CA PRO E 486 -44.54 -33.90 -25.09
C PRO E 486 -43.19 -34.23 -24.46
N GLY E 487 -42.11 -34.26 -25.25
CA GLY E 487 -40.80 -34.46 -24.67
C GLY E 487 -40.27 -33.23 -23.95
N TRP E 488 -40.68 -32.04 -24.41
CA TRP E 488 -40.23 -30.80 -23.79
C TRP E 488 -40.68 -30.73 -22.33
N LEU E 489 -42.00 -30.83 -22.10
CA LEU E 489 -42.53 -30.72 -20.74
C LEU E 489 -41.96 -31.81 -19.84
N GLU E 490 -41.76 -33.02 -20.38
CA GLU E 490 -41.24 -34.11 -19.58
C GLU E 490 -39.77 -33.92 -19.24
N ALA E 491 -39.03 -33.19 -20.08
CA ALA E 491 -37.59 -33.02 -19.87
C ALA E 491 -37.25 -31.89 -18.93
N VAL E 492 -38.11 -30.89 -18.79
CA VAL E 492 -37.80 -29.75 -17.94
C VAL E 492 -38.38 -29.88 -16.52
N ASN E 493 -39.39 -30.72 -16.33
CA ASN E 493 -40.00 -30.89 -15.02
C ASN E 493 -39.22 -31.87 -14.14
N ASN E 494 -37.91 -31.68 -14.05
CA ASN E 494 -37.05 -32.58 -13.28
C ASN E 494 -35.96 -31.79 -12.58
N GLU E 495 -35.60 -32.24 -11.39
CA GLU E 495 -34.51 -31.66 -10.62
C GLU E 495 -33.19 -32.40 -10.81
N SER E 496 -33.13 -33.33 -11.75
CA SER E 496 -31.92 -34.10 -12.01
C SER E 496 -31.18 -33.69 -13.28
N ASN E 497 -31.84 -32.98 -14.19
CA ASN E 497 -31.21 -32.52 -15.41
C ASN E 497 -30.88 -31.03 -15.32
N SER E 498 -30.13 -30.55 -16.31
CA SER E 498 -29.66 -29.17 -16.34
C SER E 498 -30.37 -28.35 -17.42
N LEU E 499 -31.60 -28.72 -17.76
CA LEU E 499 -32.39 -28.00 -18.75
C LEU E 499 -33.21 -26.93 -18.03
N PHE E 500 -32.71 -25.69 -18.06
CA PHE E 500 -33.30 -24.56 -17.35
C PHE E 500 -33.42 -24.85 -15.87
N LEU E 501 -32.36 -24.57 -15.11
CA LEU E 501 -32.34 -24.82 -13.68
C LEU E 501 -33.21 -23.81 -12.95
N THR E 502 -33.33 -24.00 -11.63
CA THR E 502 -34.03 -23.03 -10.80
C THR E 502 -33.19 -21.77 -10.64
N ILE E 503 -33.88 -20.63 -10.57
CA ILE E 503 -33.23 -19.32 -10.50
C ILE E 503 -33.81 -18.54 -9.33
N GLY E 504 -32.93 -17.90 -8.57
CA GLY E 504 -33.34 -17.12 -7.43
C GLY E 504 -32.38 -16.00 -7.11
N PRO E 505 -32.25 -15.67 -5.81
CA PRO E 505 -31.40 -14.54 -5.40
C PRO E 505 -29.94 -14.73 -5.75
N GLY E 506 -29.29 -15.71 -5.12
CA GLY E 506 -27.89 -16.01 -5.40
C GLY E 506 -27.63 -16.26 -6.87
N ASP E 507 -28.71 -16.50 -7.62
CA ASP E 507 -28.65 -16.61 -9.07
C ASP E 507 -28.79 -15.24 -9.75
N PHE E 508 -29.65 -14.37 -9.24
CA PHE E 508 -29.82 -13.06 -9.85
C PHE E 508 -28.59 -12.18 -9.64
N LEU E 509 -28.20 -11.99 -8.38
CA LEU E 509 -27.22 -10.96 -8.05
C LEU E 509 -25.90 -11.19 -8.79
N VAL E 510 -25.61 -12.43 -9.16
CA VAL E 510 -24.42 -12.68 -9.95
C VAL E 510 -24.65 -12.27 -11.41
N HIS E 511 -25.85 -12.46 -11.93
CA HIS E 511 -26.17 -11.95 -13.26
C HIS E 511 -26.15 -10.43 -13.28
N HIS E 512 -26.57 -9.80 -12.19
CA HIS E 512 -26.40 -8.35 -12.04
C HIS E 512 -24.93 -7.99 -12.06
N ALA E 513 -24.09 -8.78 -11.39
CA ALA E 513 -22.66 -8.51 -11.38
C ALA E 513 -22.03 -8.77 -12.74
N ILE E 514 -22.51 -9.81 -13.45
CA ILE E 514 -21.98 -10.09 -14.79
C ILE E 514 -22.33 -8.95 -15.73
N ALA E 515 -23.56 -8.41 -15.63
CA ALA E 515 -23.92 -7.24 -16.43
C ALA E 515 -23.02 -6.05 -16.09
N LEU E 516 -22.73 -5.86 -14.80
CA LEU E 516 -21.85 -4.78 -14.39
C LEU E 516 -20.47 -4.92 -15.03
N GLY E 517 -19.83 -6.07 -14.85
CA GLY E 517 -18.49 -6.26 -15.38
C GLY E 517 -18.43 -6.23 -16.90
N LEU E 518 -19.47 -6.78 -17.56
CA LEU E 518 -19.44 -6.85 -19.01
C LEU E 518 -19.69 -5.47 -19.64
N HIS E 519 -20.59 -4.68 -19.05
CA HIS E 519 -20.81 -3.33 -19.57
C HIS E 519 -19.59 -2.45 -19.35
N THR E 520 -18.95 -2.57 -18.19
CA THR E 520 -17.70 -1.85 -17.95
C THR E 520 -16.64 -2.27 -18.95
N THR E 521 -16.51 -3.58 -19.18
CA THR E 521 -15.55 -4.07 -20.16
C THR E 521 -15.87 -3.56 -21.56
N THR E 522 -17.15 -3.46 -21.90
CA THR E 522 -17.54 -2.96 -23.21
C THR E 522 -17.09 -1.52 -23.41
N LEU E 523 -17.32 -0.66 -22.41
CA LEU E 523 -16.87 0.72 -22.49
C LEU E 523 -15.36 0.82 -22.64
N ILE E 524 -14.62 0.01 -21.89
CA ILE E 524 -13.16 0.06 -21.93
C ILE E 524 -12.64 -0.39 -23.30
N LEU E 525 -13.31 -1.37 -23.90
CA LEU E 525 -12.87 -1.85 -25.22
C LEU E 525 -13.23 -0.87 -26.33
N VAL E 526 -14.28 -0.08 -26.16
CA VAL E 526 -14.74 0.82 -27.23
C VAL E 526 -14.00 2.15 -27.20
N LYS E 527 -13.83 2.74 -26.02
CA LYS E 527 -13.22 4.07 -25.95
C LYS E 527 -11.77 4.05 -26.38
N GLY E 528 -11.06 2.94 -26.14
CA GLY E 528 -9.67 2.85 -26.59
C GLY E 528 -9.54 2.91 -28.10
N ALA E 529 -10.56 2.45 -28.82
CA ALA E 529 -10.56 2.55 -30.28
C ALA E 529 -11.11 3.90 -30.74
N LEU E 530 -11.98 4.53 -29.96
CA LEU E 530 -12.54 5.82 -30.34
C LEU E 530 -11.49 6.92 -30.23
N ASP E 531 -10.88 7.07 -29.05
CA ASP E 531 -9.83 8.06 -28.84
C ASP E 531 -8.46 7.54 -29.25
N ALA E 532 -8.39 6.97 -30.46
CA ALA E 532 -7.17 6.39 -30.97
C ALA E 532 -6.40 7.34 -31.90
N ARG E 533 -7.11 8.15 -32.69
CA ARG E 533 -6.43 9.16 -33.51
C ARG E 533 -6.02 10.36 -32.67
N GLY E 534 -6.83 10.73 -31.69
CA GLY E 534 -6.50 11.86 -30.84
C GLY E 534 -7.54 12.04 -29.76
N SER E 535 -7.18 12.85 -28.78
CA SER E 535 -8.07 13.21 -27.68
C SER E 535 -7.77 14.66 -27.29
N LYS E 536 -8.36 15.12 -26.20
CA LYS E 536 -8.01 16.44 -25.69
C LYS E 536 -6.67 16.42 -24.97
N LEU E 537 -6.34 15.32 -24.29
CA LEU E 537 -5.02 15.20 -23.69
C LEU E 537 -3.94 15.10 -24.76
N MET E 538 -4.25 14.50 -25.91
CA MET E 538 -3.27 14.28 -26.97
C MET E 538 -3.98 14.11 -28.31
N PRO E 539 -4.14 15.17 -29.09
CA PRO E 539 -4.78 15.03 -30.41
C PRO E 539 -3.85 14.53 -31.51
N ASP E 540 -2.53 14.49 -31.30
CA ASP E 540 -1.62 13.93 -32.29
C ASP E 540 -1.39 12.44 -32.09
N LYS E 541 -2.30 11.75 -31.41
CA LYS E 541 -2.13 10.31 -31.18
C LYS E 541 -2.10 9.54 -32.49
N LYS E 542 -2.74 10.08 -33.54
CA LYS E 542 -2.67 9.46 -34.85
C LYS E 542 -1.29 9.58 -35.49
N ASP E 543 -0.48 10.54 -35.06
CA ASP E 543 0.83 10.78 -35.63
C ASP E 543 1.89 9.80 -35.13
N PHE E 544 1.50 8.68 -34.53
CA PHE E 544 2.44 7.68 -34.08
C PHE E 544 2.06 6.30 -34.60
N GLY E 545 1.07 5.68 -33.98
CA GLY E 545 0.62 4.37 -34.37
C GLY E 545 -0.20 3.69 -33.30
N TYR E 546 0.09 2.41 -33.03
CA TYR E 546 -0.64 1.64 -32.04
C TYR E 546 0.15 1.45 -30.75
N SER E 547 1.40 1.02 -30.84
CA SER E 547 2.22 0.71 -29.67
C SER E 547 3.27 1.82 -29.51
N PHE E 548 3.00 2.74 -28.58
CA PHE E 548 3.96 3.76 -28.20
C PHE E 548 3.77 4.06 -26.72
N PRO E 549 4.84 4.46 -26.01
CA PRO E 549 4.71 4.72 -24.57
C PRO E 549 3.78 5.87 -24.24
N CYS E 550 4.25 7.10 -24.41
CA CYS E 550 3.48 8.27 -23.99
C CYS E 550 3.73 9.42 -24.95
N ASP E 551 3.08 10.55 -24.67
CA ASP E 551 3.31 11.80 -25.36
C ASP E 551 4.30 12.69 -24.63
N GLY E 552 4.58 12.40 -23.36
CA GLY E 552 5.40 13.23 -22.53
C GLY E 552 4.81 13.35 -21.14
N PRO E 553 5.66 13.27 -20.10
CA PRO E 553 5.15 13.31 -18.73
C PRO E 553 4.58 14.65 -18.31
N GLY E 554 4.60 15.67 -19.18
CA GLY E 554 4.10 16.97 -18.85
C GLY E 554 2.61 17.11 -19.09
N ARG E 555 2.15 18.36 -19.07
CA ARG E 555 0.75 18.74 -19.15
C ARG E 555 -0.15 17.77 -18.37
N GLY E 556 0.18 17.64 -17.08
CA GLY E 556 -0.54 16.76 -16.19
C GLY E 556 -0.08 15.31 -16.24
N GLY E 557 0.44 14.86 -17.38
CA GLY E 557 0.90 13.50 -17.52
C GLY E 557 0.17 12.73 -18.60
N THR E 558 0.89 11.90 -19.34
CA THR E 558 0.33 11.06 -20.40
C THR E 558 0.65 9.60 -20.14
N CYS E 559 0.51 9.17 -18.88
CA CYS E 559 0.82 7.79 -18.50
C CYS E 559 -0.23 6.85 -19.05
N ASP E 560 0.21 5.85 -19.81
CA ASP E 560 -0.67 4.86 -20.42
C ASP E 560 -1.76 5.53 -21.25
N ILE E 561 -1.41 5.99 -22.45
CA ILE E 561 -2.32 6.76 -23.27
C ILE E 561 -2.55 6.15 -24.64
N SER E 562 -1.66 5.31 -25.15
CA SER E 562 -1.81 4.74 -26.47
C SER E 562 -3.01 3.80 -26.52
N ALA E 563 -3.43 3.47 -27.75
CA ALA E 563 -4.48 2.47 -27.92
C ALA E 563 -4.03 1.10 -27.44
N TRP E 564 -2.74 0.79 -27.61
CA TRP E 564 -2.21 -0.45 -27.05
C TRP E 564 -2.31 -0.47 -25.53
N ASP E 565 -2.17 0.69 -24.89
CA ASP E 565 -2.40 0.77 -23.45
C ASP E 565 -3.84 0.44 -23.10
N ALA E 566 -4.78 0.81 -23.96
CA ALA E 566 -6.18 0.45 -23.73
C ALA E 566 -6.37 -1.06 -23.82
N PHE E 567 -5.71 -1.71 -24.77
CA PHE E 567 -5.74 -3.16 -24.85
C PHE E 567 -5.17 -3.79 -23.58
N TYR E 568 -3.98 -3.34 -23.18
CA TYR E 568 -3.35 -3.89 -21.98
C TYR E 568 -4.20 -3.66 -20.74
N LEU E 569 -4.98 -2.58 -20.72
CA LEU E 569 -5.92 -2.36 -19.63
C LEU E 569 -7.11 -3.30 -19.75
N ALA E 570 -7.55 -3.60 -20.99
CA ALA E 570 -8.76 -4.36 -21.19
C ALA E 570 -8.59 -5.83 -20.78
N MET E 571 -7.39 -6.39 -21.00
CA MET E 571 -7.16 -7.80 -20.68
C MET E 571 -7.38 -8.08 -19.20
N PHE E 572 -7.10 -7.12 -18.33
CA PHE E 572 -7.33 -7.31 -16.90
C PHE E 572 -8.81 -7.54 -16.61
N TRP E 573 -9.68 -6.71 -17.19
CA TRP E 573 -11.11 -6.89 -17.01
C TRP E 573 -11.59 -8.20 -17.63
N MET E 574 -10.97 -8.61 -18.74
CA MET E 574 -11.38 -9.85 -19.38
C MET E 574 -11.22 -11.03 -18.45
N LEU E 575 -10.05 -11.17 -17.83
CA LEU E 575 -9.79 -12.32 -16.96
C LEU E 575 -10.76 -12.36 -15.79
N ASN E 576 -11.03 -11.21 -15.16
CA ASN E 576 -11.84 -11.21 -13.95
C ASN E 576 -13.33 -11.36 -14.27
N THR E 577 -13.82 -10.70 -15.31
CA THR E 577 -15.23 -10.84 -15.67
C THR E 577 -15.53 -12.25 -16.16
N ILE E 578 -14.67 -12.79 -17.02
CA ILE E 578 -14.84 -14.16 -17.49
C ILE E 578 -14.58 -15.15 -16.36
N GLY E 579 -13.91 -14.72 -15.29
CA GLY E 579 -13.78 -15.56 -14.11
C GLY E 579 -14.99 -15.47 -13.19
N TRP E 580 -15.67 -14.32 -13.18
CA TRP E 580 -16.93 -14.21 -12.45
C TRP E 580 -17.97 -15.17 -13.01
N VAL E 581 -18.10 -15.20 -14.34
CA VAL E 581 -19.06 -16.10 -14.99
C VAL E 581 -18.75 -17.55 -14.64
N THR E 582 -17.47 -17.89 -14.52
CA THR E 582 -17.09 -19.26 -14.21
C THR E 582 -17.27 -19.58 -12.74
N PHE E 583 -16.89 -18.65 -11.85
CA PHE E 583 -17.14 -18.84 -10.42
C PHE E 583 -18.61 -19.07 -10.15
N TYR E 584 -19.48 -18.40 -10.91
CA TYR E 584 -20.92 -18.63 -10.80
C TYR E 584 -21.31 -19.99 -11.36
N TRP E 585 -20.81 -20.31 -12.56
CA TRP E 585 -21.17 -21.57 -13.21
C TRP E 585 -20.63 -22.79 -12.47
N HIS E 586 -19.59 -22.62 -11.65
CA HIS E 586 -19.03 -23.75 -10.92
C HIS E 586 -19.90 -24.17 -9.75
N TRP E 587 -20.84 -23.33 -9.31
CA TRP E 587 -21.76 -23.69 -8.25
C TRP E 587 -23.06 -24.29 -8.77
N LYS E 588 -23.52 -23.86 -9.94
CA LYS E 588 -24.77 -24.35 -10.52
C LYS E 588 -24.69 -25.83 -10.88
N HIS E 589 -23.56 -26.48 -10.64
CA HIS E 589 -23.41 -27.91 -10.83
C HIS E 589 -22.98 -28.65 -9.56
N LEU E 590 -22.04 -28.08 -8.80
CA LEU E 590 -21.63 -28.72 -7.55
C LEU E 590 -22.71 -28.64 -6.47
N SER E 591 -23.71 -27.76 -6.64
CA SER E 591 -24.80 -27.71 -5.69
C SER E 591 -25.80 -28.84 -5.89
N LEU E 592 -25.96 -29.31 -7.13
CA LEU E 592 -26.85 -30.42 -7.43
C LEU E 592 -26.12 -31.76 -7.50
N TRP E 593 -24.80 -31.75 -7.74
CA TRP E 593 -24.04 -32.99 -7.67
C TRP E 593 -24.07 -33.56 -6.26
N GLN E 594 -23.97 -32.70 -5.25
CA GLN E 594 -24.15 -33.11 -3.86
C GLN E 594 -25.62 -33.21 -3.48
N GLY E 595 -26.53 -32.75 -4.33
CA GLY E 595 -27.95 -32.79 -4.06
C GLY E 595 -28.45 -31.71 -3.13
N ASN E 596 -27.58 -31.00 -2.43
CA ASN E 596 -27.99 -29.98 -1.47
C ASN E 596 -28.06 -28.64 -2.19
N VAL E 597 -29.17 -28.44 -2.90
CA VAL E 597 -29.37 -27.18 -3.60
C VAL E 597 -29.60 -26.04 -2.62
N ALA E 598 -30.12 -26.34 -1.44
CA ALA E 598 -30.44 -25.32 -0.44
C ALA E 598 -29.21 -24.58 0.06
N GLN E 599 -28.03 -25.00 -0.39
CA GLN E 599 -26.81 -24.27 -0.03
C GLN E 599 -26.68 -22.97 -0.82
N PHE E 600 -26.93 -23.03 -2.13
CA PHE E 600 -26.70 -21.87 -2.99
C PHE E 600 -27.73 -20.77 -2.74
N ASN E 601 -29.00 -21.04 -3.05
CA ASN E 601 -30.04 -20.03 -2.99
C ASN E 601 -30.28 -19.50 -1.58
N GLU E 602 -29.53 -20.02 -0.59
CA GLU E 602 -29.61 -19.54 0.77
C GLU E 602 -28.33 -18.86 1.25
N SER E 603 -27.16 -19.26 0.74
CA SER E 603 -25.90 -18.72 1.20
C SER E 603 -25.16 -17.88 0.16
N SER E 604 -25.42 -18.12 -1.13
CA SER E 604 -24.75 -17.34 -2.18
C SER E 604 -25.29 -15.91 -2.30
N THR E 605 -26.32 -15.56 -1.54
CA THR E 605 -26.83 -14.19 -1.56
C THR E 605 -25.79 -13.21 -1.03
N TYR E 606 -24.93 -13.65 -0.12
CA TYR E 606 -23.88 -12.82 0.44
C TYR E 606 -22.52 -13.40 0.05
N LEU E 607 -21.51 -12.52 0.04
CA LEU E 607 -20.20 -12.90 -0.46
C LEU E 607 -19.49 -13.87 0.46
N MET E 608 -19.79 -13.82 1.77
CA MET E 608 -19.14 -14.74 2.70
C MET E 608 -19.48 -16.18 2.39
N GLY E 609 -20.68 -16.44 1.85
CA GLY E 609 -21.00 -17.77 1.38
C GLY E 609 -20.16 -18.18 0.19
N TRP E 610 -19.77 -17.22 -0.65
CA TRP E 610 -18.84 -17.50 -1.73
C TRP E 610 -17.42 -17.73 -1.22
N LEU E 611 -17.10 -17.21 -0.03
CA LEU E 611 -15.74 -17.34 0.50
C LEU E 611 -15.53 -18.65 1.24
N ARG E 612 -16.49 -19.07 2.08
CA ARG E 612 -16.29 -20.21 2.94
C ARG E 612 -16.62 -21.55 2.29
N ASP E 613 -17.61 -21.59 1.40
CA ASP E 613 -18.07 -22.84 0.82
C ASP E 613 -17.43 -23.18 -0.52
N TYR E 614 -16.72 -22.24 -1.13
CA TYR E 614 -16.07 -22.47 -2.42
C TYR E 614 -14.56 -22.34 -2.33
N LEU E 615 -14.04 -21.17 -2.01
CA LEU E 615 -12.60 -20.95 -1.93
C LEU E 615 -11.94 -21.68 -0.77
N TRP E 616 -12.72 -22.34 0.09
CA TRP E 616 -12.18 -23.02 1.26
C TRP E 616 -12.58 -24.49 1.32
N LEU E 617 -13.88 -24.80 1.24
CA LEU E 617 -14.32 -26.17 1.41
C LEU E 617 -13.96 -27.02 0.19
N ASN E 618 -14.22 -26.50 -1.02
CA ASN E 618 -13.93 -27.25 -2.23
C ASN E 618 -12.44 -27.43 -2.46
N SER E 619 -11.60 -26.59 -1.86
CA SER E 619 -10.15 -26.67 -2.03
C SER E 619 -9.50 -27.64 -1.06
N SER E 620 -10.29 -28.41 -0.29
CA SER E 620 -9.69 -29.39 0.61
C SER E 620 -8.99 -30.51 -0.14
N PRO E 621 -9.61 -31.21 -1.10
CA PRO E 621 -8.86 -32.23 -1.84
C PRO E 621 -7.80 -31.64 -2.75
N LEU E 622 -7.92 -30.35 -3.11
CA LEU E 622 -6.87 -29.70 -3.88
C LEU E 622 -5.58 -29.60 -3.09
N ILE E 623 -5.61 -28.94 -1.93
CA ILE E 623 -4.40 -28.74 -1.15
C ILE E 623 -3.91 -30.06 -0.56
N ASN E 624 -4.81 -31.01 -0.32
CA ASN E 624 -4.42 -32.30 0.24
C ASN E 624 -3.91 -33.24 -0.85
N GLY E 625 -3.35 -32.67 -1.92
CA GLY E 625 -2.75 -33.51 -2.96
C GLY E 625 -1.53 -34.23 -2.46
N TYR E 626 -0.62 -33.53 -1.79
CA TYR E 626 0.54 -34.13 -1.14
C TYR E 626 0.59 -33.62 0.30
N ASN E 627 -0.16 -34.26 1.18
CA ASN E 627 -0.10 -33.97 2.60
C ASN E 627 1.23 -34.46 3.15
N PRO E 628 1.62 -34.02 4.37
CA PRO E 628 2.89 -34.49 4.93
C PRO E 628 2.90 -35.97 5.28
N TYR E 629 1.90 -36.73 4.82
CA TYR E 629 1.83 -38.16 5.06
C TYR E 629 1.84 -38.85 3.71
N GLY E 630 0.69 -39.37 3.25
CA GLY E 630 0.65 -40.11 2.00
C GLY E 630 0.15 -39.32 0.83
N MET E 631 1.06 -38.92 -0.05
CA MET E 631 0.66 -38.22 -1.28
C MET E 631 0.00 -39.19 -2.24
N ASN E 632 -0.95 -38.69 -3.02
CA ASN E 632 -1.70 -39.54 -3.94
C ASN E 632 -1.67 -39.00 -5.37
N SER E 633 -2.80 -39.09 -6.06
CA SER E 633 -2.85 -38.77 -7.48
C SER E 633 -2.95 -37.27 -7.73
N LEU E 634 -3.59 -36.52 -6.84
CA LEU E 634 -3.80 -35.09 -7.05
C LEU E 634 -2.59 -34.27 -6.60
N ALA E 635 -1.39 -34.85 -6.70
CA ALA E 635 -0.18 -34.11 -6.33
C ALA E 635 0.23 -33.12 -7.41
N VAL E 636 0.33 -33.59 -8.66
CA VAL E 636 0.74 -32.73 -9.77
C VAL E 636 -0.15 -31.50 -9.88
N TRP E 637 -1.43 -31.64 -9.53
CA TRP E 637 -2.34 -30.50 -9.59
C TRP E 637 -2.14 -29.55 -8.41
N SER E 638 -2.02 -30.10 -7.20
CA SER E 638 -1.72 -29.29 -6.04
C SER E 638 -0.38 -28.56 -6.17
N TRP E 639 0.52 -29.08 -6.99
CA TRP E 639 1.76 -28.35 -7.27
C TRP E 639 1.53 -27.23 -8.27
N MET E 640 0.75 -27.50 -9.32
CA MET E 640 0.45 -26.46 -10.31
C MET E 640 -0.24 -25.27 -9.67
N PHE E 641 -1.17 -25.52 -8.75
CA PHE E 641 -1.87 -24.43 -8.06
C PHE E 641 -0.88 -23.51 -7.34
N LEU E 642 0.23 -24.06 -6.84
CA LEU E 642 1.27 -23.22 -6.25
C LEU E 642 2.13 -22.56 -7.32
N PHE E 643 2.61 -23.36 -8.29
CA PHE E 643 3.36 -22.80 -9.41
C PHE E 643 2.56 -21.72 -10.13
N ALA E 644 1.23 -21.78 -10.05
CA ALA E 644 0.39 -20.73 -10.62
C ALA E 644 0.53 -19.43 -9.84
N HIS E 645 0.27 -19.48 -8.53
CA HIS E 645 0.42 -18.29 -7.69
C HIS E 645 1.82 -17.71 -7.77
N LEU E 646 2.82 -18.51 -8.12
CA LEU E 646 4.15 -17.99 -8.41
C LEU E 646 4.12 -17.15 -9.68
N VAL E 647 3.74 -17.74 -10.81
CA VAL E 647 3.75 -17.05 -12.09
C VAL E 647 2.85 -15.82 -12.04
N TRP E 648 1.65 -15.95 -11.44
CA TRP E 648 0.76 -14.80 -11.31
C TRP E 648 1.44 -13.68 -10.55
N ALA E 649 1.94 -13.97 -9.34
CA ALA E 649 2.65 -12.95 -8.58
C ALA E 649 3.95 -12.53 -9.23
N THR E 650 4.54 -13.39 -10.08
CA THR E 650 5.70 -12.98 -10.86
C THR E 650 5.36 -11.79 -11.75
N GLY E 651 4.15 -11.78 -12.32
CA GLY E 651 3.72 -10.65 -13.12
C GLY E 651 3.66 -9.36 -12.32
N PHE E 652 3.37 -9.45 -11.03
CA PHE E 652 3.31 -8.26 -10.19
C PHE E 652 4.65 -7.55 -10.11
N MET E 653 5.76 -8.22 -10.46
CA MET E 653 7.04 -7.54 -10.55
C MET E 653 7.08 -6.60 -11.75
N PHE E 654 6.55 -7.04 -12.89
CA PHE E 654 6.60 -6.26 -14.12
C PHE E 654 5.53 -5.16 -14.17
N LEU E 655 4.51 -5.25 -13.32
CA LEU E 655 3.36 -4.36 -13.41
C LEU E 655 3.37 -3.25 -12.36
N ILE E 656 3.82 -3.54 -11.14
CA ILE E 656 3.76 -2.54 -10.07
C ILE E 656 4.90 -1.55 -10.21
N SER E 657 6.12 -2.04 -10.46
CA SER E 657 7.28 -1.18 -10.63
C SER E 657 7.60 -1.03 -12.12
N TRP E 658 7.99 0.18 -12.52
CA TRP E 658 8.26 0.47 -13.92
C TRP E 658 9.69 0.09 -14.31
N ARG E 659 10.30 0.86 -15.20
CA ARG E 659 11.50 0.44 -15.91
C ARG E 659 12.77 1.17 -15.49
N GLY E 660 12.67 2.45 -15.11
CA GLY E 660 13.88 3.22 -14.85
C GLY E 660 14.72 2.68 -13.71
N TYR E 661 14.07 2.18 -12.66
CA TYR E 661 14.78 1.57 -11.55
C TYR E 661 15.66 0.42 -12.01
N TRP E 662 15.16 -0.38 -12.97
CA TRP E 662 15.96 -1.48 -13.50
C TRP E 662 17.11 -0.97 -14.36
N GLN E 663 16.94 0.17 -15.03
CA GLN E 663 18.05 0.78 -15.75
C GLN E 663 19.19 1.13 -14.80
N GLU E 664 18.86 1.82 -13.71
CA GLU E 664 19.87 2.22 -12.74
C GLU E 664 20.50 1.03 -12.03
N LEU E 665 19.81 -0.11 -11.98
CA LEU E 665 20.38 -1.30 -11.36
C LEU E 665 21.21 -2.12 -12.34
N ILE E 666 20.74 -2.25 -13.58
CA ILE E 666 21.50 -2.97 -14.60
C ILE E 666 22.83 -2.28 -14.90
N GLU E 667 22.86 -0.95 -14.77
CA GLU E 667 24.10 -0.21 -14.97
C GLU E 667 25.13 -0.59 -13.90
N THR E 668 24.68 -0.78 -12.66
CA THR E 668 25.58 -1.25 -11.61
C THR E 668 26.06 -2.67 -11.91
N LEU E 669 25.17 -3.53 -12.40
CA LEU E 669 25.57 -4.89 -12.78
C LEU E 669 26.61 -4.86 -13.89
N ALA E 670 26.42 -4.01 -14.89
CA ALA E 670 27.39 -3.90 -15.98
C ALA E 670 28.73 -3.36 -15.48
N TRP E 671 28.68 -2.40 -14.55
CA TRP E 671 29.91 -1.90 -13.93
C TRP E 671 30.68 -3.02 -13.25
N ALA E 672 29.98 -3.83 -12.45
CA ALA E 672 30.62 -4.95 -11.78
C ALA E 672 31.12 -6.00 -12.77
N HIS E 673 30.57 -6.03 -13.99
CA HIS E 673 31.00 -7.02 -14.96
C HIS E 673 32.44 -6.81 -15.39
N GLU E 674 32.76 -5.60 -15.89
CA GLU E 674 34.11 -5.33 -16.37
C GLU E 674 35.09 -5.07 -15.24
N ARG E 675 34.62 -4.55 -14.10
CA ARG E 675 35.52 -4.26 -13.00
C ARG E 675 36.05 -5.52 -12.34
N THR E 676 35.24 -6.57 -12.30
CA THR E 676 35.65 -7.82 -11.66
C THR E 676 36.73 -8.50 -12.48
N PRO E 677 37.84 -8.93 -11.87
CA PRO E 677 38.89 -9.62 -12.62
C PRO E 677 38.41 -10.98 -13.12
N LEU E 678 39.22 -11.57 -14.00
CA LEU E 678 38.93 -12.85 -14.64
C LEU E 678 37.64 -12.78 -15.45
N ALA E 679 36.52 -12.45 -14.80
CA ALA E 679 35.25 -12.27 -15.50
C ALA E 679 35.26 -11.07 -16.45
N ASN E 680 36.28 -10.20 -16.36
CA ASN E 680 36.37 -9.06 -17.27
C ASN E 680 36.66 -9.50 -18.70
N LEU E 681 37.27 -10.67 -18.89
CA LEU E 681 37.56 -11.16 -20.23
C LEU E 681 36.31 -11.50 -21.02
N ILE E 682 35.20 -11.76 -20.34
CA ILE E 682 33.95 -12.13 -20.99
C ILE E 682 33.18 -10.86 -21.37
N ARG E 683 32.77 -10.77 -22.63
CA ARG E 683 32.08 -9.61 -23.15
C ARG E 683 30.83 -10.05 -23.91
N TRP E 684 29.79 -9.24 -23.82
CA TRP E 684 28.51 -9.57 -24.44
C TRP E 684 28.49 -9.12 -25.89
N LYS E 685 27.30 -9.10 -26.49
CA LYS E 685 27.11 -8.60 -27.85
C LYS E 685 26.15 -7.41 -27.86
N ASP E 686 24.87 -7.62 -27.58
CA ASP E 686 23.90 -6.54 -27.49
C ASP E 686 23.90 -5.97 -26.08
N LYS E 687 23.91 -4.64 -25.98
CA LYS E 687 24.04 -3.99 -24.68
C LYS E 687 22.85 -4.33 -23.80
N PRO E 688 23.08 -4.74 -22.55
CA PRO E 688 21.98 -5.12 -21.66
C PRO E 688 21.12 -3.91 -21.31
N VAL E 689 19.83 -3.98 -21.68
CA VAL E 689 18.86 -2.95 -21.35
C VAL E 689 17.61 -3.62 -20.80
N ALA E 690 16.78 -2.82 -20.16
CA ALA E 690 15.51 -3.30 -19.63
C ALA E 690 14.48 -3.44 -20.74
N LEU E 691 13.34 -4.01 -20.40
CA LEU E 691 12.27 -4.19 -21.37
C LEU E 691 11.67 -2.84 -21.76
N SER E 692 11.15 -2.78 -22.99
CA SER E 692 10.48 -1.57 -23.45
C SER E 692 9.22 -1.32 -22.62
N ILE E 693 8.85 -0.04 -22.53
CA ILE E 693 7.66 0.34 -21.77
C ILE E 693 6.43 -0.39 -22.30
N VAL E 694 6.37 -0.64 -23.61
CA VAL E 694 5.30 -1.44 -24.17
C VAL E 694 5.54 -2.92 -23.90
N GLN E 695 6.75 -3.40 -24.17
CA GLN E 695 7.06 -4.81 -23.96
C GLN E 695 7.02 -5.18 -22.48
N ALA E 696 7.28 -4.22 -21.58
CA ALA E 696 7.18 -4.48 -20.16
C ALA E 696 5.76 -4.88 -19.78
N ARG E 697 4.78 -4.07 -20.17
CA ARG E 697 3.39 -4.39 -19.86
C ARG E 697 2.92 -5.64 -20.59
N LEU E 698 3.42 -5.87 -21.81
CA LEU E 698 3.00 -7.05 -22.57
C LEU E 698 3.50 -8.32 -21.90
N VAL E 699 4.79 -8.38 -21.57
CA VAL E 699 5.35 -9.57 -20.93
C VAL E 699 4.74 -9.77 -19.55
N GLY E 700 4.54 -8.67 -18.81
CA GLY E 700 3.86 -8.78 -17.53
C GLY E 700 2.40 -9.19 -17.67
N LEU E 701 1.76 -8.79 -18.77
CA LEU E 701 0.41 -9.30 -19.05
C LEU E 701 0.44 -10.78 -19.39
N VAL E 702 1.49 -11.23 -20.08
CA VAL E 702 1.66 -12.66 -20.33
C VAL E 702 1.71 -13.43 -19.01
N HIS E 703 2.45 -12.90 -18.03
CA HIS E 703 2.53 -13.55 -16.72
C HIS E 703 1.20 -13.46 -15.98
N PHE E 704 0.60 -12.27 -15.94
CA PHE E 704 -0.68 -12.11 -15.27
C PHE E 704 -1.77 -12.96 -15.90
N THR E 705 -1.62 -13.31 -17.19
CA THR E 705 -2.60 -14.18 -17.83
C THR E 705 -2.32 -15.65 -17.50
N VAL E 706 -1.13 -16.14 -17.88
CA VAL E 706 -0.88 -17.58 -17.74
C VAL E 706 -0.84 -18.01 -16.28
N GLY E 707 -0.39 -17.13 -15.38
CA GLY E 707 -0.44 -17.46 -13.96
C GLY E 707 -1.87 -17.57 -13.46
N TYR E 708 -2.73 -16.66 -13.91
CA TYR E 708 -4.15 -16.73 -13.56
C TYR E 708 -4.83 -17.93 -14.21
N ILE E 709 -4.45 -18.24 -15.45
CA ILE E 709 -5.01 -19.40 -16.14
C ILE E 709 -4.65 -20.68 -15.40
N LEU E 710 -3.37 -20.82 -15.04
CA LEU E 710 -2.95 -21.97 -14.24
C LEU E 710 -3.49 -21.92 -12.83
N THR E 711 -3.84 -20.74 -12.32
CA THR E 711 -4.45 -20.64 -11.00
C THR E 711 -5.82 -21.31 -10.98
N TYR E 712 -6.55 -21.20 -12.07
CA TYR E 712 -7.84 -21.87 -12.18
C TYR E 712 -7.77 -23.21 -12.89
N ALA E 713 -6.67 -23.51 -13.59
CA ALA E 713 -6.53 -24.78 -14.29
C ALA E 713 -6.11 -25.91 -13.35
N ALA E 714 -5.58 -25.60 -12.17
CA ALA E 714 -5.22 -26.62 -11.20
C ALA E 714 -6.29 -26.85 -10.15
N PHE E 715 -7.11 -25.84 -9.86
CA PHE E 715 -8.16 -26.00 -8.86
C PHE E 715 -9.28 -26.87 -9.39
N VAL E 716 -9.67 -26.69 -10.65
CA VAL E 716 -10.83 -27.41 -11.20
C VAL E 716 -10.60 -28.91 -11.15
N ILE E 717 -9.49 -29.37 -11.71
CA ILE E 717 -9.25 -30.81 -11.85
C ILE E 717 -9.22 -31.48 -10.47
N ALA E 718 -8.39 -30.97 -9.57
CA ALA E 718 -8.21 -31.62 -8.28
C ALA E 718 -9.46 -31.50 -7.41
N SER E 719 -10.04 -30.30 -7.35
CA SER E 719 -11.19 -30.10 -6.47
C SER E 719 -12.41 -30.88 -6.94
N THR E 720 -12.55 -31.09 -8.25
CA THR E 720 -13.70 -31.85 -8.75
C THR E 720 -13.45 -33.35 -8.69
N ALA E 721 -12.22 -33.79 -8.90
CA ALA E 721 -11.89 -35.21 -8.86
C ALA E 721 -11.61 -35.71 -7.45
N GLY E 722 -11.57 -34.83 -6.46
CA GLY E 722 -11.32 -35.26 -5.09
C GLY E 722 -12.58 -35.74 -4.39
N LYS E 723 -13.71 -35.09 -4.69
CA LYS E 723 -14.99 -35.45 -4.10
C LYS E 723 -16.01 -35.98 -5.09
N PHE E 724 -15.84 -35.70 -6.38
CA PHE E 724 -16.79 -36.12 -7.43
C PHE E 724 -18.20 -35.65 -7.12
N SER E 725 -18.37 -34.34 -6.91
N ALA F 1 17.72 8.13 -35.40
CA ALA F 1 17.13 8.02 -34.07
C ALA F 1 15.73 8.63 -34.04
N HIS F 2 15.52 9.54 -33.10
CA HIS F 2 14.23 10.23 -33.00
C HIS F 2 14.09 11.28 -34.10
N THR F 3 12.85 11.62 -34.41
CA THR F 3 12.53 12.55 -35.49
C THR F 3 11.93 13.82 -34.89
N VAL F 4 12.69 14.91 -34.96
CA VAL F 4 12.26 16.18 -34.41
C VAL F 4 11.55 16.98 -35.50
N LYS F 5 10.33 17.42 -35.22
CA LYS F 5 9.54 18.23 -36.14
C LYS F 5 8.96 19.41 -35.38
N ILE F 6 9.21 20.62 -35.89
CA ILE F 6 8.80 21.85 -35.23
C ILE F 6 7.49 22.33 -35.85
N TYR F 7 6.48 22.56 -35.00
CA TYR F 7 5.22 23.11 -35.47
C TYR F 7 5.39 24.57 -35.88
N ASP F 8 4.33 25.13 -36.44
CA ASP F 8 4.28 26.54 -36.80
C ASP F 8 3.75 27.42 -35.66
N ASN F 9 3.53 26.84 -34.48
CA ASN F 9 3.01 27.55 -33.33
C ASN F 9 4.10 28.28 -32.53
N CYS F 10 5.34 28.29 -33.02
CA CYS F 10 6.46 28.78 -32.23
C CYS F 10 6.30 30.25 -31.87
N ILE F 11 6.60 30.57 -30.61
CA ILE F 11 6.74 31.97 -30.18
C ILE F 11 8.19 32.36 -29.99
N GLY F 12 9.12 31.40 -29.90
CA GLY F 12 10.52 31.73 -29.79
C GLY F 12 10.98 32.12 -28.41
N CYS F 13 10.26 31.72 -27.37
CA CYS F 13 10.63 32.02 -26.00
C CYS F 13 11.77 31.15 -25.48
N THR F 14 12.47 30.44 -26.37
CA THR F 14 13.67 29.67 -26.06
C THR F 14 13.45 28.59 -25.02
N GLN F 15 12.19 28.17 -24.80
CA GLN F 15 11.90 27.19 -23.77
C GLN F 15 12.57 25.86 -24.03
N CYS F 16 12.82 25.53 -25.30
CA CYS F 16 13.46 24.26 -25.66
C CYS F 16 14.84 24.16 -25.05
N VAL F 17 15.79 24.94 -25.58
CA VAL F 17 17.19 24.87 -25.14
C VAL F 17 17.34 25.16 -23.66
N ARG F 18 16.40 25.90 -23.06
CA ARG F 18 16.40 26.06 -21.61
C ARG F 18 16.11 24.74 -20.92
N ALA F 19 15.03 24.07 -21.32
CA ALA F 19 14.68 22.78 -20.73
C ALA F 19 15.63 21.68 -21.20
N CYS F 20 15.75 21.51 -22.53
CA CYS F 20 16.49 20.45 -23.21
C CYS F 20 17.78 20.07 -22.50
N PRO F 21 18.06 18.77 -22.35
CA PRO F 21 19.24 18.36 -21.59
C PRO F 21 20.54 18.51 -22.37
N LEU F 22 20.64 17.91 -23.55
CA LEU F 22 21.87 17.87 -24.32
C LEU F 22 21.86 18.83 -25.51
N ASP F 23 20.93 19.78 -25.54
CA ASP F 23 20.84 20.80 -26.58
C ASP F 23 20.62 20.15 -27.95
N VAL F 24 19.41 19.62 -28.13
CA VAL F 24 19.02 19.12 -29.45
C VAL F 24 18.55 20.26 -30.33
N LEU F 25 17.68 21.11 -29.80
CA LEU F 25 17.14 22.24 -30.54
C LEU F 25 18.15 23.40 -30.57
N GLU F 26 17.77 24.49 -31.23
CA GLU F 26 18.65 25.62 -31.44
C GLU F 26 17.80 26.79 -31.93
N MET F 27 18.10 27.99 -31.43
CA MET F 27 17.35 29.18 -31.79
C MET F 27 17.95 29.83 -33.03
N VAL F 28 17.10 30.14 -34.00
CA VAL F 28 17.50 30.61 -35.32
C VAL F 28 16.67 31.85 -35.66
N PRO F 29 17.26 32.88 -36.27
CA PRO F 29 16.45 34.06 -36.64
C PRO F 29 15.39 33.71 -37.66
N TRP F 30 14.18 34.21 -37.43
CA TRP F 30 13.03 33.90 -38.26
C TRP F 30 12.18 35.16 -38.43
N ASP F 31 11.50 35.26 -39.57
CA ASP F 31 10.80 36.48 -39.97
C ASP F 31 9.29 36.39 -39.83
N GLY F 32 8.79 35.40 -39.09
CA GLY F 32 7.35 35.22 -38.98
C GLY F 32 6.85 34.99 -37.58
N CYS F 33 7.46 35.66 -36.60
CA CYS F 33 7.08 35.47 -35.20
C CYS F 33 7.09 36.82 -34.50
N LYS F 34 6.62 36.82 -33.25
CA LYS F 34 6.59 38.03 -32.45
C LYS F 34 7.98 38.37 -31.93
N ALA F 35 8.61 37.44 -31.20
CA ALA F 35 9.93 37.69 -30.66
C ALA F 35 11.02 37.56 -31.72
N GLY F 36 10.78 36.76 -32.75
CA GLY F 36 11.73 36.62 -33.84
C GLY F 36 12.66 35.43 -33.77
N GLN F 37 12.36 34.44 -32.93
CA GLN F 37 13.17 33.24 -32.81
C GLN F 37 12.38 32.01 -33.24
N MET F 38 13.10 31.01 -33.75
CA MET F 38 12.52 29.75 -34.14
C MET F 38 13.45 28.61 -33.70
N ALA F 39 12.86 27.53 -33.19
CA ALA F 39 13.62 26.40 -32.72
C ALA F 39 13.92 25.46 -33.88
N SER F 40 15.18 25.01 -33.96
CA SER F 40 15.63 24.10 -35.00
C SER F 40 16.58 23.09 -34.38
N ALA F 41 16.46 21.82 -34.81
CA ALA F 41 17.23 20.72 -34.23
C ALA F 41 18.14 20.11 -35.28
N PRO F 42 19.37 20.60 -35.42
CA PRO F 42 20.33 19.96 -36.34
C PRO F 42 20.89 18.66 -35.79
N ARG F 43 21.29 18.67 -34.52
CA ARG F 43 21.86 17.48 -33.89
C ARG F 43 20.79 16.50 -33.47
N THR F 44 19.93 16.10 -34.42
CA THR F 44 18.91 15.09 -34.13
C THR F 44 19.51 13.70 -34.00
N GLU F 45 20.75 13.50 -34.46
CA GLU F 45 21.42 12.21 -34.27
C GLU F 45 21.75 11.97 -32.80
N ASP F 46 21.93 13.03 -32.03
CA ASP F 46 22.24 12.92 -30.61
C ASP F 46 21.00 13.03 -29.72
N CYS F 47 19.82 13.22 -30.31
CA CYS F 47 18.61 13.38 -29.53
C CYS F 47 18.26 12.10 -28.80
N VAL F 48 17.79 12.25 -27.56
CA VAL F 48 17.38 11.11 -26.75
C VAL F 48 15.86 10.99 -26.68
N GLY F 49 15.15 12.10 -26.84
CA GLY F 49 13.70 12.06 -26.80
C GLY F 49 13.09 12.05 -25.43
N CYS F 50 13.70 12.73 -24.46
CA CYS F 50 13.20 12.72 -23.09
C CYS F 50 11.90 13.51 -22.93
N LYS F 51 11.50 14.28 -23.94
CA LYS F 51 10.21 14.98 -23.93
C LYS F 51 10.06 15.90 -22.73
N ARG F 52 11.06 16.76 -22.52
CA ARG F 52 10.97 17.81 -21.51
C ARG F 52 10.76 19.19 -22.12
N CYS F 53 10.79 19.31 -23.45
CA CYS F 53 10.47 20.57 -24.10
C CYS F 53 8.96 20.76 -24.26
N GLU F 54 8.22 19.66 -24.44
CA GLU F 54 6.77 19.75 -24.52
C GLU F 54 6.15 20.25 -23.22
N THR F 55 6.84 20.07 -22.10
CA THR F 55 6.39 20.64 -20.84
C THR F 55 6.52 22.15 -20.84
N ALA F 56 7.72 22.65 -21.16
CA ALA F 56 7.98 24.08 -21.23
C ALA F 56 7.41 24.73 -22.47
N CYS F 57 6.94 23.95 -23.44
CA CYS F 57 6.34 24.51 -24.64
C CYS F 57 5.05 25.22 -24.28
N PRO F 58 4.90 26.50 -24.60
CA PRO F 58 3.72 27.25 -24.13
C PRO F 58 2.42 26.89 -24.83
N THR F 59 2.43 26.86 -26.16
CA THR F 59 1.21 26.82 -26.98
C THR F 59 0.16 25.82 -26.53
N ASP F 60 -1.10 26.09 -26.90
CA ASP F 60 -2.22 25.21 -26.55
C ASP F 60 -1.91 23.76 -26.93
N PHE F 61 -1.59 23.54 -28.20
CA PHE F 61 -0.95 22.31 -28.62
C PHE F 61 0.52 22.64 -28.88
N LEU F 62 1.41 21.84 -28.30
CA LEU F 62 2.84 22.17 -28.25
C LEU F 62 3.41 22.50 -29.63
N SER F 63 4.48 23.29 -29.65
CA SER F 63 5.09 23.75 -30.88
C SER F 63 6.30 22.93 -31.31
N ILE F 64 6.90 22.18 -30.40
CA ILE F 64 8.06 21.36 -30.72
C ILE F 64 7.67 19.90 -30.51
N ARG F 65 7.56 19.17 -31.62
CA ARG F 65 7.24 17.75 -31.59
C ARG F 65 8.49 16.93 -31.85
N VAL F 66 8.58 15.79 -31.19
CA VAL F 66 9.64 14.81 -31.43
C VAL F 66 9.00 13.44 -31.48
N TYR F 67 8.75 12.94 -32.69
CA TYR F 67 8.11 11.65 -32.86
C TYR F 67 9.09 10.52 -32.57
N LEU F 68 8.62 9.52 -31.83
CA LEU F 68 9.48 8.42 -31.41
C LEU F 68 9.92 7.60 -32.62
N GLY F 69 11.22 7.48 -32.81
CA GLY F 69 11.76 6.70 -33.90
C GLY F 69 12.65 5.57 -33.43
N GLY F 70 13.72 5.28 -34.18
CA GLY F 70 14.64 4.24 -33.79
C GLY F 70 15.45 4.60 -32.56
N GLU F 71 16.15 3.59 -32.04
CA GLU F 71 16.95 3.74 -30.84
C GLU F 71 18.39 3.31 -31.12
N THR F 72 19.34 4.20 -30.83
CA THR F 72 20.75 3.89 -30.96
C THR F 72 21.47 4.22 -29.66
N THR F 73 22.80 4.10 -29.65
CA THR F 73 23.57 4.43 -28.45
C THR F 73 23.40 5.91 -28.09
N ARG F 74 23.31 6.78 -29.10
CA ARG F 74 23.14 8.20 -28.84
C ARG F 74 21.78 8.53 -28.26
N SER F 75 20.77 7.71 -28.54
CA SER F 75 19.41 7.97 -28.09
C SER F 75 19.03 7.18 -26.85
N MET F 76 19.86 6.25 -26.40
CA MET F 76 19.60 5.50 -25.17
C MET F 76 20.21 6.13 -23.93
N GLY F 77 21.11 7.10 -24.10
CA GLY F 77 21.72 7.78 -22.98
C GLY F 77 22.50 6.86 -22.06
N LEU F 78 23.05 5.78 -22.59
CA LEU F 78 23.83 4.84 -21.79
C LEU F 78 25.31 5.18 -21.87
N ALA F 79 26.02 4.90 -20.77
CA ALA F 79 27.44 5.17 -20.66
C ALA F 79 28.31 3.96 -21.03
N TYR F 80 27.69 2.87 -21.48
CA TYR F 80 28.45 1.69 -21.84
C TYR F 80 27.92 1.06 -23.13
N MET G 1 46.44 18.72 -19.07
CA MET G 1 46.09 19.97 -18.41
C MET G 1 45.66 19.68 -16.96
N PRO G 2 46.09 20.53 -16.02
CA PRO G 2 45.70 20.34 -14.62
C PRO G 2 44.19 20.17 -14.45
N SER G 3 43.78 19.02 -13.93
CA SER G 3 42.39 18.66 -13.77
C SER G 3 42.07 18.35 -12.31
N PRO G 4 40.82 18.50 -11.90
CA PRO G 4 40.46 18.16 -10.51
C PRO G 4 40.72 16.69 -10.20
N SER G 5 41.16 16.42 -8.98
CA SER G 5 41.44 15.07 -8.53
C SER G 5 40.20 14.46 -7.88
N PHE G 6 39.90 13.22 -8.24
CA PHE G 6 38.74 12.52 -7.72
C PHE G 6 39.12 11.10 -7.33
N LEU G 7 38.58 10.63 -6.23
CA LEU G 7 38.79 9.27 -5.75
C LEU G 7 37.46 8.54 -5.69
N GLY G 8 37.52 7.21 -5.77
CA GLY G 8 36.34 6.37 -5.78
C GLY G 8 36.22 5.45 -6.97
N SER G 9 37.08 5.61 -7.98
CA SER G 9 37.14 4.74 -9.17
C SER G 9 35.81 4.84 -9.91
N THR G 10 35.12 3.73 -10.19
CA THR G 10 33.84 3.70 -10.90
C THR G 10 33.94 4.24 -12.32
N GLY G 11 34.30 5.51 -12.47
CA GLY G 11 34.26 6.14 -13.79
C GLY G 11 35.36 5.64 -14.72
N GLY G 12 36.57 5.47 -14.20
CA GLY G 12 37.70 5.13 -15.04
C GLY G 12 37.90 3.63 -15.25
N TRP G 13 38.77 3.32 -16.21
CA TRP G 13 39.16 1.94 -16.53
C TRP G 13 37.95 1.09 -16.91
N LEU G 14 37.07 1.65 -17.73
CA LEU G 14 35.94 0.92 -18.30
C LEU G 14 36.23 0.63 -19.76
N ARG G 15 36.09 -0.64 -20.15
CA ARG G 15 36.32 -1.02 -21.54
C ARG G 15 35.35 -0.31 -22.47
N CYS G 16 34.07 -0.23 -22.07
CA CYS G 16 33.08 0.43 -22.91
C CYS G 16 33.44 1.89 -23.14
N ALA G 17 33.97 2.57 -22.12
CA ALA G 17 34.42 3.94 -22.30
C ALA G 17 35.57 4.04 -23.29
N GLU G 18 36.42 3.01 -23.35
CA GLU G 18 37.55 3.03 -24.27
C GLU G 18 37.11 2.77 -25.70
N THR G 19 36.18 1.82 -25.89
CA THR G 19 35.72 1.49 -27.24
C THR G 19 34.64 2.45 -27.74
N GLU G 20 33.99 3.19 -26.86
CA GLU G 20 32.97 4.15 -27.23
C GLU G 20 33.55 5.56 -27.21
N GLU G 21 32.94 6.45 -27.99
CA GLU G 21 33.31 7.85 -28.01
C GLU G 21 33.23 8.45 -26.61
N LYS G 22 34.13 9.37 -26.32
CA LYS G 22 34.20 10.04 -25.02
C LYS G 22 34.09 11.54 -25.19
N TYR G 23 33.62 12.21 -24.15
CA TYR G 23 33.41 13.65 -24.15
C TYR G 23 34.49 14.33 -23.30
N ALA G 24 34.90 15.52 -23.73
CA ALA G 24 35.92 16.29 -23.02
C ALA G 24 35.44 17.73 -22.88
N MET G 25 35.29 18.17 -21.63
CA MET G 25 34.86 19.53 -21.32
C MET G 25 36.04 20.35 -20.81
N THR G 26 35.78 21.63 -20.61
CA THR G 26 36.75 22.53 -20.00
C THR G 26 36.03 23.75 -19.44
N TRP G 27 36.71 24.44 -18.54
CA TRP G 27 36.15 25.64 -17.92
C TRP G 27 37.31 26.54 -17.50
N SER G 28 37.02 27.85 -17.44
CA SER G 28 38.06 28.83 -17.16
C SER G 28 38.66 28.61 -15.77
N SER G 29 37.82 28.67 -14.74
CA SER G 29 38.23 28.49 -13.34
C SER G 29 39.35 29.48 -12.97
N ASP G 30 38.93 30.74 -12.81
CA ASP G 30 39.88 31.79 -12.45
C ASP G 30 40.33 31.69 -11.00
N GLN G 31 39.61 30.96 -10.16
CA GLN G 31 39.92 30.88 -8.75
C GLN G 31 39.78 29.43 -8.29
N GLN G 32 40.57 29.07 -7.28
CA GLN G 32 40.43 27.76 -6.65
C GLN G 32 39.06 27.64 -6.01
N HIS G 33 38.35 26.55 -6.34
CA HIS G 33 37.02 26.30 -5.82
C HIS G 33 36.88 24.82 -5.52
N ILE G 34 35.68 24.42 -5.11
CA ILE G 34 35.35 23.02 -4.87
C ILE G 34 33.96 22.76 -5.43
N PHE G 35 33.84 21.75 -6.28
CA PHE G 35 32.58 21.46 -6.94
C PHE G 35 32.24 19.97 -6.82
N GLU G 36 31.18 19.54 -7.50
CA GLU G 36 30.75 18.16 -7.50
C GLU G 36 30.59 17.67 -8.93
N MET G 37 31.09 16.47 -9.20
CA MET G 37 30.88 15.86 -10.49
C MET G 37 29.43 15.40 -10.62
N PRO G 38 28.88 15.38 -11.84
CA PRO G 38 27.52 14.84 -12.02
C PRO G 38 27.40 13.36 -11.70
N THR G 39 28.52 12.64 -11.60
CA THR G 39 28.50 11.22 -11.26
C THR G 39 29.37 10.88 -10.06
N GLY G 40 30.02 11.86 -9.43
CA GLY G 40 30.91 11.62 -8.32
C GLY G 40 30.59 12.52 -7.14
N GLY G 41 31.39 12.37 -6.09
CA GLY G 41 31.22 13.15 -4.88
C GLY G 41 31.66 14.58 -5.02
N ALA G 42 32.72 14.96 -4.31
CA ALA G 42 33.24 16.31 -4.33
C ALA G 42 34.71 16.31 -4.75
N ALA G 43 35.15 17.40 -5.37
CA ALA G 43 36.51 17.53 -5.84
C ALA G 43 36.87 19.00 -5.96
N VAL G 44 38.15 19.31 -5.79
CA VAL G 44 38.64 20.67 -5.81
C VAL G 44 38.96 21.09 -7.24
N MET G 45 38.48 22.27 -7.63
CA MET G 45 38.69 22.79 -8.98
C MET G 45 39.93 23.67 -8.98
N ASN G 46 40.91 23.33 -9.81
CA ASN G 46 42.16 24.06 -9.88
C ASN G 46 42.06 25.22 -10.88
N SER G 47 43.07 26.09 -10.83
CA SER G 47 43.11 27.23 -11.72
C SER G 47 43.40 26.80 -13.15
N GLY G 48 42.99 27.65 -14.10
CA GLY G 48 43.16 27.35 -15.51
C GLY G 48 42.14 26.35 -16.00
N ASP G 49 42.23 26.04 -17.29
CA ASP G 49 41.33 25.09 -17.90
C ASP G 49 41.54 23.68 -17.31
N ASN G 50 40.47 22.89 -17.31
CA ASN G 50 40.51 21.55 -16.73
C ASN G 50 39.81 20.60 -17.68
N LEU G 51 40.51 19.53 -18.07
CA LEU G 51 39.99 18.55 -19.01
C LEU G 51 39.61 17.28 -18.25
N LEU G 52 38.40 16.79 -18.49
CA LEU G 52 37.90 15.56 -17.87
C LEU G 52 37.36 14.63 -18.95
N TYR G 53 37.04 13.41 -18.54
CA TYR G 53 36.45 12.39 -19.40
C TYR G 53 35.01 12.14 -19.00
N LEU G 54 34.13 12.07 -19.98
CA LEU G 54 32.71 11.80 -19.75
C LEU G 54 32.23 10.75 -20.75
N ALA G 55 31.34 9.88 -20.31
CA ALA G 55 30.84 8.79 -21.13
C ALA G 55 29.47 9.04 -21.74
N ARG G 56 28.77 10.08 -21.28
CA ARG G 56 27.44 10.39 -21.78
C ARG G 56 27.36 11.85 -22.20
N LYS G 57 26.44 12.13 -23.12
CA LYS G 57 26.25 13.50 -23.60
C LYS G 57 25.48 14.35 -22.60
N GLU G 58 24.44 13.78 -22.01
CA GLU G 58 23.69 14.50 -20.97
C GLU G 58 24.60 14.84 -19.80
N GLN G 59 25.55 13.95 -19.47
CA GLN G 59 26.56 14.25 -18.47
C GLN G 59 27.44 15.41 -18.90
N ALA G 60 27.64 15.58 -20.21
CA ALA G 60 28.49 16.65 -20.71
C ALA G 60 27.79 18.01 -20.73
N LEU G 61 26.46 18.02 -20.78
CA LEU G 61 25.72 19.28 -20.80
C LEU G 61 25.20 19.71 -19.43
N ALA G 62 24.90 18.75 -18.55
CA ALA G 62 24.45 19.12 -17.21
C ALA G 62 25.53 19.81 -16.41
N LEU G 63 26.80 19.40 -16.60
CA LEU G 63 27.90 20.06 -15.89
C LEU G 63 28.05 21.50 -16.35
N ALA G 64 27.87 21.76 -17.65
CA ALA G 64 27.93 23.12 -18.14
C ALA G 64 26.77 23.95 -17.60
N THR G 65 25.58 23.36 -17.54
CA THR G 65 24.44 24.06 -16.95
C THR G 65 24.68 24.38 -15.48
N GLN G 66 25.31 23.46 -14.76
CA GLN G 66 25.60 23.70 -13.35
C GLN G 66 26.67 24.76 -13.16
N LEU G 67 27.65 24.82 -14.07
CA LEU G 67 28.71 25.81 -13.95
C LEU G 67 28.19 27.22 -14.24
N ARG G 68 27.27 27.35 -15.19
CA ARG G 68 26.76 28.66 -15.56
C ARG G 68 25.99 29.30 -14.40
N THR G 69 25.39 28.49 -13.53
CA THR G 69 24.63 29.03 -12.41
C THR G 69 25.51 29.55 -11.28
N GLN G 70 26.70 28.95 -11.10
CA GLN G 70 27.64 29.42 -10.10
C GLN G 70 28.12 30.84 -10.44
N PHE G 71 29.19 30.93 -11.22
CA PHE G 71 29.71 32.19 -11.70
C PHE G 71 29.55 32.26 -13.22
N LYS G 72 29.89 33.43 -13.77
CA LYS G 72 29.70 33.68 -15.20
C LYS G 72 30.98 33.32 -15.94
N ILE G 73 30.97 32.15 -16.58
CA ILE G 73 32.13 31.64 -17.31
C ILE G 73 31.65 31.00 -18.61
N GLN G 74 32.34 31.30 -19.71
CA GLN G 74 32.06 30.63 -20.97
C GLN G 74 32.53 29.19 -20.92
N ASP G 75 31.70 28.29 -21.46
CA ASP G 75 31.96 26.86 -21.42
C ASP G 75 32.32 26.34 -22.80
N TYR G 76 33.21 25.35 -22.84
CA TYR G 76 33.62 24.70 -24.07
C TYR G 76 33.57 23.19 -23.86
N LYS G 77 32.83 22.49 -24.73
CA LYS G 77 32.76 21.04 -24.72
C LYS G 77 33.08 20.52 -26.11
N ILE G 78 33.98 19.54 -26.19
CA ILE G 78 34.38 18.94 -27.45
C ILE G 78 34.04 17.46 -27.42
N TYR G 79 33.46 16.98 -28.51
CA TYR G 79 32.91 15.62 -28.62
C TYR G 79 33.75 14.84 -29.63
N ARG G 80 34.42 13.80 -29.16
CA ARG G 80 35.32 13.00 -29.98
C ARG G 80 34.61 11.78 -30.54
N ILE G 81 35.06 11.33 -31.70
CA ILE G 81 34.49 10.16 -32.35
C ILE G 81 35.37 8.96 -32.03
N PHE G 82 34.84 7.75 -32.29
CA PHE G 82 35.47 6.47 -31.96
C PHE G 82 36.95 6.38 -32.34
N PRO G 83 37.33 6.63 -33.62
CA PRO G 83 38.76 6.47 -33.98
C PRO G 83 39.63 7.52 -33.31
N SER G 84 39.61 8.75 -33.83
CA SER G 84 40.36 9.85 -33.25
C SER G 84 39.78 11.18 -33.74
N GLY G 85 38.64 11.11 -34.42
CA GLY G 85 38.01 12.32 -34.93
C GLY G 85 37.49 13.19 -33.81
N GLU G 86 37.97 14.43 -33.74
CA GLU G 86 37.60 15.37 -32.68
C GLU G 86 36.87 16.54 -33.33
N VAL G 87 35.56 16.65 -33.07
CA VAL G 87 34.72 17.68 -33.69
C VAL G 87 34.10 18.53 -32.60
N GLN G 88 33.94 19.82 -32.91
CA GLN G 88 33.31 20.78 -32.00
C GLN G 88 31.81 20.76 -32.24
N TYR G 89 31.11 19.92 -31.46
CA TYR G 89 29.66 19.84 -31.55
C TYR G 89 28.96 20.81 -30.60
N LEU G 90 29.60 21.17 -29.49
CA LEU G 90 29.04 22.13 -28.56
C LEU G 90 29.52 23.54 -28.93
N HIS G 91 28.56 24.44 -29.10
CA HIS G 91 28.82 25.77 -29.62
C HIS G 91 29.59 25.75 -30.94
N PRO G 92 29.03 25.15 -32.00
CA PRO G 92 29.65 25.33 -33.32
C PRO G 92 29.54 26.75 -33.82
N LYS G 93 28.53 27.49 -33.37
CA LYS G 93 28.39 28.91 -33.66
C LYS G 93 29.18 29.78 -32.71
N ASP G 94 29.69 29.21 -31.61
CA ASP G 94 30.34 29.93 -30.51
C ASP G 94 29.41 30.94 -29.85
N GLY G 95 28.14 30.96 -30.25
CA GLY G 95 27.12 31.78 -29.60
C GLY G 95 26.19 30.88 -28.81
N VAL G 96 25.80 31.33 -27.62
CA VAL G 96 24.95 30.54 -26.75
C VAL G 96 23.65 30.21 -27.45
N LEU G 97 23.23 28.94 -27.37
CA LEU G 97 22.09 28.47 -28.14
C LEU G 97 20.78 29.18 -27.80
N PRO G 98 20.43 29.45 -26.53
CA PRO G 98 19.17 30.19 -26.29
C PRO G 98 19.21 31.61 -26.83
N TYR G 99 20.35 32.28 -26.74
CA TYR G 99 20.45 33.63 -27.27
C TYR G 99 20.49 33.61 -28.80
N GLN G 100 20.15 34.75 -29.39
CA GLN G 100 20.05 34.85 -30.84
C GLN G 100 21.45 34.91 -31.46
N VAL G 101 21.57 34.29 -32.64
CA VAL G 101 22.82 34.26 -33.39
C VAL G 101 22.55 34.76 -34.81
N ASN G 102 23.64 35.05 -35.52
CA ASN G 102 23.56 35.47 -36.91
C ASN G 102 23.54 34.27 -37.87
N LYS G 103 24.36 33.27 -37.61
CA LYS G 103 24.41 32.06 -38.43
C LYS G 103 23.15 31.25 -38.20
N GLY G 104 22.18 31.40 -39.10
CA GLY G 104 20.90 30.74 -38.97
C GLY G 104 20.67 29.74 -40.08
N ARG G 105 19.95 28.68 -39.75
CA ARG G 105 19.62 27.62 -40.71
C ARG G 105 18.49 26.78 -40.13
N GLU G 106 17.93 25.91 -40.95
CA GLU G 106 16.79 25.08 -40.58
C GLU G 106 17.09 23.63 -40.94
N GLN G 107 16.99 22.74 -39.94
CA GLN G 107 17.18 21.31 -40.14
C GLN G 107 15.91 20.58 -39.72
N VAL G 108 15.42 19.71 -40.62
CA VAL G 108 14.27 18.85 -40.36
C VAL G 108 13.10 19.69 -39.85
N GLY G 109 12.56 20.54 -40.71
CA GLY G 109 11.47 21.41 -40.31
C GLY G 109 10.28 21.35 -41.24
N ARG G 110 9.18 20.77 -40.76
CA ARG G 110 7.94 20.71 -41.51
C ARG G 110 7.06 21.89 -41.11
N VAL G 111 6.56 22.62 -42.11
CA VAL G 111 5.74 23.80 -41.88
C VAL G 111 4.31 23.53 -42.33
N LYS G 112 3.63 22.62 -41.64
CA LYS G 112 2.27 22.23 -42.02
C LYS G 112 1.31 22.42 -40.84
N SER G 113 0.14 21.80 -40.93
CA SER G 113 -0.86 21.95 -39.87
C SER G 113 -0.40 21.23 -38.60
N THR G 114 -1.20 21.35 -37.55
CA THR G 114 -0.82 20.91 -36.22
C THR G 114 -1.42 19.56 -35.82
N ILE G 115 -2.59 19.20 -36.37
CA ILE G 115 -3.17 17.90 -36.02
C ILE G 115 -2.29 16.77 -36.51
N GLY G 116 -1.65 16.93 -37.66
CA GLY G 116 -0.82 15.88 -38.20
C GLY G 116 -0.18 16.19 -39.53
N LYS G 117 -0.50 15.39 -40.54
CA LYS G 117 0.15 15.44 -41.84
C LYS G 117 1.66 15.32 -41.68
N ASN G 118 2.14 14.09 -41.50
CA ASN G 118 3.54 13.84 -41.19
C ASN G 118 4.45 13.88 -42.41
N VAL G 119 3.90 13.91 -43.62
CA VAL G 119 4.73 13.96 -44.82
C VAL G 119 5.46 15.29 -44.88
N ASN G 120 6.75 15.24 -45.24
CA ASN G 120 7.57 16.45 -45.31
C ASN G 120 7.69 16.90 -46.75
N PRO G 121 7.26 18.12 -47.09
CA PRO G 121 7.39 18.56 -48.49
C PRO G 121 8.83 18.71 -48.95
N ALA G 122 9.75 19.07 -48.06
CA ALA G 122 11.15 19.24 -48.43
C ALA G 122 12.02 19.05 -47.20
N GLN G 123 13.04 18.22 -47.31
CA GLN G 123 13.96 18.01 -46.19
C GLN G 123 14.96 19.14 -46.04
N VAL G 124 15.33 19.80 -47.14
CA VAL G 124 16.27 20.91 -47.10
C VAL G 124 15.68 22.12 -47.83
N MET H 1 -8.88 42.88 -39.26
CA MET H 1 -9.27 44.29 -39.31
C MET H 1 -10.18 44.66 -38.14
N ILE H 2 -10.81 43.64 -37.54
CA ILE H 2 -11.72 43.88 -36.44
C ILE H 2 -10.96 44.46 -35.25
N LYS H 3 -11.66 45.22 -34.42
CA LYS H 3 -11.02 45.88 -33.29
C LYS H 3 -10.64 44.87 -32.22
N LYS H 4 -9.62 45.21 -31.44
CA LYS H 4 -9.15 44.33 -30.39
C LYS H 4 -10.17 44.23 -29.26
N GLY H 5 -10.08 43.15 -28.48
CA GLY H 5 -10.95 42.94 -27.36
C GLY H 5 -12.28 42.29 -27.69
N SER H 6 -12.44 41.72 -28.88
CA SER H 6 -13.70 41.09 -29.26
C SER H 6 -13.82 39.71 -28.65
N LEU H 7 -15.06 39.31 -28.37
CA LEU H 7 -15.33 37.97 -27.88
C LEU H 7 -15.12 36.97 -29.03
N VAL H 8 -14.33 35.94 -28.78
CA VAL H 8 -13.78 35.11 -29.84
C VAL H 8 -14.53 33.79 -29.93
N LYS H 9 -14.32 33.09 -31.04
CA LYS H 9 -14.76 31.70 -31.22
C LYS H 9 -13.64 30.98 -31.96
N ILE H 10 -13.08 29.94 -31.35
CA ILE H 10 -11.91 29.28 -31.90
C ILE H 10 -12.34 28.32 -33.01
N LEU H 11 -11.91 28.62 -34.23
CA LEU H 11 -12.11 27.73 -35.38
C LEU H 11 -10.75 27.52 -36.07
N ARG H 12 -9.80 27.02 -35.30
CA ARG H 12 -8.48 26.71 -35.83
C ARG H 12 -8.51 25.35 -36.52
N PRO H 13 -7.85 25.21 -37.69
CA PRO H 13 -7.90 23.94 -38.42
C PRO H 13 -7.47 22.72 -37.60
N GLU H 14 -6.71 22.95 -36.52
CA GLU H 14 -6.24 21.88 -35.66
C GLU H 14 -6.95 21.81 -34.32
N SER H 15 -7.30 22.94 -33.73
CA SER H 15 -7.89 22.98 -32.39
C SER H 15 -9.38 23.22 -32.55
N PHE H 16 -10.15 22.15 -32.47
CA PHE H 16 -11.60 22.19 -32.63
C PHE H 16 -12.32 22.73 -31.40
N TRP H 17 -11.74 23.71 -30.70
CA TRP H 17 -12.42 24.33 -29.57
C TRP H 17 -13.70 24.98 -30.07
N TYR H 18 -14.74 24.19 -30.25
CA TYR H 18 -15.94 24.64 -30.95
C TYR H 18 -16.57 25.85 -30.26
N ASN H 19 -16.09 27.04 -30.61
CA ASN H 19 -16.66 28.31 -30.14
C ASN H 19 -16.55 28.44 -28.63
N GLU H 20 -15.36 28.18 -28.10
CA GLU H 20 -15.06 28.46 -26.71
C GLU H 20 -14.94 29.97 -26.52
N VAL H 21 -15.87 30.55 -25.77
CA VAL H 21 -15.97 32.00 -25.68
C VAL H 21 -14.76 32.56 -24.95
N GLY H 22 -14.09 33.53 -25.58
CA GLY H 22 -12.93 34.19 -24.99
C GLY H 22 -12.76 35.55 -25.63
N THR H 23 -11.90 36.35 -25.04
CA THR H 23 -11.70 37.74 -25.46
C THR H 23 -10.31 37.93 -26.06
N VAL H 24 -10.21 38.88 -26.98
CA VAL H 24 -8.95 39.20 -27.64
C VAL H 24 -8.08 40.00 -26.67
N VAL H 25 -6.90 39.46 -26.34
CA VAL H 25 -5.95 40.19 -25.51
C VAL H 25 -5.47 41.45 -26.25
N ASN H 26 -5.06 41.28 -27.50
CA ASN H 26 -4.53 42.39 -28.28
C ASN H 26 -4.56 42.01 -29.75
N VAL H 27 -4.41 43.02 -30.60
CA VAL H 27 -4.38 42.86 -32.05
C VAL H 27 -3.02 43.35 -32.55
N GLU H 28 -2.37 42.52 -33.36
CA GLU H 28 -1.05 42.81 -33.89
C GLU H 28 -1.09 42.86 -35.41
N THR H 29 -0.44 43.88 -35.97
CA THR H 29 -0.38 44.07 -37.42
C THR H 29 0.90 43.49 -38.03
N SER H 30 1.67 42.72 -37.25
CA SER H 30 2.94 42.18 -37.75
C SER H 30 2.75 41.20 -38.89
N LYS H 31 1.53 40.68 -39.07
CA LYS H 31 1.18 39.79 -40.17
C LYS H 31 1.98 38.49 -40.15
N VAL H 32 1.54 37.53 -39.35
CA VAL H 32 2.06 36.18 -39.35
C VAL H 32 0.88 35.21 -39.46
N LEU H 33 1.19 33.90 -39.42
CA LEU H 33 0.16 32.90 -39.68
C LEU H 33 -0.68 32.60 -38.44
N TYR H 34 -0.07 32.62 -37.25
CA TYR H 34 -0.78 32.37 -36.00
C TYR H 34 -0.38 33.44 -34.98
N PRO H 35 -0.96 34.64 -35.08
CA PRO H 35 -0.53 35.74 -34.19
C PRO H 35 -1.35 35.91 -32.92
N VAL H 36 -2.68 35.88 -33.05
CA VAL H 36 -3.56 36.43 -32.03
C VAL H 36 -3.51 35.56 -30.77
N LEU H 37 -3.18 36.19 -29.64
CA LEU H 37 -3.27 35.56 -28.33
C LEU H 37 -4.55 36.03 -27.64
N VAL H 38 -5.30 35.10 -27.07
CA VAL H 38 -6.57 35.39 -26.44
C VAL H 38 -6.62 34.74 -25.06
N ARG H 39 -7.31 35.39 -24.13
CA ARG H 39 -7.51 34.83 -22.79
C ARG H 39 -8.41 33.61 -22.91
N PHE H 40 -7.84 32.43 -22.72
CA PHE H 40 -8.56 31.17 -22.86
C PHE H 40 -8.83 30.64 -21.44
N ASP H 41 -10.06 30.84 -20.97
CA ASP H 41 -10.40 30.46 -19.60
C ASP H 41 -10.25 28.96 -19.37
N LYS H 42 -10.56 28.14 -20.38
CA LYS H 42 -10.33 26.71 -20.26
C LYS H 42 -8.84 26.41 -20.20
N VAL H 43 -8.27 26.42 -18.99
CA VAL H 43 -6.86 26.12 -18.80
C VAL H 43 -6.58 24.72 -19.33
N ASN H 44 -5.82 24.65 -20.42
CA ASN H 44 -5.46 23.35 -20.99
C ASN H 44 -4.56 22.60 -20.02
N TYR H 45 -4.23 21.36 -20.38
CA TYR H 45 -3.43 20.53 -19.51
C TYR H 45 -2.01 21.09 -19.35
N SER H 46 -1.52 21.82 -20.35
CA SER H 46 -0.20 22.44 -20.24
C SER H 46 -0.14 23.42 -19.08
N GLY H 47 -1.24 24.11 -18.79
CA GLY H 47 -1.33 24.97 -17.62
C GLY H 47 -1.35 26.46 -17.91
N LEU H 48 -0.99 26.89 -19.11
CA LEU H 48 -0.92 28.31 -19.42
C LEU H 48 -2.31 28.89 -19.63
N ASN H 49 -2.37 30.19 -19.94
CA ASN H 49 -3.62 30.89 -20.16
C ASN H 49 -3.86 31.22 -21.63
N SER H 50 -2.99 32.01 -22.24
CA SER H 50 -3.20 32.53 -23.59
C SER H 50 -2.19 31.92 -24.56
N THR H 51 -2.69 31.42 -25.69
CA THR H 51 -1.88 30.82 -26.74
C THR H 51 -2.12 31.53 -28.06
N ASN H 52 -1.29 31.23 -29.05
CA ASN H 52 -1.41 31.86 -30.35
C ASN H 52 -2.51 31.21 -31.19
N PHE H 53 -3.15 32.02 -32.03
CA PHE H 53 -4.26 31.57 -32.85
C PHE H 53 -4.20 32.24 -34.22
N SER H 54 -4.96 31.68 -35.15
CA SER H 54 -4.88 32.06 -36.57
C SER H 54 -5.67 33.32 -36.86
N LEU H 55 -5.82 33.61 -38.16
CA LEU H 55 -6.71 34.67 -38.63
C LEU H 55 -8.10 34.12 -38.95
N ASP H 56 -8.21 32.83 -39.26
CA ASP H 56 -9.50 32.18 -39.41
C ASP H 56 -10.29 32.31 -38.11
N GLU H 57 -10.13 31.33 -37.22
CA GLU H 57 -10.60 31.39 -35.84
C GLU H 57 -11.97 32.04 -35.70
N LEU H 58 -11.96 33.33 -35.40
CA LEU H 58 -13.16 34.10 -35.12
C LEU H 58 -13.51 35.01 -36.28
N VAL H 59 -14.79 35.11 -36.58
CA VAL H 59 -15.32 36.10 -37.51
C VAL H 59 -16.09 37.19 -36.77
N GLU H 60 -17.06 36.78 -35.95
CA GLU H 60 -17.84 37.67 -35.10
C GLU H 60 -18.71 36.82 -34.20
N ILE H 61 -19.08 37.38 -33.05
CA ILE H 61 -19.97 36.68 -32.12
C ILE H 61 -21.18 37.50 -31.72
N LYS H 62 -21.15 38.84 -31.81
CA LYS H 62 -22.33 39.62 -31.47
C LYS H 62 -23.40 39.49 -32.56
N VAL H 63 -22.99 39.49 -33.83
CA VAL H 63 -23.85 39.22 -34.98
C VAL H 63 -24.89 40.33 -35.16
N GLU H 64 -25.09 41.16 -34.14
CA GLU H 64 -26.07 42.23 -34.20
C GLU H 64 -25.43 43.56 -33.78
N ILE H 65 -26.05 44.65 -34.20
CA ILE H 65 -25.57 45.99 -33.89
C ILE H 65 -26.73 46.85 -33.41
N LYS H 66 -27.67 47.14 -34.31
CA LYS H 66 -28.79 48.02 -33.98
C LYS H 66 -30.01 47.27 -33.50
N SER H 67 -30.22 46.04 -33.97
CA SER H 67 -31.32 45.22 -33.47
C SER H 67 -31.05 44.61 -32.11
N ASP H 68 -29.82 44.75 -31.60
CA ASP H 68 -29.44 44.22 -30.29
C ASP H 68 -29.69 45.33 -29.28
N THR H 69 -30.91 45.37 -28.74
CA THR H 69 -31.32 46.42 -27.81
C THR H 69 -30.76 46.18 -26.42
N LEU I 1 -43.57 -20.92 -4.43
CA LEU I 1 -43.15 -20.05 -3.35
C LEU I 1 -44.35 -19.50 -2.60
N THR I 2 -44.50 -19.89 -1.33
CA THR I 2 -45.66 -19.56 -0.53
C THR I 2 -45.31 -18.52 0.54
N PRO I 3 -46.27 -17.68 0.94
CA PRO I 3 -46.00 -16.72 2.02
C PRO I 3 -45.65 -17.40 3.32
N CYS I 4 -44.92 -16.68 4.17
CA CYS I 4 -44.29 -17.30 5.34
C CYS I 4 -45.25 -17.54 6.49
N GLN I 5 -46.36 -16.82 6.57
CA GLN I 5 -47.36 -17.17 7.57
C GLN I 5 -47.98 -18.53 7.27
N GLN I 6 -47.95 -18.97 6.01
CA GLN I 6 -48.33 -20.33 5.65
C GLN I 6 -47.12 -21.20 5.33
N SER I 7 -45.94 -20.61 5.12
CA SER I 7 -44.73 -21.39 4.85
C SER I 7 -44.19 -21.91 6.17
N GLU I 8 -44.36 -23.22 6.41
CA GLU I 8 -43.87 -23.83 7.64
C GLU I 8 -42.34 -23.86 7.70
N ALA I 9 -41.65 -23.63 6.59
CA ALA I 9 -40.20 -23.64 6.55
C ALA I 9 -39.58 -22.29 6.85
N PHE I 10 -40.38 -21.27 7.16
CA PHE I 10 -39.87 -19.98 7.60
C PHE I 10 -39.96 -19.79 9.11
N HIS I 11 -41.09 -20.16 9.71
CA HIS I 11 -41.21 -20.06 11.17
C HIS I 11 -40.18 -20.92 11.88
N LYS I 12 -39.75 -22.01 11.24
CA LYS I 12 -38.69 -22.84 11.83
C LYS I 12 -37.38 -22.08 11.93
N ARG I 13 -37.14 -21.13 11.01
CA ARG I 13 -35.93 -20.31 11.10
C ARG I 13 -36.02 -19.34 12.27
N GLU I 14 -37.21 -18.78 12.51
CA GLU I 14 -37.40 -17.93 13.68
C GLU I 14 -37.11 -18.70 14.97
N ILE I 15 -37.64 -19.92 15.06
CA ILE I 15 -37.39 -20.76 16.23
C ILE I 15 -35.90 -21.10 16.33
N ASN I 16 -35.27 -21.41 15.19
CA ASN I 16 -33.87 -21.81 15.22
C ASN I 16 -32.96 -20.64 15.55
N GLU I 17 -33.27 -19.44 15.04
CA GLU I 17 -32.46 -18.27 15.34
C GLU I 17 -32.57 -17.91 16.82
N VAL I 18 -33.78 -17.97 17.40
CA VAL I 18 -33.94 -17.73 18.81
C VAL I 18 -33.28 -18.84 19.64
N ARG I 19 -33.24 -20.06 19.10
CA ARG I 19 -32.59 -21.16 19.80
C ARG I 19 -31.09 -20.93 19.88
N THR I 20 -30.47 -20.48 18.79
CA THR I 20 -29.04 -20.16 18.81
C THR I 20 -28.76 -18.98 19.74
N LEU I 21 -29.67 -18.01 19.79
CA LEU I 21 -29.52 -16.87 20.67
C LEU I 21 -29.81 -17.23 22.12
N GLU I 22 -30.56 -18.30 22.37
CA GLU I 22 -30.96 -18.64 23.74
C GLU I 22 -29.81 -19.21 24.54
N ASN I 23 -28.91 -19.98 23.90
CA ASN I 23 -27.75 -20.50 24.62
C ASN I 23 -26.86 -19.37 25.10
N ARG I 24 -26.68 -18.32 24.28
CA ARG I 24 -25.99 -17.13 24.72
C ARG I 24 -26.81 -16.36 25.76
N GLN I 25 -28.13 -16.52 25.73
CA GLN I 25 -29.01 -15.78 26.62
C GLN I 25 -29.06 -16.37 28.03
N ALA I 26 -28.94 -17.69 28.15
CA ALA I 26 -29.13 -18.36 29.43
C ALA I 26 -27.85 -18.47 30.26
N ASN I 27 -26.68 -18.28 29.65
CA ASN I 27 -25.45 -18.39 30.41
C ASN I 27 -25.31 -17.29 31.45
N TYR I 28 -25.90 -16.12 31.19
CA TYR I 28 -25.87 -15.02 32.13
C TYR I 28 -27.19 -14.94 32.91
N GLU I 29 -27.11 -14.33 34.09
CA GLU I 29 -28.27 -14.19 34.96
C GLU I 29 -29.18 -13.10 34.41
N ALA I 30 -30.47 -13.45 34.24
CA ALA I 30 -31.43 -12.48 33.72
C ALA I 30 -31.70 -11.34 34.67
N ASN I 31 -31.48 -11.55 35.97
CA ASN I 31 -31.76 -10.51 36.97
C ASN I 31 -30.75 -9.36 36.92
N SER I 32 -29.62 -9.54 36.24
CA SER I 32 -28.63 -8.47 36.16
C SER I 32 -29.12 -7.37 35.23
N PRO I 33 -28.91 -6.10 35.59
CA PRO I 33 -29.41 -5.01 34.74
C PRO I 33 -28.66 -4.87 33.43
N SER I 34 -27.36 -5.14 33.42
CA SER I 34 -26.58 -5.05 32.18
C SER I 34 -26.98 -6.08 31.14
N TYR I 35 -27.73 -7.12 31.54
CA TYR I 35 -28.20 -8.14 30.61
C TYR I 35 -29.73 -8.20 30.57
N LEU I 36 -30.42 -7.29 31.25
CA LEU I 36 -31.87 -7.17 31.09
C LEU I 36 -32.24 -6.61 29.72
N ALA I 37 -31.30 -5.98 29.02
CA ALA I 37 -31.56 -5.43 27.70
C ALA I 37 -31.62 -6.50 26.61
N LEU I 38 -31.17 -7.71 26.89
CA LEU I 38 -31.26 -8.78 25.90
C LEU I 38 -32.71 -9.15 25.62
N GLN I 39 -33.58 -9.07 26.63
CA GLN I 39 -34.99 -9.32 26.41
C GLN I 39 -35.63 -8.26 25.53
N SER I 40 -35.18 -7.00 25.66
CA SER I 40 -35.65 -5.97 24.74
C SER I 40 -35.08 -6.18 23.35
N GLN I 41 -33.87 -6.72 23.24
CA GLN I 41 -33.29 -7.00 21.93
C GLN I 41 -34.05 -8.13 21.23
N ILE I 42 -34.39 -9.19 21.97
CA ILE I 42 -35.20 -10.26 21.39
C ILE I 42 -36.63 -9.79 21.14
N ASP I 43 -37.09 -8.76 21.85
CA ASP I 43 -38.36 -8.13 21.51
C ASP I 43 -38.28 -7.45 20.16
N GLN I 44 -37.17 -6.76 19.88
CA GLN I 44 -36.96 -6.21 18.54
C GLN I 44 -36.91 -7.32 17.50
N VAL I 45 -36.25 -8.44 17.84
CA VAL I 45 -36.21 -9.58 16.92
C VAL I 45 -37.62 -10.09 16.63
N HIS I 46 -38.43 -10.25 17.67
CA HIS I 46 -39.80 -10.73 17.48
C HIS I 46 -40.63 -9.74 16.69
N LYS I 47 -40.54 -8.45 17.02
CA LYS I 47 -41.32 -7.44 16.32
C LYS I 47 -40.87 -7.24 14.87
N ARG I 48 -39.77 -7.85 14.46
CA ARG I 48 -39.29 -7.71 13.09
C ARG I 48 -39.88 -8.75 12.15
N PHE I 49 -40.12 -9.97 12.65
CA PHE I 49 -40.54 -11.07 11.78
C PHE I 49 -41.97 -10.89 11.28
N ASP I 50 -42.85 -10.27 12.07
CA ASP I 50 -44.27 -10.26 11.73
C ASP I 50 -44.55 -9.39 10.51
N LYS I 51 -43.81 -8.30 10.33
CA LYS I 51 -44.06 -7.43 9.18
C LYS I 51 -43.62 -8.08 7.88
N TYR I 52 -42.50 -8.80 7.90
CA TYR I 52 -42.02 -9.42 6.67
C TYR I 52 -42.94 -10.56 6.22
N GLY I 53 -43.59 -11.25 7.17
CA GLY I 53 -44.50 -12.31 6.80
C GLY I 53 -45.55 -11.87 5.79
N THR I 54 -46.00 -10.62 5.89
CA THR I 54 -47.00 -10.11 4.95
C THR I 54 -46.47 -10.09 3.53
N LEU I 55 -45.24 -9.61 3.33
CA LEU I 55 -44.60 -9.73 2.04
C LEU I 55 -44.43 -11.19 1.67
N LEU I 56 -44.75 -11.53 0.42
CA LEU I 56 -44.39 -12.84 -0.09
C LEU I 56 -42.91 -13.07 0.15
N CYS I 57 -42.58 -14.25 0.67
CA CYS I 57 -41.21 -14.54 1.06
C CYS I 57 -40.90 -15.98 0.69
N GLY I 58 -39.61 -16.25 0.54
CA GLY I 58 -39.20 -17.55 0.02
C GLY I 58 -39.64 -18.68 0.93
N GLN I 59 -39.96 -19.82 0.31
CA GLN I 59 -40.29 -21.02 1.07
C GLN I 59 -39.11 -21.48 1.90
N ASP I 60 -37.89 -21.26 1.40
CA ASP I 60 -36.69 -21.68 2.11
C ASP I 60 -36.49 -20.96 3.44
N GLY I 61 -37.18 -19.84 3.65
CA GLY I 61 -36.88 -18.96 4.75
C GLY I 61 -36.08 -17.74 4.34
N LEU I 62 -35.63 -17.67 3.09
CA LEU I 62 -34.96 -16.49 2.58
C LEU I 62 -36.00 -15.62 1.89
N PRO I 63 -36.39 -14.49 2.47
CA PRO I 63 -37.63 -13.80 2.06
C PRO I 63 -37.46 -12.95 0.81
N HIS I 64 -37.99 -13.43 -0.31
CA HIS I 64 -37.87 -12.78 -1.61
C HIS I 64 -38.96 -11.72 -1.77
N LEU I 65 -39.05 -11.12 -2.96
CA LEU I 65 -39.91 -9.95 -3.17
C LEU I 65 -40.07 -9.71 -4.68
N ILE I 66 -40.61 -8.55 -5.04
CA ILE I 66 -41.10 -8.29 -6.39
C ILE I 66 -40.66 -6.90 -6.85
N THR I 67 -40.14 -6.82 -8.09
CA THR I 67 -39.81 -5.54 -8.72
C THR I 67 -40.40 -5.40 -10.11
N ASP I 68 -41.22 -6.35 -10.57
CA ASP I 68 -41.83 -6.25 -11.89
C ASP I 68 -42.80 -5.09 -12.01
N GLY I 69 -43.26 -4.55 -10.88
CA GLY I 69 -44.29 -3.53 -10.88
C GLY I 69 -45.63 -4.00 -10.35
N ASP I 70 -45.74 -5.27 -9.94
CA ASP I 70 -46.98 -5.81 -9.42
C ASP I 70 -47.50 -4.94 -8.29
N TRP I 71 -48.76 -4.50 -8.42
CA TRP I 71 -49.33 -3.55 -7.47
C TRP I 71 -49.42 -4.11 -6.06
N ARG I 72 -49.40 -5.44 -5.91
CA ARG I 72 -49.42 -6.04 -4.58
C ARG I 72 -48.08 -5.89 -3.86
N HIS I 73 -47.01 -5.56 -4.60
CA HIS I 73 -45.67 -5.49 -4.02
C HIS I 73 -44.98 -4.18 -4.35
N ALA I 74 -45.76 -3.16 -4.72
CA ALA I 74 -45.18 -1.85 -5.00
C ALA I 74 -44.41 -1.29 -3.82
N ARG I 75 -44.65 -1.81 -2.62
CA ARG I 75 -43.97 -1.34 -1.41
C ARG I 75 -42.51 -1.74 -1.36
N GLU I 76 -42.12 -2.81 -2.05
CA GLU I 76 -40.73 -3.25 -2.03
C GLU I 76 -39.88 -2.55 -3.08
N PHE I 77 -40.51 -1.95 -4.09
CA PHE I 77 -39.78 -1.29 -5.16
C PHE I 77 -40.43 0.06 -5.48
N THR I 78 -41.26 0.07 -6.53
CA THR I 78 -41.81 1.26 -7.17
C THR I 78 -42.06 2.46 -6.24
N ILE I 79 -43.10 2.41 -5.41
CA ILE I 79 -43.53 3.61 -4.70
C ILE I 79 -42.51 4.05 -3.66
N PRO I 80 -42.43 3.41 -2.48
CA PRO I 80 -41.76 4.07 -1.35
C PRO I 80 -40.25 4.09 -1.47
N ALA I 81 -39.61 2.93 -1.25
CA ALA I 81 -38.16 2.85 -1.19
C ALA I 81 -37.48 3.29 -2.49
N LEU I 82 -38.23 3.47 -3.58
CA LEU I 82 -37.63 3.87 -4.85
C LEU I 82 -37.85 5.36 -5.14
N LEU I 83 -39.11 5.80 -5.20
CA LEU I 83 -39.39 7.17 -5.64
C LEU I 83 -38.76 8.20 -4.71
N PHE I 84 -38.69 7.90 -3.41
CA PHE I 84 -38.09 8.85 -2.48
C PHE I 84 -36.60 9.01 -2.75
N LEU I 85 -35.91 7.93 -3.10
CA LEU I 85 -34.51 8.03 -3.49
C LEU I 85 -34.36 9.00 -4.67
N TYR I 86 -35.20 8.84 -5.69
CA TYR I 86 -35.14 9.72 -6.85
C TYR I 86 -35.38 11.17 -6.46
N ILE I 87 -36.43 11.42 -5.68
CA ILE I 87 -36.75 12.79 -5.27
C ILE I 87 -35.66 13.35 -4.36
N THR I 88 -35.32 12.61 -3.30
CA THR I 88 -34.35 13.12 -2.33
C THR I 88 -32.98 13.33 -2.96
N GLY I 89 -32.52 12.36 -3.75
CA GLY I 89 -31.27 12.54 -4.46
C GLY I 89 -31.30 13.73 -5.40
N TRP I 90 -32.39 13.88 -6.14
CA TRP I 90 -32.48 14.97 -7.11
C TRP I 90 -32.84 16.29 -6.45
N ILE I 91 -33.54 16.27 -5.31
CA ILE I 91 -33.68 17.48 -4.53
C ILE I 91 -32.31 18.02 -4.14
N GLY I 92 -31.37 17.12 -3.87
CA GLY I 92 -29.99 17.54 -3.71
C GLY I 92 -29.34 17.92 -5.03
N TRP I 93 -29.63 17.17 -6.10
CA TRP I 93 -28.94 17.39 -7.37
C TRP I 93 -29.38 18.68 -8.03
N VAL I 94 -30.68 18.92 -8.12
CA VAL I 94 -31.14 20.14 -8.77
C VAL I 94 -30.85 21.35 -7.90
N GLY I 95 -30.81 21.18 -6.57
CA GLY I 95 -30.32 22.24 -5.72
C GLY I 95 -28.87 22.58 -5.99
N ARG I 96 -28.04 21.54 -6.12
CA ARG I 96 -26.66 21.75 -6.55
C ARG I 96 -26.60 22.43 -7.91
N SER I 97 -27.51 22.05 -8.82
CA SER I 97 -27.51 22.65 -10.15
C SER I 97 -27.85 24.13 -10.10
N TYR I 98 -28.85 24.50 -9.28
CA TYR I 98 -29.14 25.91 -9.09
C TYR I 98 -27.94 26.66 -8.52
N LEU I 99 -27.22 26.02 -7.60
CA LEU I 99 -25.97 26.60 -7.10
C LEU I 99 -24.92 26.69 -8.20
N LYS I 100 -24.96 25.76 -9.16
CA LYS I 100 -24.06 25.85 -10.31
C LYS I 100 -24.42 27.02 -11.22
N TYR I 101 -25.71 27.36 -11.31
CA TYR I 101 -26.11 28.51 -12.10
C TYR I 101 -25.59 29.80 -11.47
N THR I 102 -25.60 29.90 -10.14
CA THR I 102 -25.08 31.05 -9.42
C THR I 102 -23.60 30.90 -9.07
N LYS I 103 -22.84 30.15 -9.85
CA LYS I 103 -21.44 29.88 -9.59
C LYS I 103 -20.50 30.82 -10.33
N GLU I 104 -21.04 31.74 -11.14
CA GLU I 104 -20.21 32.62 -11.95
C GLU I 104 -20.04 33.99 -11.31
N THR I 105 -20.59 35.03 -11.96
CA THR I 105 -20.55 36.41 -11.48
C THR I 105 -19.13 36.91 -11.21
N LYS I 106 -19.01 38.02 -10.49
CA LYS I 106 -17.73 38.70 -10.34
C LYS I 106 -16.82 37.99 -9.34
N ASN I 107 -17.35 37.63 -8.17
CA ASN I 107 -16.51 37.01 -7.16
C ASN I 107 -15.92 35.72 -7.71
N PRO I 108 -14.67 35.40 -7.39
CA PRO I 108 -13.95 34.33 -8.11
C PRO I 108 -14.73 33.02 -8.13
N THR I 109 -14.65 32.34 -9.28
CA THR I 109 -15.37 31.08 -9.45
C THR I 109 -14.92 30.03 -8.44
N GLU I 110 -13.62 30.00 -8.15
CA GLU I 110 -13.12 29.09 -7.12
C GLU I 110 -13.66 29.46 -5.75
N GLN I 111 -13.78 30.75 -5.46
CA GLN I 111 -14.36 31.19 -4.19
C GLN I 111 -15.83 30.82 -4.09
N GLU I 112 -16.54 30.78 -5.21
CA GLU I 112 -17.96 30.49 -5.20
C GLU I 112 -18.26 28.99 -5.30
N ILE I 113 -17.26 28.16 -5.52
CA ILE I 113 -17.43 26.72 -5.39
C ILE I 113 -17.13 26.25 -3.98
N ILE I 114 -15.99 26.67 -3.44
CA ILE I 114 -15.51 26.21 -2.14
C ILE I 114 -16.03 27.15 -1.06
N LEU I 115 -15.31 28.25 -0.84
CA LEU I 115 -15.66 29.18 0.23
C LEU I 115 -16.93 29.96 -0.07
N ASP I 116 -18.06 29.27 -0.11
CA ASP I 116 -19.33 29.91 -0.39
C ASP I 116 -19.90 30.56 0.87
N VAL I 117 -20.60 31.67 0.66
CA VAL I 117 -21.37 32.25 1.78
C VAL I 117 -22.37 31.22 2.26
N PRO I 118 -22.53 31.02 3.57
CA PRO I 118 -23.48 30.00 4.04
C PRO I 118 -24.91 30.24 3.59
N MET I 119 -25.23 31.44 3.10
CA MET I 119 -26.61 31.78 2.77
C MET I 119 -27.12 30.94 1.59
N ALA I 120 -26.25 30.66 0.61
CA ALA I 120 -26.67 29.82 -0.51
C ALA I 120 -27.00 28.42 -0.03
N LEU I 121 -26.20 27.89 0.91
CA LEU I 121 -26.49 26.59 1.48
C LEU I 121 -27.79 26.62 2.29
N LYS I 122 -28.12 27.77 2.88
CA LYS I 122 -29.40 27.89 3.57
C LYS I 122 -30.55 28.03 2.58
N TYR I 123 -30.30 28.57 1.38
CA TYR I 123 -31.36 28.70 0.40
C TYR I 123 -31.73 27.36 -0.24
N MET I 124 -30.83 26.37 -0.17
CA MET I 124 -31.03 25.02 -0.73
C MET I 124 -32.47 24.52 -0.62
N LEU I 125 -33.16 24.94 0.44
CA LEU I 125 -34.53 24.51 0.70
C LEU I 125 -35.52 25.00 -0.35
N SER I 126 -35.04 25.73 -1.36
CA SER I 126 -35.95 26.30 -2.35
C SER I 126 -36.67 25.22 -3.14
N GLY I 127 -35.99 24.12 -3.45
CA GLY I 127 -36.54 23.12 -4.34
C GLY I 127 -37.59 22.21 -3.73
N PHE I 128 -38.78 22.76 -3.48
CA PHE I 128 -39.90 21.93 -3.05
C PHE I 128 -40.55 21.22 -4.23
N LEU I 129 -40.61 21.88 -5.38
CA LEU I 129 -41.27 21.36 -6.57
C LEU I 129 -40.30 21.45 -7.76
N TRP I 130 -39.26 20.61 -7.72
CA TRP I 130 -38.29 20.57 -8.82
C TRP I 130 -38.94 20.21 -10.16
N PRO I 131 -39.56 19.01 -10.32
CA PRO I 131 -39.84 18.44 -11.66
C PRO I 131 -39.77 19.36 -12.87
N LEU I 132 -40.90 19.97 -13.22
CA LEU I 132 -40.99 20.66 -14.51
C LEU I 132 -40.19 21.96 -14.52
N SER I 133 -40.09 22.66 -13.39
CA SER I 133 -39.25 23.84 -13.34
C SER I 133 -37.79 23.48 -13.62
N ALA I 134 -37.32 22.37 -13.03
CA ALA I 134 -35.98 21.89 -13.33
C ALA I 134 -35.85 21.51 -14.80
N TRP I 135 -36.92 20.95 -15.39
CA TRP I 135 -36.89 20.61 -16.80
C TRP I 135 -36.73 21.87 -17.66
N GLN I 136 -37.44 22.94 -17.32
CA GLN I 136 -37.28 24.21 -18.03
C GLN I 136 -35.83 24.68 -17.95
N GLU I 137 -35.28 24.73 -16.74
CA GLU I 137 -33.94 25.28 -16.54
C GLU I 137 -32.87 24.39 -17.17
N TYR I 138 -33.12 23.08 -17.24
CA TYR I 138 -32.17 22.21 -17.93
C TYR I 138 -32.27 22.35 -19.44
N ARG I 139 -33.48 22.61 -19.96
CA ARG I 139 -33.60 23.02 -21.36
C ARG I 139 -32.75 24.26 -21.63
N SER I 140 -32.88 25.27 -20.76
CA SER I 140 -32.11 26.50 -20.94
C SER I 140 -30.61 26.23 -20.83
N GLY I 141 -30.21 25.27 -20.01
CA GLY I 141 -28.80 24.92 -19.94
C GLY I 141 -28.28 24.38 -21.26
N GLN I 142 -28.97 23.38 -21.82
CA GLN I 142 -28.61 22.88 -23.13
C GLN I 142 -28.69 23.97 -24.19
N LEU I 143 -29.65 24.88 -24.06
CA LEU I 143 -29.84 25.94 -25.06
C LEU I 143 -28.68 26.93 -25.02
N LEU I 144 -28.49 27.60 -23.89
CA LEU I 144 -27.44 28.61 -23.79
C LEU I 144 -26.04 28.01 -23.95
N ALA I 145 -25.90 26.69 -23.80
CA ALA I 145 -24.63 26.06 -24.11
C ALA I 145 -24.28 26.24 -25.59
N LYS I 146 -25.28 26.13 -26.46
CA LYS I 146 -25.11 26.34 -27.90
C LYS I 146 -24.04 25.41 -28.48
N GLU I 147 -23.98 24.18 -27.97
CA GLU I 147 -23.03 23.17 -28.43
C GLU I 147 -21.59 23.67 -28.32
N ASP I 148 -21.26 24.23 -27.16
CA ASP I 148 -19.89 24.68 -26.87
C ASP I 148 -19.23 23.59 -26.02
N GLU I 149 -18.48 22.71 -26.69
CA GLU I 149 -17.87 21.58 -26.01
C GLU I 149 -16.38 21.49 -26.31
N ILE I 150 -15.76 20.37 -25.93
CA ILE I 150 -14.34 20.16 -26.12
C ILE I 150 -14.07 19.73 -27.56
N THR I 151 -12.82 19.79 -27.98
CA THR I 151 -12.48 19.49 -29.37
C THR I 151 -12.63 18.00 -29.65
N VAL I 152 -11.97 17.16 -28.85
CA VAL I 152 -11.88 15.72 -29.08
C VAL I 152 -11.33 15.50 -30.49
N SER I 153 -10.10 15.93 -30.72
CA SER I 153 -9.48 15.85 -32.04
C SER I 153 -8.20 15.03 -31.99
N MET J 1 0.53 -53.42 -26.32
CA MET J 1 1.13 -52.35 -27.10
C MET J 1 2.64 -52.32 -26.89
N SER J 2 3.26 -51.15 -27.06
CA SER J 2 4.71 -51.05 -26.90
C SER J 2 5.13 -51.17 -25.45
N ALA J 3 4.32 -50.66 -24.52
CA ALA J 3 4.61 -50.68 -23.09
C ALA J 3 5.98 -50.06 -22.81
N SER J 4 6.96 -50.89 -22.52
CA SER J 4 8.31 -50.41 -22.24
C SER J 4 9.32 -51.07 -23.17
N TYR J 5 9.03 -51.13 -24.46
CA TYR J 5 9.91 -51.80 -25.39
C TYR J 5 10.16 -50.99 -26.67
N LEU J 6 9.22 -50.14 -27.07
CA LEU J 6 9.47 -49.36 -28.28
C LEU J 6 9.69 -47.89 -27.94
N PRO J 7 8.78 -46.94 -28.26
CA PRO J 7 9.24 -45.55 -28.39
C PRO J 7 9.52 -44.86 -27.07
N SER J 8 8.90 -45.28 -25.97
CA SER J 8 9.06 -44.59 -24.69
C SER J 8 10.46 -44.69 -24.11
N ILE J 9 11.30 -45.58 -24.64
CA ILE J 9 12.67 -45.71 -24.13
C ILE J 9 13.63 -44.75 -24.82
N LEU J 10 13.28 -44.23 -25.99
CA LEU J 10 14.08 -43.23 -26.68
C LEU J 10 13.55 -41.81 -26.47
N VAL J 11 12.36 -41.68 -25.88
CA VAL J 11 11.83 -40.34 -25.58
C VAL J 11 12.76 -39.51 -24.71
N PRO J 12 13.43 -40.06 -23.64
CA PRO J 12 14.26 -39.23 -22.75
C PRO J 12 15.06 -38.13 -23.44
N THR J 13 15.72 -38.45 -24.54
CA THR J 13 16.50 -37.44 -25.27
C THR J 13 15.64 -36.66 -26.26
N VAL J 14 14.56 -37.26 -26.76
CA VAL J 14 13.73 -36.57 -27.76
C VAL J 14 13.06 -35.35 -27.15
N GLY J 15 12.51 -35.48 -25.95
CA GLY J 15 11.85 -34.36 -25.31
C GLY J 15 12.76 -33.29 -24.77
N LEU J 16 14.07 -33.45 -24.91
CA LEU J 16 15.03 -32.50 -24.36
C LEU J 16 16.09 -32.04 -25.35
N ILE J 17 16.39 -32.81 -26.40
CA ILE J 17 17.42 -32.39 -27.35
C ILE J 17 16.88 -31.32 -28.30
N LEU J 18 15.58 -31.34 -28.60
CA LEU J 18 14.97 -30.34 -29.47
C LEU J 18 14.91 -28.98 -28.77
N PRO J 19 14.63 -28.91 -27.47
CA PRO J 19 14.80 -27.61 -26.77
C PRO J 19 16.22 -27.09 -26.83
N PHE J 20 17.21 -27.92 -26.48
CA PHE J 20 18.61 -27.51 -26.61
C PHE J 20 18.92 -27.10 -28.04
N ALA J 21 18.48 -27.90 -29.01
CA ALA J 21 18.74 -27.57 -30.40
C ALA J 21 18.02 -26.30 -30.84
N SER J 22 16.79 -26.10 -30.36
CA SER J 22 16.04 -24.91 -30.75
C SER J 22 16.68 -23.65 -30.20
N MET J 23 17.08 -23.65 -28.92
CA MET J 23 17.77 -22.51 -28.35
C MET J 23 19.09 -22.26 -29.08
N ALA J 24 19.79 -23.33 -29.45
CA ALA J 24 21.04 -23.17 -30.18
C ALA J 24 20.80 -22.63 -31.58
N ILE J 25 19.79 -23.16 -32.28
CA ILE J 25 19.53 -22.73 -33.65
C ILE J 25 19.09 -21.26 -33.67
N LEU J 26 18.17 -20.88 -32.79
CA LEU J 26 17.72 -19.50 -32.74
C LEU J 26 18.85 -18.56 -32.31
N PHE J 27 19.76 -19.04 -31.47
CA PHE J 27 20.89 -18.20 -31.07
C PHE J 27 21.88 -18.03 -32.20
N ILE J 28 22.10 -19.09 -33.00
CA ILE J 28 22.93 -18.95 -34.19
C ILE J 28 22.27 -18.01 -35.20
N ALA J 29 20.94 -18.03 -35.27
CA ALA J 29 20.22 -17.17 -36.20
C ALA J 29 20.37 -15.70 -35.80
N ILE J 30 20.19 -15.40 -34.52
CA ILE J 30 20.33 -14.01 -34.07
C ILE J 30 21.78 -13.56 -34.07
N GLU J 31 22.73 -14.50 -33.98
CA GLU J 31 24.14 -14.14 -34.06
C GLU J 31 24.53 -13.74 -35.49
N LYS J 32 23.82 -14.25 -36.48
CA LYS J 32 24.08 -13.91 -37.88
C LYS J 32 23.82 -12.43 -38.14
N MET K 1 -15.42 36.69 12.85
CA MET K 1 -15.48 37.13 11.46
C MET K 1 -14.84 36.10 10.55
N ASN K 2 -13.51 36.03 10.58
CA ASN K 2 -12.79 35.03 9.79
C ASN K 2 -13.07 33.62 10.26
N LEU K 3 -13.52 33.44 11.51
CA LEU K 3 -13.89 32.11 11.99
C LEU K 3 -15.10 31.58 11.21
N LYS K 4 -15.99 32.46 10.75
CA LYS K 4 -17.10 32.03 9.92
C LYS K 4 -16.62 31.66 8.51
N LYS K 5 -15.57 32.32 8.03
CA LYS K 5 -14.99 31.93 6.75
C LYS K 5 -14.33 30.56 6.83
N TYR K 6 -13.68 30.27 7.95
CA TYR K 6 -13.18 28.91 8.19
C TYR K 6 -14.32 27.94 8.41
N LEU K 7 -15.42 28.41 9.00
CA LEU K 7 -16.63 27.59 9.12
C LEU K 7 -17.30 27.36 7.78
N SER K 8 -17.06 28.23 6.80
CA SER K 8 -17.64 28.11 5.48
C SER K 8 -16.77 27.31 4.51
N THR K 9 -15.71 26.68 4.99
CA THR K 9 -14.86 25.88 4.12
C THR K 9 -15.56 24.61 3.67
N ALA K 10 -15.05 24.03 2.59
CA ALA K 10 -15.63 22.79 2.07
C ALA K 10 -15.59 21.64 3.07
N PRO K 11 -14.47 21.34 3.75
CA PRO K 11 -14.50 20.20 4.67
C PRO K 11 -15.41 20.41 5.87
N VAL K 12 -15.45 21.61 6.44
CA VAL K 12 -16.28 21.86 7.62
C VAL K 12 -17.76 21.74 7.25
N VAL K 13 -18.16 22.35 6.14
CA VAL K 13 -19.55 22.26 5.70
C VAL K 13 -19.91 20.81 5.37
N ALA K 14 -18.99 20.08 4.73
CA ALA K 14 -19.26 18.70 4.35
C ALA K 14 -19.45 17.83 5.60
N THR K 15 -18.56 17.95 6.57
CA THR K 15 -18.67 17.14 7.79
C THR K 15 -19.93 17.52 8.57
N LEU K 16 -20.28 18.80 8.60
CA LEU K 16 -21.47 19.23 9.32
C LEU K 16 -22.72 18.64 8.70
N TRP K 17 -22.85 18.72 7.38
CA TRP K 17 -24.04 18.19 6.71
C TRP K 17 -24.07 16.67 6.80
N LEU K 18 -22.92 16.01 6.69
CA LEU K 18 -22.88 14.55 6.81
C LEU K 18 -23.20 14.10 8.22
N PHE K 19 -22.82 14.89 9.23
CA PHE K 19 -23.26 14.59 10.59
C PHE K 19 -24.77 14.65 10.72
N LEU K 20 -25.40 15.64 10.09
CA LEU K 20 -26.85 15.74 10.10
C LEU K 20 -27.50 14.54 9.43
N THR K 21 -27.00 14.17 8.25
CA THR K 21 -27.59 13.06 7.52
C THR K 21 -27.40 11.74 8.26
N ALA K 22 -26.26 11.55 8.90
CA ALA K 22 -26.01 10.30 9.62
C ALA K 22 -26.82 10.21 10.90
N GLY K 23 -26.93 11.33 11.63
CA GLY K 23 -27.68 11.30 12.88
C GLY K 23 -29.17 11.10 12.68
N ILE K 24 -29.72 11.66 11.59
CA ILE K 24 -31.13 11.45 11.29
C ILE K 24 -31.40 9.97 11.06
N LEU K 25 -30.47 9.27 10.41
CA LEU K 25 -30.65 7.86 10.11
C LEU K 25 -30.41 6.98 11.33
N ILE K 26 -29.49 7.38 12.21
CA ILE K 26 -29.31 6.67 13.47
C ILE K 26 -30.58 6.77 14.31
N GLU K 27 -31.22 7.94 14.32
CA GLU K 27 -32.46 8.10 15.06
C GLU K 27 -33.63 7.42 14.38
N LEU K 28 -33.57 7.27 13.05
CA LEU K 28 -34.67 6.61 12.34
C LEU K 28 -34.72 5.12 12.66
N ASN K 29 -33.58 4.44 12.58
CA ASN K 29 -33.53 3.02 12.88
C ASN K 29 -33.70 2.73 14.37
N ARG K 30 -33.73 3.76 15.21
CA ARG K 30 -33.93 3.59 16.64
C ARG K 30 -35.38 3.84 17.07
N PHE K 31 -36.12 4.65 16.33
CA PHE K 31 -37.46 5.04 16.70
C PHE K 31 -38.46 4.14 15.97
N PHE K 32 -39.47 4.67 15.26
CA PHE K 32 -40.52 3.84 14.70
C PHE K 32 -40.00 3.02 13.52
N PRO K 33 -40.50 1.81 13.35
CA PRO K 33 -40.25 1.10 12.09
C PRO K 33 -41.09 1.70 10.98
N ASP K 34 -40.61 1.56 9.76
CA ASP K 34 -41.40 2.00 8.61
C ASP K 34 -42.75 1.30 8.63
N SER K 35 -43.82 2.09 8.69
CA SER K 35 -45.15 1.50 8.71
C SER K 35 -45.46 0.78 7.41
N LEU K 36 -45.26 1.48 6.29
CA LEU K 36 -45.54 1.02 4.93
C LEU K 36 -46.96 0.45 4.81
N PHE K 37 -47.83 1.17 4.09
CA PHE K 37 -49.24 0.81 3.94
C PHE K 37 -49.57 0.64 2.46
N TYR K 38 -50.14 -0.50 2.10
CA TYR K 38 -50.47 -0.81 0.70
C TYR K 38 -51.56 0.12 0.17
N MET L 1 31.46 2.22 57.99
CA MET L 1 32.08 2.75 59.20
C MET L 1 33.17 3.75 58.83
N ILE L 2 34.16 3.91 59.71
CA ILE L 2 35.26 4.83 59.44
C ILE L 2 36.10 4.32 58.27
N SER L 3 36.31 3.01 58.19
CA SER L 3 37.08 2.45 57.08
C SER L 3 36.37 2.66 55.75
N ASN L 4 35.03 2.67 55.75
CA ASN L 4 34.29 2.90 54.53
C ASN L 4 34.27 4.39 54.17
N LEU L 5 34.12 5.26 55.16
CA LEU L 5 34.17 6.70 54.90
C LEU L 5 35.55 7.11 54.39
N VAL L 6 36.61 6.54 54.99
CA VAL L 6 37.96 6.81 54.51
C VAL L 6 38.20 6.09 53.19
N GLY L 7 37.49 4.99 52.94
CA GLY L 7 37.56 4.37 51.63
C GLY L 7 37.04 5.28 50.54
N VAL L 8 35.91 5.94 50.79
CA VAL L 8 35.41 6.94 49.86
C VAL L 8 36.34 8.15 49.82
N ALA L 9 36.96 8.49 50.95
CA ALA L 9 37.87 9.62 50.98
C ALA L 9 39.15 9.33 50.19
N VAL L 10 39.67 8.10 50.30
CA VAL L 10 40.85 7.75 49.52
C VAL L 10 40.48 7.53 48.05
N GLY L 11 39.27 7.03 47.78
CA GLY L 11 38.80 6.92 46.41
C GLY L 11 38.53 8.26 45.74
N ARG L 12 38.28 9.30 46.54
CA ARG L 12 38.16 10.65 46.00
C ARG L 12 39.48 11.41 46.04
N TYR L 13 40.45 10.98 46.86
CA TYR L 13 41.76 11.59 46.91
C TYR L 13 42.77 10.90 46.01
N ALA L 14 42.50 9.66 45.59
CA ALA L 14 43.29 9.05 44.53
C ALA L 14 42.98 9.66 43.16
N LEU L 15 42.11 10.66 43.13
CA LEU L 15 41.71 11.35 41.90
C LEU L 15 42.14 12.80 42.01
N GLY L 16 43.46 13.03 42.03
CA GLY L 16 43.99 14.37 42.13
C GLY L 16 45.17 14.61 41.22
N ARG L 17 45.17 13.97 40.05
CA ARG L 17 46.27 14.09 39.10
C ARG L 17 45.98 15.25 38.15
N SER L 18 46.69 15.30 37.02
CA SER L 18 46.55 16.43 36.10
C SER L 18 45.16 16.46 35.47
N ASP L 19 44.65 15.32 35.05
CA ASP L 19 43.34 15.24 34.40
C ASP L 19 42.18 15.34 35.39
N LEU L 20 42.46 15.41 36.69
CA LEU L 20 41.41 15.52 37.70
C LEU L 20 41.29 16.91 38.30
N THR L 21 42.24 17.80 38.05
CA THR L 21 42.24 19.14 38.64
C THR L 21 41.22 20.01 37.89
N GLN L 22 39.95 19.85 38.28
CA GLN L 22 38.88 20.69 37.75
C GLN L 22 37.69 20.73 38.71
N LEU L 23 37.98 20.77 40.01
CA LEU L 23 36.99 21.02 41.05
C LEU L 23 35.89 19.96 41.11
N ILE L 24 34.66 20.34 40.77
CA ILE L 24 33.49 19.51 41.06
C ILE L 24 33.58 18.17 40.35
N ALA L 25 34.19 18.12 39.16
CA ALA L 25 34.29 16.85 38.44
C ALA L 25 35.12 15.83 39.19
N SER L 26 36.15 16.30 39.91
CA SER L 26 36.97 15.38 40.68
C SER L 26 36.21 14.80 41.87
N MET L 27 35.23 15.54 42.39
CA MET L 27 34.47 15.06 43.53
C MET L 27 33.40 14.04 43.10
N CYS L 28 32.60 14.40 42.10
CA CYS L 28 31.56 13.49 41.63
C CYS L 28 32.15 12.18 41.14
N PHE L 29 33.14 12.25 40.24
CA PHE L 29 33.82 11.05 39.77
C PHE L 29 34.49 10.31 40.93
N GLY L 30 34.84 11.02 41.99
CA GLY L 30 35.39 10.37 43.17
C GLY L 30 34.43 9.35 43.76
N HIS L 31 33.16 9.73 43.90
CA HIS L 31 32.15 8.78 44.36
C HIS L 31 32.02 7.60 43.40
N ILE L 32 32.12 7.87 42.09
CA ILE L 32 32.08 6.79 41.11
C ILE L 32 33.22 5.81 41.37
N ILE L 33 34.40 6.33 41.72
CA ILE L 33 35.51 5.45 42.09
C ILE L 33 35.35 4.95 43.51
N GLY L 34 34.81 5.78 44.41
CA GLY L 34 34.61 5.38 45.79
C GLY L 34 33.61 4.26 45.96
N VAL L 35 32.33 4.56 45.74
CA VAL L 35 31.27 3.56 45.90
C VAL L 35 31.57 2.32 45.06
N GLY L 36 32.08 2.53 43.84
CA GLY L 36 32.37 1.41 42.96
C GLY L 36 33.35 0.43 43.58
N ILE L 37 34.47 0.93 44.10
CA ILE L 37 35.43 0.05 44.77
C ILE L 37 34.78 -0.62 45.97
N VAL L 38 33.98 0.13 46.73
CA VAL L 38 33.24 -0.47 47.84
C VAL L 38 32.32 -1.58 47.33
N LEU L 39 31.62 -1.31 46.23
CA LEU L 39 30.79 -2.35 45.62
C LEU L 39 31.64 -3.47 45.05
N GLY L 40 32.87 -3.17 44.62
CA GLY L 40 33.80 -4.23 44.29
C GLY L 40 34.33 -4.93 45.53
N LEU L 41 34.47 -4.21 46.64
CA LEU L 41 34.85 -4.80 47.91
C LEU L 41 33.68 -5.58 48.47
N SER L 42 32.61 -4.86 48.85
CA SER L 42 31.36 -5.46 49.34
C SER L 42 31.63 -6.44 50.48
N ASN L 43 32.29 -5.93 51.52
CA ASN L 43 32.70 -6.73 52.68
C ASN L 43 33.55 -7.93 52.27
N MET L 44 34.37 -7.73 51.22
CA MET L 44 35.24 -8.78 50.68
C MET L 44 34.45 -10.02 50.29
N GLY L 45 33.85 -10.00 49.10
CA GLY L 45 33.19 -11.17 48.56
C GLY L 45 34.04 -11.85 47.51
N VAL L 46 34.45 -11.08 46.51
CA VAL L 46 35.34 -11.53 45.45
C VAL L 46 34.80 -12.79 44.79
N ILE L 47 35.34 -13.94 45.17
CA ILE L 47 34.93 -15.21 44.60
C ILE L 47 34.71 -16.25 45.70
N MET M 1 54.05 23.21 -0.44
CA MET M 1 53.22 22.37 0.42
C MET M 1 51.77 22.81 0.39
N THR M 2 50.98 22.17 -0.47
CA THR M 2 49.57 22.48 -0.62
C THR M 2 48.74 21.42 0.11
N ASP M 3 48.03 21.84 1.15
CA ASP M 3 47.17 21.00 1.98
C ASP M 3 47.94 19.87 2.67
N TYR M 4 49.27 19.97 2.69
CA TYR M 4 50.14 18.99 3.38
C TYR M 4 49.93 17.58 2.84
N ILE M 5 50.20 17.43 1.55
CA ILE M 5 50.31 16.13 0.87
C ILE M 5 49.04 15.30 1.07
N LYS M 6 47.90 15.82 0.61
CA LYS M 6 46.64 15.10 0.49
C LYS M 6 46.29 14.33 1.76
N PRO M 7 45.51 14.95 2.69
CA PRO M 7 45.44 14.48 4.09
C PRO M 7 46.14 13.17 4.42
N TYR M 8 47.47 13.24 4.56
CA TYR M 8 48.30 12.07 4.87
C TYR M 8 48.22 11.02 3.75
N ASN M 9 48.23 11.48 2.51
CA ASN M 9 48.14 10.62 1.34
C ASN M 9 46.94 9.69 1.41
N ASN M 10 45.82 10.25 1.90
CA ASN M 10 44.61 9.49 2.17
C ASN M 10 44.92 8.29 3.07
N ASP M 11 45.53 8.59 4.22
CA ASP M 11 45.92 7.64 5.25
C ASP M 11 47.10 6.81 4.76
N PRO M 12 47.86 6.13 5.67
CA PRO M 12 49.22 5.66 5.34
C PRO M 12 49.47 5.15 3.92
N PHE M 13 49.61 6.08 2.98
CA PHE M 13 50.03 5.80 1.60
C PHE M 13 49.25 4.62 1.00
N VAL M 14 47.98 4.91 0.69
CA VAL M 14 47.09 3.89 0.15
C VAL M 14 47.55 3.50 -1.25
N GLY M 15 47.42 4.42 -2.21
CA GLY M 15 47.70 4.10 -3.59
C GLY M 15 46.76 3.00 -4.08
N HIS M 16 47.33 1.83 -4.38
CA HIS M 16 46.55 0.64 -4.72
C HIS M 16 45.58 0.92 -5.87
N LEU M 17 46.16 1.07 -7.06
CA LEU M 17 45.37 1.44 -8.23
C LEU M 17 44.55 0.26 -8.74
N ALA M 18 45.19 -0.90 -8.93
CA ALA M 18 44.49 -2.09 -9.37
C ALA M 18 44.41 -3.11 -8.23
N THR M 19 43.87 -2.69 -7.09
CA THR M 19 43.88 -3.48 -5.87
C THR M 19 42.52 -3.57 -5.15
N PRO M 20 41.68 -2.49 -5.08
CA PRO M 20 40.56 -2.47 -4.12
C PRO M 20 39.72 -3.75 -4.09
N ILE M 21 40.27 -4.78 -3.44
CA ILE M 21 39.59 -6.03 -3.13
C ILE M 21 39.30 -6.84 -4.39
N ASN M 22 39.52 -6.25 -5.57
CA ASN M 22 39.50 -7.04 -6.79
C ASN M 22 40.63 -8.05 -6.80
N SER M 23 41.82 -7.61 -6.36
CA SER M 23 42.99 -8.45 -6.16
C SER M 23 44.06 -7.60 -5.51
N SER M 24 44.40 -7.91 -4.26
CA SER M 24 45.43 -7.15 -3.55
C SER M 24 46.73 -7.13 -4.33
N SER M 25 47.62 -6.21 -3.95
CA SER M 25 48.93 -6.13 -4.60
C SER M 25 49.64 -7.48 -4.57
N LEU M 26 49.33 -8.31 -3.57
CA LEU M 26 49.78 -9.69 -3.56
C LEU M 26 48.88 -10.57 -4.44
N THR M 27 47.58 -10.30 -4.44
CA THR M 27 46.63 -11.15 -5.16
C THR M 27 46.63 -10.85 -6.66
N ARG M 28 46.89 -9.61 -7.06
CA ARG M 28 47.02 -9.32 -8.49
C ARG M 28 48.25 -10.01 -9.07
N ALA M 29 49.35 -10.05 -8.32
CA ALA M 29 50.49 -10.85 -8.71
C ALA M 29 50.16 -12.33 -8.65
N TYR M 30 49.30 -12.74 -7.71
CA TYR M 30 48.83 -14.12 -7.66
C TYR M 30 47.96 -14.44 -8.87
N LEU M 31 47.25 -13.45 -9.41
CA LEU M 31 46.49 -13.67 -10.65
C LEU M 31 47.41 -13.82 -11.84
N SER M 32 48.47 -13.00 -11.91
CA SER M 32 49.48 -13.20 -12.94
C SER M 32 50.15 -14.56 -12.80
N GLN M 33 50.34 -15.01 -11.55
CA GLN M 33 50.79 -16.37 -11.30
C GLN M 33 49.68 -17.39 -11.54
N LEU M 34 48.43 -16.96 -11.46
CA LEU M 34 47.30 -17.87 -11.67
C LEU M 34 47.24 -18.28 -13.14
N PRO M 35 47.05 -19.57 -13.45
CA PRO M 35 47.19 -20.04 -14.83
C PRO M 35 46.04 -19.66 -15.75
N ILE M 36 44.91 -19.18 -15.21
CA ILE M 36 43.77 -18.88 -16.08
C ILE M 36 44.09 -17.71 -17.00
N TYR M 37 44.92 -16.78 -16.55
CA TYR M 37 45.40 -15.67 -17.37
C TYR M 37 46.91 -15.54 -17.15
N ARG M 38 47.63 -16.61 -17.46
CA ARG M 38 49.04 -16.70 -17.15
C ARG M 38 49.89 -16.05 -18.24
N ARG M 39 50.92 -15.33 -17.80
CA ARG M 39 51.85 -14.67 -18.69
C ARG M 39 52.82 -15.67 -19.32
N GLY M 40 53.42 -15.25 -20.43
CA GLY M 40 54.47 -16.03 -21.06
C GLY M 40 54.09 -17.43 -21.47
N VAL M 41 52.85 -17.62 -21.93
CA VAL M 41 52.39 -18.94 -22.35
C VAL M 41 51.18 -18.74 -23.27
N SER M 42 50.92 -19.75 -24.10
CA SER M 42 49.93 -19.69 -25.17
C SER M 42 49.75 -21.08 -25.77
N PRO M 43 48.77 -21.31 -26.69
CA PRO M 43 48.19 -22.66 -26.87
C PRO M 43 48.13 -23.61 -25.67
N PHE M 44 46.89 -23.99 -25.33
CA PHE M 44 46.54 -25.05 -24.40
C PHE M 44 46.75 -24.68 -22.94
N LEU M 45 47.91 -24.12 -22.59
CA LEU M 45 48.25 -23.99 -21.18
C LEU M 45 47.44 -22.91 -20.48
N ARG M 46 47.06 -21.84 -21.17
CA ARG M 46 46.19 -20.85 -20.55
C ARG M 46 44.87 -21.49 -20.11
N GLY M 47 44.37 -22.43 -20.90
CA GLY M 47 43.30 -23.29 -20.46
C GLY M 47 43.86 -24.42 -19.63
N LEU M 48 43.54 -25.67 -19.99
CA LEU M 48 44.11 -26.85 -19.35
C LEU M 48 43.94 -26.80 -17.84
N GLU M 49 44.67 -25.91 -17.18
CA GLU M 49 44.50 -25.70 -15.75
C GLU M 49 43.10 -25.21 -15.41
N ILE M 50 42.45 -24.52 -16.35
CA ILE M 50 41.06 -24.12 -16.15
C ILE M 50 40.19 -25.35 -15.94
N GLY M 51 40.30 -26.33 -16.84
CA GLY M 51 39.53 -27.55 -16.68
C GLY M 51 40.00 -28.38 -15.51
N MET M 52 41.32 -28.46 -15.30
CA MET M 52 41.85 -29.22 -14.17
C MET M 52 41.42 -28.62 -12.83
N ALA M 53 40.94 -27.39 -12.82
CA ALA M 53 40.39 -26.77 -11.63
C ALA M 53 38.88 -26.88 -11.53
N HIS M 54 38.18 -26.76 -12.67
CA HIS M 54 36.73 -26.82 -12.66
C HIS M 54 36.22 -28.25 -12.55
N GLY M 55 36.59 -29.11 -13.50
CA GLY M 55 36.15 -30.49 -13.47
C GLY M 55 36.61 -31.26 -12.24
N TYR M 56 37.64 -30.76 -11.56
CA TYR M 56 38.13 -31.45 -10.36
C TYR M 56 37.11 -31.40 -9.23
N PHE M 57 36.40 -30.29 -9.09
CA PHE M 57 35.40 -30.15 -8.05
C PHE M 57 33.96 -30.36 -8.54
N LEU M 58 33.75 -30.42 -9.85
CA LEU M 58 32.41 -30.68 -10.38
C LEU M 58 31.87 -32.03 -9.92
N ILE M 59 32.75 -32.94 -9.48
CA ILE M 59 32.32 -34.19 -8.89
C ILE M 59 31.68 -33.97 -7.52
N GLY M 60 32.02 -32.87 -6.85
CA GLY M 60 31.61 -32.62 -5.48
C GLY M 60 30.12 -32.61 -5.21
N PRO M 61 29.39 -31.66 -5.82
CA PRO M 61 27.99 -31.44 -5.42
C PRO M 61 27.09 -32.66 -5.55
N PHE M 62 27.14 -33.36 -6.69
CA PHE M 62 26.19 -34.44 -6.95
C PHE M 62 26.54 -35.75 -6.26
N VAL M 63 27.70 -35.83 -5.58
CA VAL M 63 28.02 -37.05 -4.85
C VAL M 63 27.24 -37.13 -3.56
N GLN M 64 27.07 -36.01 -2.86
CA GLN M 64 26.41 -35.97 -1.57
C GLN M 64 25.01 -35.37 -1.60
N LEU M 65 24.72 -34.48 -2.54
CA LEU M 65 23.45 -33.76 -2.54
C LEU M 65 22.61 -33.94 -3.79
N GLY M 66 23.15 -34.53 -4.86
CA GLY M 66 22.44 -34.65 -6.11
C GLY M 66 21.13 -35.41 -6.01
N PRO M 67 20.36 -35.44 -7.09
CA PRO M 67 19.07 -36.17 -7.08
C PRO M 67 19.21 -37.66 -6.81
N LEU M 68 20.42 -38.20 -6.85
CA LEU M 68 20.70 -39.59 -6.52
C LEU M 68 21.76 -39.60 -5.42
N ARG M 69 21.38 -40.06 -4.21
CA ARG M 69 22.33 -39.98 -3.10
C ARG M 69 22.01 -40.94 -1.96
N ASN M 70 21.31 -42.06 -2.18
CA ASN M 70 20.87 -42.90 -1.08
C ASN M 70 21.25 -44.37 -1.19
N THR M 71 21.98 -44.78 -2.22
CA THR M 71 22.39 -46.17 -2.37
C THR M 71 23.88 -46.24 -2.62
N ASP M 72 24.35 -47.39 -3.11
CA ASP M 72 25.76 -47.61 -3.38
C ASP M 72 26.18 -47.15 -4.78
N ILE M 73 25.24 -47.10 -5.72
CA ILE M 73 25.55 -46.66 -7.07
C ILE M 73 25.83 -45.16 -7.12
N LYS M 74 25.46 -44.43 -6.07
CA LYS M 74 25.47 -42.97 -6.10
C LYS M 74 26.85 -42.37 -6.29
N TYR M 75 27.92 -43.17 -6.18
CA TYR M 75 29.25 -42.67 -6.50
C TYR M 75 29.41 -42.33 -7.97
N LEU M 76 28.55 -42.87 -8.83
CA LEU M 76 28.61 -42.59 -10.26
C LEU M 76 27.74 -41.41 -10.67
N ALA M 77 26.67 -41.13 -9.93
CA ALA M 77 25.79 -40.03 -10.28
C ALA M 77 26.50 -38.68 -10.20
N GLY M 78 27.52 -38.57 -9.34
CA GLY M 78 28.29 -37.35 -9.27
C GLY M 78 29.17 -37.12 -10.48
N LEU M 79 29.50 -38.17 -11.22
CA LEU M 79 30.35 -38.07 -12.40
C LEU M 79 29.58 -37.98 -13.70
N LEU M 80 28.47 -38.71 -13.82
CA LEU M 80 27.68 -38.67 -15.06
C LEU M 80 27.08 -37.29 -15.28
N SER M 81 26.44 -36.73 -14.25
CA SER M 81 25.92 -35.38 -14.36
C SER M 81 27.05 -34.38 -14.60
N ALA M 82 28.19 -34.59 -13.96
CA ALA M 82 29.32 -33.69 -14.14
C ALA M 82 29.85 -33.73 -15.57
N ILE M 83 30.06 -34.93 -16.11
CA ILE M 83 30.62 -35.06 -17.45
C ILE M 83 29.63 -34.58 -18.51
N GLY M 84 28.33 -34.88 -18.30
CA GLY M 84 27.33 -34.35 -19.21
C GLY M 84 27.30 -32.83 -19.22
N LEU M 85 27.32 -32.22 -18.03
CA LEU M 85 27.41 -30.77 -17.95
C LEU M 85 28.75 -30.27 -18.46
N ILE M 86 29.79 -31.10 -18.40
CA ILE M 86 31.09 -30.70 -18.94
C ILE M 86 31.03 -30.60 -20.45
N VAL M 87 30.39 -31.57 -21.11
CA VAL M 87 30.22 -31.48 -22.56
C VAL M 87 29.37 -30.27 -22.92
N ILE M 88 28.29 -30.04 -22.18
CA ILE M 88 27.43 -28.89 -22.43
C ILE M 88 28.20 -27.59 -22.22
N LEU M 89 28.95 -27.50 -21.11
CA LEU M 89 29.69 -26.29 -20.81
C LEU M 89 30.84 -26.08 -21.78
N THR M 90 31.46 -27.17 -22.26
CA THR M 90 32.52 -27.02 -23.26
C THR M 90 31.97 -26.44 -24.55
N LEU M 91 30.80 -26.91 -24.99
CA LEU M 91 30.16 -26.33 -26.16
C LEU M 91 29.81 -24.87 -25.94
N GLY M 92 29.27 -24.54 -24.76
CA GLY M 92 28.91 -23.17 -24.47
C GLY M 92 30.10 -22.22 -24.43
N MET M 93 31.24 -22.70 -23.94
CA MET M 93 32.42 -21.87 -23.88
C MET M 93 33.11 -21.76 -25.24
N LEU M 94 33.10 -22.84 -26.02
CA LEU M 94 33.68 -22.80 -27.36
C LEU M 94 32.90 -21.87 -28.28
N LEU M 95 31.59 -21.73 -28.06
CA LEU M 95 30.77 -20.90 -28.93
C LEU M 95 31.08 -19.42 -28.78
N TYR M 96 31.70 -19.01 -27.67
CA TYR M 96 32.05 -17.61 -27.47
C TYR M 96 33.04 -17.14 -28.53
N GLY M 97 34.06 -17.95 -28.82
CA GLY M 97 35.00 -17.59 -29.87
C GLY M 97 34.36 -17.51 -31.23
N ALA M 98 33.27 -18.26 -31.44
CA ALA M 98 32.53 -18.15 -32.70
C ALA M 98 31.72 -16.87 -32.77
N VAL M 99 31.24 -16.38 -31.62
CA VAL M 99 30.51 -15.12 -31.60
C VAL M 99 31.44 -13.94 -31.84
N SER M 100 32.67 -14.02 -31.32
CA SER M 100 33.65 -12.96 -31.50
C SER M 100 34.32 -13.08 -32.87
N PHE M 101 34.45 -11.94 -33.55
CA PHE M 101 35.08 -11.95 -34.88
C PHE M 101 35.71 -10.60 -35.24
N THR M 102 36.00 -9.74 -34.27
CA THR M 102 36.56 -8.43 -34.58
C THR M 102 38.08 -8.42 -34.52
N ASN M 103 38.68 -9.11 -33.55
CA ASN M 103 40.13 -9.10 -33.37
C ASN M 103 40.76 -10.33 -34.03
N ASP M 104 40.54 -10.45 -35.34
CA ASP M 104 41.17 -11.53 -36.09
C ASP M 104 42.68 -11.32 -36.23
N SER M 105 43.16 -10.10 -36.01
CA SER M 105 44.60 -9.87 -35.94
C SER M 105 45.13 -10.17 -34.54
N GLN M 106 44.31 -9.98 -33.50
CA GLN M 106 44.66 -10.34 -32.14
C GLN M 106 44.14 -11.75 -31.87
N ASP M 107 44.87 -12.73 -32.42
CA ASP M 107 44.41 -14.11 -32.39
C ASP M 107 44.38 -14.71 -30.98
N LEU M 108 45.09 -14.11 -30.03
CA LEU M 108 45.18 -14.70 -28.70
C LEU M 108 43.86 -14.59 -27.94
N GLU M 109 43.41 -13.36 -27.69
CA GLU M 109 42.23 -13.13 -26.87
C GLU M 109 40.93 -13.21 -27.67
N SER M 110 40.98 -13.58 -28.95
CA SER M 110 39.79 -13.56 -29.79
C SER M 110 39.36 -14.97 -30.19
N VAL M 111 40.08 -15.60 -31.13
CA VAL M 111 39.66 -16.87 -31.73
C VAL M 111 40.71 -17.95 -31.57
N ASP M 112 41.95 -17.68 -32.01
CA ASP M 112 42.98 -18.70 -32.01
C ASP M 112 43.35 -19.11 -30.60
N GLY M 113 43.95 -18.18 -29.84
CA GLY M 113 44.31 -18.49 -28.46
C GLY M 113 43.10 -18.83 -27.60
N TRP M 114 41.92 -18.32 -27.97
CA TRP M 114 40.71 -18.65 -27.23
C TRP M 114 40.38 -20.14 -27.36
N ARG M 115 40.30 -20.64 -28.59
CA ARG M 115 40.13 -22.08 -28.79
C ARG M 115 41.37 -22.85 -28.33
N GLN M 116 42.56 -22.24 -28.44
CA GLN M 116 43.79 -22.85 -27.96
C GLN M 116 43.96 -22.72 -26.46
N LEU M 117 42.90 -22.37 -25.73
CA LEU M 117 42.83 -22.61 -24.30
C LEU M 117 41.62 -23.44 -23.90
N ALA M 118 40.52 -23.33 -24.64
CA ALA M 118 39.38 -24.20 -24.41
C ALA M 118 39.68 -25.64 -24.84
N SER M 119 40.62 -25.82 -25.78
CA SER M 119 41.05 -27.17 -26.13
C SER M 119 41.67 -27.87 -24.93
N GLY M 120 42.47 -27.14 -24.15
CA GLY M 120 42.95 -27.67 -22.89
C GLY M 120 41.86 -27.77 -21.85
N PHE M 121 40.83 -26.93 -21.94
CA PHE M 121 39.75 -26.97 -20.96
C PHE M 121 38.93 -28.25 -21.08
N LEU M 122 38.75 -28.75 -22.30
CA LEU M 122 38.00 -29.98 -22.49
C LEU M 122 38.71 -31.15 -21.80
N LEU M 123 39.97 -31.38 -22.14
CA LEU M 123 40.72 -32.45 -21.49
C LEU M 123 40.89 -32.18 -20.01
N GLY M 124 40.98 -30.92 -19.61
CA GLY M 124 41.11 -30.61 -18.20
C GLY M 124 39.86 -30.95 -17.42
N ALA M 125 38.70 -30.57 -17.95
CA ALA M 125 37.44 -30.83 -17.24
C ALA M 125 37.16 -32.33 -17.16
N VAL M 126 37.25 -33.02 -18.29
CA VAL M 126 37.00 -34.47 -18.30
C VAL M 126 38.07 -35.19 -17.48
N GLY M 127 39.34 -34.87 -17.73
CA GLY M 127 40.40 -35.52 -16.98
C GLY M 127 40.38 -35.19 -15.50
N GLY M 128 40.09 -33.93 -15.16
CA GLY M 128 40.00 -33.55 -13.76
C GLY M 128 38.84 -34.19 -13.04
N ALA M 129 37.72 -34.39 -13.73
CA ALA M 129 36.65 -35.20 -13.16
C ALA M 129 37.11 -36.64 -12.94
N GLY M 130 38.08 -37.09 -13.74
CA GLY M 130 38.67 -38.40 -13.55
C GLY M 130 39.84 -38.39 -12.58
N PHE M 131 40.38 -37.20 -12.29
CA PHE M 131 41.48 -37.11 -11.35
C PHE M 131 41.00 -37.20 -9.92
N ALA M 132 40.00 -36.40 -9.55
CA ALA M 132 39.36 -36.54 -8.25
C ALA M 132 38.51 -37.79 -8.15
N TYR M 133 38.33 -38.51 -9.26
CA TYR M 133 37.55 -39.74 -9.25
C TYR M 133 38.27 -40.84 -8.49
N LEU M 134 39.57 -41.00 -8.73
CA LEU M 134 40.36 -42.05 -8.11
C LEU M 134 41.01 -41.63 -6.80
N LEU M 135 40.50 -40.58 -6.16
CA LEU M 135 41.08 -40.09 -4.91
C LEU M 135 40.36 -40.61 -3.68
N LEU M 136 39.04 -40.82 -3.75
CA LEU M 136 38.25 -41.30 -2.63
C LEU M 136 37.95 -42.80 -2.72
N THR M 137 38.64 -43.54 -3.58
CA THR M 137 38.32 -44.94 -3.79
C THR M 137 39.02 -45.84 -2.77
N LEU M 138 40.24 -45.49 -2.37
CA LEU M 138 41.00 -46.36 -1.46
C LEU M 138 40.46 -46.30 -0.05
N PHE M 139 39.83 -45.18 0.34
CA PHE M 139 39.28 -45.05 1.69
C PHE M 139 37.90 -45.68 1.83
N SER M 140 37.15 -45.80 0.74
CA SER M 140 35.82 -46.39 0.79
C SER M 140 35.89 -47.90 1.00
N MET N 1 26.36 -43.70 -24.64
CA MET N 1 26.36 -44.79 -25.62
C MET N 1 24.96 -45.31 -25.84
N ILE N 2 24.14 -44.52 -26.54
CA ILE N 2 22.75 -44.89 -26.82
C ILE N 2 22.29 -44.07 -28.01
N THR N 3 21.27 -44.57 -28.71
CA THR N 3 20.65 -43.90 -29.84
C THR N 3 21.65 -43.53 -30.92
N ASP N 4 22.06 -44.51 -31.74
CA ASP N 4 23.00 -44.24 -32.81
C ASP N 4 22.35 -43.46 -33.94
N ASN N 5 21.11 -43.79 -34.29
CA ASN N 5 20.41 -43.06 -35.33
C ASN N 5 20.20 -41.60 -34.93
N GLN N 6 20.01 -41.33 -33.64
CA GLN N 6 19.90 -39.96 -33.17
C GLN N 6 21.21 -39.22 -33.35
N VAL N 7 22.34 -39.90 -33.15
CA VAL N 7 23.65 -39.29 -33.38
C VAL N 7 23.80 -38.92 -34.85
N PHE N 8 23.41 -39.82 -35.75
CA PHE N 8 23.47 -39.52 -37.18
C PHE N 8 22.51 -38.40 -37.56
N VAL N 9 21.36 -38.32 -36.89
CA VAL N 9 20.42 -37.24 -37.18
C VAL N 9 20.99 -35.89 -36.72
N ALA N 10 21.62 -35.86 -35.56
CA ALA N 10 22.26 -34.62 -35.11
C ALA N 10 23.40 -34.23 -36.04
N LEU N 11 24.17 -35.22 -36.51
CA LEU N 11 25.26 -34.92 -37.43
C LEU N 11 24.72 -34.38 -38.76
N ILE N 12 23.66 -34.99 -39.29
CA ILE N 12 23.11 -34.52 -40.56
C ILE N 12 22.40 -33.18 -40.38
N MET N 13 21.92 -32.87 -39.18
CA MET N 13 21.36 -31.54 -38.93
C MET N 13 22.44 -30.47 -39.00
N ALA N 14 23.60 -30.73 -38.39
CA ALA N 14 24.71 -29.80 -38.51
C ALA N 14 25.17 -29.66 -39.95
N LEU N 15 25.19 -30.77 -40.69
CA LEU N 15 25.56 -30.72 -42.10
C LEU N 15 24.52 -29.99 -42.93
N VAL N 16 23.24 -30.07 -42.54
CA VAL N 16 22.21 -29.33 -43.26
C VAL N 16 22.36 -27.83 -43.01
N CYS N 17 22.76 -27.45 -41.80
CA CYS N 17 23.04 -26.05 -41.52
C CYS N 17 24.19 -25.53 -42.37
N GLY N 18 25.27 -26.32 -42.46
CA GLY N 18 26.37 -25.94 -43.34
C GLY N 18 25.95 -25.88 -44.80
N TYR N 19 25.14 -26.84 -45.24
CA TYR N 19 24.65 -26.81 -46.61
C TYR N 19 23.68 -25.67 -46.84
N LEU N 20 23.00 -25.21 -45.78
CA LEU N 20 22.17 -24.01 -45.91
C LEU N 20 23.02 -22.80 -46.20
N ALA N 21 24.16 -22.66 -45.52
CA ALA N 21 25.09 -21.58 -45.83
C ALA N 21 25.63 -21.73 -47.25
N VAL N 22 25.91 -22.95 -47.67
CA VAL N 22 26.37 -23.19 -49.03
C VAL N 22 25.28 -22.83 -50.03
N LYS N 23 24.02 -23.11 -49.69
CA LYS N 23 22.90 -22.73 -50.55
C LYS N 23 22.79 -21.21 -50.67
N LEU N 24 23.03 -20.49 -49.58
CA LEU N 24 23.07 -19.04 -49.65
C LEU N 24 24.17 -18.56 -50.59
N ALA N 25 25.32 -19.24 -50.56
CA ALA N 25 26.42 -18.86 -51.45
C ALA N 25 26.10 -19.18 -52.90
N LYS N 26 25.40 -20.29 -53.14
CA LYS N 26 25.07 -20.67 -54.51
C LYS N 26 24.01 -19.75 -55.11
N GLN N 27 22.92 -19.53 -54.38
CA GLN N 27 21.88 -18.59 -54.76
C GLN N 27 21.24 -18.93 -56.11
N LEU N 28 21.90 -18.54 -57.20
CA LEU N 28 21.32 -18.71 -58.53
C LEU N 28 21.22 -20.19 -58.90
N ALA N 29 22.30 -20.94 -58.68
CA ALA N 29 22.37 -22.36 -59.04
C ALA N 29 22.09 -22.58 -60.52
N SER O 1 54.33 -28.62 12.45
CA SER O 1 55.34 -29.66 12.46
C SER O 1 56.75 -29.06 12.47
N SER O 2 56.85 -27.80 12.07
CA SER O 2 58.13 -27.09 12.03
C SER O 2 57.90 -25.63 12.39
N LEU O 3 59.00 -24.90 12.50
CA LEU O 3 58.94 -23.47 12.83
C LEU O 3 58.77 -22.61 11.59
N ARG O 4 59.27 -23.06 10.44
CA ARG O 4 59.11 -22.36 9.16
C ARG O 4 59.73 -20.97 9.19
N MET O 5 60.93 -20.86 9.76
CA MET O 5 61.67 -19.62 9.77
C MET O 5 62.79 -19.67 8.74
N PHE O 6 62.98 -18.57 8.01
CA PHE O 6 63.96 -18.53 6.94
C PHE O 6 64.44 -17.12 6.65
N GLU O 7 63.56 -16.28 6.12
CA GLU O 7 63.92 -14.94 5.67
C GLU O 7 63.02 -13.91 6.32
N VAL O 8 63.50 -12.66 6.35
CA VAL O 8 62.66 -11.56 6.81
C VAL O 8 61.53 -11.29 5.81
N SER O 9 61.79 -11.50 4.51
CA SER O 9 60.73 -11.42 3.53
C SER O 9 59.74 -12.57 3.67
N ASP O 10 60.16 -13.69 4.27
CA ASP O 10 59.24 -14.74 4.67
C ASP O 10 58.30 -14.30 5.79
N GLY O 11 58.48 -13.07 6.30
CA GLY O 11 57.61 -12.49 7.28
C GLY O 11 56.29 -11.97 6.77
N GLU O 12 56.00 -12.16 5.48
CA GLU O 12 54.68 -11.79 4.95
C GLU O 12 53.86 -13.02 4.54
N PRO O 13 54.46 -14.20 4.29
CA PRO O 13 53.65 -15.42 4.33
C PRO O 13 53.29 -15.85 5.75
N TYR O 14 53.91 -15.28 6.77
CA TYR O 14 53.60 -15.62 8.16
C TYR O 14 52.25 -15.05 8.59
N PRO O 15 51.86 -13.86 8.13
CA PRO O 15 50.45 -13.45 8.29
C PRO O 15 49.53 -14.02 7.22
N LEU O 16 50.05 -14.81 6.29
CA LEU O 16 49.25 -15.39 5.21
C LEU O 16 48.78 -16.80 5.54
N ASN O 17 49.67 -17.66 6.05
CA ASN O 17 49.26 -19.04 6.30
C ASN O 17 48.31 -19.15 7.49
N PRO O 18 48.57 -18.56 8.66
CA PRO O 18 47.53 -18.53 9.70
C PRO O 18 46.27 -17.81 9.27
N ALA O 19 46.35 -16.86 8.34
CA ALA O 19 45.15 -16.27 7.77
C ALA O 19 44.32 -17.33 7.05
N VAL O 20 44.99 -18.33 6.47
CA VAL O 20 44.28 -19.46 5.89
C VAL O 20 43.92 -20.49 6.96
N ILE O 21 44.70 -20.55 8.04
CA ILE O 21 44.44 -21.54 9.09
C ILE O 21 43.17 -21.18 9.86
N PHE O 22 42.92 -19.88 10.07
CA PHE O 22 41.66 -19.47 10.69
C PHE O 22 40.47 -19.96 9.88
N ILE O 23 40.49 -19.70 8.57
CA ILE O 23 39.42 -20.15 7.69
C ILE O 23 39.40 -21.67 7.61
N ALA O 24 40.57 -22.32 7.74
CA ALA O 24 40.63 -23.77 7.70
C ALA O 24 39.99 -24.38 8.95
N LEU O 25 40.25 -23.78 10.12
CA LEU O 25 39.59 -24.25 11.34
C LEU O 25 38.09 -24.04 11.28
N ILE O 26 37.63 -23.01 10.56
CA ILE O 26 36.20 -22.80 10.38
C ILE O 26 35.63 -23.82 9.41
N GLY O 27 36.32 -24.03 8.27
CA GLY O 27 35.83 -24.97 7.29
C GLY O 27 35.84 -26.41 7.76
N TRP O 28 36.79 -26.76 8.64
CA TRP O 28 36.81 -28.10 9.20
C TRP O 28 35.56 -28.35 10.04
N SER O 29 35.17 -27.37 10.85
CA SER O 29 33.92 -27.50 11.61
C SER O 29 32.71 -27.52 10.69
N ALA O 30 32.79 -26.82 9.56
CA ALA O 30 31.65 -26.78 8.64
C ALA O 30 31.46 -28.11 7.94
N VAL O 31 32.56 -28.77 7.56
CA VAL O 31 32.45 -29.99 6.76
C VAL O 31 31.99 -31.19 7.59
N ALA O 32 32.15 -31.15 8.90
CA ALA O 32 31.76 -32.27 9.77
C ALA O 32 30.46 -31.98 10.51
N ALA O 33 29.41 -31.64 9.75
CA ALA O 33 28.14 -31.27 10.34
C ALA O 33 27.04 -32.30 10.15
N ILE O 34 27.14 -33.17 9.13
CA ILE O 34 26.07 -34.12 8.82
C ILE O 34 25.82 -35.02 10.02
N PRO O 35 24.57 -35.27 10.42
CA PRO O 35 24.31 -36.20 11.54
C PRO O 35 24.61 -37.65 11.21
N SER O 36 24.83 -37.99 9.95
CA SER O 36 25.07 -39.37 9.54
C SER O 36 26.55 -39.67 9.28
N ASN O 37 27.38 -38.65 9.04
CA ASN O 37 28.79 -38.91 8.78
C ASN O 37 29.63 -39.01 10.04
N ILE O 38 29.13 -38.49 11.16
CA ILE O 38 29.86 -38.56 12.43
C ILE O 38 29.93 -40.00 12.95
N PRO O 39 28.88 -40.81 12.86
CA PRO O 39 29.01 -42.20 13.32
C PRO O 39 30.12 -42.99 12.63
N VAL O 40 30.41 -42.72 11.35
CA VAL O 40 31.38 -43.52 10.62
C VAL O 40 32.82 -43.02 10.76
N LEU O 41 33.02 -41.80 11.26
CA LEU O 41 34.37 -41.25 11.32
C LEU O 41 35.06 -41.48 12.66
N GLY O 42 34.29 -41.61 13.75
CA GLY O 42 34.88 -41.68 15.07
C GLY O 42 35.23 -43.05 15.59
N GLY O 43 34.91 -44.12 14.84
CA GLY O 43 35.12 -45.45 15.37
C GLY O 43 36.59 -45.85 15.45
N THR O 44 37.35 -45.55 14.40
CA THR O 44 38.74 -45.99 14.35
C THR O 44 39.64 -45.22 15.31
N GLY O 45 39.27 -43.96 15.61
CA GLY O 45 40.19 -43.11 16.35
C GLY O 45 40.33 -43.49 17.81
N LEU O 46 39.21 -43.67 18.50
CA LEU O 46 39.21 -43.82 19.95
C LEU O 46 39.00 -45.28 20.36
N THR O 47 39.62 -45.64 21.48
CA THR O 47 39.34 -46.94 22.10
C THR O 47 37.95 -46.96 22.71
N GLN O 48 37.44 -45.80 23.14
CA GLN O 48 36.10 -45.73 23.69
C GLN O 48 35.03 -45.94 22.63
N ALA O 49 35.35 -45.63 21.37
CA ALA O 49 34.39 -45.75 20.29
C ALA O 49 34.05 -47.20 19.94
N PHE O 50 34.83 -48.17 20.41
CA PHE O 50 34.53 -49.57 20.14
C PHE O 50 33.20 -49.97 20.77
N LEU O 51 33.04 -49.71 22.06
CA LEU O 51 31.79 -50.03 22.75
C LEU O 51 30.65 -49.16 22.20
N ALA O 52 30.86 -47.85 22.16
CA ALA O 52 29.85 -46.92 21.64
C ALA O 52 30.54 -45.61 21.30
N SER O 53 30.07 -44.97 20.23
CA SER O 53 30.59 -43.69 19.79
C SER O 53 29.58 -42.59 20.10
N ILE O 54 29.98 -41.35 19.78
CA ILE O 54 29.16 -40.15 19.90
C ILE O 54 28.86 -39.87 21.38
N GLN O 55 29.46 -38.81 21.92
CA GLN O 55 29.27 -38.41 23.30
C GLN O 55 28.33 -37.21 23.43
N ARG O 56 27.58 -36.88 22.37
CA ARG O 56 26.75 -35.69 22.29
C ARG O 56 27.36 -34.49 23.02
N LEU O 57 26.59 -33.87 23.91
CA LEU O 57 27.06 -32.71 24.67
C LEU O 57 27.71 -33.10 26.01
N LEU O 58 28.19 -34.33 26.14
CA LEU O 58 28.70 -34.78 27.42
C LEU O 58 30.15 -34.40 27.64
N ALA O 59 30.98 -34.43 26.61
CA ALA O 59 32.40 -34.16 26.79
C ALA O 59 33.09 -33.65 25.53
N GLN O 60 33.10 -34.46 24.47
CA GLN O 60 33.94 -34.15 23.31
C GLN O 60 33.47 -32.90 22.58
N TYR O 61 32.17 -32.75 22.40
CA TYR O 61 31.65 -31.60 21.67
C TYR O 61 31.76 -30.31 22.47
N PRO O 62 31.56 -30.32 23.80
CA PRO O 62 31.86 -29.12 24.59
C PRO O 62 33.33 -28.69 24.54
N THR O 63 34.24 -29.54 24.07
CA THR O 63 35.66 -29.14 24.03
C THR O 63 35.87 -27.97 23.09
N GLY O 64 35.09 -27.87 22.02
CA GLY O 64 35.15 -26.73 21.13
C GLY O 64 34.86 -25.44 21.86
N PRO O 65 33.68 -25.34 22.48
CA PRO O 65 33.42 -24.19 23.36
C PRO O 65 34.41 -24.07 24.50
N LYS O 66 34.85 -25.19 25.08
CA LYS O 66 35.87 -25.15 26.12
C LYS O 66 37.26 -24.87 25.56
N LEU O 67 37.40 -24.78 24.23
CA LEU O 67 38.59 -24.25 23.59
C LEU O 67 38.45 -22.78 23.21
N ASP O 68 37.21 -22.34 22.96
CA ASP O 68 36.97 -20.93 22.64
C ASP O 68 37.03 -20.06 23.88
N ASP O 69 36.33 -20.46 24.95
CA ASP O 69 36.29 -19.68 26.20
C ASP O 69 37.67 -19.30 26.71
N PRO O 70 38.67 -20.19 26.76
CA PRO O 70 40.01 -19.73 27.16
C PRO O 70 40.62 -18.74 26.19
N PHE O 71 40.47 -18.96 24.88
CA PHE O 71 41.04 -18.03 23.90
C PHE O 71 40.39 -16.65 24.01
N TRP O 72 39.06 -16.60 24.11
CA TRP O 72 38.38 -15.33 24.36
C TRP O 72 38.91 -14.69 25.63
N PHE O 73 39.05 -15.47 26.69
CA PHE O 73 39.52 -14.93 27.97
C PHE O 73 40.94 -14.40 27.86
N TYR O 74 41.82 -15.12 27.15
CA TYR O 74 43.17 -14.62 26.91
C TYR O 74 43.14 -13.25 26.26
N LEU O 75 42.43 -13.13 25.13
CA LEU O 75 42.38 -11.87 24.39
C LEU O 75 41.77 -10.76 25.24
N ILE O 76 40.78 -11.09 26.07
CA ILE O 76 40.17 -10.09 26.94
C ILE O 76 41.20 -9.56 27.93
N VAL O 77 41.95 -10.45 28.57
CA VAL O 77 42.97 -10.04 29.54
C VAL O 77 44.02 -9.17 28.88
N TYR O 78 44.45 -9.54 27.67
CA TYR O 78 45.54 -8.81 27.02
C TYR O 78 45.12 -7.41 26.59
N HIS O 79 43.86 -7.23 26.17
CA HIS O 79 43.42 -5.89 25.78
C HIS O 79 43.12 -5.02 26.99
N VAL O 80 42.61 -5.62 28.08
CA VAL O 80 42.42 -4.87 29.31
C VAL O 80 43.77 -4.40 29.84
N GLY O 81 44.80 -5.23 29.69
CA GLY O 81 46.14 -4.80 30.06
C GLY O 81 46.69 -3.74 29.12
N LEU O 82 46.46 -3.90 27.82
CA LEU O 82 46.94 -2.94 26.84
C LEU O 82 46.40 -1.54 27.12
N PHE O 83 45.18 -1.44 27.64
CA PHE O 83 44.61 -0.14 27.99
C PHE O 83 45.28 0.47 29.22
N ALA O 84 46.09 -0.29 29.95
CA ALA O 84 46.78 0.20 31.14
C ALA O 84 48.26 0.47 30.89
N LEU O 85 48.78 0.14 29.70
CA LEU O 85 50.19 0.38 29.40
C LEU O 85 50.49 1.87 29.23
N LEU O 86 49.47 2.70 29.07
CA LEU O 86 49.60 4.14 28.80
C LEU O 86 50.72 4.44 27.81
N ILE O 87 50.54 4.01 26.56
CA ILE O 87 51.44 4.34 25.45
C ILE O 87 52.86 3.87 25.76
N PHE O 88 53.04 2.55 25.89
CA PHE O 88 54.36 1.94 26.04
C PHE O 88 54.25 0.43 25.96
N GLY O 89 54.52 -0.13 24.78
CA GLY O 89 54.45 -1.57 24.59
C GLY O 89 55.42 -2.34 25.45
N GLN O 90 54.91 -3.11 26.41
CA GLN O 90 55.72 -3.88 27.33
C GLN O 90 55.83 -5.35 26.94
N ILE O 91 55.35 -5.72 25.75
CA ILE O 91 55.43 -7.09 25.25
C ILE O 91 56.37 -7.10 24.05
N GLY O 92 57.27 -8.07 24.03
CA GLY O 92 58.24 -8.15 22.96
C GLY O 92 57.63 -8.52 21.63
N TYR O 93 58.20 -7.97 20.56
CA TYR O 93 57.76 -8.24 19.20
C TYR O 93 58.98 -8.54 18.33
N ALA O 94 58.81 -9.45 17.38
CA ALA O 94 59.91 -9.91 16.52
C ALA O 94 60.10 -9.02 15.30
N GLY O 95 59.91 -7.71 15.44
CA GLY O 95 60.00 -6.79 14.33
C GLY O 95 61.18 -5.86 14.43
N TYR O 96 61.07 -4.73 13.72
CA TYR O 96 62.10 -3.69 13.64
C TYR O 96 63.36 -4.18 12.94
N ALA O 97 63.70 -3.54 11.81
CA ALA O 97 64.89 -3.82 11.02
C ALA O 97 64.86 -5.21 10.40
N LYS O 98 65.68 -5.42 9.37
CA LYS O 98 65.75 -6.71 8.69
C LYS O 98 67.03 -6.83 7.89
#